data_5H8J
#
_entry.id   5H8J
#
_cell.length_a   152.269
_cell.length_b   211.041
_cell.length_c   208.822
_cell.angle_alpha   90.00
_cell.angle_beta   90.00
_cell.angle_gamma   90.00
#
_symmetry.space_group_name_H-M   'P 21 21 2'
#
loop_
_entity.id
_entity.type
_entity.pdbx_description
1 polymer 'N-carbamoylputrescine amidohydrolase'
2 non-polymer GLYCEROL
3 non-polymer DI(HYDROXYETHYL)ETHER
4 non-polymer 1,2-ETHANEDIOL
5 non-polymer PENTANE-1,5-DIAMINE
6 non-polymer 'TRIETHYLENE GLYCOL'
7 water water
#
_entity_poly.entity_id   1
_entity_poly.type   'polypeptide(L)'
_entity_poly.pdbx_seq_one_letter_code
;SNAMAEDKGRKVVVSALQFACTDDVSTNVTTAERLVRAAHKQGANIVLIQELFEGYYFCQAQREDFIQRAKPYKDHPTIM
RLQKLAKELGVVIPVSFFEEANNAHYNSIAIIDADGTDLGIYRKSHIPDGPGYEEKFYFNPGDTGFKVFQTKYAKIGVAI
CWDQWFPEAARAMALQGAEILFYPTAIGSEPHDQSIDSRDHWKRVMQGHAGANLVPLVASNRIGNEIIETEHGKSEIKFY
GNSFIAGPTGEIVSIADDKEEAVLIAEFNLDKIKSMRHCWGVFRDRRPDLYKVLLTLDGKNPVL
;
_entity_poly.pdbx_strand_id   A,B,C,D,E,F,G,H,I,J,K,L,M,N,O,P
#
# COMPACT_ATOMS: atom_id res chain seq x y z
N LYS A 8 20.33 -29.40 -77.38
CA LYS A 8 21.04 -28.09 -77.64
C LYS A 8 20.81 -27.03 -76.53
N GLY A 9 21.91 -26.62 -75.86
CA GLY A 9 21.89 -25.60 -74.77
C GLY A 9 22.51 -26.10 -73.46
N ARG A 10 22.70 -25.19 -72.51
CA ARG A 10 23.26 -25.55 -71.20
C ARG A 10 22.39 -26.55 -70.46
N LYS A 11 22.92 -27.72 -70.24
CA LYS A 11 22.23 -28.74 -69.50
C LYS A 11 22.82 -28.83 -68.09
N VAL A 12 21.96 -28.96 -67.08
CA VAL A 12 22.41 -29.10 -65.68
C VAL A 12 21.67 -30.23 -65.00
N VAL A 13 22.40 -31.07 -64.28
CA VAL A 13 21.79 -32.19 -63.56
C VAL A 13 21.73 -31.83 -62.07
N VAL A 14 20.55 -31.86 -61.50
CA VAL A 14 20.40 -31.52 -60.09
C VAL A 14 19.96 -32.71 -59.27
N SER A 15 20.25 -32.67 -57.97
CA SER A 15 19.89 -33.78 -57.07
C SER A 15 19.35 -33.36 -55.74
N ALA A 16 18.36 -34.15 -55.27
CA ALA A 16 17.76 -34.01 -53.94
C ALA A 16 18.13 -35.26 -53.18
N LEU A 17 18.71 -35.09 -52.01
CA LEU A 17 19.07 -36.21 -51.15
C LEU A 17 18.08 -36.34 -50.00
N GLN A 18 17.87 -37.56 -49.51
CA GLN A 18 16.96 -37.75 -48.41
C GLN A 18 17.47 -38.83 -47.49
N PHE A 19 17.61 -38.51 -46.22
CA PHE A 19 18.04 -39.52 -45.22
C PHE A 19 17.60 -39.18 -43.83
N ALA A 20 17.69 -40.16 -42.93
CA ALA A 20 17.38 -39.97 -41.53
C ALA A 20 18.64 -39.51 -40.81
N CYS A 21 18.47 -38.61 -39.85
CA CYS A 21 19.58 -38.14 -39.06
C CYS A 21 19.67 -38.91 -37.75
N THR A 22 20.88 -39.02 -37.25
CA THR A 22 21.13 -39.57 -35.93
C THR A 22 21.44 -38.33 -35.14
N ASP A 23 21.63 -38.47 -33.84
CA ASP A 23 21.98 -37.28 -33.04
C ASP A 23 23.49 -37.31 -32.69
N ASP A 24 24.30 -37.61 -33.71
CA ASP A 24 25.75 -37.70 -33.62
C ASP A 24 26.26 -37.00 -34.89
N VAL A 25 26.99 -35.91 -34.72
CA VAL A 25 27.41 -35.12 -35.88
C VAL A 25 28.21 -35.89 -36.93
N SER A 26 29.26 -36.55 -36.48
CA SER A 26 30.15 -37.29 -37.38
C SER A 26 29.41 -38.23 -38.29
N THR A 27 28.53 -39.02 -37.68
CA THR A 27 27.76 -40.00 -38.40
C THR A 27 26.95 -39.33 -39.51
N ASN A 28 26.25 -38.23 -39.21
CA ASN A 28 25.44 -37.57 -40.23
C ASN A 28 26.24 -36.97 -41.35
N VAL A 29 27.38 -36.38 -41.03
CA VAL A 29 28.20 -35.76 -42.06
C VAL A 29 28.75 -36.87 -42.98
N THR A 30 29.14 -38.00 -42.38
CA THR A 30 29.57 -39.15 -43.16
C THR A 30 28.43 -39.62 -44.08
N THR A 31 27.16 -39.54 -43.60
CA THR A 31 26.02 -39.96 -44.40
C THR A 31 25.80 -39.01 -45.57
N ALA A 32 25.89 -37.69 -45.30
CA ALA A 32 25.74 -36.68 -46.34
C ALA A 32 26.76 -36.90 -47.42
N GLU A 33 27.99 -37.11 -47.00
CA GLU A 33 29.05 -37.33 -47.93
C GLU A 33 28.81 -38.58 -48.81
N ARG A 34 28.40 -39.69 -48.19
CA ARG A 34 28.10 -40.89 -48.97
C ARG A 34 27.05 -40.61 -50.06
N LEU A 35 25.98 -39.90 -49.72
CA LEU A 35 24.91 -39.64 -50.69
C LEU A 35 25.32 -38.58 -51.76
N VAL A 36 26.12 -37.58 -51.39
CA VAL A 36 26.63 -36.62 -52.36
C VAL A 36 27.47 -37.40 -53.42
N ARG A 37 28.33 -38.31 -52.96
CA ARG A 37 29.12 -39.13 -53.88
C ARG A 37 28.23 -40.00 -54.78
N ALA A 38 27.15 -40.54 -54.21
CA ALA A 38 26.26 -41.36 -55.02
C ALA A 38 25.57 -40.53 -56.11
N ALA A 39 25.20 -39.30 -55.77
CA ALA A 39 24.55 -38.41 -56.69
C ALA A 39 25.48 -38.03 -57.86
N HIS A 40 26.72 -37.73 -57.51
CA HIS A 40 27.77 -37.38 -58.43
C HIS A 40 27.99 -38.56 -59.38
N LYS A 41 28.04 -39.75 -58.82
CA LYS A 41 28.19 -40.94 -59.64
C LYS A 41 27.07 -41.07 -60.66
N GLN A 42 25.87 -40.58 -60.33
CA GLN A 42 24.73 -40.62 -61.29
C GLN A 42 24.64 -39.39 -62.20
N GLY A 43 25.68 -38.53 -62.16
CA GLY A 43 25.82 -37.37 -63.03
C GLY A 43 25.47 -36.02 -62.45
N ALA A 44 25.14 -35.95 -61.16
CA ALA A 44 24.72 -34.65 -60.61
C ALA A 44 25.81 -33.56 -60.64
N ASN A 45 25.35 -32.34 -60.89
CA ASN A 45 26.17 -31.10 -60.89
C ASN A 45 25.89 -30.27 -59.61
N ILE A 46 24.64 -30.25 -59.15
CA ILE A 46 24.26 -29.52 -57.95
C ILE A 46 23.48 -30.48 -57.08
N VAL A 47 23.88 -30.58 -55.80
CA VAL A 47 23.30 -31.57 -54.87
C VAL A 47 22.80 -30.92 -53.59
N LEU A 48 21.52 -31.12 -53.27
CA LEU A 48 20.92 -30.53 -52.08
C LEU A 48 20.70 -31.50 -50.91
N ILE A 49 21.39 -31.21 -49.79
CA ILE A 49 21.25 -31.91 -48.54
C ILE A 49 20.16 -31.18 -47.72
N GLN A 50 19.35 -31.98 -47.03
CA GLN A 50 18.26 -31.51 -46.18
C GLN A 50 18.69 -30.54 -45.06
N GLU A 51 17.74 -29.79 -44.55
CA GLU A 51 17.99 -28.78 -43.53
C GLU A 51 18.52 -29.33 -42.25
N LEU A 52 19.48 -28.60 -41.66
CA LEU A 52 20.14 -28.91 -40.35
C LEU A 52 20.53 -30.40 -40.17
N PHE A 53 21.11 -30.96 -41.22
CA PHE A 53 21.42 -32.39 -41.26
C PHE A 53 22.41 -32.92 -40.20
N GLU A 54 23.19 -32.01 -39.58
CA GLU A 54 24.17 -32.39 -38.56
C GLU A 54 23.57 -33.05 -37.34
N GLY A 55 22.25 -33.01 -37.14
CA GLY A 55 21.65 -33.67 -35.97
C GLY A 55 20.16 -33.74 -35.96
N TYR A 56 19.58 -34.17 -34.83
CA TYR A 56 18.12 -34.20 -34.69
C TYR A 56 17.58 -32.78 -34.89
N TYR A 57 16.32 -32.68 -35.35
CA TYR A 57 15.67 -31.39 -35.53
C TYR A 57 15.26 -30.91 -34.15
N PHE A 58 16.11 -30.06 -33.60
CA PHE A 58 16.05 -29.65 -32.18
C PHE A 58 15.05 -28.54 -31.87
N CYS A 59 14.55 -27.87 -32.88
CA CYS A 59 13.62 -26.75 -32.65
C CYS A 59 12.27 -27.22 -32.02
N GLN A 60 12.13 -28.55 -31.80
CA GLN A 60 10.97 -29.07 -31.06
C GLN A 60 10.97 -28.33 -29.70
N ALA A 61 11.97 -28.67 -28.88
CA ALA A 61 12.17 -28.12 -27.55
C ALA A 61 12.76 -26.71 -27.61
N GLN A 62 12.62 -26.00 -26.51
CA GLN A 62 13.17 -24.68 -26.33
C GLN A 62 14.15 -24.78 -25.20
N ARG A 63 15.35 -25.30 -25.50
CA ARG A 63 16.42 -25.54 -24.50
C ARG A 63 17.64 -24.61 -24.59
N GLU A 64 18.18 -24.26 -23.44
CA GLU A 64 19.32 -23.35 -23.34
C GLU A 64 20.62 -23.98 -23.89
N ASP A 65 20.89 -25.24 -23.54
CA ASP A 65 22.13 -25.92 -23.99
C ASP A 65 22.20 -26.23 -25.51
N PHE A 66 21.03 -26.28 -26.16
CA PHE A 66 20.96 -26.51 -27.60
C PHE A 66 21.50 -25.30 -28.34
N ILE A 67 21.34 -24.11 -27.76
CA ILE A 67 21.87 -22.89 -28.39
C ILE A 67 23.38 -23.00 -28.68
N GLN A 68 24.12 -23.76 -27.87
CA GLN A 68 25.56 -23.93 -28.08
C GLN A 68 25.95 -24.88 -29.24
N ARG A 69 24.95 -25.43 -29.95
CA ARG A 69 25.23 -26.21 -31.16
C ARG A 69 25.57 -25.28 -32.32
N ALA A 70 25.24 -24.01 -32.18
CA ALA A 70 25.54 -23.00 -33.19
C ALA A 70 27.06 -22.83 -33.27
N LYS A 71 27.53 -22.43 -34.45
CA LYS A 71 28.94 -22.20 -34.68
C LYS A 71 29.06 -21.07 -35.66
N PRO A 72 30.16 -20.31 -35.60
CA PRO A 72 30.25 -19.22 -36.60
C PRO A 72 30.37 -19.67 -38.09
N TYR A 73 30.01 -18.76 -38.99
CA TYR A 73 30.14 -18.94 -40.46
C TYR A 73 31.62 -19.14 -40.82
N LYS A 74 32.48 -18.28 -40.27
CA LYS A 74 33.93 -18.38 -40.47
C LYS A 74 34.56 -19.66 -39.89
N ASP A 75 35.32 -20.34 -40.73
CA ASP A 75 36.02 -21.58 -40.38
C ASP A 75 35.06 -22.67 -39.83
N HIS A 76 33.87 -22.80 -40.41
CA HIS A 76 32.94 -23.81 -39.90
C HIS A 76 33.45 -25.20 -40.31
N PRO A 77 33.63 -26.13 -39.36
CA PRO A 77 34.23 -27.44 -39.75
C PRO A 77 33.45 -28.27 -40.77
N THR A 78 32.13 -28.15 -40.74
CA THR A 78 31.29 -28.87 -41.70
C THR A 78 31.32 -28.21 -43.09
N ILE A 79 31.32 -26.89 -43.13
CA ILE A 79 31.40 -26.20 -44.36
C ILE A 79 32.74 -26.50 -45.03
N MET A 80 33.84 -26.35 -44.29
CA MET A 80 35.20 -26.61 -44.82
C MET A 80 35.38 -28.02 -45.35
N ARG A 81 34.80 -28.99 -44.66
CA ARG A 81 34.91 -30.34 -45.12
C ARG A 81 34.10 -30.53 -46.39
N LEU A 82 32.93 -29.92 -46.47
CA LEU A 82 32.10 -30.01 -47.69
C LEU A 82 32.67 -29.18 -48.85
N GLN A 83 33.49 -28.16 -48.54
CA GLN A 83 34.23 -27.40 -49.58
C GLN A 83 35.24 -28.37 -50.25
N LYS A 84 35.90 -29.22 -49.45
CA LYS A 84 36.85 -30.17 -50.01
C LYS A 84 36.16 -31.17 -50.92
N LEU A 85 34.93 -31.53 -50.60
CA LEU A 85 34.22 -32.53 -51.35
C LEU A 85 33.68 -31.92 -52.63
N ALA A 86 33.26 -30.66 -52.56
CA ALA A 86 32.77 -29.93 -53.74
C ALA A 86 33.87 -29.78 -54.81
N LYS A 87 35.07 -29.43 -54.37
CA LYS A 87 36.19 -29.23 -55.26
C LYS A 87 36.66 -30.55 -55.85
N GLU A 88 36.71 -31.59 -55.03
CA GLU A 88 37.13 -32.92 -55.49
C GLU A 88 36.23 -33.47 -56.61
N LEU A 89 34.92 -33.36 -56.45
CA LEU A 89 33.97 -33.93 -57.39
C LEU A 89 33.47 -32.96 -58.47
N GLY A 90 33.65 -31.65 -58.26
CA GLY A 90 33.13 -30.66 -59.23
C GLY A 90 31.62 -30.46 -59.11
N VAL A 91 31.12 -30.43 -57.86
CA VAL A 91 29.67 -30.25 -57.60
C VAL A 91 29.37 -29.08 -56.63
N VAL A 92 28.27 -28.40 -56.90
CA VAL A 92 27.80 -27.30 -56.08
C VAL A 92 27.06 -27.93 -54.90
N ILE A 93 27.40 -27.47 -53.70
CA ILE A 93 26.79 -27.98 -52.47
C ILE A 93 26.36 -26.82 -51.53
N PRO A 94 25.05 -26.54 -51.42
CA PRO A 94 24.59 -25.61 -50.41
C PRO A 94 24.60 -26.30 -49.01
N VAL A 95 25.30 -25.71 -48.05
CA VAL A 95 25.43 -26.33 -46.74
C VAL A 95 24.61 -25.67 -45.65
N SER A 96 23.54 -26.34 -45.22
CA SER A 96 22.68 -25.83 -44.13
C SER A 96 23.45 -25.94 -42.79
N PHE A 97 23.34 -24.92 -41.92
CA PHE A 97 23.99 -24.92 -40.59
C PHE A 97 23.37 -23.89 -39.66
N PHE A 98 23.61 -24.09 -38.38
CA PHE A 98 23.14 -23.23 -37.30
C PHE A 98 24.24 -22.22 -37.02
N GLU A 99 24.01 -20.98 -37.40
CA GLU A 99 25.02 -19.91 -37.29
C GLU A 99 24.98 -19.10 -36.00
N GLU A 100 26.16 -18.90 -35.42
CA GLU A 100 26.32 -18.00 -34.31
C GLU A 100 26.99 -16.76 -34.91
N ALA A 101 26.45 -15.58 -34.67
CA ALA A 101 27.09 -14.34 -35.15
C ALA A 101 26.79 -13.38 -33.99
N ASN A 102 27.69 -13.31 -33.02
CA ASN A 102 27.60 -12.34 -31.92
C ASN A 102 26.39 -12.58 -30.97
N ASN A 103 25.56 -11.55 -30.72
CA ASN A 103 24.22 -11.71 -30.06
C ASN A 103 23.10 -12.21 -30.97
N ALA A 104 23.47 -12.67 -32.16
CA ALA A 104 22.49 -13.17 -33.08
C ALA A 104 22.81 -14.62 -33.46
N HIS A 105 21.76 -15.36 -33.78
CA HIS A 105 21.81 -16.73 -34.24
C HIS A 105 20.87 -16.82 -35.43
N TYR A 106 21.19 -17.68 -36.37
CA TYR A 106 20.41 -17.79 -37.56
C TYR A 106 20.41 -19.20 -38.08
N ASN A 107 19.35 -19.53 -38.80
CA ASN A 107 19.28 -20.76 -39.54
C ASN A 107 19.80 -20.31 -40.88
N SER A 108 20.95 -20.86 -41.30
CA SER A 108 21.66 -20.36 -42.48
C SER A 108 22.11 -21.42 -43.47
N ILE A 109 22.54 -20.96 -44.63
CA ILE A 109 23.06 -21.85 -45.65
C ILE A 109 24.12 -21.13 -46.45
N ALA A 110 25.22 -21.82 -46.70
CA ALA A 110 26.36 -21.27 -47.41
C ALA A 110 26.48 -22.06 -48.71
N ILE A 111 26.67 -21.32 -49.81
CA ILE A 111 26.68 -21.92 -51.12
C ILE A 111 28.08 -22.17 -51.59
N ILE A 112 28.43 -23.44 -51.73
CA ILE A 112 29.76 -23.84 -52.20
C ILE A 112 29.70 -24.20 -53.70
N ASP A 113 30.58 -23.56 -54.47
CA ASP A 113 30.64 -23.75 -55.90
C ASP A 113 31.43 -25.00 -56.27
N ALA A 114 31.35 -25.39 -57.53
CA ALA A 114 32.07 -26.59 -58.01
C ALA A 114 33.61 -26.56 -57.87
N ASP A 115 34.20 -25.39 -57.65
CA ASP A 115 35.66 -25.26 -57.42
C ASP A 115 35.99 -25.19 -55.92
N GLY A 116 34.97 -25.34 -55.07
CA GLY A 116 35.14 -25.30 -53.60
C GLY A 116 35.02 -23.92 -52.98
N THR A 117 34.82 -22.91 -53.82
CA THR A 117 34.70 -21.55 -53.38
C THR A 117 33.38 -21.29 -52.58
N ASP A 118 33.52 -20.60 -51.46
CA ASP A 118 32.42 -20.22 -50.60
C ASP A 118 31.84 -19.01 -51.21
N LEU A 119 30.66 -19.15 -51.80
CA LEU A 119 30.04 -18.04 -52.50
C LEU A 119 29.29 -17.04 -51.60
N GLY A 120 29.09 -17.39 -50.33
CA GLY A 120 28.36 -16.52 -49.42
C GLY A 120 27.20 -17.25 -48.77
N ILE A 121 26.38 -16.51 -48.03
CA ILE A 121 25.26 -17.10 -47.29
C ILE A 121 23.92 -16.43 -47.41
N TYR A 122 22.91 -17.22 -47.06
CA TYR A 122 21.55 -16.75 -46.99
C TYR A 122 21.12 -17.14 -45.59
N ARG A 123 20.39 -16.25 -44.95
CA ARG A 123 19.86 -16.48 -43.62
C ARG A 123 18.34 -16.61 -43.73
N LYS A 124 17.79 -17.67 -43.12
CA LYS A 124 16.33 -17.95 -43.20
C LYS A 124 15.58 -16.74 -42.69
N SER A 125 14.61 -16.33 -43.50
CA SER A 125 13.84 -15.09 -43.28
C SER A 125 12.53 -15.19 -42.52
N HIS A 126 11.77 -16.23 -42.81
CA HIS A 126 10.48 -16.38 -42.21
C HIS A 126 10.62 -17.30 -41.01
N ILE A 127 10.29 -16.80 -39.82
CA ILE A 127 10.44 -17.59 -38.58
C ILE A 127 9.08 -17.83 -37.87
N PRO A 128 8.61 -19.08 -37.94
CA PRO A 128 7.33 -19.54 -37.37
C PRO A 128 7.37 -19.76 -35.90
N ASP A 129 6.23 -20.22 -35.34
CA ASP A 129 6.14 -20.75 -33.91
C ASP A 129 5.49 -22.23 -34.03
N GLY A 130 4.93 -22.72 -32.90
CA GLY A 130 4.15 -23.97 -32.85
C GLY A 130 4.93 -25.20 -32.43
N PRO A 131 4.26 -26.14 -31.71
CA PRO A 131 4.94 -27.37 -31.28
C PRO A 131 5.62 -28.16 -32.45
N GLY A 132 6.74 -28.82 -32.11
CA GLY A 132 7.57 -29.57 -33.06
C GLY A 132 8.54 -28.71 -33.90
N TYR A 133 8.25 -27.40 -34.01
CA TYR A 133 9.07 -26.52 -34.84
C TYR A 133 9.23 -25.11 -34.22
N GLU A 134 9.59 -25.04 -32.93
CA GLU A 134 9.81 -23.74 -32.28
C GLU A 134 11.14 -23.12 -32.75
N GLU A 135 11.08 -22.59 -34.00
CA GLU A 135 12.23 -21.98 -34.66
C GLU A 135 12.53 -20.62 -34.00
N LYS A 136 11.47 -19.96 -33.54
CA LYS A 136 11.52 -18.62 -32.92
C LYS A 136 12.55 -18.44 -31.82
N PHE A 137 12.60 -19.39 -30.88
CA PHE A 137 13.53 -19.34 -29.70
C PHE A 137 15.04 -19.44 -30.02
N TYR A 138 15.37 -19.95 -31.20
CA TYR A 138 16.78 -20.16 -31.60
C TYR A 138 17.27 -19.21 -32.69
N PHE A 139 16.39 -18.78 -33.58
CA PHE A 139 16.86 -18.02 -34.73
C PHE A 139 16.30 -16.63 -34.85
N ASN A 140 17.16 -15.62 -34.96
CA ASN A 140 16.68 -14.29 -35.28
C ASN A 140 16.14 -14.31 -36.74
N PRO A 141 15.25 -13.36 -37.08
CA PRO A 141 14.80 -13.26 -38.51
C PRO A 141 15.98 -12.95 -39.41
N GLY A 142 16.11 -13.64 -40.52
CA GLY A 142 17.26 -13.40 -41.43
C GLY A 142 17.32 -11.97 -41.92
N ASP A 143 18.52 -11.43 -42.03
CA ASP A 143 18.70 -10.07 -42.51
C ASP A 143 19.52 -9.99 -43.83
N THR A 144 19.71 -11.12 -44.51
CA THR A 144 20.40 -11.12 -45.77
C THR A 144 19.48 -10.70 -46.89
N GLY A 145 18.20 -11.03 -46.76
CA GLY A 145 17.30 -10.82 -47.80
C GLY A 145 17.46 -12.00 -48.73
N PHE A 146 16.63 -12.07 -49.78
CA PHE A 146 16.65 -13.18 -50.73
C PHE A 146 17.73 -12.95 -51.76
N LYS A 147 18.52 -13.98 -51.98
CA LYS A 147 19.67 -13.89 -52.82
C LYS A 147 19.73 -14.91 -53.90
N VAL A 148 20.57 -14.63 -54.89
CA VAL A 148 20.88 -15.59 -55.93
C VAL A 148 22.37 -15.69 -56.02
N PHE A 149 22.86 -16.85 -56.38
CA PHE A 149 24.25 -17.06 -56.45
C PHE A 149 24.59 -17.60 -57.80
N GLN A 150 25.59 -17.01 -58.41
CA GLN A 150 26.11 -17.49 -59.69
C GLN A 150 27.11 -18.65 -59.46
N THR A 151 26.75 -19.87 -59.85
CA THR A 151 27.63 -21.07 -59.73
C THR A 151 28.25 -21.40 -61.09
N LYS A 152 29.20 -22.34 -61.15
CA LYS A 152 29.73 -22.72 -62.45
C LYS A 152 28.65 -23.24 -63.45
N TYR A 153 27.53 -23.74 -62.93
CA TYR A 153 26.50 -24.35 -63.73
C TYR A 153 25.22 -23.57 -63.85
N ALA A 154 25.00 -22.56 -63.01
CA ALA A 154 23.73 -21.84 -63.09
C ALA A 154 23.65 -20.75 -62.06
N LYS A 155 22.67 -19.83 -62.21
CA LYS A 155 22.35 -18.88 -61.14
C LYS A 155 21.32 -19.60 -60.35
N ILE A 156 21.53 -19.72 -59.05
CA ILE A 156 20.55 -20.44 -58.21
C ILE A 156 19.99 -19.62 -57.05
N GLY A 157 18.80 -19.95 -56.64
CA GLY A 157 18.20 -19.30 -55.50
C GLY A 157 18.00 -20.39 -54.48
N VAL A 158 18.33 -20.09 -53.22
CA VAL A 158 18.17 -21.03 -52.13
C VAL A 158 17.40 -20.38 -51.00
N ALA A 159 16.42 -21.07 -50.44
CA ALA A 159 15.74 -20.58 -49.23
C ALA A 159 15.59 -21.77 -48.28
N ILE A 160 15.08 -21.56 -47.07
CA ILE A 160 15.15 -22.60 -46.05
C ILE A 160 13.83 -22.89 -45.36
N CYS A 161 13.55 -24.20 -45.19
CA CYS A 161 12.35 -24.72 -44.48
C CYS A 161 11.12 -23.79 -44.60
N TRP A 162 10.67 -23.17 -43.51
CA TRP A 162 9.51 -22.30 -43.49
C TRP A 162 9.38 -21.24 -44.66
N ASP A 163 10.52 -20.79 -45.21
CA ASP A 163 10.54 -19.83 -46.32
C ASP A 163 9.74 -20.38 -47.48
N GLN A 164 9.64 -21.69 -47.54
CA GLN A 164 9.08 -22.34 -48.72
C GLN A 164 7.55 -22.16 -48.87
N TRP A 165 6.88 -21.66 -47.83
CA TRP A 165 5.46 -21.40 -47.91
C TRP A 165 5.14 -20.01 -48.55
N PHE A 166 6.14 -19.20 -48.76
CA PHE A 166 5.93 -17.82 -49.16
C PHE A 166 6.20 -17.55 -50.63
N PRO A 167 5.17 -17.41 -51.43
CA PRO A 167 5.40 -17.09 -52.88
C PRO A 167 6.34 -15.94 -53.08
N GLU A 168 6.29 -14.94 -52.22
CA GLU A 168 7.19 -13.80 -52.35
C GLU A 168 8.66 -14.15 -52.42
N ALA A 169 9.10 -15.21 -51.72
CA ALA A 169 10.55 -15.49 -51.74
C ALA A 169 10.96 -16.11 -53.05
N ALA A 170 10.10 -16.97 -53.58
CA ALA A 170 10.38 -17.63 -54.85
C ALA A 170 10.44 -16.55 -55.97
N ARG A 171 9.46 -15.64 -55.95
CA ARG A 171 9.38 -14.57 -56.93
C ARG A 171 10.57 -13.66 -56.84
N ALA A 172 10.96 -13.29 -55.62
CA ALA A 172 12.12 -12.43 -55.42
C ALA A 172 13.38 -13.03 -56.01
N MET A 173 13.55 -14.33 -55.85
CA MET A 173 14.73 -15.02 -56.43
C MET A 173 14.68 -15.08 -57.97
N ALA A 174 13.52 -15.43 -58.50
CA ALA A 174 13.33 -15.49 -59.93
C ALA A 174 13.56 -14.09 -60.62
N LEU A 175 13.04 -13.03 -60.02
CA LEU A 175 13.25 -11.69 -60.55
C LEU A 175 14.68 -11.34 -60.66
N GLN A 176 15.50 -11.94 -59.81
CA GLN A 176 16.94 -11.63 -59.82
C GLN A 176 17.82 -12.58 -60.65
N GLY A 177 17.21 -13.45 -61.45
CA GLY A 177 17.96 -14.35 -62.28
C GLY A 177 18.00 -15.80 -61.91
N ALA A 178 17.49 -16.18 -60.72
CA ALA A 178 17.53 -17.60 -60.33
C ALA A 178 16.96 -18.48 -61.41
N GLU A 179 17.69 -19.49 -61.83
CA GLU A 179 17.25 -20.41 -62.88
C GLU A 179 16.77 -21.72 -62.31
N ILE A 180 17.12 -21.96 -61.03
CA ILE A 180 16.70 -23.12 -60.30
C ILE A 180 16.52 -22.71 -58.83
N LEU A 181 15.45 -23.18 -58.19
CA LEU A 181 15.21 -22.90 -56.78
C LEU A 181 15.51 -24.12 -55.91
N PHE A 182 16.14 -23.90 -54.78
CA PHE A 182 16.50 -24.99 -53.81
C PHE A 182 15.89 -24.73 -52.46
N TYR A 183 15.22 -25.72 -51.92
CA TYR A 183 14.58 -25.57 -50.64
C TYR A 183 14.88 -26.72 -49.64
N PRO A 184 16.01 -26.66 -48.93
CA PRO A 184 16.25 -27.66 -47.83
C PRO A 184 15.21 -27.47 -46.70
N THR A 185 14.63 -28.55 -46.23
CA THR A 185 13.54 -28.50 -45.25
CA THR A 185 13.59 -28.46 -45.17
C THR A 185 13.57 -29.64 -44.19
N ALA A 186 12.68 -29.54 -43.21
CA ALA A 186 12.48 -30.53 -42.17
C ALA A 186 11.01 -30.42 -41.72
N ILE A 187 10.20 -31.34 -42.17
CA ILE A 187 8.83 -31.30 -41.84
C ILE A 187 8.27 -32.68 -41.73
N GLY A 188 7.40 -32.85 -40.77
CA GLY A 188 6.78 -34.11 -40.49
C GLY A 188 5.56 -33.89 -39.66
N SER A 189 5.15 -34.90 -38.92
CA SER A 189 3.96 -34.79 -38.06
C SER A 189 4.18 -33.66 -37.05
N GLU A 190 3.16 -33.41 -36.25
CA GLU A 190 3.20 -32.39 -35.20
C GLU A 190 2.87 -33.14 -33.89
N PRO A 191 3.70 -32.97 -32.82
CA PRO A 191 3.49 -33.75 -31.56
C PRO A 191 2.19 -33.46 -30.77
N HIS A 192 1.54 -32.32 -31.09
CA HIS A 192 0.27 -31.93 -30.42
C HIS A 192 -0.98 -32.69 -30.96
N ASP A 193 -1.08 -32.88 -32.30
CA ASP A 193 -2.15 -33.74 -32.90
C ASP A 193 -1.69 -34.53 -34.18
N GLN A 194 -1.75 -35.87 -34.07
CA GLN A 194 -1.31 -36.80 -35.12
C GLN A 194 -2.35 -37.06 -36.24
N SER A 195 -3.17 -36.03 -36.58
CA SER A 195 -4.20 -36.13 -37.66
C SER A 195 -3.79 -35.28 -38.89
N ILE A 196 -3.13 -34.15 -38.66
CA ILE A 196 -2.65 -33.30 -39.75
C ILE A 196 -1.51 -34.07 -40.47
N ASP A 197 -1.57 -34.07 -41.80
CA ASP A 197 -0.54 -34.64 -42.64
C ASP A 197 -0.40 -33.57 -43.68
N SER A 198 0.65 -32.76 -43.56
CA SER A 198 0.81 -31.59 -44.43
C SER A 198 1.56 -31.84 -45.73
N ARG A 199 1.91 -33.10 -46.01
CA ARG A 199 2.79 -33.38 -47.16
C ARG A 199 2.19 -32.98 -48.55
N ASP A 200 0.90 -33.18 -48.75
CA ASP A 200 0.26 -32.76 -49.99
C ASP A 200 0.13 -31.21 -50.11
N HIS A 201 -0.29 -30.56 -49.03
CA HIS A 201 -0.36 -29.08 -48.97
C HIS A 201 0.98 -28.49 -49.30
N TRP A 202 2.02 -29.04 -48.66
CA TRP A 202 3.42 -28.64 -48.87
C TRP A 202 3.90 -28.76 -50.34
N LYS A 203 3.66 -29.92 -50.95
CA LYS A 203 4.00 -30.15 -52.37
C LYS A 203 3.22 -29.17 -53.28
N ARG A 204 1.93 -29.00 -53.04
CA ARG A 204 1.16 -28.11 -53.85
C ARG A 204 1.67 -26.70 -53.83
N VAL A 205 2.07 -26.20 -52.67
CA VAL A 205 2.55 -24.81 -52.62
C VAL A 205 3.85 -24.63 -53.40
N MET A 206 4.76 -25.62 -53.31
CA MET A 206 6.06 -25.54 -54.00
CA MET A 206 6.07 -25.52 -54.00
C MET A 206 5.91 -25.71 -55.50
N GLN A 207 5.04 -26.62 -55.90
CA GLN A 207 4.78 -26.81 -57.32
C GLN A 207 4.24 -25.49 -57.87
N GLY A 208 3.46 -24.80 -57.05
CA GLY A 208 2.98 -23.50 -57.35
C GLY A 208 4.05 -22.53 -57.72
N HIS A 209 5.16 -22.50 -56.93
CA HIS A 209 6.25 -21.55 -57.17
C HIS A 209 7.02 -21.93 -58.45
N ALA A 210 7.22 -23.23 -58.67
CA ALA A 210 7.91 -23.66 -59.88
C ALA A 210 7.10 -23.23 -61.14
N GLY A 211 5.80 -23.47 -61.12
CA GLY A 211 4.90 -23.11 -62.23
C GLY A 211 4.66 -21.61 -62.49
N ALA A 212 4.69 -20.82 -61.43
CA ALA A 212 4.44 -19.38 -61.51
C ALA A 212 5.65 -18.61 -61.95
N ASN A 213 6.82 -19.17 -61.72
CA ASN A 213 8.06 -18.54 -62.10
C ASN A 213 8.75 -19.23 -63.26
N LEU A 214 8.25 -20.39 -63.64
CA LEU A 214 8.82 -21.21 -64.73
C LEU A 214 10.27 -21.51 -64.52
N VAL A 215 10.55 -22.04 -63.33
CA VAL A 215 11.88 -22.49 -62.92
C VAL A 215 11.73 -23.84 -62.24
N PRO A 216 12.68 -24.75 -62.48
CA PRO A 216 12.70 -26.01 -61.73
C PRO A 216 12.91 -25.77 -60.22
N LEU A 217 12.51 -26.74 -59.42
CA LEU A 217 12.57 -26.57 -57.98
C LEU A 217 12.92 -27.89 -57.30
N VAL A 218 13.93 -27.85 -56.43
CA VAL A 218 14.41 -29.02 -55.74
C VAL A 218 14.15 -28.87 -54.25
N ALA A 219 13.54 -29.88 -53.64
CA ALA A 219 13.25 -29.90 -52.20
C ALA A 219 13.75 -31.19 -51.55
N SER A 220 14.63 -31.03 -50.56
CA SER A 220 15.18 -32.13 -49.79
C SER A 220 14.62 -32.07 -48.38
N ASN A 221 13.93 -33.15 -47.98
CA ASN A 221 13.32 -33.30 -46.63
C ASN A 221 13.81 -34.55 -45.94
N ARG A 222 13.97 -34.51 -44.61
CA ARG A 222 14.41 -35.69 -43.90
C ARG A 222 13.30 -36.76 -43.71
N ILE A 223 13.74 -37.97 -43.36
CA ILE A 223 12.86 -39.08 -42.98
C ILE A 223 13.21 -39.51 -41.56
N GLY A 224 12.37 -40.36 -41.00
CA GLY A 224 12.60 -40.99 -39.69
C GLY A 224 11.85 -40.36 -38.54
N ASN A 225 11.90 -41.06 -37.41
CA ASN A 225 11.32 -40.63 -36.13
C ASN A 225 12.39 -40.08 -35.25
N GLU A 226 12.05 -39.03 -34.51
CA GLU A 226 13.00 -38.38 -33.64
C GLU A 226 12.35 -38.00 -32.33
N ILE A 227 12.98 -38.43 -31.25
CA ILE A 227 12.52 -38.16 -29.92
C ILE A 227 13.54 -37.27 -29.20
N ILE A 228 13.10 -36.06 -28.81
CA ILE A 228 13.89 -35.11 -28.01
C ILE A 228 13.24 -34.98 -26.62
N GLU A 229 14.06 -35.02 -25.55
CA GLU A 229 13.58 -34.69 -24.19
C GLU A 229 13.40 -33.16 -24.10
N THR A 230 12.21 -32.68 -23.70
CA THR A 230 11.93 -31.20 -23.65
C THR A 230 11.54 -30.72 -22.25
N GLU A 231 11.00 -29.48 -22.19
CA GLU A 231 10.60 -28.83 -20.92
C GLU A 231 9.42 -29.53 -20.26
N HIS A 232 8.39 -29.82 -21.07
CA HIS A 232 7.18 -30.54 -20.61
C HIS A 232 7.44 -32.07 -20.49
N GLY A 233 8.01 -32.64 -21.56
CA GLY A 233 8.34 -34.07 -21.62
C GLY A 233 8.63 -34.51 -23.05
N LYS A 234 8.97 -35.79 -23.22
CA LYS A 234 9.27 -36.38 -24.56
C LYS A 234 8.41 -35.91 -25.75
N SER A 235 9.03 -35.20 -26.69
CA SER A 235 8.37 -34.79 -27.89
C SER A 235 8.91 -35.64 -29.04
N GLU A 236 8.00 -36.12 -29.89
CA GLU A 236 8.33 -37.00 -30.99
C GLU A 236 7.79 -36.45 -32.29
N ILE A 237 8.51 -36.71 -33.37
CA ILE A 237 8.13 -36.27 -34.70
C ILE A 237 8.48 -37.32 -35.72
N LYS A 238 7.57 -37.59 -36.65
CA LYS A 238 7.85 -38.48 -37.76
C LYS A 238 7.95 -37.66 -39.04
N PHE A 239 9.18 -37.49 -39.49
CA PHE A 239 9.45 -36.71 -40.70
C PHE A 239 9.03 -37.50 -41.91
N TYR A 240 8.31 -36.85 -42.81
CA TYR A 240 7.65 -37.62 -43.87
C TYR A 240 8.33 -37.75 -45.22
N GLY A 241 9.60 -37.37 -45.31
CA GLY A 241 10.34 -37.44 -46.60
C GLY A 241 9.64 -36.74 -47.77
N ASN A 242 9.32 -37.48 -48.80
CA ASN A 242 8.72 -36.92 -50.01
C ASN A 242 9.55 -35.81 -50.68
N SER A 243 10.87 -35.91 -50.58
CA SER A 243 11.75 -34.98 -51.29
C SER A 243 11.41 -35.13 -52.76
N PHE A 244 11.55 -34.08 -53.52
CA PHE A 244 11.15 -34.15 -54.93
C PHE A 244 11.82 -33.10 -55.75
N ILE A 245 11.77 -33.30 -57.05
CA ILE A 245 12.26 -32.33 -57.99
C ILE A 245 11.09 -32.06 -58.90
N ALA A 246 10.74 -30.77 -59.08
CA ALA A 246 9.68 -30.34 -59.98
C ALA A 246 10.28 -29.58 -61.12
N GLY A 247 9.63 -29.67 -62.28
CA GLY A 247 10.04 -28.89 -63.47
C GLY A 247 9.38 -27.51 -63.52
N PRO A 248 9.65 -26.74 -64.58
CA PRO A 248 9.15 -25.39 -64.72
C PRO A 248 7.63 -25.19 -64.92
N THR A 249 6.85 -26.24 -65.14
CA THR A 249 5.38 -26.14 -65.14
C THR A 249 4.84 -26.68 -63.80
N GLY A 250 5.75 -27.03 -62.87
CA GLY A 250 5.36 -27.59 -61.56
C GLY A 250 5.15 -29.10 -61.51
N GLU A 251 5.37 -29.78 -62.63
CA GLU A 251 5.25 -31.24 -62.65
C GLU A 251 6.38 -31.82 -61.80
N ILE A 252 6.04 -32.86 -61.00
CA ILE A 252 6.98 -33.58 -60.22
C ILE A 252 7.66 -34.59 -61.16
N VAL A 253 8.96 -34.44 -61.38
CA VAL A 253 9.70 -35.34 -62.30
C VAL A 253 10.44 -36.43 -61.59
N SER A 254 10.61 -36.24 -60.30
CA SER A 254 11.32 -37.21 -59.48
C SER A 254 10.82 -37.06 -58.03
N ILE A 255 10.49 -38.16 -57.36
CA ILE A 255 9.98 -38.07 -55.99
C ILE A 255 10.32 -39.27 -55.16
N ALA A 256 10.58 -39.02 -53.88
CA ALA A 256 10.88 -40.05 -52.89
C ALA A 256 9.67 -40.38 -52.01
N ASP A 257 9.75 -41.51 -51.30
CA ASP A 257 8.65 -41.92 -50.38
C ASP A 257 8.92 -41.37 -48.96
N ASP A 258 8.18 -41.87 -47.96
CA ASP A 258 8.31 -41.36 -46.57
C ASP A 258 9.14 -42.17 -45.57
N LYS A 259 9.90 -43.15 -46.05
CA LYS A 259 10.63 -44.00 -45.16
C LYS A 259 12.02 -44.43 -45.56
N GLU A 260 12.44 -44.22 -46.81
CA GLU A 260 13.79 -44.67 -47.20
C GLU A 260 14.67 -43.59 -47.79
N GLU A 261 15.98 -43.88 -47.80
CA GLU A 261 16.99 -43.00 -48.36
C GLU A 261 16.79 -42.85 -49.84
N ALA A 262 17.13 -41.71 -50.36
CA ALA A 262 16.99 -41.49 -51.78
C ALA A 262 17.98 -40.50 -52.33
N VAL A 263 18.29 -40.69 -53.61
CA VAL A 263 19.14 -39.84 -54.38
C VAL A 263 18.33 -39.62 -55.63
N LEU A 264 17.70 -38.46 -55.71
CA LEU A 264 16.90 -38.06 -56.88
C LEU A 264 17.76 -37.28 -57.86
N ILE A 265 17.53 -37.57 -59.13
CA ILE A 265 18.29 -37.01 -60.23
C ILE A 265 17.33 -36.51 -61.30
N ALA A 266 17.63 -35.34 -61.83
CA ALA A 266 16.88 -34.77 -62.88
C ALA A 266 17.77 -33.81 -63.67
N GLU A 267 17.67 -33.90 -65.00
CA GLU A 267 18.40 -33.02 -65.93
C GLU A 267 17.48 -31.94 -66.47
N PHE A 268 17.99 -30.72 -66.55
CA PHE A 268 17.23 -29.59 -67.06
C PHE A 268 18.02 -28.84 -68.14
N ASN A 269 17.35 -28.44 -69.22
CA ASN A 269 18.00 -27.60 -70.24
C ASN A 269 17.70 -26.16 -69.90
N LEU A 270 18.64 -25.48 -69.30
CA LEU A 270 18.42 -24.12 -68.84
C LEU A 270 18.21 -23.11 -69.98
N ASP A 271 18.75 -23.38 -71.16
CA ASP A 271 18.48 -22.46 -72.27
C ASP A 271 17.02 -22.59 -72.80
N LYS A 272 16.56 -23.82 -72.99
CA LYS A 272 15.18 -24.05 -73.38
C LYS A 272 14.21 -23.55 -72.34
N ILE A 273 14.53 -23.78 -71.07
CA ILE A 273 13.65 -23.33 -70.00
C ILE A 273 13.58 -21.82 -69.95
N LYS A 274 14.72 -21.15 -70.06
CA LYS A 274 14.72 -19.69 -70.10
C LYS A 274 13.84 -19.22 -71.29
N SER A 275 13.98 -19.86 -72.45
CA SER A 275 13.18 -19.45 -73.64
C SER A 275 11.67 -19.63 -73.36
N MET A 276 11.31 -20.76 -72.75
CA MET A 276 9.90 -21.07 -72.38
C MET A 276 9.36 -20.03 -71.38
N ARG A 277 10.17 -19.72 -70.36
CA ARG A 277 9.81 -18.76 -69.31
C ARG A 277 9.46 -17.42 -69.88
N HIS A 278 10.31 -16.91 -70.78
CA HIS A 278 10.06 -15.65 -71.40
C HIS A 278 8.88 -15.64 -72.35
N CYS A 279 8.69 -16.70 -73.13
CA CYS A 279 7.61 -16.75 -74.07
CA CYS A 279 7.60 -16.65 -74.07
C CYS A 279 6.24 -16.82 -73.42
N TRP A 280 6.17 -17.47 -72.24
CA TRP A 280 4.90 -17.64 -71.51
C TRP A 280 4.44 -16.24 -71.09
N GLY A 281 5.39 -15.38 -70.76
CA GLY A 281 5.09 -13.97 -70.58
C GLY A 281 4.77 -13.39 -69.23
N VAL A 282 4.72 -14.21 -68.18
CA VAL A 282 4.37 -13.68 -66.86
C VAL A 282 5.27 -12.54 -66.41
N PHE A 283 6.57 -12.63 -66.66
CA PHE A 283 7.45 -11.54 -66.26
C PHE A 283 7.34 -10.25 -67.07
N ARG A 284 6.86 -10.37 -68.32
CA ARG A 284 6.59 -9.25 -69.16
C ARG A 284 5.28 -8.55 -68.69
N ASP A 285 4.40 -9.33 -68.06
CA ASP A 285 3.10 -8.87 -67.69
C ASP A 285 2.86 -8.41 -66.28
N ARG A 286 3.87 -8.54 -65.41
CA ARG A 286 3.74 -8.11 -64.02
C ARG A 286 3.42 -6.64 -63.86
N ARG A 287 2.64 -6.36 -62.82
CA ARG A 287 2.20 -5.02 -62.51
C ARG A 287 2.73 -4.53 -61.12
N PRO A 288 4.02 -4.28 -60.99
CA PRO A 288 4.51 -3.81 -59.68
C PRO A 288 3.93 -2.52 -59.23
N ASP A 289 3.30 -1.79 -60.13
CA ASP A 289 2.64 -0.55 -59.73
C ASP A 289 1.33 -0.86 -58.89
N LEU A 290 0.86 -2.09 -58.94
CA LEU A 290 -0.31 -2.50 -58.20
C LEU A 290 0.03 -3.44 -57.00
N TYR A 291 1.31 -3.65 -56.75
CA TYR A 291 1.76 -4.57 -55.70
C TYR A 291 2.23 -3.91 -54.36
N LYS A 292 1.95 -2.64 -54.16
CA LYS A 292 2.36 -2.01 -52.95
C LYS A 292 1.82 -2.62 -51.65
N VAL A 293 0.61 -3.17 -51.72
CA VAL A 293 -0.01 -3.76 -50.56
C VAL A 293 0.84 -4.95 -50.00
N LEU A 294 1.66 -5.56 -50.84
CA LEU A 294 2.49 -6.63 -50.41
C LEU A 294 3.62 -6.18 -49.47
N LEU A 295 3.85 -4.88 -49.35
CA LEU A 295 4.83 -4.35 -48.42
C LEU A 295 4.14 -3.96 -47.10
N THR A 296 2.94 -4.51 -46.87
CA THR A 296 2.22 -4.35 -45.63
C THR A 296 2.03 -5.75 -45.04
N LEU A 297 1.70 -5.80 -43.75
CA LEU A 297 1.34 -7.06 -43.08
C LEU A 297 -0.18 -7.16 -42.98
N ASP A 298 -0.83 -6.05 -42.67
CA ASP A 298 -2.27 -5.98 -42.43
C ASP A 298 -3.11 -5.61 -43.67
N GLY A 299 -2.44 -5.43 -44.82
CA GLY A 299 -3.13 -5.05 -46.08
C GLY A 299 -3.55 -3.59 -46.22
N LYS A 300 -3.00 -2.70 -45.41
CA LYS A 300 -3.32 -1.23 -45.44
C LYS A 300 -2.05 -0.34 -45.28
N ASN A 301 -1.36 -0.50 -44.12
CA ASN A 301 -0.17 0.32 -43.74
C ASN A 301 1.19 -0.28 -44.12
N PRO A 302 2.01 0.50 -44.89
CA PRO A 302 3.41 0.03 -45.24
C PRO A 302 4.25 -0.16 -43.95
N VAL A 303 5.24 -1.06 -43.95
CA VAL A 303 6.06 -1.28 -42.71
C VAL A 303 7.24 -0.32 -42.53
N LYS B 8 -20.60 -25.87 -36.70
CA LYS B 8 -20.31 -24.64 -35.88
C LYS B 8 -19.63 -23.55 -36.77
N GLY B 9 -20.43 -22.62 -37.31
CA GLY B 9 -19.87 -21.51 -38.10
C GLY B 9 -20.55 -21.16 -39.41
N ARG B 10 -20.15 -20.02 -39.94
CA ARG B 10 -20.67 -19.43 -41.17
C ARG B 10 -20.31 -20.27 -42.43
N LYS B 11 -21.30 -20.93 -43.02
CA LYS B 11 -21.11 -21.78 -44.17
C LYS B 11 -21.49 -21.02 -45.45
N VAL B 12 -20.76 -21.30 -46.53
CA VAL B 12 -21.01 -20.70 -47.83
C VAL B 12 -20.83 -21.75 -48.89
N VAL B 13 -21.82 -21.89 -49.77
CA VAL B 13 -21.73 -22.83 -50.86
C VAL B 13 -21.35 -22.04 -52.11
N VAL B 14 -20.26 -22.42 -52.77
CA VAL B 14 -19.81 -21.73 -54.01
C VAL B 14 -19.99 -22.61 -55.27
N SER B 15 -19.99 -22.00 -56.44
CA SER B 15 -20.16 -22.75 -57.68
C SER B 15 -19.36 -22.26 -58.83
N ALA B 16 -18.76 -23.18 -59.55
CA ALA B 16 -18.11 -22.87 -60.80
C ALA B 16 -19.03 -23.41 -61.92
N LEU B 17 -19.28 -22.56 -62.92
CA LEU B 17 -20.08 -22.92 -64.10
C LEU B 17 -19.15 -23.05 -65.30
N GLN B 18 -19.55 -23.93 -66.19
CA GLN B 18 -18.80 -24.19 -67.39
C GLN B 18 -19.77 -24.47 -68.52
N PHE B 19 -19.63 -23.74 -69.63
CA PHE B 19 -20.46 -23.95 -70.86
C PHE B 19 -19.75 -23.45 -72.14
N ALA B 20 -20.36 -23.74 -73.28
CA ALA B 20 -19.83 -23.30 -74.57
C ALA B 20 -20.60 -22.06 -75.00
N CYS B 21 -19.92 -21.12 -75.64
CA CYS B 21 -20.55 -19.90 -76.07
C CYS B 21 -20.98 -19.97 -77.52
N THR B 22 -22.05 -19.26 -77.84
CA THR B 22 -22.49 -19.05 -79.21
C THR B 22 -22.10 -17.58 -79.52
N ASP B 23 -22.37 -17.14 -80.73
CA ASP B 23 -22.04 -15.78 -81.24
C ASP B 23 -23.21 -14.76 -80.97
N ASP B 24 -24.26 -15.20 -80.27
CA ASP B 24 -25.40 -14.34 -79.92
C ASP B 24 -25.40 -14.02 -78.40
N VAL B 25 -25.34 -12.73 -78.05
CA VAL B 25 -25.32 -12.28 -76.68
C VAL B 25 -26.46 -12.80 -75.80
N SER B 26 -27.69 -12.58 -76.22
CA SER B 26 -28.82 -13.00 -75.43
C SER B 26 -28.84 -14.48 -75.17
N THR B 27 -28.52 -15.27 -76.20
CA THR B 27 -28.44 -16.72 -76.03
C THR B 27 -27.47 -17.05 -74.87
N ASN B 28 -26.27 -16.48 -74.89
CA ASN B 28 -25.28 -16.76 -73.90
C ASN B 28 -25.63 -16.27 -72.49
N VAL B 29 -26.34 -15.17 -72.37
CA VAL B 29 -26.74 -14.68 -71.04
C VAL B 29 -27.83 -15.64 -70.50
N THR B 30 -28.67 -16.13 -71.40
CA THR B 30 -29.68 -17.09 -71.04
C THR B 30 -29.07 -18.44 -70.64
N THR B 31 -27.92 -18.78 -71.27
CA THR B 31 -27.23 -20.01 -70.92
C THR B 31 -26.70 -19.79 -69.47
N ALA B 32 -26.12 -18.62 -69.21
CA ALA B 32 -25.66 -18.33 -67.85
C ALA B 32 -26.82 -18.37 -66.87
N GLU B 33 -27.95 -17.78 -67.24
CA GLU B 33 -29.08 -17.76 -66.39
C GLU B 33 -29.55 -19.17 -66.03
N ARG B 34 -29.58 -20.05 -67.03
CA ARG B 34 -30.04 -21.43 -66.82
C ARG B 34 -29.10 -22.18 -65.80
N LEU B 35 -27.82 -22.00 -65.95
CA LEU B 35 -26.86 -22.68 -65.10
C LEU B 35 -26.79 -22.09 -63.65
N VAL B 36 -26.97 -20.79 -63.53
CA VAL B 36 -27.04 -20.13 -62.23
C VAL B 36 -28.25 -20.70 -61.45
N ARG B 37 -29.38 -20.86 -62.11
CA ARG B 37 -30.56 -21.43 -61.45
C ARG B 37 -30.32 -22.86 -61.04
N ALA B 38 -29.55 -23.59 -61.84
CA ALA B 38 -29.21 -24.97 -61.50
C ALA B 38 -28.26 -25.01 -60.27
N ALA B 39 -27.36 -24.06 -60.16
CA ALA B 39 -26.44 -23.95 -58.99
C ALA B 39 -27.28 -23.58 -57.75
N HIS B 40 -28.17 -22.58 -57.91
CA HIS B 40 -29.06 -22.17 -56.84
C HIS B 40 -29.89 -23.32 -56.31
N LYS B 41 -30.40 -24.15 -57.23
CA LYS B 41 -31.20 -25.31 -56.85
C LYS B 41 -30.39 -26.28 -56.00
N GLN B 42 -29.13 -26.41 -56.30
CA GLN B 42 -28.24 -27.26 -55.55
C GLN B 42 -27.63 -26.56 -54.32
N GLY B 43 -28.14 -25.37 -53.96
CA GLY B 43 -27.72 -24.66 -52.75
C GLY B 43 -26.68 -23.57 -52.85
N ALA B 44 -26.25 -23.21 -54.07
CA ALA B 44 -25.18 -22.21 -54.22
C ALA B 44 -25.59 -20.83 -53.72
N ASN B 45 -24.63 -20.16 -53.08
CA ASN B 45 -24.79 -18.77 -52.60
C ASN B 45 -24.03 -17.78 -53.47
N ILE B 46 -22.90 -18.24 -54.02
CA ILE B 46 -22.09 -17.44 -54.92
C ILE B 46 -21.78 -18.34 -56.13
N VAL B 47 -22.06 -17.81 -57.33
CA VAL B 47 -21.92 -18.57 -58.57
C VAL B 47 -21.02 -17.82 -59.56
N LEU B 48 -20.00 -18.51 -60.10
CA LEU B 48 -19.03 -17.90 -61.00
C LEU B 48 -19.18 -18.28 -62.46
N ILE B 49 -19.51 -17.29 -63.28
CA ILE B 49 -19.62 -17.43 -64.75
C ILE B 49 -18.25 -17.11 -65.43
N GLN B 50 -17.93 -17.89 -66.45
CA GLN B 50 -16.64 -17.78 -67.19
C GLN B 50 -16.42 -16.41 -67.87
N GLU B 51 -15.15 -16.10 -68.14
CA GLU B 51 -14.76 -14.82 -68.79
C GLU B 51 -15.38 -14.50 -70.18
N LEU B 52 -15.84 -13.28 -70.35
CA LEU B 52 -16.29 -12.82 -71.65
C LEU B 52 -17.35 -13.73 -72.28
N PHE B 53 -18.17 -14.29 -71.38
CA PHE B 53 -19.20 -15.26 -71.69
C PHE B 53 -20.27 -14.79 -72.68
N GLU B 54 -20.38 -13.46 -72.84
CA GLU B 54 -21.33 -12.86 -73.76
C GLU B 54 -21.15 -13.26 -75.22
N GLY B 55 -19.99 -13.78 -75.60
CA GLY B 55 -19.75 -14.21 -76.99
C GLY B 55 -18.50 -15.03 -77.14
N TYR B 56 -18.15 -15.34 -78.38
CA TYR B 56 -16.92 -16.04 -78.70
C TYR B 56 -15.74 -15.27 -78.14
N TYR B 57 -14.65 -15.97 -77.88
CA TYR B 57 -13.42 -15.31 -77.40
C TYR B 57 -12.77 -14.64 -78.66
N PHE B 58 -13.11 -13.38 -78.85
CA PHE B 58 -12.77 -12.62 -80.08
C PHE B 58 -11.28 -12.23 -80.22
N CYS B 59 -10.56 -12.33 -79.10
CA CYS B 59 -9.14 -11.96 -79.00
C CYS B 59 -8.17 -12.82 -79.81
N GLN B 60 -8.65 -13.87 -80.44
CA GLN B 60 -7.79 -14.55 -81.36
C GLN B 60 -7.44 -13.55 -82.51
N ALA B 61 -8.30 -12.57 -82.73
CA ALA B 61 -8.06 -11.61 -83.82
C ALA B 61 -7.67 -10.29 -83.24
N GLN B 62 -6.99 -9.47 -84.03
CA GLN B 62 -6.65 -8.09 -83.67
C GLN B 62 -7.39 -7.25 -84.68
N ARG B 63 -8.68 -6.99 -84.43
CA ARG B 63 -9.55 -6.25 -85.38
C ARG B 63 -10.20 -4.97 -84.81
N GLU B 64 -10.17 -3.91 -85.63
CA GLU B 64 -10.78 -2.59 -85.31
C GLU B 64 -12.25 -2.70 -84.90
N ASP B 65 -13.07 -3.43 -85.67
CA ASP B 65 -14.48 -3.57 -85.38
C ASP B 65 -14.76 -4.36 -84.08
N PHE B 66 -13.90 -5.31 -83.72
CA PHE B 66 -14.07 -6.09 -82.46
C PHE B 66 -13.92 -5.20 -81.20
N ILE B 67 -13.12 -4.14 -81.30
CA ILE B 67 -12.93 -3.22 -80.19
C ILE B 67 -14.29 -2.56 -79.87
N GLN B 68 -15.08 -2.28 -80.89
CA GLN B 68 -16.38 -1.62 -80.71
C GLN B 68 -17.46 -2.55 -80.14
N ARG B 69 -17.08 -3.77 -79.81
CA ARG B 69 -17.99 -4.62 -79.10
C ARG B 69 -18.07 -4.17 -77.64
N ALA B 70 -17.14 -3.34 -77.19
CA ALA B 70 -17.12 -2.87 -75.81
C ALA B 70 -18.38 -2.02 -75.52
N LYS B 71 -18.78 -1.97 -74.25
CA LYS B 71 -19.95 -1.18 -73.80
C LYS B 71 -19.65 -0.52 -72.48
N PRO B 72 -20.28 0.61 -72.19
CA PRO B 72 -20.03 1.20 -70.91
C PRO B 72 -20.52 0.35 -69.67
N TYR B 73 -19.87 0.54 -68.53
CA TYR B 73 -20.31 -0.06 -67.27
C TYR B 73 -21.71 0.45 -66.93
N LYS B 74 -21.93 1.73 -67.08
CA LYS B 74 -23.22 2.30 -66.77
C LYS B 74 -24.36 1.80 -67.71
N ASP B 75 -25.46 1.34 -67.08
CA ASP B 75 -26.63 0.80 -67.75
C ASP B 75 -26.31 -0.36 -68.72
N HIS B 76 -25.39 -1.23 -68.36
CA HIS B 76 -24.99 -2.35 -69.22
C HIS B 76 -26.15 -3.36 -69.19
N PRO B 77 -26.68 -3.70 -70.38
CA PRO B 77 -27.84 -4.57 -70.39
C PRO B 77 -27.61 -5.94 -69.77
N THR B 78 -26.40 -6.49 -69.93
CA THR B 78 -26.12 -7.78 -69.34
C THR B 78 -26.00 -7.69 -67.81
N ILE B 79 -25.33 -6.67 -67.31
CA ILE B 79 -25.24 -6.50 -65.88
C ILE B 79 -26.65 -6.29 -65.30
N MET B 80 -27.45 -5.45 -65.95
CA MET B 80 -28.79 -5.16 -65.44
C MET B 80 -29.69 -6.38 -65.38
N ARG B 81 -29.61 -7.21 -66.41
CA ARG B 81 -30.38 -8.43 -66.46
C ARG B 81 -29.89 -9.41 -65.36
N LEU B 82 -28.58 -9.55 -65.21
CA LEU B 82 -28.10 -10.44 -64.13
C LEU B 82 -28.40 -9.91 -62.70
N GLN B 83 -28.63 -8.60 -62.55
CA GLN B 83 -28.98 -8.05 -61.23
C GLN B 83 -30.31 -8.57 -60.81
N LYS B 84 -31.24 -8.65 -61.76
CA LYS B 84 -32.53 -9.16 -61.45
C LYS B 84 -32.47 -10.57 -61.00
N LEU B 85 -31.60 -11.36 -61.65
CA LEU B 85 -31.51 -12.77 -61.28
C LEU B 85 -30.90 -12.94 -59.85
N ALA B 86 -29.85 -12.17 -59.56
CA ALA B 86 -29.21 -12.13 -58.26
C ALA B 86 -30.21 -11.82 -57.16
N LYS B 87 -31.01 -10.81 -57.37
CA LYS B 87 -32.01 -10.43 -56.38
C LYS B 87 -33.11 -11.46 -56.21
N GLU B 88 -33.54 -12.04 -57.32
CA GLU B 88 -34.59 -13.06 -57.29
C GLU B 88 -34.18 -14.30 -56.49
N LEU B 89 -32.98 -14.78 -56.73
CA LEU B 89 -32.49 -16.01 -56.16
C LEU B 89 -31.71 -15.82 -54.88
N GLY B 90 -31.32 -14.57 -54.58
CA GLY B 90 -30.49 -14.29 -53.42
C GLY B 90 -29.11 -14.89 -53.56
N VAL B 91 -28.51 -14.74 -54.75
CA VAL B 91 -27.15 -15.25 -55.00
C VAL B 91 -26.23 -14.16 -55.49
N VAL B 92 -24.96 -14.25 -55.10
CA VAL B 92 -23.96 -13.34 -55.51
C VAL B 92 -23.45 -13.76 -56.90
N ILE B 93 -23.39 -12.82 -57.84
CA ILE B 93 -22.99 -13.11 -59.23
C ILE B 93 -21.96 -12.10 -59.82
N PRO B 94 -20.68 -12.50 -59.94
CA PRO B 94 -19.70 -11.65 -60.63
C PRO B 94 -19.93 -11.70 -62.12
N VAL B 95 -20.03 -10.54 -62.76
CA VAL B 95 -20.37 -10.46 -64.22
C VAL B 95 -19.25 -9.87 -65.03
N SER B 96 -18.55 -10.75 -65.74
CA SER B 96 -17.47 -10.39 -66.66
C SER B 96 -18.03 -9.72 -67.93
N PHE B 97 -17.40 -8.62 -68.34
CA PHE B 97 -17.80 -7.87 -69.56
C PHE B 97 -16.64 -7.02 -70.11
N PHE B 98 -16.77 -6.64 -71.36
CA PHE B 98 -15.79 -5.79 -72.10
C PHE B 98 -16.22 -4.36 -71.96
N GLU B 99 -15.47 -3.58 -71.15
CA GLU B 99 -15.83 -2.22 -70.80
C GLU B 99 -15.21 -1.17 -71.69
N GLU B 100 -16.04 -0.22 -72.10
CA GLU B 100 -15.61 0.97 -72.74
C GLU B 100 -15.76 2.09 -71.69
N ALA B 101 -14.69 2.90 -71.54
CA ALA B 101 -14.72 4.03 -70.61
C ALA B 101 -14.03 5.22 -71.30
N ASN B 102 -14.85 6.04 -71.93
CA ASN B 102 -14.43 7.09 -72.85
C ASN B 102 -13.48 6.41 -73.79
N ASN B 103 -12.19 6.76 -73.84
CA ASN B 103 -11.30 6.14 -74.82
C ASN B 103 -10.52 4.96 -74.31
N ALA B 104 -10.61 4.64 -73.01
CA ALA B 104 -9.97 3.51 -72.49
C ALA B 104 -10.91 2.29 -72.66
N HIS B 105 -10.32 1.10 -72.73
CA HIS B 105 -11.10 -0.13 -72.75
C HIS B 105 -10.48 -1.09 -71.74
N TYR B 106 -11.32 -1.91 -71.13
CA TYR B 106 -10.82 -2.84 -70.15
C TYR B 106 -11.59 -4.16 -70.16
N ASN B 107 -10.95 -5.19 -69.67
CA ASN B 107 -11.57 -6.49 -69.50
C ASN B 107 -11.98 -6.42 -67.98
N SER B 108 -13.27 -6.26 -67.74
CA SER B 108 -13.75 -5.94 -66.42
C SER B 108 -14.76 -6.93 -65.87
N ILE B 109 -15.10 -6.73 -64.60
CA ILE B 109 -16.09 -7.61 -63.91
C ILE B 109 -16.80 -6.83 -62.82
N ALA B 110 -18.14 -6.90 -62.80
CA ALA B 110 -18.98 -6.23 -61.82
C ALA B 110 -19.51 -7.24 -60.84
N ILE B 111 -19.36 -6.95 -59.55
CA ILE B 111 -19.79 -7.91 -58.50
C ILE B 111 -21.17 -7.55 -58.04
N ILE B 112 -22.15 -8.40 -58.36
CA ILE B 112 -23.53 -8.18 -57.95
C ILE B 112 -23.81 -8.93 -56.65
N ASP B 113 -24.30 -8.22 -55.63
CA ASP B 113 -24.59 -8.81 -54.35
C ASP B 113 -25.94 -9.54 -54.38
N ALA B 114 -26.17 -10.35 -53.33
CA ALA B 114 -27.37 -11.18 -53.22
C ALA B 114 -28.68 -10.46 -53.19
N ASP B 115 -28.65 -9.16 -52.91
CA ASP B 115 -29.89 -8.34 -52.92
C ASP B 115 -30.02 -7.58 -54.28
N GLY B 116 -29.14 -7.84 -55.22
CA GLY B 116 -29.19 -7.16 -56.53
C GLY B 116 -28.26 -5.96 -56.65
N THR B 117 -27.66 -5.52 -55.53
CA THR B 117 -26.82 -4.34 -55.54
C THR B 117 -25.50 -4.56 -56.28
N ASP B 118 -25.18 -3.59 -57.13
CA ASP B 118 -23.93 -3.58 -57.86
C ASP B 118 -22.85 -3.04 -56.93
N LEU B 119 -21.95 -3.89 -56.50
CA LEU B 119 -20.92 -3.42 -55.55
C LEU B 119 -19.72 -2.71 -56.18
N GLY B 120 -19.62 -2.68 -57.52
CA GLY B 120 -18.49 -2.03 -58.15
C GLY B 120 -17.71 -2.99 -59.04
N ILE B 121 -16.57 -2.55 -59.53
CA ILE B 121 -15.84 -3.33 -60.44
C ILE B 121 -14.38 -3.49 -60.25
N TYR B 122 -13.86 -4.55 -60.84
CA TYR B 122 -12.45 -4.87 -60.92
C TYR B 122 -12.11 -4.85 -62.45
N ARG B 123 -10.97 -4.22 -62.79
CA ARG B 123 -10.45 -4.21 -64.14
C ARG B 123 -9.18 -5.10 -64.22
N LYS B 124 -9.19 -6.01 -65.18
CA LYS B 124 -8.09 -6.98 -65.37
C LYS B 124 -6.74 -6.29 -65.41
N SER B 125 -5.83 -6.72 -64.47
CA SER B 125 -4.51 -6.08 -64.27
C SER B 125 -3.40 -6.59 -65.20
N HIS B 126 -3.34 -7.92 -65.39
CA HIS B 126 -2.30 -8.56 -66.18
C HIS B 126 -2.95 -8.96 -67.50
N ILE B 127 -2.44 -8.43 -68.61
CA ILE B 127 -3.08 -8.68 -69.93
C ILE B 127 -2.18 -9.61 -70.75
N PRO B 128 -2.66 -10.80 -71.12
CA PRO B 128 -1.86 -11.74 -71.86
C PRO B 128 -1.72 -11.35 -73.34
N ASP B 129 -0.84 -12.06 -74.05
CA ASP B 129 -0.57 -11.77 -75.41
C ASP B 129 -0.03 -12.96 -76.18
N GLY B 130 -0.01 -12.84 -77.51
CA GLY B 130 0.45 -13.92 -78.39
C GLY B 130 -0.68 -14.59 -79.22
N PRO B 131 -0.31 -15.44 -80.16
CA PRO B 131 -1.27 -16.09 -81.03
C PRO B 131 -2.45 -16.73 -80.29
N GLY B 132 -3.64 -16.39 -80.74
CA GLY B 132 -4.89 -16.85 -80.14
C GLY B 132 -5.38 -16.04 -78.93
N TYR B 133 -4.47 -15.29 -78.29
CA TYR B 133 -4.79 -14.57 -77.05
C TYR B 133 -4.25 -13.13 -77.11
N GLU B 134 -4.60 -12.42 -78.19
CA GLU B 134 -4.11 -11.05 -78.43
C GLU B 134 -4.81 -9.97 -77.59
N GLU B 135 -4.90 -10.19 -76.29
CA GLU B 135 -5.59 -9.30 -75.40
C GLU B 135 -4.96 -7.94 -75.23
N LYS B 136 -3.65 -7.86 -75.36
CA LYS B 136 -2.97 -6.59 -75.24
C LYS B 136 -3.41 -5.61 -76.34
N PHE B 137 -3.94 -6.12 -77.42
CA PHE B 137 -4.43 -5.23 -78.48
C PHE B 137 -5.74 -4.51 -78.06
N TYR B 138 -6.50 -5.12 -77.13
CA TYR B 138 -7.82 -4.62 -76.79
C TYR B 138 -7.95 -3.93 -75.48
N PHE B 139 -7.22 -4.35 -74.48
CA PHE B 139 -7.43 -3.82 -73.17
C PHE B 139 -6.30 -3.00 -72.56
N ASN B 140 -6.62 -1.82 -72.07
CA ASN B 140 -5.68 -1.12 -71.29
C ASN B 140 -5.43 -2.00 -70.01
N PRO B 141 -4.18 -2.06 -69.55
CA PRO B 141 -3.97 -2.73 -68.25
C PRO B 141 -4.85 -2.08 -67.15
N GLY B 142 -5.48 -2.89 -66.31
CA GLY B 142 -6.40 -2.40 -65.31
C GLY B 142 -5.80 -1.42 -64.35
N ASP B 143 -6.61 -0.44 -63.96
CA ASP B 143 -6.21 0.59 -63.03
C ASP B 143 -7.04 0.59 -61.73
N THR B 144 -7.86 -0.45 -61.47
CA THR B 144 -8.55 -0.49 -60.20
C THR B 144 -7.60 -0.99 -59.11
N GLY B 145 -6.61 -1.82 -59.48
CA GLY B 145 -5.82 -2.51 -58.49
C GLY B 145 -6.68 -3.71 -58.02
N PHE B 146 -6.11 -4.54 -57.18
CA PHE B 146 -6.82 -5.72 -56.67
C PHE B 146 -7.83 -5.29 -55.66
N LYS B 147 -8.99 -5.90 -55.67
CA LYS B 147 -10.02 -5.51 -54.73
C LYS B 147 -10.63 -6.69 -54.03
N VAL B 148 -11.37 -6.41 -52.96
CA VAL B 148 -12.17 -7.43 -52.32
C VAL B 148 -13.53 -6.79 -52.11
N PHE B 149 -14.59 -7.58 -52.16
CA PHE B 149 -15.92 -7.07 -51.97
C PHE B 149 -16.59 -7.75 -50.84
N GLN B 150 -17.35 -6.97 -50.08
CA GLN B 150 -18.08 -7.48 -49.00
C GLN B 150 -19.47 -7.84 -49.48
N THR B 151 -19.74 -9.13 -49.65
CA THR B 151 -21.07 -9.60 -50.06
C THR B 151 -21.83 -10.07 -48.82
N LYS B 152 -23.09 -10.40 -48.97
CA LYS B 152 -23.89 -10.90 -47.88
C LYS B 152 -23.35 -12.16 -47.24
N TYR B 153 -22.59 -12.93 -48.02
CA TYR B 153 -22.08 -14.22 -47.56
C TYR B 153 -20.60 -14.25 -47.19
N ALA B 154 -19.81 -13.32 -47.72
CA ALA B 154 -18.40 -13.37 -47.52
C ALA B 154 -17.70 -12.24 -48.20
N LYS B 155 -16.50 -11.92 -47.71
CA LYS B 155 -15.64 -10.99 -48.39
C LYS B 155 -14.97 -11.83 -49.44
N ILE B 156 -15.02 -11.39 -50.68
CA ILE B 156 -14.43 -12.20 -51.73
C ILE B 156 -13.42 -11.39 -52.59
N GLY B 157 -12.50 -12.13 -53.21
CA GLY B 157 -11.53 -11.57 -54.13
C GLY B 157 -11.85 -12.13 -55.52
N VAL B 158 -12.13 -11.24 -56.47
CA VAL B 158 -12.39 -11.63 -57.82
C VAL B 158 -11.33 -10.94 -58.70
N ALA B 159 -10.63 -11.75 -59.48
CA ALA B 159 -9.68 -11.27 -60.48
C ALA B 159 -10.01 -12.04 -61.80
N ILE B 160 -9.30 -11.77 -62.90
CA ILE B 160 -9.72 -12.31 -64.18
C ILE B 160 -8.67 -13.02 -64.97
N CYS B 161 -9.04 -14.23 -65.41
CA CYS B 161 -8.22 -15.10 -66.27
C CYS B 161 -6.69 -15.07 -65.99
N TRP B 162 -5.94 -14.38 -66.86
CA TRP B 162 -4.48 -14.31 -66.78
C TRP B 162 -4.01 -13.88 -65.42
N ASP B 163 -4.80 -13.05 -64.74
CA ASP B 163 -4.47 -12.65 -63.37
C ASP B 163 -4.18 -13.89 -62.53
N GLN B 164 -4.82 -14.99 -62.84
CA GLN B 164 -4.67 -16.26 -62.04
C GLN B 164 -3.28 -16.87 -62.05
N TRP B 165 -2.39 -16.40 -62.94
CA TRP B 165 -1.03 -16.95 -62.94
C TRP B 165 -0.07 -16.20 -61.98
N PHE B 166 -0.56 -15.16 -61.31
CA PHE B 166 0.29 -14.30 -60.55
C PHE B 166 0.07 -14.43 -59.06
N PRO B 167 1.06 -15.00 -58.38
CA PRO B 167 0.94 -15.11 -56.89
C PRO B 167 0.67 -13.77 -56.23
N GLU B 168 1.13 -12.67 -56.83
CA GLU B 168 0.91 -11.33 -56.26
C GLU B 168 -0.58 -10.94 -56.19
N ALA B 169 -1.37 -11.30 -57.19
CA ALA B 169 -2.77 -10.94 -57.14
C ALA B 169 -3.49 -11.68 -55.98
N ALA B 170 -3.24 -12.98 -55.88
CA ALA B 170 -3.88 -13.79 -54.93
C ALA B 170 -3.50 -13.30 -53.50
N ARG B 171 -2.24 -12.99 -53.29
CA ARG B 171 -1.75 -12.50 -51.98
C ARG B 171 -2.39 -11.10 -51.65
N ALA B 172 -2.46 -10.24 -52.64
CA ALA B 172 -3.04 -8.89 -52.45
C ALA B 172 -4.49 -8.96 -51.99
N MET B 173 -5.23 -9.89 -52.56
CA MET B 173 -6.61 -10.02 -52.19
C MET B 173 -6.75 -10.60 -50.78
N ALA B 174 -5.99 -11.66 -50.46
CA ALA B 174 -6.06 -12.24 -49.12
C ALA B 174 -5.62 -11.23 -48.08
N LEU B 175 -4.63 -10.44 -48.39
CA LEU B 175 -4.15 -9.45 -47.40
C LEU B 175 -5.26 -8.42 -47.08
N GLN B 176 -6.14 -8.16 -48.04
CA GLN B 176 -7.25 -7.21 -47.90
C GLN B 176 -8.52 -7.87 -47.37
N GLY B 177 -8.42 -9.14 -46.95
CA GLY B 177 -9.54 -9.87 -46.36
C GLY B 177 -10.34 -10.82 -47.25
N ALA B 178 -9.90 -11.11 -48.48
CA ALA B 178 -10.64 -12.07 -49.28
C ALA B 178 -10.75 -13.43 -48.53
N GLU B 179 -11.95 -13.99 -48.48
CA GLU B 179 -12.17 -15.30 -47.80
C GLU B 179 -12.21 -16.43 -48.83
N ILE B 180 -12.44 -16.04 -50.11
CA ILE B 180 -12.50 -16.97 -51.21
C ILE B 180 -12.00 -16.21 -52.47
N LEU B 181 -11.20 -16.88 -53.31
CA LEU B 181 -10.74 -16.28 -54.58
C LEU B 181 -11.63 -16.84 -55.74
N PHE B 182 -11.92 -15.99 -56.70
CA PHE B 182 -12.73 -16.36 -57.92
C PHE B 182 -12.00 -15.91 -59.17
N TYR B 183 -11.90 -16.81 -60.16
CA TYR B 183 -11.21 -16.48 -61.39
C TYR B 183 -11.97 -16.94 -62.70
N PRO B 184 -12.83 -16.10 -63.23
CA PRO B 184 -13.46 -16.45 -64.53
C PRO B 184 -12.35 -16.53 -65.58
N THR B 185 -12.40 -17.56 -66.42
CA THR B 185 -11.30 -17.87 -67.33
C THR B 185 -11.76 -18.21 -68.77
N ALA B 186 -10.90 -17.96 -69.75
CA ALA B 186 -11.06 -18.47 -71.13
C ALA B 186 -9.68 -18.96 -71.59
N ILE B 187 -9.43 -20.26 -71.49
CA ILE B 187 -8.13 -20.78 -71.86
C ILE B 187 -8.27 -22.12 -72.51
N GLY B 188 -7.49 -22.33 -73.56
CA GLY B 188 -7.52 -23.58 -74.27
C GLY B 188 -6.23 -23.83 -75.01
N SER B 189 -6.34 -24.51 -76.16
CA SER B 189 -5.20 -24.75 -77.03
C SER B 189 -4.69 -23.42 -77.61
N GLU B 190 -3.55 -23.49 -78.28
CA GLU B 190 -2.94 -22.32 -78.89
C GLU B 190 -2.82 -22.63 -80.39
N PRO B 191 -3.33 -21.74 -81.24
CA PRO B 191 -3.45 -21.97 -82.69
C PRO B 191 -2.14 -22.12 -83.48
N HIS B 192 -1.04 -21.60 -82.94
CA HIS B 192 0.23 -21.66 -83.69
C HIS B 192 1.10 -22.89 -83.39
N ASP B 193 0.71 -23.67 -82.38
CA ASP B 193 1.50 -24.82 -81.91
C ASP B 193 0.59 -25.79 -81.17
N GLN B 194 0.26 -26.89 -81.82
CA GLN B 194 -0.63 -27.90 -81.26
C GLN B 194 -0.01 -28.68 -80.06
N SER B 195 1.31 -28.63 -79.88
CA SER B 195 2.00 -29.35 -78.76
C SER B 195 1.81 -28.69 -77.38
N ILE B 196 1.32 -27.48 -77.36
CA ILE B 196 1.09 -26.78 -76.11
C ILE B 196 -0.23 -27.24 -75.47
N ASP B 197 -0.11 -27.82 -74.27
CA ASP B 197 -1.25 -28.23 -73.42
C ASP B 197 -0.98 -27.71 -72.02
N SER B 198 -1.55 -26.57 -71.70
CA SER B 198 -1.30 -25.90 -70.49
C SER B 198 -2.23 -26.26 -69.31
N ARG B 199 -3.18 -27.18 -69.50
CA ARG B 199 -4.16 -27.42 -68.42
C ARG B 199 -3.60 -27.87 -67.02
N ASP B 200 -2.57 -28.72 -67.01
CA ASP B 200 -2.04 -29.18 -65.75
C ASP B 200 -1.27 -28.05 -65.07
N HIS B 201 -0.46 -27.33 -65.83
CA HIS B 201 0.30 -26.17 -65.35
C HIS B 201 -0.64 -25.07 -64.77
N TRP B 202 -1.71 -24.80 -65.50
CA TRP B 202 -2.74 -23.83 -65.12
C TRP B 202 -3.36 -24.17 -63.70
N LYS B 203 -3.72 -25.42 -63.47
CA LYS B 203 -4.30 -25.83 -62.20
C LYS B 203 -3.29 -25.74 -61.09
N ARG B 204 -2.08 -26.23 -61.33
CA ARG B 204 -1.00 -26.22 -60.29
C ARG B 204 -0.71 -24.82 -59.76
N VAL B 205 -0.66 -23.83 -60.63
CA VAL B 205 -0.38 -22.48 -60.20
C VAL B 205 -1.50 -21.93 -59.28
N MET B 206 -2.74 -22.09 -59.66
CA MET B 206 -3.84 -21.66 -58.79
C MET B 206 -3.90 -22.43 -57.47
N GLN B 207 -3.69 -23.76 -57.53
CA GLN B 207 -3.70 -24.58 -56.36
C GLN B 207 -2.64 -24.06 -55.38
N GLY B 208 -1.56 -23.54 -55.97
CA GLY B 208 -0.51 -22.91 -55.21
C GLY B 208 -1.00 -21.66 -54.46
N HIS B 209 -1.76 -20.80 -55.14
CA HIS B 209 -2.35 -19.65 -54.50
C HIS B 209 -3.27 -20.04 -53.34
N ALA B 210 -4.07 -21.08 -53.53
CA ALA B 210 -4.98 -21.47 -52.49
C ALA B 210 -4.21 -21.92 -51.24
N GLY B 211 -3.12 -22.68 -51.44
CA GLY B 211 -2.38 -23.24 -50.37
C GLY B 211 -1.49 -22.28 -49.64
N ALA B 212 -0.96 -21.32 -50.37
CA ALA B 212 -0.10 -20.32 -49.76
C ALA B 212 -0.87 -19.32 -48.94
N ASN B 213 -2.12 -19.06 -49.33
CA ASN B 213 -2.96 -18.10 -48.61
C ASN B 213 -4.01 -18.76 -47.69
N LEU B 214 -4.09 -20.10 -47.71
CA LEU B 214 -5.13 -20.81 -47.01
C LEU B 214 -6.55 -20.28 -47.22
N VAL B 215 -6.90 -20.13 -48.48
CA VAL B 215 -8.25 -19.76 -48.85
C VAL B 215 -8.73 -20.62 -50.00
N PRO B 216 -10.02 -20.98 -49.99
CA PRO B 216 -10.55 -21.72 -51.14
C PRO B 216 -10.50 -20.89 -52.43
N LEU B 217 -10.50 -21.57 -53.56
CA LEU B 217 -10.41 -20.92 -54.88
C LEU B 217 -11.34 -21.58 -55.90
N VAL B 218 -11.96 -20.76 -56.74
CA VAL B 218 -12.93 -21.19 -57.74
C VAL B 218 -12.51 -20.63 -59.12
N ALA B 219 -12.51 -21.50 -60.12
CA ALA B 219 -12.15 -21.14 -61.50
C ALA B 219 -13.13 -21.71 -62.45
N SER B 220 -13.66 -20.87 -63.31
CA SER B 220 -14.66 -21.23 -64.26
C SER B 220 -14.13 -20.99 -65.65
N ASN B 221 -13.92 -22.08 -66.41
CA ASN B 221 -13.37 -22.01 -67.75
C ASN B 221 -14.37 -22.51 -68.79
N ARG B 222 -14.23 -21.94 -69.98
CA ARG B 222 -15.04 -22.22 -71.16
C ARG B 222 -14.69 -23.60 -71.77
N ILE B 223 -15.63 -24.16 -72.51
CA ILE B 223 -15.41 -25.36 -73.31
C ILE B 223 -15.75 -25.02 -74.76
N GLY B 224 -15.44 -25.92 -75.67
CA GLY B 224 -15.80 -25.76 -77.09
C GLY B 224 -14.70 -25.31 -78.06
N ASN B 225 -14.88 -25.60 -79.33
CA ASN B 225 -13.98 -25.11 -80.41
C ASN B 225 -14.54 -23.84 -80.94
N GLU B 226 -13.73 -22.81 -81.00
CA GLU B 226 -14.16 -21.56 -81.59
C GLU B 226 -13.21 -21.20 -82.72
N ILE B 227 -13.82 -20.85 -83.85
CA ILE B 227 -13.10 -20.39 -85.03
C ILE B 227 -13.39 -18.89 -85.21
N ILE B 228 -12.33 -18.09 -85.25
CA ILE B 228 -12.43 -16.64 -85.41
C ILE B 228 -11.80 -16.26 -86.75
N GLU B 229 -12.46 -15.37 -87.48
CA GLU B 229 -11.91 -14.83 -88.72
C GLU B 229 -10.94 -13.71 -88.40
N THR B 230 -9.65 -13.99 -88.45
CA THR B 230 -8.67 -12.95 -88.16
C THR B 230 -8.20 -12.28 -89.47
N GLU B 231 -7.52 -11.14 -89.28
CA GLU B 231 -6.83 -10.37 -90.33
C GLU B 231 -6.00 -11.26 -91.20
N HIS B 232 -5.67 -12.46 -90.74
CA HIS B 232 -4.83 -13.38 -91.58
C HIS B 232 -5.47 -14.77 -91.80
N GLY B 233 -6.81 -14.84 -91.71
CA GLY B 233 -7.53 -16.11 -91.95
C GLY B 233 -8.08 -16.72 -90.67
N LYS B 234 -8.59 -17.95 -90.79
CA LYS B 234 -9.21 -18.64 -89.66
C LYS B 234 -8.23 -19.01 -88.57
N SER B 235 -8.62 -18.87 -87.33
CA SER B 235 -7.79 -19.27 -86.20
C SER B 235 -8.71 -20.08 -85.27
N GLU B 236 -8.26 -21.26 -84.84
CA GLU B 236 -9.09 -22.09 -83.98
C GLU B 236 -8.49 -22.37 -82.58
N ILE B 237 -9.32 -22.18 -81.56
CA ILE B 237 -8.97 -22.60 -80.25
C ILE B 237 -9.94 -23.68 -79.74
N LYS B 238 -9.41 -24.74 -79.12
CA LYS B 238 -10.24 -25.71 -78.44
C LYS B 238 -10.10 -25.38 -76.98
N PHE B 239 -11.16 -24.84 -76.42
CA PHE B 239 -11.18 -24.49 -74.99
C PHE B 239 -11.31 -25.78 -74.18
N TYR B 240 -10.50 -25.90 -73.11
CA TYR B 240 -10.40 -27.15 -72.41
C TYR B 240 -11.11 -27.36 -71.08
N GLY B 241 -11.97 -26.42 -70.69
CA GLY B 241 -12.75 -26.58 -69.48
C GLY B 241 -11.92 -26.84 -68.23
N ASN B 242 -12.11 -27.98 -67.61
CA ASN B 242 -11.43 -28.26 -66.37
C ASN B 242 -11.67 -27.17 -65.31
N SER B 243 -12.90 -26.64 -65.27
CA SER B 243 -13.31 -25.73 -64.23
C SER B 243 -13.18 -26.55 -62.91
N PHE B 244 -12.78 -25.88 -61.83
CA PHE B 244 -12.63 -26.57 -60.54
C PHE B 244 -12.84 -25.68 -59.37
N ILE B 245 -12.99 -26.32 -58.21
CA ILE B 245 -13.04 -25.63 -56.94
C ILE B 245 -11.96 -26.31 -56.09
N ALA B 246 -11.10 -25.51 -55.45
CA ALA B 246 -10.04 -26.02 -54.60
C ALA B 246 -10.23 -25.51 -53.18
N GLY B 247 -9.86 -26.36 -52.23
CA GLY B 247 -9.98 -26.08 -50.81
C GLY B 247 -8.84 -25.24 -50.37
N PRO B 248 -8.80 -24.87 -49.09
CA PRO B 248 -7.75 -23.99 -48.59
C PRO B 248 -6.32 -24.59 -48.49
N THR B 249 -6.12 -25.91 -48.67
CA THR B 249 -4.73 -26.42 -48.78
C THR B 249 -4.40 -26.65 -50.28
N GLY B 250 -5.27 -26.22 -51.18
CA GLY B 250 -5.07 -26.42 -52.60
C GLY B 250 -5.61 -27.71 -53.18
N GLU B 251 -6.25 -28.55 -52.36
CA GLU B 251 -6.83 -29.78 -52.84
C GLU B 251 -8.01 -29.45 -53.73
N ILE B 252 -8.10 -30.13 -54.86
CA ILE B 252 -9.21 -29.96 -55.75
C ILE B 252 -10.36 -30.79 -55.24
N VAL B 253 -11.46 -30.13 -54.89
CA VAL B 253 -12.64 -30.84 -54.37
C VAL B 253 -13.76 -31.06 -55.38
N SER B 254 -13.75 -30.32 -56.49
CA SER B 254 -14.69 -30.54 -57.60
C SER B 254 -14.00 -30.13 -58.86
N ILE B 255 -14.19 -30.91 -59.92
CA ILE B 255 -13.59 -30.60 -61.18
C ILE B 255 -14.48 -31.08 -62.34
N ALA B 256 -14.52 -30.29 -63.41
CA ALA B 256 -15.28 -30.59 -64.64
C ALA B 256 -14.34 -31.22 -65.65
N ASP B 257 -14.90 -31.88 -66.67
CA ASP B 257 -14.09 -32.44 -67.74
C ASP B 257 -13.79 -31.36 -68.79
N ASP B 258 -13.23 -31.76 -69.93
CA ASP B 258 -12.86 -30.79 -70.97
C ASP B 258 -13.87 -30.56 -72.09
N LYS B 259 -15.07 -31.09 -71.96
CA LYS B 259 -16.02 -30.98 -73.06
C LYS B 259 -17.52 -30.86 -72.74
N GLU B 260 -17.93 -31.01 -71.49
CA GLU B 260 -19.37 -30.88 -71.18
C GLU B 260 -19.68 -29.68 -70.29
N GLU B 261 -20.96 -29.28 -70.28
CA GLU B 261 -21.41 -28.27 -69.37
C GLU B 261 -21.27 -28.80 -67.94
N ALA B 262 -21.00 -27.94 -67.00
CA ALA B 262 -20.93 -28.38 -65.61
C ALA B 262 -21.36 -27.29 -64.61
N VAL B 263 -21.95 -27.77 -63.53
CA VAL B 263 -22.32 -26.98 -62.39
C VAL B 263 -21.57 -27.66 -61.23
N LEU B 264 -20.50 -27.05 -60.74
CA LEU B 264 -19.72 -27.59 -59.64
C LEU B 264 -20.15 -26.86 -58.35
N ILE B 265 -20.25 -27.62 -57.25
CA ILE B 265 -20.76 -27.14 -56.01
C ILE B 265 -19.84 -27.56 -54.85
N ALA B 266 -19.51 -26.62 -53.96
CA ALA B 266 -18.73 -26.94 -52.74
C ALA B 266 -19.10 -26.04 -51.60
N GLU B 267 -19.18 -26.61 -50.40
CA GLU B 267 -19.46 -25.88 -49.19
C GLU B 267 -18.15 -25.68 -48.38
N PHE B 268 -17.98 -24.47 -47.82
CA PHE B 268 -16.84 -24.14 -46.98
C PHE B 268 -17.28 -23.51 -45.69
N ASN B 269 -16.69 -23.96 -44.61
CA ASN B 269 -16.96 -23.35 -43.33
C ASN B 269 -15.94 -22.23 -43.18
N LEU B 270 -16.36 -21.00 -43.48
CA LEU B 270 -15.42 -19.88 -43.49
C LEU B 270 -14.82 -19.47 -42.13
N ASP B 271 -15.52 -19.73 -41.03
CA ASP B 271 -14.97 -19.44 -39.71
C ASP B 271 -13.91 -20.48 -39.28
N LYS B 272 -14.14 -21.75 -39.62
CA LYS B 272 -13.14 -22.81 -39.34
C LYS B 272 -11.92 -22.60 -40.24
N ILE B 273 -12.12 -22.15 -41.47
CA ILE B 273 -11.00 -21.86 -42.32
C ILE B 273 -10.25 -20.62 -41.80
N LYS B 274 -10.97 -19.59 -41.36
CA LYS B 274 -10.30 -18.39 -40.81
C LYS B 274 -9.39 -18.77 -39.65
N SER B 275 -9.95 -19.54 -38.73
CA SER B 275 -9.23 -20.02 -37.57
C SER B 275 -7.98 -20.84 -38.00
N MET B 276 -8.14 -21.71 -38.99
CA MET B 276 -7.05 -22.53 -39.51
C MET B 276 -5.95 -21.64 -40.16
N ARG B 277 -6.36 -20.57 -40.86
CA ARG B 277 -5.42 -19.62 -41.50
C ARG B 277 -4.63 -18.82 -40.40
N HIS B 278 -5.34 -18.30 -39.42
CA HIS B 278 -4.74 -17.58 -38.31
C HIS B 278 -3.70 -18.53 -37.62
N CYS B 279 -4.13 -19.75 -37.31
CA CYS B 279 -3.25 -20.76 -36.65
C CYS B 279 -1.97 -21.06 -37.43
N TRP B 280 -2.09 -21.24 -38.73
CA TRP B 280 -0.93 -21.54 -39.58
C TRP B 280 0.08 -20.38 -39.49
N GLY B 281 -0.45 -19.18 -39.23
CA GLY B 281 0.35 -17.98 -39.05
C GLY B 281 1.14 -17.38 -40.23
N VAL B 282 1.05 -17.94 -41.43
CA VAL B 282 1.85 -17.38 -42.53
C VAL B 282 1.80 -15.84 -42.58
N PHE B 283 0.60 -15.26 -42.40
CA PHE B 283 0.43 -13.81 -42.44
C PHE B 283 1.09 -13.00 -41.34
N ARG B 284 1.27 -13.54 -40.14
CA ARG B 284 1.99 -12.75 -39.15
C ARG B 284 3.50 -12.90 -39.43
N ASP B 285 3.87 -14.02 -40.06
CA ASP B 285 5.29 -14.35 -40.38
C ASP B 285 5.90 -13.77 -41.69
N ARG B 286 5.10 -13.07 -42.49
CA ARG B 286 5.63 -12.45 -43.72
C ARG B 286 6.66 -11.39 -43.40
N ARG B 287 7.51 -11.11 -44.39
CA ARG B 287 8.64 -10.16 -44.26
C ARG B 287 8.54 -9.05 -45.33
N PRO B 288 7.54 -8.16 -45.21
CA PRO B 288 7.43 -7.09 -46.19
C PRO B 288 8.65 -6.19 -46.26
N ASP B 289 9.45 -6.18 -45.19
CA ASP B 289 10.68 -5.42 -45.20
C ASP B 289 11.70 -6.02 -46.19
N LEU B 290 11.53 -7.30 -46.54
CA LEU B 290 12.43 -7.98 -47.50
C LEU B 290 11.77 -8.16 -48.92
N TYR B 291 10.56 -7.66 -49.12
CA TYR B 291 9.87 -7.84 -50.43
C TYR B 291 9.98 -6.69 -51.41
N LYS B 292 10.86 -5.74 -51.17
CA LYS B 292 10.93 -4.60 -52.08
C LYS B 292 11.21 -4.93 -53.59
N VAL B 293 11.95 -6.01 -53.86
CA VAL B 293 12.28 -6.39 -55.18
C VAL B 293 10.98 -6.75 -56.01
N LEU B 294 9.89 -7.07 -55.32
CA LEU B 294 8.66 -7.34 -56.00
C LEU B 294 8.09 -6.11 -56.69
N LEU B 295 8.61 -4.93 -56.35
CA LEU B 295 8.14 -3.70 -57.00
C LEU B 295 9.03 -3.33 -58.20
N THR B 296 9.90 -4.27 -58.65
CA THR B 296 10.70 -4.11 -59.83
C THR B 296 10.14 -5.10 -60.84
N LEU B 297 10.52 -4.90 -62.10
CA LEU B 297 10.25 -5.84 -63.17
C LEU B 297 11.54 -6.63 -63.43
N ASP B 298 12.67 -5.96 -63.30
CA ASP B 298 13.95 -6.50 -63.71
C ASP B 298 14.86 -6.98 -62.57
N GLY B 299 14.31 -7.06 -61.36
CA GLY B 299 15.06 -7.45 -60.15
C GLY B 299 16.03 -6.41 -59.54
N LYS B 300 16.08 -5.19 -60.08
CA LYS B 300 16.96 -4.13 -59.57
C LYS B 300 16.29 -2.77 -59.39
N ASN B 301 15.63 -2.26 -60.44
CA ASN B 301 15.03 -0.90 -60.45
C ASN B 301 13.57 -0.80 -60.06
N PRO B 302 13.26 -0.13 -58.94
CA PRO B 302 11.84 -0.04 -58.57
C PRO B 302 11.08 0.71 -59.63
N VAL B 303 9.86 0.29 -59.95
CA VAL B 303 9.09 1.09 -60.95
C VAL B 303 8.66 2.39 -60.29
N LEU B 304 8.30 3.36 -61.11
CA LEU B 304 7.86 4.67 -60.62
C LEU B 304 6.37 4.66 -60.15
N MET C 4 32.87 42.69 -88.19
CA MET C 4 31.46 42.21 -88.01
C MET C 4 31.47 40.76 -87.44
N ALA C 5 30.83 40.55 -86.28
CA ALA C 5 30.87 39.23 -85.59
C ALA C 5 29.61 38.34 -85.76
N GLU C 6 29.81 37.02 -85.64
CA GLU C 6 28.72 36.02 -85.69
C GLU C 6 27.74 36.27 -84.52
N ASP C 7 26.49 35.81 -84.64
CA ASP C 7 25.53 35.95 -83.53
C ASP C 7 25.88 34.97 -82.40
N LYS C 8 26.05 35.50 -81.18
CA LYS C 8 26.35 34.66 -80.00
C LYS C 8 25.30 33.62 -79.74
N GLY C 9 25.73 32.61 -78.98
CA GLY C 9 24.90 31.50 -78.56
C GLY C 9 25.57 30.20 -78.90
N ARG C 10 25.31 29.16 -78.10
CA ARG C 10 25.80 27.84 -78.38
C ARG C 10 25.11 27.33 -79.64
N LYS C 11 25.90 26.93 -80.62
CA LYS C 11 25.38 26.30 -81.81
C LYS C 11 25.55 24.81 -81.68
N VAL C 12 24.65 24.07 -82.27
CA VAL C 12 24.77 22.64 -82.28
C VAL C 12 24.28 22.14 -83.57
N VAL C 13 25.02 21.23 -84.17
CA VAL C 13 24.61 20.67 -85.43
C VAL C 13 24.11 19.24 -85.16
N VAL C 14 22.85 19.00 -85.56
CA VAL C 14 22.22 17.72 -85.42
C VAL C 14 22.02 17.03 -86.76
N SER C 15 21.87 15.71 -86.71
CA SER C 15 21.72 14.89 -87.90
C SER C 15 20.81 13.73 -87.70
N ALA C 16 20.01 13.46 -88.71
CA ALA C 16 19.15 12.32 -88.77
C ALA C 16 19.66 11.44 -89.92
N LEU C 17 19.80 10.15 -89.67
CA LEU C 17 20.25 9.19 -90.67
C LEU C 17 19.06 8.33 -91.12
N GLN C 18 19.13 7.82 -92.31
CA GLN C 18 18.03 7.05 -92.90
C GLN C 18 18.67 5.97 -93.78
N PHE C 19 18.43 4.70 -93.43
CA PHE C 19 18.98 3.61 -94.23
C PHE C 19 18.20 2.33 -94.11
N ALA C 20 18.53 1.40 -94.99
CA ALA C 20 17.94 0.09 -95.03
C ALA C 20 18.82 -0.92 -94.28
N CYS C 21 18.17 -1.88 -93.64
CA CYS C 21 18.88 -2.93 -92.93
C CYS C 21 18.69 -4.32 -93.54
N THR C 22 19.70 -5.18 -93.35
CA THR C 22 19.58 -6.62 -93.66
C THR C 22 19.34 -7.27 -92.29
N ASP C 23 19.30 -8.61 -92.19
CA ASP C 23 19.13 -9.21 -90.85
C ASP C 23 20.48 -9.67 -90.21
N ASP C 24 21.60 -9.16 -90.73
CA ASP C 24 22.95 -9.43 -90.20
C ASP C 24 23.46 -8.19 -89.47
N VAL C 25 23.71 -8.37 -88.15
CA VAL C 25 24.17 -7.28 -87.25
C VAL C 25 25.45 -6.58 -87.69
N SER C 26 26.43 -7.35 -88.18
CA SER C 26 27.70 -6.75 -88.61
C SER C 26 27.51 -5.80 -89.82
N THR C 27 26.73 -6.25 -90.82
CA THR C 27 26.42 -5.42 -91.96
C THR C 27 25.73 -4.07 -91.53
N ASN C 28 24.75 -4.14 -90.64
CA ASN C 28 24.04 -2.94 -90.22
C ASN C 28 24.85 -1.96 -89.35
N VAL C 29 25.74 -2.46 -88.50
CA VAL C 29 26.57 -1.59 -87.69
C VAL C 29 27.60 -0.95 -88.63
N THR C 30 28.08 -1.70 -89.61
CA THR C 30 28.99 -1.14 -90.61
C THR C 30 28.27 -0.01 -91.39
N THR C 31 27.01 -0.23 -91.74
CA THR C 31 26.24 0.82 -92.43
C THR C 31 26.13 2.08 -91.52
N ALA C 32 25.81 1.85 -90.25
CA ALA C 32 25.68 2.94 -89.30
C ALA C 32 26.94 3.76 -89.16
N GLU C 33 28.04 3.07 -88.95
CA GLU C 33 29.30 3.73 -88.80
C GLU C 33 29.63 4.58 -90.06
N ARG C 34 29.38 4.06 -91.25
CA ARG C 34 29.68 4.82 -92.48
C ARG C 34 28.88 6.13 -92.50
N LEU C 35 27.59 6.05 -92.17
CA LEU C 35 26.74 7.22 -92.18
C LEU C 35 27.03 8.19 -91.03
N VAL C 36 27.41 7.67 -89.85
CA VAL C 36 27.81 8.54 -88.76
C VAL C 36 29.04 9.32 -89.19
N ARG C 37 29.97 8.66 -89.82
CA ARG C 37 31.16 9.36 -90.28
C ARG C 37 30.83 10.42 -91.33
N ALA C 38 29.84 10.14 -92.18
CA ALA C 38 29.45 11.10 -93.25
C ALA C 38 28.75 12.31 -92.59
N ALA C 39 27.97 12.04 -91.56
CA ALA C 39 27.31 13.11 -90.82
C ALA C 39 28.34 14.02 -90.15
N HIS C 40 29.33 13.42 -89.46
CA HIS C 40 30.44 14.14 -88.80
C HIS C 40 31.21 14.95 -89.82
N LYS C 41 31.44 14.38 -90.99
CA LYS C 41 32.14 15.13 -92.06
C LYS C 41 31.40 16.42 -92.46
N GLN C 42 30.07 16.38 -92.44
CA GLN C 42 29.22 17.54 -92.71
C GLN C 42 29.02 18.45 -91.50
N GLY C 43 29.81 18.27 -90.42
CA GLY C 43 29.74 19.13 -89.22
C GLY C 43 28.85 18.70 -88.05
N ALA C 44 28.19 17.53 -88.15
CA ALA C 44 27.31 17.08 -87.10
C ALA C 44 27.98 16.84 -85.73
N ASN C 45 27.27 17.27 -84.67
CA ASN C 45 27.68 17.10 -83.26
C ASN C 45 26.90 15.96 -82.60
N ILE C 46 25.64 15.80 -82.99
CA ILE C 46 24.79 14.75 -82.42
C ILE C 46 24.17 14.03 -83.58
N VAL C 47 24.37 12.71 -83.67
CA VAL C 47 23.86 11.91 -84.80
C VAL C 47 22.88 10.85 -84.33
N LEU C 48 21.73 10.76 -85.01
CA LEU C 48 20.67 9.85 -84.64
C LEU C 48 20.43 8.70 -85.64
N ILE C 49 20.65 7.48 -85.16
CA ILE C 49 20.46 6.24 -85.87
C ILE C 49 19.05 5.75 -85.55
N GLN C 50 18.38 5.21 -86.56
CA GLN C 50 17.01 4.70 -86.42
C GLN C 50 16.84 3.53 -85.41
N GLU C 51 15.61 3.30 -85.02
CA GLU C 51 15.25 2.26 -84.08
C GLU C 51 15.59 0.81 -84.48
N LEU C 52 16.14 0.05 -83.52
CA LEU C 52 16.47 -1.37 -83.70
C LEU C 52 17.25 -1.68 -84.99
N PHE C 53 18.19 -0.78 -85.28
CA PHE C 53 18.99 -0.80 -86.53
C PHE C 53 19.87 -2.04 -86.70
N GLU C 54 20.05 -2.80 -85.63
CA GLU C 54 20.94 -3.98 -85.66
C GLU C 54 20.41 -5.11 -86.57
N GLY C 55 19.10 -5.09 -86.85
CA GLY C 55 18.52 -6.13 -87.67
C GLY C 55 17.24 -5.68 -88.28
N TYR C 56 16.54 -6.63 -88.93
CA TYR C 56 15.17 -6.39 -89.37
C TYR C 56 14.29 -6.05 -88.19
N TYR C 57 13.20 -5.33 -88.50
CA TYR C 57 12.18 -5.00 -87.52
C TYR C 57 11.41 -6.30 -87.35
N PHE C 58 11.82 -7.05 -86.34
CA PHE C 58 11.35 -8.41 -86.17
C PHE C 58 9.95 -8.50 -85.56
N CYS C 59 9.44 -7.39 -85.04
CA CYS C 59 8.17 -7.38 -84.39
C CYS C 59 6.96 -7.64 -85.30
N GLN C 60 7.17 -7.98 -86.56
CA GLN C 60 6.02 -8.36 -87.40
C GLN C 60 5.53 -9.74 -86.93
N ALA C 61 6.41 -10.51 -86.32
CA ALA C 61 6.09 -11.83 -85.79
C ALA C 61 6.05 -11.82 -84.30
N GLN C 62 5.33 -12.79 -83.74
CA GLN C 62 5.25 -13.02 -82.28
C GLN C 62 5.91 -14.39 -82.01
N ARG C 63 7.22 -14.41 -82.02
CA ARG C 63 7.99 -15.66 -81.87
C ARG C 63 8.87 -15.76 -80.59
N GLU C 64 8.83 -16.95 -79.98
CA GLU C 64 9.62 -17.32 -78.80
C GLU C 64 11.08 -17.05 -79.08
N ASP C 65 11.60 -17.59 -80.20
CA ASP C 65 13.03 -17.44 -80.53
C ASP C 65 13.48 -16.01 -80.80
N PHE C 66 12.57 -15.11 -81.21
CA PHE C 66 12.94 -13.72 -81.41
C PHE C 66 13.14 -12.99 -80.10
N ILE C 67 12.46 -13.40 -79.05
CA ILE C 67 12.69 -12.76 -77.73
C ILE C 67 14.18 -12.94 -77.30
N GLN C 68 14.79 -14.09 -77.63
CA GLN C 68 16.20 -14.35 -77.29
C GLN C 68 17.23 -13.57 -78.15
N ARG C 69 16.75 -12.66 -78.97
CA ARG C 69 17.63 -11.73 -79.64
C ARG C 69 18.00 -10.62 -78.69
N ALA C 70 17.29 -10.50 -77.56
CA ALA C 70 17.67 -9.43 -76.57
C ALA C 70 19.07 -9.71 -76.02
N LYS C 71 19.71 -8.68 -75.51
CA LYS C 71 21.06 -8.78 -74.87
C LYS C 71 21.11 -7.78 -73.72
N PRO C 72 21.88 -8.09 -72.62
CA PRO C 72 22.00 -7.13 -71.53
C PRO C 72 22.60 -5.83 -71.97
N TYR C 73 22.29 -4.79 -71.22
CA TYR C 73 22.85 -3.45 -71.43
C TYR C 73 24.36 -3.47 -71.15
N LYS C 74 24.74 -4.24 -70.11
CA LYS C 74 26.13 -4.43 -69.69
C LYS C 74 26.98 -5.16 -70.73
N ASP C 75 28.13 -4.55 -71.07
CA ASP C 75 29.08 -5.09 -72.06
C ASP C 75 28.43 -5.44 -73.44
N HIS C 76 27.52 -4.60 -73.90
CA HIS C 76 26.81 -4.84 -75.17
C HIS C 76 27.80 -4.57 -76.35
N PRO C 77 28.00 -5.56 -77.25
CA PRO C 77 28.98 -5.37 -78.34
C PRO C 77 28.73 -4.15 -79.23
N THR C 78 27.48 -3.85 -79.51
CA THR C 78 27.17 -2.73 -80.38
C THR C 78 27.37 -1.40 -79.67
N ILE C 79 27.00 -1.33 -78.40
CA ILE C 79 27.17 -0.10 -77.67
C ILE C 79 28.67 0.18 -77.54
N MET C 80 29.43 -0.84 -77.19
CA MET C 80 30.86 -0.71 -77.02
C MET C 80 31.56 -0.26 -78.29
N ARG C 81 31.13 -0.79 -79.42
CA ARG C 81 31.74 -0.45 -80.65
C ARG C 81 31.43 1.02 -80.99
N LEU C 82 30.17 1.44 -80.85
CA LEU C 82 29.79 2.83 -81.15
C LEU C 82 30.38 3.82 -80.14
N GLN C 83 30.68 3.35 -78.93
CA GLN C 83 31.38 4.17 -77.93
C GLN C 83 32.76 4.60 -78.46
N LYS C 84 33.47 3.68 -79.12
CA LYS C 84 34.76 4.00 -79.72
C LYS C 84 34.63 5.02 -80.84
N LEU C 85 33.57 4.92 -81.61
CA LEU C 85 33.37 5.82 -82.74
C LEU C 85 33.04 7.23 -82.25
N ALA C 86 32.20 7.30 -81.22
CA ALA C 86 31.80 8.57 -80.65
C ALA C 86 33.00 9.31 -80.12
N LYS C 87 33.87 8.58 -79.44
CA LYS C 87 35.05 9.16 -78.88
C LYS C 87 36.03 9.60 -79.98
N GLU C 88 36.14 8.81 -81.04
CA GLU C 88 37.04 9.14 -82.14
C GLU C 88 36.64 10.48 -82.80
N LEU C 89 35.36 10.61 -83.14
CA LEU C 89 34.83 11.77 -83.87
C LEU C 89 34.39 12.93 -82.99
N GLY C 90 34.15 12.67 -81.72
CA GLY C 90 33.67 13.72 -80.83
C GLY C 90 32.22 14.01 -81.10
N VAL C 91 31.38 12.94 -81.24
CA VAL C 91 29.95 13.11 -81.48
C VAL C 91 29.09 12.29 -80.52
N VAL C 92 27.92 12.82 -80.22
CA VAL C 92 26.94 12.16 -79.40
C VAL C 92 26.16 11.15 -80.26
N ILE C 93 26.05 9.92 -79.78
CA ILE C 93 25.34 8.83 -80.48
C ILE C 93 24.39 8.04 -79.57
N PRO C 94 23.09 8.27 -79.69
CA PRO C 94 22.16 7.41 -78.94
C PRO C 94 22.12 6.06 -79.63
N VAL C 95 22.15 4.96 -78.88
CA VAL C 95 22.21 3.62 -79.50
C VAL C 95 21.01 2.76 -79.13
N SER C 96 20.12 2.55 -80.10
CA SER C 96 18.91 1.78 -79.87
C SER C 96 19.22 0.29 -79.82
N PHE C 97 18.70 -0.43 -78.82
CA PHE C 97 18.91 -1.89 -78.71
C PHE C 97 17.81 -2.64 -77.93
N PHE C 98 17.71 -3.96 -78.16
CA PHE C 98 16.74 -4.82 -77.51
C PHE C 98 17.41 -5.35 -76.22
N GLU C 99 16.91 -4.91 -75.08
CA GLU C 99 17.54 -5.20 -73.80
C GLU C 99 16.94 -6.39 -73.04
N GLU C 100 17.84 -7.22 -72.53
CA GLU C 100 17.49 -8.26 -71.61
C GLU C 100 17.96 -7.77 -70.20
N ALA C 101 17.08 -7.88 -69.22
CA ALA C 101 17.38 -7.50 -67.86
C ALA C 101 16.72 -8.52 -66.93
N ASN C 102 17.46 -9.58 -66.69
CA ASN C 102 16.99 -10.76 -66.01
C ASN C 102 15.80 -11.28 -66.84
N ASN C 103 14.61 -11.37 -66.25
CA ASN C 103 13.44 -11.83 -66.99
C ASN C 103 12.61 -10.74 -67.67
N ALA C 104 13.03 -9.49 -67.58
CA ALA C 104 12.33 -8.41 -68.19
C ALA C 104 13.04 -8.09 -69.46
N HIS C 105 12.31 -7.49 -70.43
CA HIS C 105 12.88 -7.11 -71.73
C HIS C 105 12.38 -5.77 -72.09
N TYR C 106 13.20 -4.98 -72.76
CA TYR C 106 12.78 -3.64 -73.09
C TYR C 106 13.35 -3.19 -74.41
N ASN C 107 12.71 -2.20 -74.99
CA ASN C 107 13.19 -1.60 -76.20
C ASN C 107 13.92 -0.38 -75.69
N SER C 108 15.23 -0.37 -75.79
CA SER C 108 16.01 0.65 -75.07
C SER C 108 16.91 1.47 -75.90
N ILE C 109 17.52 2.45 -75.25
CA ILE C 109 18.43 3.29 -75.89
C ILE C 109 19.46 3.88 -74.92
N ALA C 110 20.72 3.68 -75.27
CA ALA C 110 21.84 4.13 -74.48
C ALA C 110 22.39 5.41 -75.08
N ILE C 111 22.57 6.45 -74.27
CA ILE C 111 23.10 7.73 -74.75
C ILE C 111 24.61 7.85 -74.57
N ILE C 112 25.36 7.77 -75.66
CA ILE C 112 26.80 7.87 -75.63
C ILE C 112 27.23 9.31 -75.85
N ASP C 113 28.01 9.85 -74.96
CA ASP C 113 28.40 11.25 -75.04
C ASP C 113 29.59 11.39 -76.04
N ALA C 114 29.93 12.64 -76.32
CA ALA C 114 31.01 12.96 -77.28
C ALA C 114 32.40 12.60 -76.81
N ASP C 115 32.57 12.22 -75.54
CA ASP C 115 33.87 11.72 -75.07
C ASP C 115 33.87 10.20 -74.96
N GLY C 116 32.79 9.56 -75.41
CA GLY C 116 32.66 8.13 -75.38
C GLY C 116 31.95 7.57 -74.16
N THR C 117 31.66 8.43 -73.17
CA THR C 117 31.02 8.01 -71.93
C THR C 117 29.57 7.63 -72.12
N ASP C 118 29.20 6.48 -71.59
CA ASP C 118 27.81 6.00 -71.59
C ASP C 118 27.07 6.73 -70.48
N LEU C 119 26.19 7.65 -70.86
CA LEU C 119 25.47 8.47 -69.87
C LEU C 119 24.25 7.80 -69.27
N GLY C 120 23.86 6.63 -69.78
CA GLY C 120 22.71 5.90 -69.25
C GLY C 120 21.67 5.56 -70.29
N ILE C 121 20.54 5.01 -69.82
CA ILE C 121 19.49 4.58 -70.73
C ILE C 121 18.09 5.07 -70.47
N TYR C 122 17.29 5.00 -71.53
CA TYR C 122 15.89 5.29 -71.51
C TYR C 122 15.25 3.98 -72.05
N ARG C 123 14.11 3.61 -71.48
CA ARG C 123 13.41 2.40 -71.84
C ARG C 123 12.06 2.84 -72.38
N LYS C 124 11.75 2.44 -73.62
CA LYS C 124 10.51 2.86 -74.33
C LYS C 124 9.29 2.65 -73.44
N SER C 125 8.50 3.72 -73.29
CA SER C 125 7.37 3.74 -72.37
C SER C 125 6.07 3.33 -72.99
N HIS C 126 5.79 3.82 -74.20
CA HIS C 126 4.54 3.50 -74.89
C HIS C 126 4.83 2.41 -75.92
N ILE C 127 4.20 1.24 -75.76
CA ILE C 127 4.46 0.11 -76.60
C ILE C 127 3.30 -0.16 -77.59
N PRO C 128 3.57 -0.09 -78.88
CA PRO C 128 2.53 -0.31 -79.89
C PRO C 128 2.16 -1.74 -80.10
N ASP C 129 1.03 -1.94 -80.80
CA ASP C 129 0.52 -3.26 -81.06
C ASP C 129 -0.32 -3.29 -82.38
N GLY C 130 -0.46 -4.48 -82.93
CA GLY C 130 -1.28 -4.74 -84.10
C GLY C 130 -0.47 -5.39 -85.20
N PRO C 131 -1.14 -5.84 -86.28
CA PRO C 131 -0.50 -6.47 -87.40
C PRO C 131 0.68 -5.65 -87.92
N GLY C 132 1.83 -6.31 -88.06
CA GLY C 132 3.07 -5.69 -88.46
C GLY C 132 3.93 -5.11 -87.32
N TYR C 133 3.32 -4.77 -86.16
CA TYR C 133 4.01 -4.02 -85.08
C TYR C 133 3.65 -4.55 -83.74
N GLU C 134 3.85 -5.83 -83.59
CA GLU C 134 3.48 -6.57 -82.33
C GLU C 134 4.52 -6.39 -81.19
N GLU C 135 4.83 -5.15 -80.84
CA GLU C 135 5.85 -4.88 -79.80
C GLU C 135 5.45 -5.27 -78.37
N LYS C 136 4.17 -5.24 -78.08
CA LYS C 136 3.67 -5.59 -76.76
C LYS C 136 3.98 -7.00 -76.38
N PHE C 137 4.24 -7.83 -77.39
CA PHE C 137 4.59 -9.21 -77.17
C PHE C 137 6.04 -9.32 -76.63
N TYR C 138 6.93 -8.41 -77.07
CA TYR C 138 8.38 -8.44 -76.72
C TYR C 138 8.81 -7.59 -75.56
N PHE C 139 8.22 -6.41 -75.41
CA PHE C 139 8.71 -5.44 -74.46
C PHE C 139 7.79 -5.13 -73.26
N ASN C 140 8.39 -5.21 -72.08
CA ASN C 140 7.76 -4.74 -70.89
C ASN C 140 7.63 -3.25 -71.13
N PRO C 141 6.53 -2.63 -70.73
CA PRO C 141 6.55 -1.15 -70.83
C PRO C 141 7.66 -0.57 -70.03
N GLY C 142 8.32 0.41 -70.58
CA GLY C 142 9.45 1.07 -69.93
C GLY C 142 9.17 1.57 -68.52
N ASP C 143 10.20 1.44 -67.67
CA ASP C 143 10.15 1.83 -66.32
C ASP C 143 11.18 2.89 -65.92
N THR C 144 11.90 3.50 -66.86
CA THR C 144 12.78 4.60 -66.48
C THR C 144 12.03 5.93 -66.41
N GLY C 145 10.83 6.01 -66.99
CA GLY C 145 10.19 7.30 -67.12
C GLY C 145 11.03 8.12 -68.14
N PHE C 146 10.52 9.31 -68.49
CA PHE C 146 11.13 10.19 -69.49
C PHE C 146 12.33 10.85 -68.88
N LYS C 147 13.40 10.93 -69.66
CA LYS C 147 14.70 11.42 -69.20
C LYS C 147 15.30 12.43 -70.10
N VAL C 148 16.24 13.20 -69.55
CA VAL C 148 17.05 14.13 -70.34
C VAL C 148 18.45 13.84 -69.96
N PHE C 149 19.35 14.01 -70.91
CA PHE C 149 20.73 13.72 -70.69
C PHE C 149 21.57 14.95 -70.97
N GLN C 150 22.55 15.22 -70.10
CA GLN C 150 23.44 16.34 -70.29
C GLN C 150 24.64 15.88 -71.13
N THR C 151 24.68 16.26 -72.40
CA THR C 151 25.79 15.87 -73.28
C THR C 151 26.77 17.04 -73.35
N LYS C 152 27.91 16.83 -73.98
CA LYS C 152 28.88 17.93 -74.18
C LYS C 152 28.35 19.16 -74.89
N TYR C 153 27.33 18.99 -75.69
CA TYR C 153 26.81 20.07 -76.54
C TYR C 153 25.49 20.63 -76.15
N ALA C 154 24.71 19.86 -75.43
CA ALA C 154 23.33 20.21 -75.11
C ALA C 154 22.68 19.24 -74.18
N LYS C 155 21.62 19.70 -73.54
CA LYS C 155 20.80 18.86 -72.72
C LYS C 155 19.72 18.31 -73.71
N ILE C 156 19.66 17.00 -73.90
CA ILE C 156 18.78 16.42 -74.91
C ILE C 156 17.79 15.44 -74.36
N GLY C 157 16.67 15.28 -75.08
CA GLY C 157 15.58 14.38 -74.69
C GLY C 157 15.48 13.34 -75.79
N VAL C 158 15.53 12.08 -75.41
CA VAL C 158 15.48 11.00 -76.34
C VAL C 158 14.41 10.02 -75.94
N ALA C 159 13.55 9.70 -76.90
CA ALA C 159 12.52 8.74 -76.70
C ALA C 159 12.47 7.88 -77.97
N ILE C 160 11.60 6.89 -78.02
CA ILE C 160 11.68 5.89 -79.05
C ILE C 160 10.39 5.64 -79.76
N CYS C 161 10.47 5.73 -81.09
CA CYS C 161 9.40 5.37 -82.00
C CYS C 161 8.01 5.76 -81.52
N TRP C 162 7.18 4.77 -81.14
CA TRP C 162 5.79 5.01 -80.74
C TRP C 162 5.65 6.11 -79.73
N ASP C 163 6.66 6.30 -78.87
CA ASP C 163 6.65 7.44 -77.91
C ASP C 163 6.40 8.79 -78.61
N GLN C 164 6.79 8.90 -79.88
CA GLN C 164 6.70 10.18 -80.57
C GLN C 164 5.26 10.61 -80.84
N TRP C 165 4.27 9.72 -80.59
CA TRP C 165 2.87 10.08 -80.85
C TRP C 165 2.21 10.75 -79.63
N PHE C 166 2.94 10.79 -78.51
CA PHE C 166 2.43 11.24 -77.24
C PHE C 166 2.93 12.58 -76.81
N PRO C 167 2.04 13.58 -76.79
CA PRO C 167 2.45 14.88 -76.35
C PRO C 167 3.01 14.88 -74.93
N GLU C 168 2.51 13.98 -74.10
CA GLU C 168 3.03 13.88 -72.69
C GLU C 168 4.54 13.66 -72.57
N ALA C 169 5.09 12.85 -73.49
CA ALA C 169 6.49 12.49 -73.47
C ALA C 169 7.34 13.68 -73.84
N ALA C 170 6.92 14.37 -74.88
CA ALA C 170 7.67 15.53 -75.33
C ALA C 170 7.64 16.62 -74.28
N ARG C 171 6.48 16.84 -73.71
CA ARG C 171 6.37 17.83 -72.65
C ARG C 171 7.13 17.40 -71.41
N ALA C 172 7.15 16.11 -71.09
CA ALA C 172 7.90 15.71 -69.89
C ALA C 172 9.37 16.01 -70.08
N MET C 173 9.86 15.80 -71.32
CA MET C 173 11.27 16.03 -71.54
C MET C 173 11.58 17.52 -71.50
N ALA C 174 10.73 18.31 -72.14
CA ALA C 174 10.91 19.79 -72.18
C ALA C 174 10.85 20.41 -70.80
N LEU C 175 9.95 19.92 -69.96
CA LEU C 175 9.84 20.42 -68.61
C LEU C 175 11.10 20.17 -67.83
N GLN C 176 11.83 19.09 -68.13
CA GLN C 176 13.09 18.80 -67.42
C GLN C 176 14.32 19.38 -68.04
N GLY C 177 14.13 20.28 -68.99
CA GLY C 177 15.19 21.02 -69.63
C GLY C 177 15.73 20.57 -70.97
N ALA C 178 15.08 19.61 -71.59
CA ALA C 178 15.56 19.15 -72.87
C ALA C 178 15.54 20.33 -73.88
N GLU C 179 16.65 20.53 -74.54
CA GLU C 179 16.77 21.58 -75.56
C GLU C 179 16.54 21.08 -77.00
N ILE C 180 16.61 19.79 -77.22
CA ILE C 180 16.35 19.14 -78.53
C ILE C 180 15.77 17.76 -78.25
N LEU C 181 14.80 17.33 -79.06
CA LEU C 181 14.21 16.05 -78.94
C LEU C 181 14.62 15.14 -80.09
N PHE C 182 14.87 13.89 -79.75
CA PHE C 182 15.28 12.84 -80.67
C PHE C 182 14.36 11.65 -80.63
N TYR C 183 13.91 11.21 -81.80
CA TYR C 183 13.11 10.03 -81.87
C TYR C 183 13.52 8.98 -82.98
N PRO C 184 14.32 7.96 -82.63
CA PRO C 184 14.59 6.91 -83.62
C PRO C 184 13.31 6.13 -83.87
N THR C 185 13.02 5.86 -85.15
CA THR C 185 11.73 5.34 -85.54
C THR C 185 11.84 4.12 -86.48
N ALA C 186 10.86 3.21 -86.39
CA ALA C 186 10.69 2.15 -87.42
C ALA C 186 9.22 2.10 -87.78
N ILE C 187 8.82 2.84 -88.83
CA ILE C 187 7.44 2.88 -89.22
C ILE C 187 7.23 2.85 -90.77
N GLY C 188 6.18 2.16 -91.20
CA GLY C 188 5.86 2.07 -92.61
C GLY C 188 4.43 1.62 -92.86
N SER C 189 4.27 0.87 -93.94
CA SER C 189 3.01 0.30 -94.30
C SER C 189 2.57 -0.73 -93.20
N GLU C 190 1.33 -1.20 -93.30
CA GLU C 190 0.73 -2.16 -92.34
C GLU C 190 0.26 -3.38 -93.16
N PRO C 191 0.76 -4.56 -92.81
CA PRO C 191 0.55 -5.68 -93.67
C PRO C 191 -0.88 -6.15 -93.81
N HIS C 192 -1.75 -5.81 -92.89
CA HIS C 192 -3.12 -6.32 -92.99
C HIS C 192 -4.02 -5.42 -93.84
N ASP C 193 -3.56 -4.22 -94.16
CA ASP C 193 -4.40 -3.25 -94.89
C ASP C 193 -3.52 -2.21 -95.61
N GLN C 194 -3.41 -2.39 -96.90
CA GLN C 194 -2.57 -1.52 -97.73
C GLN C 194 -3.09 -0.07 -97.90
N SER C 195 -4.33 0.23 -97.49
CA SER C 195 -4.87 1.61 -97.61
C SER C 195 -4.37 2.54 -96.49
N ILE C 196 -3.72 1.99 -95.46
CA ILE C 196 -3.23 2.81 -94.38
C ILE C 196 -1.89 3.43 -94.78
N ASP C 197 -1.81 4.75 -94.73
CA ASP C 197 -0.61 5.51 -95.08
C ASP C 197 -0.57 6.57 -94.01
N SER C 198 0.19 6.28 -92.92
CA SER C 198 0.27 7.14 -91.79
C SER C 198 1.34 8.24 -91.83
N ARG C 199 2.10 8.35 -92.90
CA ARG C 199 3.28 9.28 -92.91
C ARG C 199 3.04 10.77 -92.60
N ASP C 200 1.95 11.31 -93.12
CA ASP C 200 1.57 12.72 -92.89
C ASP C 200 1.04 12.92 -91.49
N HIS C 201 0.23 11.95 -91.04
CA HIS C 201 -0.28 11.94 -89.66
C HIS C 201 0.92 11.95 -88.71
N TRP C 202 1.87 11.03 -88.94
CA TRP C 202 3.11 10.86 -88.14
C TRP C 202 3.86 12.19 -88.06
N LYS C 203 4.09 12.84 -89.21
CA LYS C 203 4.79 14.12 -89.18
C LYS C 203 4.08 15.20 -88.41
N ARG C 204 2.78 15.39 -88.64
CA ARG C 204 2.05 16.49 -87.99
C ARG C 204 2.00 16.38 -86.45
N VAL C 205 2.01 15.17 -85.92
CA VAL C 205 1.94 15.02 -84.47
C VAL C 205 3.25 15.52 -83.88
N MET C 206 4.37 15.10 -84.49
CA MET C 206 5.69 15.50 -83.99
C MET C 206 5.96 16.98 -84.20
N GLN C 207 5.57 17.53 -85.36
CA GLN C 207 5.70 18.97 -85.58
C GLN C 207 4.91 19.72 -84.52
N GLY C 208 3.84 19.12 -84.05
CA GLY C 208 3.03 19.70 -83.02
C GLY C 208 3.77 19.75 -81.67
N HIS C 209 4.60 18.75 -81.43
CA HIS C 209 5.41 18.67 -80.15
C HIS C 209 6.48 19.73 -80.17
N ALA C 210 7.14 19.87 -81.31
CA ALA C 210 8.21 20.85 -81.44
C ALA C 210 7.62 22.24 -81.25
N GLY C 211 6.45 22.50 -81.85
CA GLY C 211 5.83 23.84 -81.73
C GLY C 211 5.28 24.21 -80.36
N ALA C 212 4.74 23.22 -79.66
CA ALA C 212 4.11 23.44 -78.38
C ALA C 212 5.13 23.61 -77.26
N ASN C 213 6.33 23.04 -77.45
CA ASN C 213 7.45 23.10 -76.47
C ASN C 213 8.58 24.06 -76.88
N LEU C 214 8.49 24.58 -78.10
CA LEU C 214 9.51 25.45 -78.66
C LEU C 214 10.90 24.89 -78.53
N VAL C 215 11.02 23.66 -79.04
CA VAL C 215 12.30 22.94 -79.13
C VAL C 215 12.36 22.23 -80.47
N PRO C 216 13.53 22.21 -81.09
CA PRO C 216 13.74 21.49 -82.36
C PRO C 216 13.61 19.95 -82.15
N LEU C 217 13.39 19.21 -83.24
CA LEU C 217 13.05 17.82 -83.12
C LEU C 217 13.62 17.04 -84.31
N VAL C 218 14.21 15.86 -84.01
CA VAL C 218 14.89 15.02 -84.99
C VAL C 218 14.26 13.64 -84.99
N ALA C 219 13.82 13.20 -86.16
CA ALA C 219 13.22 11.86 -86.32
C ALA C 219 13.98 11.12 -87.39
N SER C 220 14.46 9.92 -87.07
CA SER C 220 15.23 9.08 -88.00
C SER C 220 14.42 7.83 -88.27
N ASN C 221 14.01 7.61 -89.52
CA ASN C 221 13.20 6.46 -89.82
C ASN C 221 13.82 5.59 -90.88
N ARG C 222 13.45 4.32 -90.81
CA ARG C 222 13.95 3.26 -91.68
C ARG C 222 13.38 3.36 -93.11
N ILE C 223 14.10 2.75 -94.05
CA ILE C 223 13.62 2.57 -95.44
C ILE C 223 13.76 1.10 -95.79
N GLY C 224 13.21 0.76 -96.95
CA GLY C 224 13.29 -0.55 -97.50
C GLY C 224 12.14 -1.45 -97.14
N ASN C 225 12.00 -2.50 -97.91
CA ASN C 225 11.04 -3.54 -97.69
C ASN C 225 11.66 -4.66 -96.86
N GLU C 226 10.90 -5.17 -95.89
CA GLU C 226 11.36 -6.28 -95.07
C GLU C 226 10.28 -7.34 -94.94
N ILE C 227 10.67 -8.59 -95.19
CA ILE C 227 9.79 -9.72 -95.08
C ILE C 227 10.24 -10.58 -93.89
N ILE C 228 9.33 -10.82 -92.97
CA ILE C 228 9.58 -11.61 -91.80
C ILE C 228 8.72 -12.85 -91.89
N GLU C 229 9.28 -13.97 -91.46
CA GLU C 229 8.55 -15.22 -91.43
C GLU C 229 7.80 -15.25 -90.08
N THR C 230 6.46 -15.16 -90.13
CA THR C 230 5.65 -15.23 -88.92
C THR C 230 5.03 -16.61 -88.75
N GLU C 231 4.45 -16.80 -87.56
CA GLU C 231 3.66 -17.99 -87.20
C GLU C 231 2.53 -18.31 -88.20
N HIS C 232 2.07 -17.32 -88.98
CA HIS C 232 1.01 -17.49 -89.98
C HIS C 232 1.48 -17.20 -91.41
N GLY C 233 2.78 -17.21 -91.67
CA GLY C 233 3.29 -17.00 -93.03
C GLY C 233 4.07 -15.71 -93.11
N LYS C 234 4.58 -15.41 -94.30
CA LYS C 234 5.40 -14.23 -94.49
C LYS C 234 4.58 -12.96 -94.43
N SER C 235 5.16 -11.92 -93.83
CA SER C 235 4.53 -10.64 -93.67
C SER C 235 5.56 -9.61 -94.09
N GLU C 236 5.09 -8.59 -94.80
CA GLU C 236 5.96 -7.58 -95.34
C GLU C 236 5.59 -6.17 -94.91
N ILE C 237 6.61 -5.37 -94.62
CA ILE C 237 6.43 -3.94 -94.43
C ILE C 237 7.34 -3.15 -95.41
N LYS C 238 6.77 -2.11 -96.00
CA LYS C 238 7.56 -1.16 -96.74
C LYS C 238 7.78 0.02 -95.83
N PHE C 239 9.00 0.20 -95.35
CA PHE C 239 9.30 1.34 -94.47
C PHE C 239 9.35 2.60 -95.31
N TYR C 240 8.75 3.66 -94.80
CA TYR C 240 8.53 4.87 -95.61
C TYR C 240 9.42 6.05 -95.43
N GLY C 241 10.54 5.87 -94.75
CA GLY C 241 11.51 6.94 -94.63
C GLY C 241 10.93 8.17 -94.02
N ASN C 242 11.06 9.26 -94.75
CA ASN C 242 10.59 10.60 -94.30
C ASN C 242 11.24 11.11 -93.01
N SER C 243 12.47 10.67 -92.76
CA SER C 243 13.22 11.19 -91.62
C SER C 243 13.23 12.74 -91.80
N PHE C 244 13.16 13.47 -90.69
CA PHE C 244 13.19 14.90 -90.85
C PHE C 244 13.69 15.59 -89.60
N ILE C 245 14.00 16.86 -89.75
CA ILE C 245 14.40 17.71 -88.65
C ILE C 245 13.46 18.91 -88.69
N ALA C 246 12.91 19.23 -87.55
CA ALA C 246 11.95 20.31 -87.39
C ALA C 246 12.49 21.32 -86.41
N GLY C 247 12.19 22.61 -86.67
CA GLY C 247 12.60 23.72 -85.82
C GLY C 247 11.63 23.97 -84.71
N PRO C 248 11.89 24.99 -83.88
CA PRO C 248 11.06 25.21 -82.67
C PRO C 248 9.63 25.75 -82.87
N THR C 249 9.24 26.06 -84.12
CA THR C 249 7.86 26.41 -84.41
C THR C 249 7.16 25.22 -85.13
N GLY C 250 7.88 24.11 -85.25
CA GLY C 250 7.38 22.94 -85.96
C GLY C 250 7.67 22.95 -87.47
N GLU C 251 8.37 23.96 -87.99
CA GLU C 251 8.68 24.00 -89.38
C GLU C 251 9.69 22.89 -89.72
N ILE C 252 9.46 22.17 -90.81
CA ILE C 252 10.39 21.19 -91.23
C ILE C 252 11.55 21.92 -91.95
N VAL C 253 12.76 21.66 -91.47
CA VAL C 253 13.98 22.32 -91.94
C VAL C 253 14.74 21.40 -92.91
N SER C 254 14.63 20.11 -92.68
CA SER C 254 15.24 19.09 -93.55
C SER C 254 14.33 17.89 -93.60
N ILE C 255 14.16 17.31 -94.78
CA ILE C 255 13.35 16.11 -94.91
C ILE C 255 13.86 15.18 -95.97
N ALA C 256 13.78 13.88 -95.70
CA ALA C 256 14.19 12.87 -96.68
C ALA C 256 12.93 12.27 -97.41
N ASP C 257 13.12 11.63 -98.56
CA ASP C 257 11.99 10.97 -99.20
C ASP C 257 11.79 9.58 -98.62
N ASP C 258 10.90 8.79 -99.24
CA ASP C 258 10.54 7.45 -98.77
C ASP C 258 11.38 6.29 -99.21
N LYS C 259 12.49 6.54 -99.87
CA LYS C 259 13.32 5.42 -100.36
C LYS C 259 14.83 5.66 -100.43
N GLU C 260 15.27 6.90 -100.32
CA GLU C 260 16.69 7.21 -100.38
C GLU C 260 17.34 7.00 -99.02
N GLU C 261 18.63 6.70 -99.07
CA GLU C 261 19.52 6.67 -97.92
C GLU C 261 19.84 8.16 -97.70
N ALA C 262 19.74 8.66 -96.50
CA ALA C 262 19.97 10.08 -96.31
C ALA C 262 20.75 10.41 -95.05
N VAL C 263 21.44 11.54 -95.13
CA VAL C 263 22.10 12.15 -94.02
C VAL C 263 21.58 13.57 -93.99
N LEU C 264 20.72 13.87 -93.03
CA LEU C 264 20.17 15.20 -92.86
C LEU C 264 20.97 15.99 -91.81
N ILE C 265 21.13 17.27 -92.07
CA ILE C 265 21.96 18.16 -91.28
C ILE C 265 21.24 19.47 -91.03
N ALA C 266 21.23 19.94 -89.78
CA ALA C 266 20.67 21.28 -89.44
C ALA C 266 21.39 21.88 -88.21
N GLU C 267 21.64 23.18 -88.25
CA GLU C 267 22.26 23.91 -87.16
C GLU C 267 21.26 24.73 -86.34
N PHE C 268 21.28 24.60 -85.02
CA PHE C 268 20.41 25.40 -84.15
C PHE C 268 21.22 26.23 -83.17
N ASN C 269 20.75 27.47 -82.93
CA ASN C 269 21.35 28.33 -81.92
C ASN C 269 20.51 28.13 -80.64
N LEU C 270 21.03 27.28 -79.75
CA LEU C 270 20.32 26.93 -78.53
C LEU C 270 19.99 28.08 -77.59
N ASP C 271 20.85 29.10 -77.55
CA ASP C 271 20.61 30.26 -76.73
C ASP C 271 19.49 31.15 -77.27
N LYS C 272 19.44 31.35 -78.58
CA LYS C 272 18.33 32.11 -79.16
C LYS C 272 17.02 31.36 -79.04
N ILE C 273 17.05 30.07 -79.25
CA ILE C 273 15.82 29.30 -79.16
C ILE C 273 15.33 29.31 -77.69
N LYS C 274 16.26 29.21 -76.72
CA LYS C 274 15.85 29.27 -75.30
C LYS C 274 15.10 30.57 -75.03
N SER C 275 15.63 31.64 -75.53
CA SER C 275 15.05 32.97 -75.34
C SER C 275 13.64 33.10 -76.00
N MET C 276 13.48 32.53 -77.18
CA MET C 276 12.23 32.49 -77.89
C MET C 276 11.22 31.65 -77.12
N ARG C 277 11.68 30.51 -76.64
CA ARG C 277 10.85 29.62 -75.91
C ARG C 277 10.23 30.27 -74.66
N HIS C 278 11.07 30.98 -73.91
CA HIS C 278 10.61 31.62 -72.70
C HIS C 278 9.73 32.82 -73.02
N CYS C 279 10.09 33.65 -74.00
CA CYS C 279 9.26 34.83 -74.33
CA CYS C 279 9.25 34.83 -74.23
C CYS C 279 7.85 34.47 -74.81
N TRP C 280 7.72 33.33 -75.51
CA TRP C 280 6.41 32.90 -76.01
C TRP C 280 5.48 32.60 -74.82
N GLY C 281 6.10 32.17 -73.70
CA GLY C 281 5.38 32.10 -72.44
C GLY C 281 4.56 30.89 -72.10
N VAL C 282 4.50 29.92 -73.00
CA VAL C 282 3.70 28.77 -72.71
C VAL C 282 4.08 28.12 -71.31
N PHE C 283 5.38 28.02 -71.00
CA PHE C 283 5.81 27.38 -69.70
C PHE C 283 5.52 28.22 -68.45
N ARG C 284 5.37 29.51 -68.66
CA ARG C 284 4.96 30.45 -67.63
C ARG C 284 3.45 30.34 -67.35
N ASP C 285 2.70 29.90 -68.35
CA ASP C 285 1.28 29.89 -68.32
C ASP C 285 0.63 28.57 -68.03
N ARG C 286 1.40 27.48 -68.03
CA ARG C 286 0.87 26.17 -67.75
C ARG C 286 0.12 26.11 -66.41
N ARG C 287 -0.84 25.16 -66.35
CA ARG C 287 -1.75 25.00 -65.21
C ARG C 287 -1.75 23.58 -64.65
N PRO C 288 -0.65 23.18 -64.02
CA PRO C 288 -0.61 21.81 -63.49
C PRO C 288 -1.75 21.48 -62.50
N ASP C 289 -2.26 22.49 -61.84
CA ASP C 289 -3.35 22.29 -60.97
C ASP C 289 -4.61 21.76 -61.70
N LEU C 290 -4.70 21.93 -63.01
CA LEU C 290 -5.86 21.46 -63.75
C LEU C 290 -5.55 20.24 -64.59
N TYR C 291 -4.36 19.67 -64.44
CA TYR C 291 -3.94 18.56 -65.23
C TYR C 291 -4.05 17.20 -64.58
N LYS C 292 -4.69 17.07 -63.44
CA LYS C 292 -4.86 15.73 -62.81
C LYS C 292 -5.52 14.67 -63.73
N VAL C 293 -6.46 15.09 -64.57
CA VAL C 293 -7.12 14.18 -65.44
C VAL C 293 -6.11 13.48 -66.37
N LEU C 294 -4.97 14.11 -66.62
CA LEU C 294 -3.96 13.46 -67.41
C LEU C 294 -3.41 12.17 -66.80
N LEU C 295 -3.51 12.03 -65.47
CA LEU C 295 -3.10 10.83 -64.75
C LEU C 295 -4.21 9.73 -64.66
N THR C 296 -5.22 9.86 -65.52
CA THR C 296 -6.24 8.85 -65.68
C THR C 296 -6.06 8.35 -67.11
N LEU C 297 -6.65 7.19 -67.37
CA LEU C 297 -6.75 6.63 -68.70
C LEU C 297 -8.16 6.87 -69.20
N ASP C 298 -9.13 6.82 -68.31
CA ASP C 298 -10.56 6.90 -68.71
C ASP C 298 -11.24 8.25 -68.45
N GLY C 299 -10.45 9.27 -68.15
CA GLY C 299 -11.00 10.58 -67.86
C GLY C 299 -11.64 10.81 -66.52
N LYS C 300 -11.65 9.82 -65.61
CA LYS C 300 -12.26 10.02 -64.29
C LYS C 300 -11.46 9.46 -63.10
N ASN C 301 -10.90 8.26 -63.26
CA ASN C 301 -10.22 7.54 -62.23
C ASN C 301 -8.70 7.67 -62.29
N PRO C 302 -8.07 8.33 -61.29
CA PRO C 302 -6.57 8.37 -61.30
C PRO C 302 -5.96 6.96 -61.14
N VAL C 303 -4.88 6.67 -61.86
CA VAL C 303 -4.24 5.36 -61.70
C VAL C 303 -3.52 5.34 -60.35
N LEU C 304 -3.45 4.18 -59.72
CA LEU C 304 -2.73 4.05 -58.43
C LEU C 304 -1.26 4.44 -58.61
N ASP D 7 -22.66 5.02 -96.16
CA ASP D 7 -21.67 5.34 -95.07
C ASP D 7 -22.34 5.60 -93.68
N LYS D 8 -22.65 4.51 -92.97
CA LYS D 8 -23.38 4.55 -91.69
C LYS D 8 -22.62 5.30 -90.59
N GLY D 9 -23.38 5.86 -89.64
CA GLY D 9 -22.84 6.49 -88.44
C GLY D 9 -23.37 7.88 -88.23
N ARG D 10 -23.32 8.37 -86.98
CA ARG D 10 -23.74 9.72 -86.68
C ARG D 10 -22.79 10.69 -87.41
N LYS D 11 -23.40 11.60 -88.16
CA LYS D 11 -22.70 12.63 -88.88
C LYS D 11 -23.00 13.93 -88.17
N VAL D 12 -22.05 14.83 -88.18
CA VAL D 12 -22.27 16.13 -87.65
C VAL D 12 -21.55 17.12 -88.52
N VAL D 13 -22.21 18.24 -88.77
CA VAL D 13 -21.63 19.31 -89.59
C VAL D 13 -21.21 20.47 -88.68
N VAL D 14 -19.93 20.82 -88.74
CA VAL D 14 -19.43 21.93 -87.94
C VAL D 14 -19.07 23.14 -88.76
N SER D 15 -19.01 24.30 -88.12
CA SER D 15 -18.72 25.51 -88.83
C SER D 15 -17.84 26.42 -88.06
N ALA D 16 -16.92 27.06 -88.79
CA ALA D 16 -16.05 28.10 -88.25
C ALA D 16 -16.45 29.39 -88.92
N LEU D 17 -16.74 30.41 -88.14
CA LEU D 17 -17.03 31.73 -88.68
C LEU D 17 -15.84 32.64 -88.46
N GLN D 18 -15.69 33.61 -89.33
CA GLN D 18 -14.56 34.56 -89.31
C GLN D 18 -15.07 35.93 -89.75
N PHE D 19 -14.94 36.94 -88.89
CA PHE D 19 -15.44 38.30 -89.22
C PHE D 19 -14.75 39.41 -88.47
N ALA D 20 -14.94 40.62 -88.97
CA ALA D 20 -14.41 41.82 -88.34
C ALA D 20 -15.42 42.40 -87.35
N CYS D 21 -14.88 42.92 -86.23
CA CYS D 21 -15.67 43.52 -85.17
C CYS D 21 -15.54 45.04 -85.11
N THR D 22 -16.62 45.72 -84.72
CA THR D 22 -16.52 47.15 -84.36
C THR D 22 -16.41 47.17 -82.87
N ASP D 23 -16.49 48.35 -82.24
CA ASP D 23 -16.50 48.37 -80.76
C ASP D 23 -17.91 48.60 -80.19
N ASP D 24 -18.92 48.40 -81.02
CA ASP D 24 -20.30 48.51 -80.59
C ASP D 24 -20.93 47.05 -80.48
N VAL D 25 -21.43 46.68 -79.30
CA VAL D 25 -22.03 45.34 -79.07
C VAL D 25 -23.21 44.98 -80.02
N SER D 26 -24.22 45.83 -80.10
CA SER D 26 -25.36 45.56 -81.00
C SER D 26 -24.97 45.18 -82.46
N THR D 27 -23.96 45.87 -82.99
CA THR D 27 -23.47 45.65 -84.37
C THR D 27 -22.83 44.28 -84.50
N ASN D 28 -21.99 43.94 -83.54
CA ASN D 28 -21.26 42.71 -83.59
C ASN D 28 -22.14 41.50 -83.38
N VAL D 29 -23.13 41.62 -82.51
CA VAL D 29 -24.08 40.52 -82.32
C VAL D 29 -24.94 40.37 -83.61
N THR D 30 -25.28 41.45 -84.24
CA THR D 30 -26.06 41.39 -85.55
C THR D 30 -25.19 40.62 -86.59
N THR D 31 -23.89 40.93 -86.61
CA THR D 31 -22.97 40.26 -87.47
C THR D 31 -22.95 38.73 -87.16
N ALA D 32 -22.76 38.36 -85.90
CA ALA D 32 -22.74 36.97 -85.51
C ALA D 32 -23.99 36.22 -85.93
N GLU D 33 -25.16 36.83 -85.68
CA GLU D 33 -26.44 36.22 -86.06
CA GLU D 33 -26.47 36.23 -86.07
C GLU D 33 -26.52 36.02 -87.56
N ARG D 34 -26.04 37.00 -88.33
CA ARG D 34 -26.06 36.91 -89.83
C ARG D 34 -25.29 35.69 -90.26
N LEU D 35 -24.09 35.52 -89.68
CA LEU D 35 -23.22 34.42 -90.08
C LEU D 35 -23.66 33.05 -89.53
N VAL D 36 -24.25 33.02 -88.35
CA VAL D 36 -24.78 31.76 -87.81
C VAL D 36 -25.92 31.28 -88.74
N ARG D 37 -26.79 32.18 -89.17
CA ARG D 37 -27.84 31.83 -90.14
C ARG D 37 -27.30 31.35 -91.48
N ALA D 38 -26.18 31.93 -91.91
CA ALA D 38 -25.55 31.52 -93.18
C ALA D 38 -24.98 30.11 -93.01
N ALA D 39 -24.36 29.87 -91.88
CA ALA D 39 -23.83 28.52 -91.57
C ALA D 39 -24.94 27.43 -91.52
N HIS D 40 -26.02 27.70 -90.80
CA HIS D 40 -27.17 26.86 -90.73
C HIS D 40 -27.76 26.57 -92.16
N LYS D 41 -27.86 27.60 -92.99
CA LYS D 41 -28.32 27.43 -94.35
C LYS D 41 -27.46 26.43 -95.09
N GLN D 42 -26.17 26.37 -94.71
CA GLN D 42 -25.25 25.41 -95.35
C GLN D 42 -25.25 24.03 -94.67
N GLY D 43 -26.15 23.84 -93.71
CA GLY D 43 -26.27 22.55 -93.05
C GLY D 43 -25.55 22.41 -91.73
N ALA D 44 -24.96 23.46 -91.21
CA ALA D 44 -24.24 23.33 -89.95
C ALA D 44 -25.14 23.02 -88.73
N ASN D 45 -24.64 22.13 -87.87
CA ASN D 45 -25.30 21.75 -86.64
C ASN D 45 -24.66 22.45 -85.45
N ILE D 46 -23.36 22.72 -85.53
CA ILE D 46 -22.60 23.38 -84.43
C ILE D 46 -21.80 24.53 -85.07
N VAL D 47 -22.06 25.76 -84.64
CA VAL D 47 -21.42 26.89 -85.25
C VAL D 47 -20.55 27.62 -84.23
N LEU D 48 -19.27 27.81 -84.54
CA LEU D 48 -18.30 28.48 -83.62
C LEU D 48 -17.99 30.00 -83.95
N ILE D 49 -18.38 30.87 -83.04
CA ILE D 49 -18.12 32.29 -83.12
C ILE D 49 -16.78 32.61 -82.39
N GLN D 50 -15.96 33.47 -82.99
CA GLN D 50 -14.62 33.89 -82.44
C GLN D 50 -14.65 34.55 -81.04
N GLU D 51 -13.48 34.61 -80.43
CA GLU D 51 -13.35 35.06 -79.02
C GLU D 51 -13.69 36.54 -78.78
N LEU D 52 -14.42 36.82 -77.70
CA LEU D 52 -14.72 38.21 -77.31
C LEU D 52 -15.28 39.08 -78.48
N PHE D 53 -16.12 38.43 -79.31
CA PHE D 53 -16.69 39.02 -80.49
C PHE D 53 -17.62 40.20 -80.22
N GLU D 54 -18.00 40.40 -78.98
CA GLU D 54 -18.88 41.55 -78.64
C GLU D 54 -18.24 42.91 -78.85
N GLY D 55 -16.92 42.97 -78.96
CA GLY D 55 -16.25 44.25 -79.20
C GLY D 55 -14.86 44.10 -79.73
N TYR D 56 -14.13 45.19 -79.72
CA TYR D 56 -12.73 45.14 -80.06
C TYR D 56 -12.03 44.28 -79.01
N TYR D 57 -10.88 43.72 -79.40
CA TYR D 57 -10.06 42.96 -78.54
C TYR D 57 -9.34 44.02 -77.61
N PHE D 58 -10.01 44.34 -76.52
CA PHE D 58 -9.60 45.45 -75.65
C PHE D 58 -8.32 45.24 -74.85
N CYS D 59 -7.84 44.00 -74.83
CA CYS D 59 -6.66 43.62 -74.05
C CYS D 59 -5.32 44.16 -74.54
N GLN D 60 -5.32 44.94 -75.60
CA GLN D 60 -4.11 45.64 -75.97
C GLN D 60 -3.81 46.69 -74.86
N ALA D 61 -4.87 47.19 -74.22
CA ALA D 61 -4.70 48.16 -73.16
C ALA D 61 -4.81 47.46 -71.77
N GLN D 62 -4.21 48.09 -70.75
CA GLN D 62 -4.37 47.69 -69.29
C GLN D 62 -5.04 48.92 -68.62
N ARG D 63 -6.36 48.98 -68.67
CA ARG D 63 -7.16 50.11 -68.19
C ARG D 63 -8.24 49.72 -67.21
N GLU D 64 -8.31 50.48 -66.12
CA GLU D 64 -9.32 50.30 -65.08
C GLU D 64 -10.70 50.17 -65.69
N ASP D 65 -11.04 51.15 -66.53
CA ASP D 65 -12.39 51.17 -67.08
C ASP D 65 -12.76 50.01 -67.97
N PHE D 66 -11.78 49.39 -68.61
CA PHE D 66 -12.07 48.22 -69.43
C PHE D 66 -12.48 46.98 -68.61
N ILE D 67 -12.02 46.88 -67.35
CA ILE D 67 -12.42 45.79 -66.52
C ILE D 67 -13.94 45.76 -66.36
N GLN D 68 -14.56 46.96 -66.23
CA GLN D 68 -16.05 47.10 -66.10
C GLN D 68 -16.91 46.77 -67.39
N ARG D 69 -16.27 46.30 -68.47
CA ARG D 69 -17.02 45.78 -69.62
C ARG D 69 -17.56 44.39 -69.27
N ALA D 70 -17.05 43.78 -68.20
CA ALA D 70 -17.48 42.47 -67.77
C ALA D 70 -18.91 42.47 -67.31
N LYS D 71 -19.60 41.34 -67.49
CA LYS D 71 -20.99 41.21 -67.00
C LYS D 71 -21.21 39.85 -66.40
N PRO D 72 -22.18 39.75 -65.48
CA PRO D 72 -22.44 38.46 -64.94
C PRO D 72 -22.88 37.39 -65.98
N TYR D 73 -22.61 36.14 -65.64
CA TYR D 73 -23.07 34.99 -66.43
C TYR D 73 -24.58 34.97 -66.39
N LYS D 74 -25.13 35.29 -65.21
CA LYS D 74 -26.58 35.32 -65.03
C LYS D 74 -27.31 36.42 -65.81
N ASP D 75 -28.35 36.00 -66.57
CA ASP D 75 -29.17 36.91 -67.40
C ASP D 75 -28.32 37.80 -68.32
N HIS D 76 -27.32 37.23 -68.92
CA HIS D 76 -26.41 37.96 -69.78
C HIS D 76 -27.15 38.26 -71.08
N PRO D 77 -27.22 39.54 -71.47
CA PRO D 77 -28.06 39.80 -72.65
C PRO D 77 -27.60 39.12 -73.96
N THR D 78 -26.30 39.02 -74.19
CA THR D 78 -25.86 38.44 -75.42
C THR D 78 -26.12 36.93 -75.44
N ILE D 79 -25.91 36.27 -74.29
CA ILE D 79 -26.18 34.85 -74.17
C ILE D 79 -27.69 34.61 -74.41
N MET D 80 -28.53 35.44 -73.82
CA MET D 80 -29.98 35.26 -73.94
C MET D 80 -30.46 35.41 -75.38
N ARG D 81 -29.93 36.41 -76.07
CA ARG D 81 -30.29 36.63 -77.45
C ARG D 81 -29.88 35.44 -78.34
N LEU D 82 -28.68 34.94 -78.15
CA LEU D 82 -28.20 33.80 -78.94
C LEU D 82 -28.90 32.46 -78.57
N GLN D 83 -29.40 32.36 -77.34
CA GLN D 83 -30.21 31.20 -76.96
C GLN D 83 -31.45 31.12 -77.85
N LYS D 84 -32.04 32.27 -78.15
CA LYS D 84 -33.22 32.31 -78.99
C LYS D 84 -32.91 31.85 -80.40
N LEU D 85 -31.78 32.26 -80.92
CA LEU D 85 -31.35 31.89 -82.24
C LEU D 85 -31.01 30.39 -82.27
N ALA D 86 -30.31 29.91 -81.23
CA ALA D 86 -29.95 28.48 -81.16
C ALA D 86 -31.19 27.60 -81.23
N LYS D 87 -32.25 28.05 -80.54
CA LYS D 87 -33.47 27.32 -80.46
C LYS D 87 -34.22 27.42 -81.76
N GLU D 88 -34.24 28.60 -82.37
CA GLU D 88 -34.93 28.76 -83.64
C GLU D 88 -34.31 27.86 -84.74
N LEU D 89 -32.99 27.81 -84.81
CA LEU D 89 -32.33 27.05 -85.85
C LEU D 89 -32.01 25.59 -85.55
N GLY D 90 -32.02 25.20 -84.27
CA GLY D 90 -31.64 23.86 -83.90
C GLY D 90 -30.14 23.73 -84.05
N VAL D 91 -29.37 24.76 -83.65
CA VAL D 91 -27.90 24.62 -83.76
C VAL D 91 -27.24 24.90 -82.40
N VAL D 92 -26.11 24.28 -82.17
CA VAL D 92 -25.34 24.45 -80.92
C VAL D 92 -24.46 25.66 -81.12
N ILE D 93 -24.42 26.55 -80.13
CA ILE D 93 -23.69 27.81 -80.23
C ILE D 93 -22.94 28.15 -78.91
N PRO D 94 -21.61 27.97 -78.90
CA PRO D 94 -20.78 28.44 -77.77
C PRO D 94 -20.66 29.96 -77.81
N VAL D 95 -20.97 30.63 -76.72
CA VAL D 95 -20.92 32.11 -76.65
C VAL D 95 -19.81 32.62 -75.75
N SER D 96 -18.76 33.14 -76.36
CA SER D 96 -17.66 33.75 -75.68
C SER D 96 -18.11 35.10 -75.03
N PHE D 97 -17.72 35.32 -73.73
CA PHE D 97 -18.02 36.57 -73.04
C PHE D 97 -17.06 36.89 -71.90
N PHE D 98 -17.07 38.15 -71.48
CA PHE D 98 -16.24 38.63 -70.39
C PHE D 98 -17.08 38.56 -69.06
N GLU D 99 -16.79 37.59 -68.23
CA GLU D 99 -17.59 37.33 -67.05
C GLU D 99 -17.19 38.08 -65.80
N GLU D 100 -18.13 38.76 -65.18
CA GLU D 100 -17.91 39.24 -63.82
C GLU D 100 -18.57 38.22 -62.83
N ALA D 101 -17.85 37.82 -61.78
CA ALA D 101 -18.38 36.90 -60.75
C ALA D 101 -17.89 37.41 -59.37
N ASN D 102 -18.71 38.28 -58.77
CA ASN D 102 -18.37 39.03 -57.62
C ASN D 102 -17.10 39.84 -57.94
N ASN D 103 -15.96 39.55 -57.34
CA ASN D 103 -14.74 40.35 -57.60
C ASN D 103 -13.78 39.64 -58.53
N ALA D 104 -14.10 38.38 -58.87
CA ALA D 104 -13.38 37.65 -59.88
C ALA D 104 -13.93 38.03 -61.27
N HIS D 105 -13.06 37.83 -62.26
CA HIS D 105 -13.32 38.11 -63.63
C HIS D 105 -12.68 36.99 -64.45
N TYR D 106 -13.39 36.56 -65.48
CA TYR D 106 -12.92 35.51 -66.32
C TYR D 106 -13.19 35.74 -67.79
N ASN D 107 -12.37 35.13 -68.64
CA ASN D 107 -12.62 35.07 -70.08
C ASN D 107 -13.41 33.73 -70.19
N SER D 108 -14.70 33.82 -70.45
CA SER D 108 -15.55 32.68 -70.40
C SER D 108 -16.31 32.32 -71.70
N ILE D 109 -16.93 31.15 -71.68
CA ILE D 109 -17.74 30.68 -72.82
C ILE D 109 -18.88 29.81 -72.30
N ALA D 110 -20.10 30.14 -72.71
CA ALA D 110 -21.33 29.43 -72.34
C ALA D 110 -21.75 28.61 -73.52
N ILE D 111 -22.02 27.33 -73.28
CA ILE D 111 -22.37 26.43 -74.37
C ILE D 111 -23.88 26.30 -74.53
N ILE D 112 -24.44 26.85 -75.60
CA ILE D 112 -25.87 26.77 -75.82
C ILE D 112 -26.22 25.56 -76.71
N ASP D 113 -27.11 24.68 -76.23
CA ASP D 113 -27.49 23.46 -76.99
C ASP D 113 -28.50 23.80 -78.11
N ALA D 114 -28.76 22.86 -79.02
CA ALA D 114 -29.70 23.09 -80.17
C ALA D 114 -31.12 23.33 -79.77
N ASP D 115 -31.48 23.02 -78.51
CA ASP D 115 -32.86 23.35 -78.03
C ASP D 115 -32.89 24.73 -77.30
N GLY D 116 -31.75 25.43 -77.27
CA GLY D 116 -31.63 26.73 -76.59
C GLY D 116 -31.21 26.67 -75.10
N THR D 117 -30.96 25.46 -74.60
CA THR D 117 -30.56 25.27 -73.19
C THR D 117 -29.12 25.67 -72.91
N ASP D 118 -28.94 26.40 -71.83
CA ASP D 118 -27.59 26.81 -71.41
C ASP D 118 -27.02 25.59 -70.72
N LEU D 119 -26.00 24.97 -71.30
CA LEU D 119 -25.44 23.73 -70.73
C LEU D 119 -24.37 23.97 -69.62
N GLY D 120 -23.86 25.20 -69.51
CA GLY D 120 -22.85 25.57 -68.52
C GLY D 120 -21.72 26.36 -69.14
N ILE D 121 -20.71 26.64 -68.32
CA ILE D 121 -19.58 27.48 -68.75
CA ILE D 121 -19.62 27.51 -68.68
C ILE D 121 -18.24 26.86 -68.56
N TYR D 122 -17.31 27.34 -69.37
CA TYR D 122 -15.96 26.97 -69.27
C TYR D 122 -15.25 28.29 -69.11
N ARG D 123 -14.30 28.34 -68.20
CA ARG D 123 -13.53 29.55 -67.95
C ARG D 123 -12.09 29.35 -68.42
N LYS D 124 -11.62 30.25 -69.29
CA LYS D 124 -10.28 30.14 -69.86
C LYS D 124 -9.21 29.92 -68.80
N SER D 125 -8.38 28.86 -69.01
CA SER D 125 -7.36 28.42 -68.03
C SER D 125 -6.00 29.00 -68.19
N HIS D 126 -5.52 29.08 -69.44
CA HIS D 126 -4.22 29.61 -69.73
C HIS D 126 -4.39 31.01 -70.25
N ILE D 127 -3.83 31.96 -69.54
CA ILE D 127 -4.01 33.38 -69.81
C ILE D 127 -2.72 34.00 -70.40
N PRO D 128 -2.79 34.49 -71.65
CA PRO D 128 -1.64 35.08 -72.32
C PRO D 128 -1.26 36.47 -71.75
N ASP D 129 -0.06 36.96 -72.10
CA ASP D 129 0.42 38.23 -71.60
C ASP D 129 1.48 38.77 -72.56
N GLY D 130 1.71 40.08 -72.52
CA GLY D 130 2.69 40.74 -73.34
C GLY D 130 2.06 41.83 -74.21
N PRO D 131 2.88 42.65 -74.87
CA PRO D 131 2.37 43.75 -75.69
C PRO D 131 1.27 43.29 -76.65
N GLY D 132 0.15 43.98 -76.59
CA GLY D 132 -1.01 43.68 -77.43
C GLY D 132 -1.98 42.67 -76.89
N TYR D 133 -1.53 41.82 -75.95
CA TYR D 133 -2.31 40.70 -75.45
C TYR D 133 -2.21 40.63 -73.91
N GLU D 134 -2.60 41.73 -73.24
CA GLU D 134 -2.46 41.88 -71.82
C GLU D 134 -3.63 41.26 -71.07
N GLU D 135 -3.89 39.99 -71.32
CA GLU D 135 -5.02 39.33 -70.70
C GLU D 135 -4.80 39.06 -69.22
N LYS D 136 -3.57 38.91 -68.78
CA LYS D 136 -3.35 38.60 -67.34
C LYS D 136 -3.76 39.73 -66.45
N PHE D 137 -3.97 40.91 -67.01
CA PHE D 137 -4.40 42.08 -66.24
C PHE D 137 -5.90 42.04 -65.95
N TYR D 138 -6.66 41.42 -66.87
CA TYR D 138 -8.11 41.30 -66.75
C TYR D 138 -8.68 40.03 -66.16
N PHE D 139 -8.06 38.88 -66.42
CA PHE D 139 -8.71 37.60 -66.06
C PHE D 139 -8.04 36.80 -65.00
N ASN D 140 -8.85 36.35 -64.04
CA ASN D 140 -8.37 35.39 -63.08
C ASN D 140 -8.11 34.14 -63.96
N PRO D 141 -7.04 33.42 -63.68
CA PRO D 141 -6.92 32.20 -64.42
C PRO D 141 -8.16 31.30 -64.09
N GLY D 142 -8.72 30.67 -65.14
CA GLY D 142 -9.92 29.85 -65.00
C GLY D 142 -9.87 28.75 -63.94
N ASP D 143 -11.01 28.49 -63.33
CA ASP D 143 -11.13 27.53 -62.25
C ASP D 143 -12.21 26.44 -62.48
N THR D 144 -12.74 26.34 -63.70
CA THR D 144 -13.68 25.28 -63.99
C THR D 144 -12.92 24.00 -64.32
N GLY D 145 -11.68 24.10 -64.79
CA GLY D 145 -11.00 22.93 -65.31
C GLY D 145 -11.51 22.75 -66.78
N PHE D 146 -10.90 21.79 -67.52
CA PHE D 146 -11.27 21.44 -68.84
C PHE D 146 -12.52 20.63 -68.78
N LYS D 147 -13.45 20.99 -69.66
CA LYS D 147 -14.78 20.38 -69.67
C LYS D 147 -15.18 19.83 -71.00
N VAL D 148 -16.15 18.91 -70.98
CA VAL D 148 -16.79 18.44 -72.13
C VAL D 148 -18.34 18.61 -71.94
N PHE D 149 -19.05 18.89 -73.04
CA PHE D 149 -20.49 19.12 -72.97
C PHE D 149 -21.22 18.19 -73.89
N GLN D 150 -22.25 17.55 -73.35
CA GLN D 150 -23.08 16.66 -74.10
C GLN D 150 -24.16 17.49 -74.84
N THR D 151 -23.96 17.72 -76.13
CA THR D 151 -24.97 18.46 -76.95
C THR D 151 -25.90 17.44 -77.71
N LYS D 152 -26.95 17.92 -78.35
CA LYS D 152 -27.78 17.03 -79.19
C LYS D 152 -27.01 16.26 -80.29
N TYR D 153 -25.91 16.82 -80.76
CA TYR D 153 -25.16 16.24 -81.85
C TYR D 153 -23.91 15.49 -81.51
N ALA D 154 -23.25 15.89 -80.42
CA ALA D 154 -21.98 15.33 -80.08
C ALA D 154 -21.58 15.76 -78.72
N LYS D 155 -20.62 15.05 -78.18
CA LYS D 155 -20.01 15.42 -76.94
C LYS D 155 -18.87 16.30 -77.44
N ILE D 156 -18.80 17.55 -77.02
CA ILE D 156 -17.75 18.43 -77.49
C ILE D 156 -16.88 19.02 -76.40
N GLY D 157 -15.70 19.43 -76.77
CA GLY D 157 -14.75 20.07 -75.87
C GLY D 157 -14.51 21.47 -76.39
N VAL D 158 -14.79 22.48 -75.59
CA VAL D 158 -14.59 23.88 -75.98
C VAL D 158 -13.57 24.52 -75.05
N ALA D 159 -12.53 25.11 -75.62
CA ALA D 159 -11.59 25.89 -74.79
C ALA D 159 -11.36 27.21 -75.48
N ILE D 160 -10.48 28.04 -74.97
CA ILE D 160 -10.44 29.38 -75.49
C ILE D 160 -9.05 29.89 -75.78
N CYS D 161 -8.95 30.45 -76.97
CA CYS D 161 -7.79 31.14 -77.49
C CYS D 161 -6.48 30.57 -77.07
N TRP D 162 -5.77 31.22 -76.16
CA TRP D 162 -4.44 30.77 -75.71
C TRP D 162 -4.43 29.32 -75.24
N ASP D 163 -5.56 28.81 -74.74
CA ASP D 163 -5.62 27.40 -74.37
C ASP D 163 -5.24 26.46 -75.56
N GLN D 164 -5.49 26.91 -76.78
CA GLN D 164 -5.19 26.15 -77.99
C GLN D 164 -3.69 25.79 -78.21
N TRP D 165 -2.80 26.46 -77.49
CA TRP D 165 -1.37 26.16 -77.58
C TRP D 165 -0.92 25.02 -76.65
N PHE D 166 -1.82 24.55 -75.81
CA PHE D 166 -1.47 23.60 -74.75
C PHE D 166 -1.99 22.19 -75.02
N PRO D 167 -1.10 21.23 -75.32
CA PRO D 167 -1.55 19.87 -75.56
C PRO D 167 -2.28 19.28 -74.39
N GLU D 168 -1.93 19.70 -73.16
CA GLU D 168 -2.64 19.24 -71.99
C GLU D 168 -4.16 19.51 -72.04
N ALA D 169 -4.55 20.67 -72.56
CA ALA D 169 -5.99 20.99 -72.60
C ALA D 169 -6.73 20.07 -73.61
N ALA D 170 -6.13 19.85 -74.75
CA ALA D 170 -6.76 18.97 -75.80
C ALA D 170 -6.91 17.50 -75.28
N ARG D 171 -5.85 17.01 -74.64
CA ARG D 171 -5.83 15.69 -74.14
C ARG D 171 -6.85 15.56 -73.01
N ALA D 172 -6.94 16.58 -72.13
CA ALA D 172 -7.93 16.57 -71.05
C ALA D 172 -9.35 16.44 -71.59
N MET D 173 -9.63 17.19 -72.60
CA MET D 173 -10.95 17.13 -73.25
C MET D 173 -11.17 15.77 -73.94
N ALA D 174 -10.22 15.32 -74.73
CA ALA D 174 -10.32 13.99 -75.34
C ALA D 174 -10.54 12.82 -74.33
N LEU D 175 -9.81 12.85 -73.19
CA LEU D 175 -9.86 11.83 -72.22
C LEU D 175 -11.23 11.71 -71.59
N GLN D 176 -11.93 12.85 -71.53
CA GLN D 176 -13.27 12.92 -70.97
C GLN D 176 -14.36 12.70 -72.06
N GLY D 177 -13.98 12.24 -73.23
CA GLY D 177 -14.97 11.88 -74.27
C GLY D 177 -15.26 12.89 -75.33
N ALA D 178 -14.56 14.01 -75.34
CA ALA D 178 -14.80 15.00 -76.38
C ALA D 178 -14.61 14.36 -77.76
N GLU D 179 -15.56 14.59 -78.67
CA GLU D 179 -15.55 14.08 -80.03
C GLU D 179 -15.07 15.10 -81.08
N ILE D 180 -15.14 16.39 -80.74
CA ILE D 180 -14.69 17.51 -81.58
C ILE D 180 -14.18 18.54 -80.61
N LEU D 181 -13.16 19.30 -81.01
CA LEU D 181 -12.55 20.36 -80.17
C LEU D 181 -12.79 21.67 -80.81
N PHE D 182 -13.15 22.67 -80.03
CA PHE D 182 -13.46 23.99 -80.55
C PHE D 182 -12.66 25.03 -79.85
N TYR D 183 -12.08 25.94 -80.61
CA TYR D 183 -11.32 27.01 -80.03
C TYR D 183 -11.64 28.41 -80.65
N PRO D 184 -12.50 29.21 -79.98
CA PRO D 184 -12.66 30.59 -80.42
C PRO D 184 -11.35 31.34 -80.15
N THR D 185 -10.94 32.17 -81.09
CA THR D 185 -9.60 32.81 -81.06
C THR D 185 -9.62 34.29 -81.40
N ALA D 186 -8.64 35.03 -80.88
CA ALA D 186 -8.36 36.41 -81.30
C ALA D 186 -6.82 36.56 -81.37
N ILE D 187 -6.22 36.33 -82.56
CA ILE D 187 -4.73 36.41 -82.68
C ILE D 187 -4.34 37.02 -84.01
N GLY D 188 -3.29 37.81 -84.00
CA GLY D 188 -2.79 38.51 -85.18
C GLY D 188 -1.37 38.99 -84.99
N SER D 189 -1.08 40.16 -85.49
CA SER D 189 0.25 40.76 -85.33
C SER D 189 0.47 41.16 -83.88
N GLU D 190 1.71 41.49 -83.57
CA GLU D 190 2.06 41.96 -82.24
C GLU D 190 2.59 43.38 -82.40
N PRO D 191 2.01 44.35 -81.64
CA PRO D 191 2.30 45.78 -81.83
C PRO D 191 3.72 46.27 -81.50
N HIS D 192 4.50 45.47 -80.81
CA HIS D 192 5.87 45.88 -80.43
C HIS D 192 6.95 45.38 -81.37
N ASP D 193 6.57 44.47 -82.29
CA ASP D 193 7.52 43.86 -83.24
C ASP D 193 6.79 43.31 -84.47
N GLN D 194 6.83 44.10 -85.54
CA GLN D 194 6.13 43.74 -86.75
C GLN D 194 6.73 42.49 -87.46
N SER D 195 7.91 42.01 -87.04
CA SER D 195 8.54 40.80 -87.62
C SER D 195 7.87 39.51 -87.12
N ILE D 196 7.14 39.55 -86.05
CA ILE D 196 6.52 38.33 -85.55
C ILE D 196 5.25 37.96 -86.37
N ASP D 197 5.20 36.71 -86.84
CA ASP D 197 4.08 36.18 -87.65
C ASP D 197 3.86 34.79 -87.19
N SER D 198 2.91 34.63 -86.30
CA SER D 198 2.72 33.38 -85.65
C SER D 198 1.79 32.43 -86.37
N ARG D 199 1.23 32.82 -87.53
CA ARG D 199 0.13 32.00 -88.07
C ARG D 199 0.41 30.51 -88.38
N ASP D 200 1.58 30.20 -88.92
CA ASP D 200 1.91 28.82 -89.24
C ASP D 200 2.19 28.01 -87.97
N HIS D 201 2.84 28.65 -87.00
CA HIS D 201 3.16 28.03 -85.72
C HIS D 201 1.86 27.66 -85.02
N TRP D 202 0.93 28.60 -85.02
CA TRP D 202 -0.40 28.49 -84.42
C TRP D 202 -1.16 27.27 -84.99
N LYS D 203 -1.21 27.21 -86.32
CA LYS D 203 -1.88 26.08 -86.98
C LYS D 203 -1.23 24.78 -86.67
N ARG D 204 0.10 24.75 -86.79
CA ARG D 204 0.83 23.51 -86.55
C ARG D 204 0.58 22.89 -85.17
N VAL D 205 0.43 23.72 -84.17
CA VAL D 205 0.25 23.21 -82.79
C VAL D 205 -1.14 22.60 -82.64
N MET D 206 -2.16 23.24 -83.24
CA MET D 206 -3.51 22.69 -83.18
C MET D 206 -3.62 21.40 -84.00
N GLN D 207 -3.04 21.41 -85.18
CA GLN D 207 -3.03 20.22 -86.00
C GLN D 207 -2.35 19.06 -85.18
N GLY D 208 -1.37 19.39 -84.36
CA GLY D 208 -0.77 18.41 -83.46
C GLY D 208 -1.78 17.79 -82.50
N HIS D 209 -2.63 18.62 -81.92
CA HIS D 209 -3.68 18.16 -81.03
C HIS D 209 -4.68 17.27 -81.69
N ALA D 210 -5.09 17.64 -82.92
CA ALA D 210 -6.06 16.87 -83.62
C ALA D 210 -5.50 15.48 -83.93
N GLY D 211 -4.26 15.41 -84.41
CA GLY D 211 -3.64 14.15 -84.72
C GLY D 211 -3.28 13.25 -83.52
N ALA D 212 -2.94 13.85 -82.39
CA ALA D 212 -2.49 13.07 -81.20
C ALA D 212 -3.67 12.46 -80.48
N ASN D 213 -4.82 13.12 -80.59
CA ASN D 213 -6.06 12.65 -79.94
C ASN D 213 -7.06 12.01 -80.93
N LEU D 214 -6.79 12.19 -82.22
CA LEU D 214 -7.66 11.69 -83.28
C LEU D 214 -9.06 12.16 -83.13
N VAL D 215 -9.18 13.48 -83.02
CA VAL D 215 -10.45 14.15 -83.00
C VAL D 215 -10.34 15.38 -83.91
N PRO D 216 -11.44 15.73 -84.62
CA PRO D 216 -11.48 16.95 -85.44
C PRO D 216 -11.39 18.19 -84.55
N LEU D 217 -10.98 19.31 -85.14
CA LEU D 217 -10.73 20.52 -84.40
C LEU D 217 -11.11 21.72 -85.22
N VAL D 218 -11.79 22.67 -84.57
CA VAL D 218 -12.33 23.85 -85.23
C VAL D 218 -11.80 25.07 -84.54
N ALA D 219 -11.15 25.95 -85.30
CA ALA D 219 -10.63 27.23 -84.81
C ALA D 219 -11.21 28.42 -85.62
N SER D 220 -11.87 29.33 -84.91
CA SER D 220 -12.50 30.52 -85.48
C SER D 220 -11.74 31.73 -84.99
N ASN D 221 -11.13 32.46 -85.93
CA ASN D 221 -10.30 33.66 -85.62
C ASN D 221 -10.83 34.93 -86.28
N ARG D 222 -10.55 36.04 -85.62
CA ARG D 222 -10.95 37.40 -86.01
C ARG D 222 -10.11 37.90 -87.19
N ILE D 223 -10.67 38.84 -87.94
CA ILE D 223 -9.95 39.52 -89.01
C ILE D 223 -10.08 41.01 -88.75
N GLY D 224 -9.30 41.78 -89.52
CA GLY D 224 -9.33 43.25 -89.53
C GLY D 224 -8.31 43.90 -88.63
N ASN D 225 -8.09 45.19 -88.89
CA ASN D 225 -7.25 46.04 -88.05
C ASN D 225 -8.03 46.67 -86.92
N GLU D 226 -7.41 46.71 -85.74
CA GLU D 226 -8.04 47.32 -84.57
C GLU D 226 -7.03 48.20 -83.87
N ILE D 227 -7.43 49.44 -83.59
CA ILE D 227 -6.61 50.40 -82.86
C ILE D 227 -7.29 50.66 -81.53
N ILE D 228 -6.53 50.47 -80.45
CA ILE D 228 -7.00 50.66 -79.07
C ILE D 228 -6.23 51.82 -78.48
N GLU D 229 -6.92 52.70 -77.75
CA GLU D 229 -6.24 53.80 -77.02
C GLU D 229 -5.76 53.23 -75.67
N THR D 230 -4.45 53.04 -75.52
CA THR D 230 -3.84 52.53 -74.29
C THR D 230 -3.31 53.65 -73.43
N GLU D 231 -2.97 53.29 -72.19
CA GLU D 231 -2.33 54.17 -71.18
C GLU D 231 -1.10 54.81 -71.69
N HIS D 232 -0.50 54.22 -72.73
CA HIS D 232 0.74 54.75 -73.35
C HIS D 232 0.57 55.24 -74.81
N GLY D 233 -0.66 55.27 -75.28
CA GLY D 233 -0.95 55.76 -76.68
C GLY D 233 -1.65 54.72 -77.51
N LYS D 234 -1.85 54.98 -78.79
CA LYS D 234 -2.48 54.01 -79.69
C LYS D 234 -1.67 52.72 -79.85
N SER D 235 -2.35 51.61 -79.94
CA SER D 235 -1.73 50.31 -80.16
C SER D 235 -2.60 49.66 -81.22
N GLU D 236 -1.97 49.03 -82.21
CA GLU D 236 -2.70 48.44 -83.29
C GLU D 236 -2.38 46.99 -83.53
N ILE D 237 -3.41 46.19 -83.77
CA ILE D 237 -3.23 44.82 -84.20
C ILE D 237 -4.00 44.58 -85.51
N LYS D 238 -3.38 43.84 -86.43
CA LYS D 238 -4.03 43.33 -87.62
C LYS D 238 -4.29 41.85 -87.36
N PHE D 239 -5.53 41.49 -87.10
CA PHE D 239 -5.89 40.08 -86.86
C PHE D 239 -5.77 39.29 -88.18
N TYR D 240 -5.18 38.07 -88.14
CA TYR D 240 -4.87 37.35 -89.37
C TYR D 240 -5.78 36.20 -89.85
N GLY D 241 -6.96 36.11 -89.29
CA GLY D 241 -7.87 35.09 -89.76
C GLY D 241 -7.27 33.71 -89.75
N ASN D 242 -7.32 33.04 -90.87
CA ASN D 242 -6.83 31.67 -90.96
C ASN D 242 -7.63 30.69 -90.10
N SER D 243 -8.90 31.02 -89.91
CA SER D 243 -9.83 30.12 -89.32
C SER D 243 -9.76 28.81 -90.15
N PHE D 244 -9.96 27.69 -89.47
CA PHE D 244 -9.84 26.44 -90.15
C PHE D 244 -10.49 25.32 -89.40
N ILE D 245 -10.68 24.25 -90.17
CA ILE D 245 -11.23 23.04 -89.60
C ILE D 245 -10.25 21.90 -89.94
N ALA D 246 -9.77 21.18 -88.90
CA ALA D 246 -8.86 20.07 -89.10
C ALA D 246 -9.58 18.71 -88.81
N GLY D 247 -9.15 17.65 -89.54
CA GLY D 247 -9.64 16.28 -89.36
C GLY D 247 -8.88 15.55 -88.28
N PRO D 248 -9.26 14.29 -88.04
CA PRO D 248 -8.65 13.53 -86.96
C PRO D 248 -7.20 13.10 -87.16
N THR D 249 -6.63 13.31 -88.37
CA THR D 249 -5.16 13.09 -88.53
C THR D 249 -4.36 14.45 -88.54
N GLY D 250 -5.05 15.53 -88.20
CA GLY D 250 -4.48 16.86 -88.28
C GLY D 250 -4.53 17.55 -89.67
N GLU D 251 -5.11 16.91 -90.69
CA GLU D 251 -5.21 17.52 -92.04
C GLU D 251 -6.19 18.68 -92.07
N ILE D 252 -5.78 19.81 -92.66
CA ILE D 252 -6.68 20.94 -92.76
C ILE D 252 -7.73 20.53 -93.83
N VAL D 253 -9.01 20.54 -93.53
CA VAL D 253 -10.02 20.19 -94.51
C VAL D 253 -10.67 21.44 -95.02
N SER D 254 -10.63 22.51 -94.25
CA SER D 254 -11.23 23.74 -94.69
C SER D 254 -10.48 24.88 -94.06
N ILE D 255 -10.16 25.90 -94.84
CA ILE D 255 -9.37 27.05 -94.31
C ILE D 255 -9.68 28.36 -95.00
N ALA D 256 -9.72 29.42 -94.20
CA ALA D 256 -9.98 30.80 -94.66
C ALA D 256 -8.68 31.58 -94.81
N ASP D 257 -8.72 32.67 -95.59
CA ASP D 257 -7.52 33.53 -95.77
C ASP D 257 -7.40 34.52 -94.58
N ASP D 258 -6.49 35.50 -94.71
CA ASP D 258 -6.23 36.46 -93.61
C ASP D 258 -7.02 37.76 -93.59
N LYS D 259 -7.97 37.89 -94.52
CA LYS D 259 -8.76 39.09 -94.55
C LYS D 259 -10.24 38.99 -94.96
N GLU D 260 -10.67 37.82 -95.50
CA GLU D 260 -12.06 37.56 -95.93
CA GLU D 260 -12.09 37.71 -95.90
C GLU D 260 -12.99 37.23 -94.77
N GLU D 261 -14.24 37.66 -94.87
CA GLU D 261 -15.27 37.28 -93.92
C GLU D 261 -15.50 35.83 -94.36
N ALA D 262 -15.73 34.90 -93.45
CA ALA D 262 -15.86 33.52 -93.91
C ALA D 262 -16.76 32.64 -93.11
N VAL D 263 -17.40 31.72 -93.82
CA VAL D 263 -18.21 30.68 -93.26
C VAL D 263 -17.58 29.35 -93.71
N LEU D 264 -16.93 28.61 -92.80
CA LEU D 264 -16.32 27.33 -93.19
C LEU D 264 -17.24 26.20 -92.73
N ILE D 265 -17.29 25.12 -93.52
CA ILE D 265 -18.17 23.98 -93.30
C ILE D 265 -17.47 22.60 -93.48
N ALA D 266 -17.69 21.68 -92.53
CA ALA D 266 -17.15 20.34 -92.63
C ALA D 266 -18.07 19.31 -92.01
N GLU D 267 -18.28 18.21 -92.71
CA GLU D 267 -19.03 17.11 -92.17
C GLU D 267 -18.06 16.02 -91.60
N PHE D 268 -18.38 15.49 -90.41
CA PHE D 268 -17.63 14.40 -89.81
C PHE D 268 -18.53 13.21 -89.41
N ASN D 269 -18.03 11.99 -89.69
CA ASN D 269 -18.71 10.80 -89.26
C ASN D 269 -18.10 10.41 -87.88
N LEU D 270 -18.79 10.75 -86.79
CA LEU D 270 -18.27 10.48 -85.45
C LEU D 270 -18.16 8.97 -85.08
N ASP D 271 -18.97 8.12 -85.67
CA ASP D 271 -18.83 6.71 -85.39
C ASP D 271 -17.57 6.14 -86.03
N LYS D 272 -17.29 6.53 -87.28
CA LYS D 272 -16.04 6.07 -87.93
C LYS D 272 -14.75 6.66 -87.31
N ILE D 273 -14.82 7.89 -86.89
CA ILE D 273 -13.67 8.54 -86.29
C ILE D 273 -13.42 7.89 -84.90
N LYS D 274 -14.48 7.65 -84.13
CA LYS D 274 -14.31 6.95 -82.84
C LYS D 274 -13.60 5.56 -83.09
N SER D 275 -14.06 4.84 -84.08
CA SER D 275 -13.50 3.53 -84.39
C SER D 275 -12.00 3.63 -84.77
N MET D 276 -11.70 4.65 -85.60
CA MET D 276 -10.34 4.92 -86.00
C MET D 276 -9.49 5.29 -84.78
N ARG D 277 -10.02 6.19 -83.95
CA ARG D 277 -9.31 6.66 -82.75
C ARG D 277 -8.91 5.50 -81.81
N HIS D 278 -9.84 4.57 -81.60
CA HIS D 278 -9.55 3.50 -80.74
C HIS D 278 -8.58 2.49 -81.34
N CYS D 279 -8.71 2.26 -82.62
CA CYS D 279 -7.90 1.33 -83.31
C CYS D 279 -6.45 1.77 -83.41
N TRP D 280 -6.19 3.10 -83.49
CA TRP D 280 -4.82 3.60 -83.61
C TRP D 280 -4.05 3.30 -82.30
N GLY D 281 -4.79 3.25 -81.19
CA GLY D 281 -4.32 2.75 -79.90
C GLY D 281 -3.64 3.68 -78.92
N VAL D 282 -3.50 4.97 -79.27
CA VAL D 282 -2.81 5.88 -78.38
C VAL D 282 -3.41 5.86 -76.97
N PHE D 283 -4.74 5.88 -76.85
CA PHE D 283 -5.38 5.85 -75.52
C PHE D 283 -5.24 4.54 -74.77
N ARG D 284 -5.11 3.46 -75.51
CA ARG D 284 -4.84 2.15 -74.93
C ARG D 284 -3.39 2.07 -74.34
N ASP D 285 -2.50 2.88 -74.88
CA ASP D 285 -1.08 2.81 -74.61
C ASP D 285 -0.48 3.88 -73.72
N ARG D 286 -1.29 4.87 -73.32
CA ARG D 286 -0.85 5.95 -72.44
C ARG D 286 -0.30 5.45 -71.12
N ARG D 287 0.60 6.24 -70.55
CA ARG D 287 1.32 5.84 -69.33
C ARG D 287 1.20 6.88 -68.22
N PRO D 288 -0.01 7.04 -67.65
CA PRO D 288 -0.19 8.06 -66.65
C PRO D 288 0.71 7.86 -65.43
N ASP D 289 1.18 6.65 -65.20
CA ASP D 289 2.09 6.37 -64.09
C ASP D 289 3.46 7.09 -64.27
N LEU D 290 3.73 7.55 -65.52
CA LEU D 290 4.97 8.23 -65.85
C LEU D 290 4.77 9.68 -66.15
N TYR D 291 3.54 10.18 -65.95
CA TYR D 291 3.19 11.58 -66.28
C TYR D 291 3.17 12.58 -65.09
N LYS D 292 3.57 12.13 -63.90
CA LYS D 292 3.56 13.03 -62.75
C LYS D 292 4.33 14.34 -62.97
N VAL D 293 5.45 14.28 -63.68
CA VAL D 293 6.23 15.49 -64.00
C VAL D 293 5.36 16.56 -64.70
N LEU D 294 4.25 16.17 -65.33
CA LEU D 294 3.37 17.15 -65.93
C LEU D 294 2.61 18.02 -64.91
N LEU D 295 2.59 17.59 -63.66
CA LEU D 295 1.98 18.36 -62.60
C LEU D 295 3.03 19.24 -61.90
N THR D 296 4.14 19.48 -62.58
CA THR D 296 5.14 20.44 -62.13
C THR D 296 5.22 21.54 -63.22
N LEU D 297 5.81 22.66 -62.83
CA LEU D 297 6.13 23.77 -63.73
C LEU D 297 7.62 23.70 -64.07
N ASP D 298 8.43 23.37 -63.06
CA ASP D 298 9.88 23.36 -63.18
C ASP D 298 10.53 22.02 -63.50
N GLY D 299 9.73 21.00 -63.78
CA GLY D 299 10.29 19.67 -64.11
C GLY D 299 10.72 18.86 -62.89
N LYS D 300 10.43 19.36 -61.74
CA LYS D 300 10.97 18.74 -60.51
C LYS D 300 9.94 18.78 -59.35
N ASN D 301 9.35 19.95 -59.07
CA ASN D 301 8.43 20.17 -57.95
C ASN D 301 6.95 20.14 -58.20
N PRO D 302 6.24 19.07 -57.72
CA PRO D 302 4.78 19.02 -57.90
C PRO D 302 4.12 20.28 -57.28
N VAL D 303 3.19 20.90 -57.99
CA VAL D 303 2.53 22.11 -57.47
C VAL D 303 1.57 21.71 -56.41
N LEU D 304 1.29 22.63 -55.48
CA LEU D 304 0.36 22.29 -54.36
C LEU D 304 -1.09 22.15 -54.84
N LYS E 8 13.15 39.46 -19.34
CA LYS E 8 13.46 37.99 -19.48
C LYS E 8 12.76 37.42 -20.71
N GLY E 9 13.47 36.54 -21.45
CA GLY E 9 12.95 35.88 -22.69
C GLY E 9 13.91 35.98 -23.86
N ARG E 10 13.77 35.08 -24.82
CA ARG E 10 14.56 35.18 -26.06
C ARG E 10 14.33 36.53 -26.68
N LYS E 11 15.39 37.28 -26.94
CA LYS E 11 15.26 38.56 -27.62
C LYS E 11 15.88 38.44 -29.01
N VAL E 12 15.35 39.19 -29.96
CA VAL E 12 15.89 39.20 -31.31
C VAL E 12 15.87 40.61 -31.82
N VAL E 13 17.00 41.07 -32.35
CA VAL E 13 17.05 42.39 -32.95
C VAL E 13 16.88 42.20 -34.46
N VAL E 14 15.87 42.85 -35.05
CA VAL E 14 15.62 42.77 -36.50
C VAL E 14 15.91 44.12 -37.14
N SER E 15 16.17 44.10 -38.46
CA SER E 15 16.54 45.30 -39.21
C SER E 15 15.97 45.37 -40.59
N ALA E 16 15.51 46.56 -40.99
CA ALA E 16 15.03 46.82 -42.37
C ALA E 16 16.04 47.80 -43.01
N LEU E 17 16.46 47.48 -44.24
CA LEU E 17 17.39 48.31 -44.96
C LEU E 17 16.65 48.96 -46.14
N GLN E 18 17.09 50.15 -46.51
CA GLN E 18 16.50 50.93 -47.59
C GLN E 18 17.60 51.64 -48.39
N PHE E 19 17.71 51.32 -49.69
CA PHE E 19 18.71 51.93 -50.54
C PHE E 19 18.31 52.01 -52.03
N ALA E 20 19.11 52.75 -52.78
CA ALA E 20 18.91 52.92 -54.21
C ALA E 20 19.78 51.94 -54.97
N CYS E 21 19.32 51.55 -56.17
CA CYS E 21 20.03 50.57 -56.99
C CYS E 21 20.44 51.13 -58.36
N THR E 22 21.61 50.70 -58.85
CA THR E 22 21.97 50.97 -60.26
C THR E 22 21.54 49.64 -60.92
N ASP E 23 21.91 49.42 -62.18
CA ASP E 23 21.59 48.14 -62.83
C ASP E 23 22.84 47.27 -62.94
N ASP E 24 23.86 47.57 -62.13
CA ASP E 24 25.05 46.75 -62.06
C ASP E 24 25.02 45.88 -60.76
N VAL E 25 25.04 44.56 -60.92
CA VAL E 25 24.96 43.64 -59.75
C VAL E 25 26.05 43.91 -58.75
N SER E 26 27.29 44.03 -59.23
CA SER E 26 28.42 44.21 -58.30
C SER E 26 28.27 45.40 -57.36
N THR E 27 27.79 46.52 -57.91
CA THR E 27 27.56 47.72 -57.14
C THR E 27 26.49 47.51 -56.08
N ASN E 28 25.39 46.87 -56.45
CA ASN E 28 24.27 46.73 -55.56
C ASN E 28 24.55 45.77 -54.44
N VAL E 29 25.20 44.66 -54.75
CA VAL E 29 25.57 43.71 -53.73
C VAL E 29 26.59 44.38 -52.79
N THR E 30 27.49 45.21 -53.33
CA THR E 30 28.44 45.94 -52.49
C THR E 30 27.70 46.87 -51.56
N THR E 31 26.64 47.50 -52.09
CA THR E 31 25.79 48.39 -51.30
C THR E 31 25.03 47.59 -50.19
N ALA E 32 24.50 46.44 -50.53
CA ALA E 32 23.77 45.64 -49.55
C ALA E 32 24.72 45.22 -48.42
N GLU E 33 25.91 44.75 -48.79
CA GLU E 33 26.92 44.34 -47.83
C GLU E 33 27.24 45.45 -46.82
N ARG E 34 27.45 46.68 -47.32
CA ARG E 34 27.76 47.84 -46.47
C ARG E 34 26.64 48.09 -45.47
N LEU E 35 25.41 47.98 -45.92
CA LEU E 35 24.28 48.21 -45.04
C LEU E 35 24.06 47.02 -44.07
N VAL E 36 24.29 45.79 -44.53
CA VAL E 36 24.18 44.62 -43.61
C VAL E 36 25.21 44.77 -42.50
N ARG E 37 26.40 45.23 -42.81
CA ARG E 37 27.41 45.43 -41.76
C ARG E 37 27.02 46.53 -40.79
N ALA E 38 26.39 47.59 -41.29
CA ALA E 38 26.01 48.70 -40.41
C ALA E 38 24.87 48.24 -39.47
N ALA E 39 23.98 47.40 -39.99
CA ALA E 39 22.90 46.88 -39.13
C ALA E 39 23.49 45.98 -38.03
N HIS E 40 24.45 45.13 -38.41
CA HIS E 40 25.12 44.24 -37.47
C HIS E 40 25.89 44.99 -36.44
N LYS E 41 26.47 46.14 -36.81
CA LYS E 41 27.20 46.96 -35.84
C LYS E 41 26.21 47.55 -34.80
N GLN E 42 25.00 47.87 -35.25
CA GLN E 42 23.92 48.34 -34.36
C GLN E 42 23.17 47.19 -33.60
N GLY E 43 23.68 45.95 -33.70
CA GLY E 43 23.14 44.79 -32.95
C GLY E 43 22.15 43.83 -33.64
N ALA E 44 21.99 43.96 -34.95
CA ALA E 44 21.04 43.13 -35.69
C ALA E 44 21.40 41.67 -35.79
N ASN E 45 20.39 40.83 -35.66
CA ASN E 45 20.52 39.40 -35.81
C ASN E 45 19.88 38.90 -37.13
N ILE E 46 18.86 39.62 -37.62
CA ILE E 46 18.22 39.28 -38.86
C ILE E 46 18.07 40.58 -39.63
N VAL E 47 18.60 40.58 -40.85
CA VAL E 47 18.65 41.82 -41.65
C VAL E 47 17.91 41.58 -42.94
N LEU E 48 17.01 42.49 -43.29
CA LEU E 48 16.21 42.35 -44.49
C LEU E 48 16.51 43.34 -45.65
N ILE E 49 16.97 42.76 -46.77
CA ILE E 49 17.25 43.48 -47.99
C ILE E 49 15.97 43.49 -48.94
N GLN E 50 15.70 44.67 -49.52
CA GLN E 50 14.58 44.94 -50.47
C GLN E 50 14.53 43.99 -51.70
N GLU E 51 13.35 43.90 -52.31
CA GLU E 51 13.13 43.01 -53.46
C GLU E 51 14.00 43.27 -54.71
N LEU E 52 14.46 42.19 -55.31
CA LEU E 52 15.26 42.19 -56.56
C LEU E 52 16.31 43.24 -56.57
N PHE E 53 17.00 43.34 -55.44
CA PHE E 53 18.03 44.35 -55.23
C PHE E 53 19.22 44.30 -56.15
N GLU E 54 19.48 43.15 -56.76
CA GLU E 54 20.60 43.01 -57.69
C GLU E 54 20.60 43.99 -58.88
N GLY E 55 19.46 44.60 -59.17
CA GLY E 55 19.40 45.56 -60.26
C GLY E 55 18.19 46.43 -60.21
N TYR E 56 17.96 47.14 -61.30
CA TYR E 56 16.75 47.97 -61.48
C TYR E 56 15.50 47.09 -61.40
N TYR E 57 14.38 47.72 -61.07
CA TYR E 57 13.11 47.02 -61.04
C TYR E 57 12.65 47.00 -62.50
N PHE E 58 13.10 45.94 -63.17
CA PHE E 58 13.01 45.81 -64.59
C PHE E 58 11.61 45.54 -65.12
N CYS E 59 10.71 45.16 -64.21
CA CYS E 59 9.33 44.83 -64.53
C CYS E 59 8.51 45.96 -65.03
N GLN E 60 9.05 47.16 -65.15
CA GLN E 60 8.29 48.23 -65.83
C GLN E 60 8.12 47.90 -67.32
N ALA E 61 9.04 47.07 -67.83
CA ALA E 61 9.06 46.65 -69.21
C ALA E 61 8.61 45.23 -69.28
N GLN E 62 8.08 44.85 -70.44
CA GLN E 62 7.75 43.49 -70.74
C GLN E 62 8.65 43.10 -71.90
N ARG E 63 9.89 42.71 -71.54
CA ARG E 63 10.93 42.42 -72.52
C ARG E 63 11.52 40.98 -72.53
N GLU E 64 11.59 40.40 -73.71
CA GLU E 64 12.18 39.05 -73.93
C GLU E 64 13.58 38.94 -73.24
N ASP E 65 14.43 39.92 -73.53
CA ASP E 65 15.78 39.89 -73.04
C ASP E 65 15.87 39.99 -71.51
N PHE E 66 14.96 40.73 -70.86
CA PHE E 66 14.96 40.78 -69.41
C PHE E 66 14.64 39.43 -68.75
N ILE E 67 13.91 38.55 -69.42
CA ILE E 67 13.64 37.26 -68.84
C ILE E 67 14.98 36.53 -68.55
N GLN E 68 15.96 36.75 -69.40
CA GLN E 68 17.25 36.11 -69.27
C GLN E 68 18.16 36.69 -68.15
N ARG E 69 17.63 37.60 -67.34
CA ARG E 69 18.34 38.04 -66.13
C ARG E 69 18.23 36.94 -65.08
N ALA E 70 17.31 35.99 -65.27
CA ALA E 70 17.14 34.97 -64.28
C ALA E 70 18.35 34.03 -64.19
N LYS E 71 18.52 33.41 -63.04
CA LYS E 71 19.63 32.49 -62.80
C LYS E 71 19.17 31.35 -61.96
N PRO E 72 19.79 30.18 -62.13
CA PRO E 72 19.36 29.06 -61.26
C PRO E 72 19.63 29.34 -59.75
N TYR E 73 18.83 28.75 -58.88
CA TYR E 73 19.04 28.77 -57.44
C TYR E 73 20.39 28.11 -57.14
N LYS E 74 20.66 26.98 -57.76
CA LYS E 74 21.90 26.27 -57.57
C LYS E 74 23.16 27.07 -57.96
N ASP E 75 24.09 27.15 -57.01
CA ASP E 75 25.35 27.88 -57.15
C ASP E 75 25.16 29.31 -57.63
N HIS E 76 24.25 30.02 -56.98
CA HIS E 76 23.96 31.41 -57.36
C HIS E 76 25.07 32.29 -56.83
N PRO E 77 25.68 33.14 -57.66
CA PRO E 77 26.83 33.90 -57.14
C PRO E 77 26.49 34.94 -56.08
N THR E 78 25.31 35.53 -56.14
CA THR E 78 24.89 36.49 -55.10
C THR E 78 24.53 35.75 -53.77
N ILE E 79 23.78 34.65 -53.85
CA ILE E 79 23.49 33.90 -52.62
C ILE E 79 24.81 33.42 -51.97
N MET E 80 25.74 32.91 -52.79
CA MET E 80 27.00 32.36 -52.27
C MET E 80 27.82 33.45 -51.62
N ARG E 81 27.84 34.62 -52.23
CA ARG E 81 28.56 35.74 -51.68
C ARG E 81 27.97 36.17 -50.33
N LEU E 82 26.65 36.23 -50.26
CA LEU E 82 25.98 36.61 -49.01
C LEU E 82 26.00 35.54 -47.91
N GLN E 83 26.15 34.27 -48.30
CA GLN E 83 26.29 33.19 -47.32
C GLN E 83 27.60 33.38 -46.51
N LYS E 84 28.65 33.89 -47.16
CA LYS E 84 29.92 34.18 -46.47
C LYS E 84 29.74 35.31 -45.46
N LEU E 85 28.99 36.33 -45.87
CA LEU E 85 28.72 37.45 -45.00
C LEU E 85 27.92 37.02 -43.75
N ALA E 86 26.85 36.25 -43.98
CA ALA E 86 26.00 35.77 -42.88
C ALA E 86 26.81 35.04 -41.83
N LYS E 87 27.66 34.15 -42.31
CA LYS E 87 28.49 33.35 -41.46
C LYS E 87 29.53 34.17 -40.74
N GLU E 88 30.16 35.10 -41.45
CA GLU E 88 31.16 35.98 -40.84
C GLU E 88 30.52 36.80 -39.71
N LEU E 89 29.34 37.32 -39.95
CA LEU E 89 28.68 38.18 -39.00
C LEU E 89 27.75 37.53 -37.97
N GLY E 90 27.34 36.29 -38.18
CA GLY E 90 26.35 35.65 -37.30
C GLY E 90 24.95 36.23 -37.56
N VAL E 91 24.66 36.52 -38.83
CA VAL E 91 23.39 37.18 -39.19
C VAL E 91 22.55 36.37 -40.16
N VAL E 92 21.24 36.46 -40.03
CA VAL E 92 20.27 35.79 -40.93
C VAL E 92 19.95 36.76 -42.03
N ILE E 93 20.06 36.29 -43.29
CA ILE E 93 19.90 37.17 -44.45
C ILE E 93 19.01 36.53 -45.54
N PRO E 94 17.73 36.94 -45.62
CA PRO E 94 16.89 36.48 -46.73
C PRO E 94 17.37 37.18 -48.02
N VAL E 95 17.69 36.41 -49.04
CA VAL E 95 18.25 36.95 -50.28
C VAL E 95 17.27 36.81 -51.42
N SER E 96 16.71 37.92 -51.83
CA SER E 96 15.79 37.96 -52.96
C SER E 96 16.54 37.82 -54.34
N PHE E 97 15.96 37.04 -55.28
CA PHE E 97 16.56 36.87 -56.64
C PHE E 97 15.56 36.36 -57.68
N PHE E 98 15.91 36.60 -58.96
CA PHE E 98 15.15 36.15 -60.12
C PHE E 98 15.63 34.74 -60.48
N GLU E 99 14.77 33.76 -60.26
CA GLU E 99 15.08 32.36 -60.41
C GLU E 99 14.66 31.75 -61.74
N GLU E 100 15.58 31.04 -62.37
CA GLU E 100 15.30 30.20 -63.53
C GLU E 100 15.32 28.73 -63.00
N ALA E 101 14.28 27.98 -63.33
CA ALA E 101 14.20 26.60 -62.92
C ALA E 101 13.68 25.81 -64.15
N ASN E 102 14.63 25.40 -64.97
CA ASN E 102 14.38 24.82 -66.28
C ASN E 102 13.61 25.91 -67.06
N ASN E 103 12.38 25.62 -67.53
CA ASN E 103 11.59 26.64 -68.33
C ASN E 103 10.68 27.46 -67.44
N ALA E 104 10.63 27.16 -66.16
CA ALA E 104 9.86 27.99 -65.24
C ALA E 104 10.71 29.15 -64.74
N HIS E 105 10.08 30.23 -64.29
CA HIS E 105 10.79 31.39 -63.73
C HIS E 105 10.03 31.89 -62.50
N TYR E 106 10.74 32.32 -61.48
CA TYR E 106 10.06 32.74 -60.29
C TYR E 106 10.73 33.94 -59.65
N ASN E 107 9.96 34.69 -58.90
CA ASN E 107 10.49 35.75 -58.09
C ASN E 107 10.72 35.03 -56.71
N SER E 108 11.97 34.78 -56.37
CA SER E 108 12.28 33.93 -55.22
C SER E 108 13.14 34.56 -54.17
N ILE E 109 13.24 33.84 -53.05
CA ILE E 109 14.02 34.30 -51.93
C ILE E 109 14.59 33.12 -51.19
N ALA E 110 15.89 33.14 -50.94
CA ALA E 110 16.56 32.05 -50.22
C ALA E 110 16.93 32.53 -48.80
N ILE E 111 16.67 31.72 -47.81
CA ILE E 111 16.89 32.14 -46.40
C ILE E 111 18.23 31.62 -45.95
N ILE E 112 19.13 32.53 -45.66
CA ILE E 112 20.44 32.18 -45.19
C ILE E 112 20.47 32.30 -43.69
N ASP E 113 20.86 31.22 -43.03
CA ASP E 113 20.93 31.18 -41.54
C ASP E 113 22.21 31.85 -41.04
N ALA E 114 22.25 32.13 -39.74
CA ALA E 114 23.38 32.77 -39.12
C ALA E 114 24.67 32.01 -39.21
N ASP E 115 24.63 30.74 -39.59
CA ASP E 115 25.89 29.97 -39.78
C ASP E 115 26.31 29.81 -41.23
N GLY E 116 25.62 30.50 -42.14
CA GLY E 116 25.92 30.45 -43.58
C GLY E 116 25.07 29.45 -44.38
N THR E 117 24.33 28.61 -43.66
CA THR E 117 23.50 27.54 -44.22
C THR E 117 22.29 28.05 -45.03
N ASP E 118 22.19 27.58 -46.28
CA ASP E 118 21.06 27.92 -47.18
C ASP E 118 19.94 27.03 -46.75
N LEU E 119 18.94 27.60 -46.07
CA LEU E 119 17.84 26.81 -45.48
C LEU E 119 16.71 26.49 -46.47
N GLY E 120 16.78 27.06 -47.68
CA GLY E 120 15.74 26.81 -48.71
C GLY E 120 15.12 28.06 -49.29
N ILE E 121 14.09 27.87 -50.12
CA ILE E 121 13.45 28.97 -50.76
C ILE E 121 11.96 29.09 -50.71
N TYR E 122 11.52 30.33 -50.92
CA TYR E 122 10.15 30.67 -51.08
C TYR E 122 10.01 31.33 -52.44
N ARG E 123 8.97 30.91 -53.16
CA ARG E 123 8.63 31.46 -54.50
C ARG E 123 7.37 32.30 -54.35
N LYS E 124 7.49 33.58 -54.68
CA LYS E 124 6.38 34.54 -54.61
C LYS E 124 5.09 33.96 -55.24
N SER E 125 4.00 34.08 -54.47
CA SER E 125 2.76 33.48 -54.76
C SER E 125 1.80 34.37 -55.47
N HIS E 126 1.72 35.63 -55.04
CA HIS E 126 0.77 36.56 -55.65
C HIS E 126 1.58 37.46 -56.57
N ILE E 127 1.27 37.46 -57.85
CA ILE E 127 2.06 38.20 -58.81
C ILE E 127 1.29 39.42 -59.32
N PRO E 128 1.85 40.63 -59.13
CA PRO E 128 1.15 41.86 -59.57
C PRO E 128 1.21 42.16 -61.06
N ASP E 129 0.41 43.12 -61.49
CA ASP E 129 0.37 43.44 -62.87
C ASP E 129 -0.13 44.86 -63.04
N GLY E 130 0.09 45.40 -64.25
CA GLY E 130 -0.33 46.76 -64.59
C GLY E 130 0.87 47.63 -64.91
N PRO E 131 0.62 48.83 -65.52
CA PRO E 131 1.72 49.72 -65.91
C PRO E 131 2.72 49.95 -64.78
N GLY E 132 3.98 49.65 -65.03
CA GLY E 132 5.09 49.83 -64.08
C GLY E 132 5.46 48.61 -63.30
N TYR E 133 4.51 47.67 -63.20
CA TYR E 133 4.65 46.49 -62.38
C TYR E 133 4.15 45.21 -63.10
N GLU E 134 4.70 44.99 -64.27
CA GLU E 134 4.33 43.94 -65.16
C GLU E 134 4.94 42.58 -64.77
N GLU E 135 4.84 42.24 -63.50
CA GLU E 135 5.43 41.05 -63.01
C GLU E 135 4.88 39.77 -63.57
N LYS E 136 3.63 39.80 -63.97
CA LYS E 136 2.99 38.61 -64.54
C LYS E 136 3.59 38.10 -65.83
N PHE E 137 4.31 38.98 -66.53
CA PHE E 137 4.93 38.64 -67.77
C PHE E 137 6.19 37.77 -67.51
N TYR E 138 6.81 37.99 -66.39
CA TYR E 138 8.06 37.32 -65.98
C TYR E 138 7.99 36.10 -65.08
N PHE E 139 7.04 36.06 -64.18
CA PHE E 139 7.07 35.01 -63.22
C PHE E 139 5.92 34.08 -63.16
N ASN E 140 6.17 32.78 -63.27
CA ASN E 140 5.14 31.81 -62.94
C ASN E 140 4.66 32.09 -61.49
N PRO E 141 3.36 32.00 -61.22
CA PRO E 141 2.96 32.06 -59.81
C PRO E 141 3.67 30.97 -58.95
N GLY E 142 4.14 31.37 -57.77
CA GLY E 142 4.90 30.49 -56.85
C GLY E 142 4.27 29.18 -56.56
N ASP E 143 5.06 28.13 -56.57
CA ASP E 143 4.51 26.80 -56.25
C ASP E 143 5.10 26.17 -54.95
N THR E 144 5.79 26.96 -54.09
CA THR E 144 6.24 26.45 -52.81
C THR E 144 5.15 26.50 -51.73
N GLY E 145 4.21 27.44 -51.90
CA GLY E 145 3.22 27.71 -50.87
C GLY E 145 3.90 28.56 -49.82
N PHE E 146 3.17 28.95 -48.81
CA PHE E 146 3.78 29.81 -47.74
C PHE E 146 4.62 28.96 -46.83
N LYS E 147 5.73 29.52 -46.39
CA LYS E 147 6.70 28.78 -45.61
C LYS E 147 7.19 29.49 -44.39
N VAL E 148 7.71 28.72 -43.45
CA VAL E 148 8.38 29.29 -42.29
C VAL E 148 9.70 28.60 -42.15
N PHE E 149 10.68 29.33 -41.65
CA PHE E 149 12.05 28.85 -41.59
C PHE E 149 12.57 28.95 -40.17
N GLN E 150 13.17 27.87 -39.70
CA GLN E 150 13.73 27.82 -38.35
C GLN E 150 15.16 28.33 -38.41
N THR E 151 15.38 29.56 -37.97
CA THR E 151 16.72 30.13 -37.94
C THR E 151 17.27 29.97 -36.56
N LYS E 152 18.48 30.46 -36.35
CA LYS E 152 19.12 30.36 -35.03
C LYS E 152 18.49 31.25 -34.01
N TYR E 153 17.73 32.26 -34.46
CA TYR E 153 17.15 33.25 -33.55
C TYR E 153 15.66 33.18 -33.46
N ALA E 154 15.02 32.50 -34.43
CA ALA E 154 13.55 32.46 -34.49
C ALA E 154 12.99 31.72 -35.68
N LYS E 155 11.73 31.31 -35.55
CA LYS E 155 10.99 30.78 -36.67
C LYS E 155 10.51 32.02 -37.37
N ILE E 156 10.87 32.19 -38.65
CA ILE E 156 10.45 33.33 -39.41
C ILE E 156 9.65 32.95 -40.66
N GLY E 157 8.77 33.86 -41.05
CA GLY E 157 7.98 33.74 -42.27
C GLY E 157 8.38 34.86 -43.19
N VAL E 158 8.83 34.50 -44.38
CA VAL E 158 9.26 35.47 -45.37
C VAL E 158 8.37 35.33 -46.60
N ALA E 159 7.75 36.42 -47.05
CA ALA E 159 7.06 36.45 -48.34
C ALA E 159 7.62 37.62 -49.08
N ILE E 160 7.08 37.92 -50.27
CA ILE E 160 7.71 38.91 -51.12
C ILE E 160 6.74 39.92 -51.67
N CYS E 161 7.12 41.20 -51.57
CA CYS E 161 6.40 42.35 -52.09
C CYS E 161 4.88 42.17 -52.14
N TRP E 162 4.31 42.00 -53.33
CA TRP E 162 2.86 41.92 -53.48
C TRP E 162 2.21 40.96 -52.53
N ASP E 163 2.90 39.88 -52.13
CA ASP E 163 2.32 38.97 -51.10
C ASP E 163 1.85 39.76 -49.86
N GLN E 164 2.49 40.90 -49.57
CA GLN E 164 2.18 41.71 -48.37
C GLN E 164 0.78 42.26 -48.32
N TRP E 165 0.06 42.24 -49.41
CA TRP E 165 -1.30 42.78 -49.42
C TRP E 165 -2.35 41.72 -49.02
N PHE E 166 -1.93 40.46 -48.93
CA PHE E 166 -2.82 39.34 -48.70
C PHE E 166 -2.79 38.82 -47.22
N PRO E 167 -3.91 39.01 -46.49
CA PRO E 167 -4.03 38.50 -45.11
C PRO E 167 -3.85 37.00 -45.09
N GLU E 168 -4.21 36.32 -46.16
CA GLU E 168 -4.06 34.88 -46.21
C GLU E 168 -2.60 34.45 -46.06
N ALA E 169 -1.68 35.20 -46.69
CA ALA E 169 -0.27 34.84 -46.63
C ALA E 169 0.27 35.00 -45.19
N ALA E 170 -0.06 36.13 -44.56
CA ALA E 170 0.44 36.37 -43.18
C ALA E 170 -0.16 35.37 -42.20
N ARG E 171 -1.43 35.02 -42.45
CA ARG E 171 -2.10 34.09 -41.58
C ARG E 171 -1.48 32.69 -41.76
N ALA E 172 -1.22 32.31 -43.00
CA ALA E 172 -0.64 31.00 -43.29
C ALA E 172 0.73 30.83 -42.55
N MET E 173 1.56 31.88 -42.59
CA MET E 173 2.83 31.84 -41.96
C MET E 173 2.67 31.74 -40.43
N ALA E 174 1.78 32.54 -39.86
CA ALA E 174 1.58 32.51 -38.43
C ALA E 174 1.07 31.13 -37.92
N LEU E 175 0.15 30.52 -38.66
CA LEU E 175 -0.40 29.25 -38.28
C LEU E 175 0.67 28.21 -38.24
N GLN E 176 1.69 28.39 -39.08
CA GLN E 176 2.85 27.48 -39.10
C GLN E 176 3.97 27.85 -38.06
N GLY E 177 3.69 28.78 -37.15
CA GLY E 177 4.65 29.13 -36.09
C GLY E 177 5.56 30.30 -36.38
N ALA E 178 5.34 31.05 -37.47
CA ALA E 178 6.16 32.27 -37.73
C ALA E 178 6.03 33.25 -36.53
N GLU E 179 7.18 33.67 -36.01
CA GLU E 179 7.26 34.60 -34.87
C GLU E 179 7.53 36.02 -35.31
N ILE E 180 7.95 36.17 -36.59
CA ILE E 180 8.21 37.46 -37.20
C ILE E 180 7.97 37.26 -38.71
N LEU E 181 7.35 38.27 -39.32
CA LEU E 181 7.08 38.28 -40.77
C LEU E 181 8.00 39.32 -41.43
N PHE E 182 8.48 38.99 -42.63
CA PHE E 182 9.39 39.79 -43.37
C PHE E 182 8.89 39.95 -44.82
N TYR E 183 8.87 41.17 -45.34
CA TYR E 183 8.46 41.43 -46.73
C TYR E 183 9.40 42.41 -47.44
N PRO E 184 10.31 41.87 -48.24
CA PRO E 184 11.13 42.70 -49.12
C PRO E 184 10.24 43.23 -50.24
N THR E 185 10.41 44.51 -50.54
CA THR E 185 9.49 45.25 -51.41
C THR E 185 10.15 46.14 -52.49
N ALA E 186 9.44 46.35 -53.56
CA ALA E 186 9.79 47.33 -54.60
C ALA E 186 8.51 48.06 -54.98
N ILE E 187 8.18 49.16 -54.29
CA ILE E 187 6.93 49.91 -54.61
C ILE E 187 7.07 51.42 -54.55
N GLY E 188 6.43 52.09 -55.51
CA GLY E 188 6.45 53.55 -55.62
C GLY E 188 5.30 54.08 -56.46
N SER E 189 5.57 55.16 -57.19
CA SER E 189 4.58 55.75 -58.09
C SER E 189 4.28 54.78 -59.23
N GLU E 190 3.24 55.11 -59.99
CA GLU E 190 2.81 54.30 -61.12
C GLU E 190 2.87 55.22 -62.36
N PRO E 191 3.55 54.77 -63.40
CA PRO E 191 3.90 55.65 -64.53
C PRO E 191 2.74 56.13 -65.38
N HIS E 192 1.61 55.46 -65.29
CA HIS E 192 0.46 55.87 -66.13
C HIS E 192 -0.41 56.92 -65.48
N ASP E 193 -0.29 57.11 -64.16
CA ASP E 193 -1.17 58.01 -63.43
C ASP E 193 -0.43 58.55 -62.19
N GLN E 194 -0.01 59.82 -62.33
CA GLN E 194 0.76 60.50 -61.30
C GLN E 194 -0.02 60.75 -60.00
N SER E 195 -1.35 60.60 -60.01
CA SER E 195 -2.18 60.87 -58.83
C SER E 195 -2.27 59.67 -57.86
N ILE E 196 -1.74 58.51 -58.26
CA ILE E 196 -1.80 57.34 -57.40
C ILE E 196 -0.64 57.45 -56.43
N ASP E 197 -0.97 57.37 -55.15
CA ASP E 197 0.01 57.39 -54.05
C ASP E 197 -0.44 56.32 -53.04
N SER E 198 0.19 55.18 -53.11
CA SER E 198 -0.27 54.04 -52.37
C SER E 198 0.38 53.82 -51.02
N ARG E 199 1.32 54.69 -50.62
CA ARG E 199 2.15 54.43 -49.41
C ARG E 199 1.37 54.26 -48.11
N ASP E 200 0.31 55.05 -47.93
CA ASP E 200 -0.47 54.97 -46.71
C ASP E 200 -1.31 53.71 -46.63
N HIS E 201 -1.93 53.38 -47.73
CA HIS E 201 -2.71 52.15 -47.91
C HIS E 201 -1.84 50.92 -47.68
N TRP E 202 -0.65 50.94 -48.28
CA TRP E 202 0.36 49.87 -48.21
C TRP E 202 0.74 49.56 -46.74
N LYS E 203 1.00 50.62 -45.96
CA LYS E 203 1.35 50.46 -44.54
C LYS E 203 0.20 49.89 -43.72
N ARG E 204 -0.97 50.49 -43.88
CA ARG E 204 -2.17 50.06 -43.13
C ARG E 204 -2.51 48.57 -43.31
N VAL E 205 -2.44 48.07 -44.53
CA VAL E 205 -2.75 46.69 -44.79
C VAL E 205 -1.76 45.78 -44.02
N MET E 206 -0.48 46.13 -44.06
CA MET E 206 0.54 45.38 -43.34
C MET E 206 0.40 45.47 -41.82
N GLN E 207 0.08 46.65 -41.32
CA GLN E 207 -0.14 46.82 -39.89
C GLN E 207 -1.28 45.93 -39.46
N GLY E 208 -2.23 45.74 -40.36
CA GLY E 208 -3.35 44.89 -40.08
C GLY E 208 -2.92 43.43 -39.88
N HIS E 209 -2.02 42.95 -40.75
CA HIS E 209 -1.53 41.61 -40.60
C HIS E 209 -0.78 41.43 -39.29
N ALA E 210 0.05 42.43 -38.94
CA ALA E 210 0.82 42.32 -37.72
C ALA E 210 -0.14 42.31 -36.50
N GLY E 211 -1.15 43.18 -36.48
CA GLY E 211 -2.11 43.20 -35.36
C GLY E 211 -3.06 41.98 -35.27
N ALA E 212 -3.45 41.45 -36.42
CA ALA E 212 -4.37 40.31 -36.44
C ALA E 212 -3.70 39.00 -36.07
N ASN E 213 -2.40 38.90 -36.27
CA ASN E 213 -1.68 37.68 -35.94
C ASN E 213 -0.81 37.84 -34.72
N LEU E 214 -0.74 39.06 -34.19
CA LEU E 214 0.10 39.39 -33.06
C LEU E 214 1.56 38.90 -33.23
N VAL E 215 2.14 39.34 -34.33
CA VAL E 215 3.53 39.05 -34.63
C VAL E 215 4.17 40.32 -35.22
N PRO E 216 5.41 40.63 -34.86
CA PRO E 216 6.08 41.76 -35.49
C PRO E 216 6.25 41.59 -37.01
N LEU E 217 6.43 42.70 -37.70
CA LEU E 217 6.51 42.65 -39.17
C LEU E 217 7.53 43.66 -39.69
N VAL E 218 8.33 43.21 -40.63
CA VAL E 218 9.41 44.01 -41.20
C VAL E 218 9.21 44.20 -42.71
N ALA E 219 9.30 45.44 -43.18
CA ALA E 219 9.15 45.71 -44.60
C ALA E 219 10.28 46.61 -45.09
N SER E 220 11.05 46.10 -46.03
CA SER E 220 12.18 46.82 -46.61
C SER E 220 11.79 47.22 -48.03
N ASN E 221 11.81 48.54 -48.31
CA ASN E 221 11.44 49.07 -49.63
C ASN E 221 12.53 49.90 -50.25
N ARG E 222 12.52 49.89 -51.58
CA ARG E 222 13.46 50.65 -52.44
C ARG E 222 13.19 52.18 -52.38
N ILE E 223 14.22 52.96 -52.68
CA ILE E 223 14.14 54.39 -52.87
C ILE E 223 14.82 54.73 -54.22
N GLY E 224 14.64 55.95 -54.67
CA GLY E 224 15.26 56.42 -55.92
C GLY E 224 14.30 56.40 -57.11
N ASN E 225 14.69 57.15 -58.14
CA ASN E 225 13.97 57.19 -59.40
C ASN E 225 14.64 56.24 -60.35
N GLU E 226 13.85 55.45 -61.09
CA GLU E 226 14.39 54.52 -62.07
C GLU E 226 13.62 54.69 -63.36
N ILE E 227 14.40 54.90 -64.43
CA ILE E 227 13.90 55.09 -65.79
C ILE E 227 14.33 53.90 -66.64
N ILE E 228 13.35 53.12 -67.10
CA ILE E 228 13.58 51.92 -67.92
C ILE E 228 13.08 52.12 -69.37
N GLU E 229 13.83 51.63 -70.35
CA GLU E 229 13.35 51.65 -71.72
C GLU E 229 12.41 50.45 -71.88
N THR E 230 11.19 50.72 -72.34
CA THR E 230 10.24 49.65 -72.55
C THR E 230 9.90 49.55 -74.01
N GLU E 231 9.12 48.54 -74.32
CA GLU E 231 8.61 48.32 -75.67
C GLU E 231 7.87 49.55 -76.23
N HIS E 232 7.39 50.44 -75.35
CA HIS E 232 6.69 51.67 -75.78
C HIS E 232 7.41 52.94 -75.32
N GLY E 233 8.71 52.85 -75.07
CA GLY E 233 9.52 54.05 -74.67
C GLY E 233 9.84 54.08 -73.18
N LYS E 234 10.30 55.25 -72.75
CA LYS E 234 10.72 55.43 -71.33
C LYS E 234 9.59 55.30 -70.35
N SER E 235 9.86 54.66 -69.21
CA SER E 235 8.91 54.55 -68.16
C SER E 235 9.69 54.86 -66.88
N GLU E 236 9.08 55.66 -66.00
CA GLU E 236 9.70 56.07 -64.76
C GLU E 236 8.88 55.76 -63.50
N ILE E 237 9.56 55.23 -62.49
CA ILE E 237 8.98 55.04 -61.16
C ILE E 237 9.83 55.76 -60.11
N LYS E 238 9.21 56.51 -59.22
CA LYS E 238 9.90 57.04 -58.04
C LYS E 238 9.55 56.13 -56.87
N PHE E 239 10.50 55.32 -56.45
CA PHE E 239 10.24 54.41 -55.31
C PHE E 239 10.15 55.23 -54.03
N TYR E 240 9.13 54.96 -53.22
CA TYR E 240 8.83 55.83 -52.04
C TYR E 240 9.38 55.38 -50.66
N GLY E 241 10.31 54.43 -50.64
CA GLY E 241 10.89 54.01 -49.37
C GLY E 241 9.83 53.71 -48.34
N ASN E 242 9.85 54.44 -47.23
CA ASN E 242 8.93 54.21 -46.12
C ASN E 242 9.10 52.82 -45.49
N SER E 243 10.31 52.25 -45.59
CA SER E 243 10.59 50.98 -44.94
C SER E 243 10.22 51.10 -43.49
N PHE E 244 9.75 50.03 -42.89
CA PHE E 244 9.31 50.14 -41.51
C PHE E 244 9.32 48.85 -40.74
N ILE E 245 9.31 48.96 -39.43
CA ILE E 245 9.16 47.80 -38.55
C ILE E 245 7.88 48.05 -37.70
N ALA E 246 6.99 47.06 -37.66
CA ALA E 246 5.76 47.15 -36.85
C ALA E 246 5.78 46.10 -35.77
N GLY E 247 5.32 46.46 -34.58
CA GLY E 247 5.21 45.52 -33.47
C GLY E 247 3.96 44.67 -33.59
N PRO E 248 3.71 43.83 -32.58
CA PRO E 248 2.58 42.88 -32.63
C PRO E 248 1.13 43.45 -32.50
N THR E 249 0.96 44.70 -32.12
CA THR E 249 -0.39 45.28 -32.15
C THR E 249 -0.48 46.19 -33.39
N GLY E 250 0.51 46.11 -34.28
CA GLY E 250 0.49 46.91 -35.51
C GLY E 250 1.12 48.30 -35.46
N GLU E 251 1.50 48.76 -34.26
CA GLU E 251 2.15 50.07 -34.09
C GLU E 251 3.48 50.11 -34.81
N ILE E 252 3.78 51.21 -35.50
CA ILE E 252 5.06 51.35 -36.19
C ILE E 252 6.09 51.74 -35.13
N VAL E 253 7.17 50.96 -34.99
CA VAL E 253 8.22 51.28 -34.02
C VAL E 253 9.45 51.94 -34.67
N SER E 254 9.61 51.75 -35.99
CA SER E 254 10.73 52.33 -36.76
C SER E 254 10.22 52.57 -38.13
N ILE E 255 10.54 53.75 -38.68
CA ILE E 255 10.12 54.08 -40.01
C ILE E 255 11.09 55.06 -40.67
N ALA E 256 11.36 54.82 -41.97
CA ALA E 256 12.24 55.68 -42.76
C ALA E 256 11.38 56.56 -43.60
N ASP E 257 11.97 57.62 -44.17
CA ASP E 257 11.21 58.54 -45.02
C ASP E 257 11.19 58.02 -46.47
N ASP E 258 10.84 58.89 -47.42
CA ASP E 258 10.74 58.45 -48.81
C ASP E 258 11.95 58.65 -49.71
N LYS E 259 13.05 59.16 -49.17
CA LYS E 259 14.21 59.42 -49.99
C LYS E 259 15.56 58.99 -49.43
N GLU E 260 15.66 58.89 -48.09
CA GLU E 260 16.93 58.61 -47.40
C GLU E 260 17.33 57.16 -47.46
N GLU E 261 18.62 56.93 -47.43
CA GLU E 261 19.16 55.61 -47.28
C GLU E 261 18.91 55.30 -45.79
N ALA E 262 18.50 54.08 -45.44
CA ALA E 262 18.21 53.83 -44.00
C ALA E 262 18.50 52.44 -43.50
N VAL E 263 18.87 52.39 -42.23
CA VAL E 263 19.09 51.15 -41.50
C VAL E 263 18.17 51.26 -40.29
N LEU E 264 17.09 50.49 -40.26
CA LEU E 264 16.15 50.49 -39.14
C LEU E 264 16.41 49.29 -38.18
N ILE E 265 16.37 49.55 -36.88
CA ILE E 265 16.63 48.54 -35.86
C ILE E 265 15.47 48.44 -34.90
N ALA E 266 15.11 47.21 -34.52
CA ALA E 266 14.12 47.03 -33.44
C ALA E 266 14.31 45.71 -32.72
N GLU E 267 14.25 45.75 -31.39
CA GLU E 267 14.36 44.56 -30.57
C GLU E 267 12.94 44.08 -30.14
N PHE E 268 12.69 42.76 -30.27
CA PHE E 268 11.46 42.13 -29.82
C PHE E 268 11.74 41.02 -28.78
N ASN E 269 10.90 40.95 -27.77
CA ASN E 269 11.02 39.86 -26.82
C ASN E 269 10.03 38.79 -27.26
N LEU E 270 10.56 37.74 -27.87
CA LEU E 270 9.71 36.73 -28.45
C LEU E 270 8.97 35.83 -27.46
N ASP E 271 9.46 35.66 -26.26
CA ASP E 271 8.67 34.88 -25.31
C ASP E 271 7.48 35.70 -24.83
N LYS E 272 7.65 36.99 -24.52
CA LYS E 272 6.50 37.83 -24.10
C LYS E 272 5.48 38.00 -25.22
N ILE E 273 5.94 38.10 -26.44
CA ILE E 273 5.02 38.26 -27.54
C ILE E 273 4.21 36.99 -27.76
N LYS E 274 4.85 35.84 -27.67
CA LYS E 274 4.16 34.54 -27.79
C LYS E 274 3.08 34.51 -26.75
N SER E 275 3.47 34.86 -25.56
CA SER E 275 2.58 34.88 -24.43
C SER E 275 1.43 35.89 -24.62
N MET E 276 1.72 37.08 -25.13
CA MET E 276 0.70 38.10 -25.46
C MET E 276 -0.25 37.51 -26.57
N ARG E 277 0.34 36.93 -27.62
CA ARG E 277 -0.44 36.34 -28.76
C ARG E 277 -1.44 35.26 -28.28
N HIS E 278 -0.99 34.32 -27.49
CA HIS E 278 -1.90 33.28 -26.99
C HIS E 278 -2.98 33.81 -26.08
N CYS E 279 -2.61 34.72 -25.20
CA CYS E 279 -3.53 35.36 -24.32
C CYS E 279 -4.68 36.04 -25.01
N TRP E 280 -4.39 36.77 -26.11
CA TRP E 280 -5.43 37.54 -26.84
C TRP E 280 -6.49 36.59 -27.45
N GLY E 281 -6.06 35.37 -27.72
CA GLY E 281 -6.96 34.29 -28.08
C GLY E 281 -7.43 34.11 -29.51
N VAL E 282 -6.98 34.94 -30.43
CA VAL E 282 -7.46 34.82 -31.74
C VAL E 282 -7.29 33.42 -32.33
N PHE E 283 -6.12 32.79 -32.12
CA PHE E 283 -5.88 31.43 -32.68
C PHE E 283 -6.71 30.35 -32.00
N ARG E 284 -7.12 30.61 -30.80
CA ARG E 284 -7.98 29.70 -30.07
C ARG E 284 -9.39 29.76 -30.61
N ASP E 285 -9.75 30.91 -31.21
CA ASP E 285 -11.14 31.22 -31.58
C ASP E 285 -11.44 31.14 -33.08
N ARG E 286 -10.44 30.83 -33.91
CA ARG E 286 -10.64 30.73 -35.34
C ARG E 286 -11.63 29.61 -35.63
N ARG E 287 -12.34 29.78 -36.74
CA ARG E 287 -13.39 28.89 -37.20
C ARG E 287 -13.10 28.34 -38.60
N PRO E 288 -12.02 27.51 -38.73
CA PRO E 288 -11.71 26.96 -40.06
C PRO E 288 -12.91 26.22 -40.71
N ASP E 289 -13.82 25.68 -39.91
CA ASP E 289 -15.02 25.09 -40.46
C ASP E 289 -15.93 26.08 -41.29
N LEU E 290 -15.71 27.39 -41.15
CA LEU E 290 -16.55 28.36 -41.81
C LEU E 290 -15.77 29.14 -42.82
N TYR E 291 -14.52 28.73 -43.09
CA TYR E 291 -13.63 29.46 -44.01
C TYR E 291 -13.51 28.84 -45.42
N LYS E 292 -14.37 27.90 -45.76
CA LYS E 292 -14.28 27.21 -47.06
C LYS E 292 -14.33 28.16 -48.24
N VAL E 293 -15.12 29.22 -48.13
CA VAL E 293 -15.25 30.20 -49.16
C VAL E 293 -13.91 30.83 -49.57
N LEU E 294 -12.93 30.81 -48.67
CA LEU E 294 -11.64 31.38 -49.00
C LEU E 294 -10.88 30.51 -50.01
N LEU E 295 -11.33 29.28 -50.24
CA LEU E 295 -10.71 28.44 -51.26
C LEU E 295 -11.41 28.68 -52.65
N THR E 296 -12.25 29.72 -52.74
CA THR E 296 -12.86 30.13 -54.00
C THR E 296 -12.22 31.46 -54.44
N LEU E 297 -12.34 31.77 -55.69
CA LEU E 297 -12.00 33.12 -56.20
C LEU E 297 -13.28 33.97 -56.27
N ASP E 298 -14.38 33.33 -56.63
CA ASP E 298 -15.63 34.06 -56.94
C ASP E 298 -16.71 34.06 -55.88
N GLY E 299 -16.38 33.55 -54.69
CA GLY E 299 -17.33 33.51 -53.58
C GLY E 299 -18.32 32.38 -53.57
N LYS E 300 -18.15 31.42 -54.50
CA LYS E 300 -19.07 30.25 -54.60
C LYS E 300 -18.39 28.91 -55.03
N ASN E 301 -17.54 28.96 -56.07
CA ASN E 301 -16.89 27.76 -56.67
C ASN E 301 -15.49 27.42 -56.15
N PRO E 302 -15.38 26.33 -55.39
CA PRO E 302 -14.03 25.98 -54.88
C PRO E 302 -13.09 25.66 -56.04
N VAL E 303 -11.83 26.11 -55.94
CA VAL E 303 -10.85 25.76 -56.98
C VAL E 303 -10.43 24.26 -56.87
N LEU E 304 -10.05 23.71 -58.02
CA LEU E 304 -9.62 22.30 -58.17
C LEU E 304 -8.22 22.09 -57.54
N ASP F 7 -19.45 63.56 -59.51
CA ASP F 7 -19.14 62.11 -59.69
C ASP F 7 -20.41 61.21 -59.84
N LYS F 8 -20.52 60.52 -60.99
CA LYS F 8 -21.65 59.59 -61.23
C LYS F 8 -21.41 58.25 -60.51
N GLY F 9 -22.50 57.53 -60.23
CA GLY F 9 -22.43 56.23 -59.55
C GLY F 9 -23.35 56.19 -58.34
N ARG F 10 -23.74 54.99 -57.95
CA ARG F 10 -24.60 54.79 -56.79
C ARG F 10 -23.91 55.28 -55.54
N LYS F 11 -24.62 56.11 -54.79
CA LYS F 11 -24.09 56.62 -53.56
C LYS F 11 -24.89 56.12 -52.41
N VAL F 12 -24.21 55.75 -51.37
CA VAL F 12 -24.87 55.32 -50.18
C VAL F 12 -24.22 56.08 -49.00
N VAL F 13 -25.05 56.52 -48.07
CA VAL F 13 -24.56 57.23 -46.89
C VAL F 13 -24.66 56.25 -45.74
N VAL F 14 -23.57 56.05 -44.99
CA VAL F 14 -23.60 55.12 -43.84
C VAL F 14 -23.41 55.84 -42.55
N SER F 15 -23.85 55.20 -41.45
CA SER F 15 -23.70 55.80 -40.13
C SER F 15 -23.33 54.82 -39.05
N ALA F 16 -22.53 55.33 -38.12
CA ALA F 16 -22.16 54.62 -36.90
C ALA F 16 -22.72 55.45 -35.77
N LEU F 17 -23.33 54.78 -34.81
CA LEU F 17 -23.91 55.42 -33.60
C LEU F 17 -23.11 54.95 -32.41
N GLN F 18 -23.04 55.78 -31.40
CA GLN F 18 -22.29 55.47 -30.20
C GLN F 18 -23.06 56.09 -29.04
N PHE F 19 -23.41 55.25 -28.05
CA PHE F 19 -24.16 55.71 -26.84
C PHE F 19 -23.98 54.80 -25.63
N ALA F 20 -24.42 55.29 -24.48
CA ALA F 20 -24.33 54.58 -23.20
C ALA F 20 -25.63 53.79 -22.94
N CYS F 21 -25.52 52.67 -22.22
CA CYS F 21 -26.68 51.84 -21.94
C CYS F 21 -26.98 51.69 -20.47
N THR F 22 -28.26 51.60 -20.13
CA THR F 22 -28.69 51.23 -18.80
C THR F 22 -28.97 49.73 -18.95
N ASP F 23 -29.58 49.09 -17.96
CA ASP F 23 -29.98 47.67 -18.12
C ASP F 23 -31.52 47.57 -18.31
N ASP F 24 -32.12 48.67 -18.74
CA ASP F 24 -33.53 48.71 -19.10
C ASP F 24 -33.71 48.69 -20.67
N VAL F 25 -34.35 47.65 -21.20
CA VAL F 25 -34.57 47.49 -22.64
C VAL F 25 -35.30 48.64 -23.29
N SER F 26 -36.41 49.07 -22.69
CA SER F 26 -37.20 50.17 -23.25
C SER F 26 -36.41 51.48 -23.30
N THR F 27 -35.58 51.74 -22.29
CA THR F 27 -34.75 52.98 -22.28
C THR F 27 -33.71 52.97 -23.44
N ASN F 28 -33.10 51.82 -23.66
CA ASN F 28 -32.07 51.65 -24.67
C ASN F 28 -32.59 51.62 -26.07
N VAL F 29 -33.81 51.12 -26.24
CA VAL F 29 -34.42 51.11 -27.59
C VAL F 29 -34.84 52.55 -27.96
N THR F 30 -35.27 53.32 -26.98
CA THR F 30 -35.64 54.73 -27.18
C THR F 30 -34.40 55.55 -27.54
N THR F 31 -33.27 55.18 -26.92
CA THR F 31 -32.01 55.84 -27.21
C THR F 31 -31.65 55.51 -28.64
N ALA F 32 -31.70 54.23 -28.98
CA ALA F 32 -31.37 53.83 -30.32
C ALA F 32 -32.29 54.53 -31.35
N GLU F 33 -33.60 54.56 -31.06
CA GLU F 33 -34.54 55.15 -31.97
C GLU F 33 -34.24 56.64 -32.19
N ARG F 34 -33.91 57.36 -31.10
CA ARG F 34 -33.56 58.79 -31.19
C ARG F 34 -32.35 59.01 -32.13
N LEU F 35 -31.28 58.25 -31.93
CA LEU F 35 -30.08 58.41 -32.73
C LEU F 35 -30.22 57.96 -34.21
N VAL F 36 -31.05 56.94 -34.48
CA VAL F 36 -31.32 56.52 -35.90
C VAL F 36 -32.04 57.66 -36.64
N ARG F 37 -33.00 58.31 -35.98
CA ARG F 37 -33.74 59.44 -36.57
C ARG F 37 -32.83 60.62 -36.84
N ALA F 38 -31.80 60.79 -35.99
CA ALA F 38 -30.82 61.88 -36.14
C ALA F 38 -29.90 61.57 -37.32
N ALA F 39 -29.46 60.32 -37.40
CA ALA F 39 -28.65 59.87 -38.52
C ALA F 39 -29.42 60.02 -39.83
N HIS F 40 -30.70 59.60 -39.83
CA HIS F 40 -31.57 59.77 -41.01
C HIS F 40 -31.68 61.24 -41.39
N LYS F 41 -31.81 62.09 -40.40
CA LYS F 41 -31.93 63.52 -40.63
C LYS F 41 -30.68 64.08 -41.29
N GLN F 42 -29.54 63.49 -41.02
CA GLN F 42 -28.33 63.91 -41.72
C GLN F 42 -28.10 63.11 -43.03
N GLY F 43 -29.10 62.36 -43.54
CA GLY F 43 -28.98 61.68 -44.84
C GLY F 43 -28.55 60.23 -44.88
N ALA F 44 -28.46 59.60 -43.72
CA ALA F 44 -28.04 58.23 -43.67
C ALA F 44 -29.05 57.23 -44.29
N ASN F 45 -28.52 56.26 -45.03
CA ASN F 45 -29.30 55.17 -45.65
C ASN F 45 -29.18 53.85 -44.85
N ILE F 46 -28.04 53.62 -44.23
CA ILE F 46 -27.79 52.43 -43.47
C ILE F 46 -27.18 52.93 -42.18
N VAL F 47 -27.76 52.52 -41.04
CA VAL F 47 -27.36 53.02 -39.71
C VAL F 47 -27.02 51.83 -38.80
N LEU F 48 -25.82 51.85 -38.20
CA LEU F 48 -25.36 50.76 -37.38
C LEU F 48 -25.41 51.02 -35.86
N ILE F 49 -26.26 50.26 -35.15
CA ILE F 49 -26.35 50.30 -33.68
C ILE F 49 -25.36 49.26 -33.04
N GLN F 50 -24.69 49.68 -31.95
CA GLN F 50 -23.74 48.80 -31.21
C GLN F 50 -24.28 47.42 -30.71
N GLU F 51 -23.36 46.51 -30.44
CA GLU F 51 -23.70 45.15 -30.03
C GLU F 51 -24.43 45.09 -28.66
N LEU F 52 -25.46 44.23 -28.60
CA LEU F 52 -26.27 43.97 -27.40
C LEU F 52 -26.77 45.20 -26.66
N PHE F 53 -27.11 46.22 -27.45
CA PHE F 53 -27.58 47.51 -26.95
C PHE F 53 -28.82 47.48 -26.09
N GLU F 54 -29.54 46.38 -26.08
CA GLU F 54 -30.77 46.29 -25.29
C GLU F 54 -30.51 46.32 -23.77
N GLY F 55 -29.28 46.06 -23.36
CA GLY F 55 -28.94 46.07 -21.95
C GLY F 55 -27.48 46.27 -21.73
N TYR F 56 -27.08 46.07 -20.47
CA TYR F 56 -25.68 46.15 -20.10
C TYR F 56 -24.90 45.08 -20.81
N TYR F 57 -23.59 45.27 -20.95
CA TYR F 57 -22.76 44.18 -21.47
C TYR F 57 -22.59 43.13 -20.29
N PHE F 58 -23.53 42.20 -20.24
CA PHE F 58 -23.65 41.23 -19.14
C PHE F 58 -22.64 40.10 -19.11
N CYS F 59 -21.86 39.99 -20.16
CA CYS F 59 -20.85 38.93 -20.24
C CYS F 59 -19.65 39.10 -19.26
N GLN F 60 -19.66 40.15 -18.41
CA GLN F 60 -18.64 40.26 -17.34
C GLN F 60 -18.86 39.16 -16.31
N ALA F 61 -20.11 38.70 -16.23
CA ALA F 61 -20.51 37.64 -15.33
C ALA F 61 -20.78 36.40 -16.17
N GLN F 62 -20.71 35.27 -15.49
CA GLN F 62 -21.07 33.96 -15.99
C GLN F 62 -22.20 33.52 -15.03
N ARG F 63 -23.41 34.03 -15.30
CA ARG F 63 -24.58 33.77 -14.47
C ARG F 63 -25.74 33.00 -15.10
N GLU F 64 -26.31 32.08 -14.35
CA GLU F 64 -27.44 31.27 -14.77
C GLU F 64 -28.62 32.14 -15.24
N ASP F 65 -28.99 33.11 -14.40
CA ASP F 65 -30.15 34.00 -14.68
C ASP F 65 -29.97 34.92 -15.87
N PHE F 66 -28.73 35.24 -16.23
CA PHE F 66 -28.45 36.12 -17.37
C PHE F 66 -28.66 35.36 -18.71
N ILE F 67 -28.62 34.02 -18.68
CA ILE F 67 -28.84 33.24 -19.91
C ILE F 67 -30.29 33.39 -20.36
N GLN F 68 -31.17 33.63 -19.40
CA GLN F 68 -32.58 33.74 -19.65
C GLN F 68 -33.01 35.09 -20.23
N ARG F 69 -32.06 35.98 -20.46
CA ARG F 69 -32.31 37.26 -21.15
C ARG F 69 -32.48 37.02 -22.69
N ALA F 70 -32.07 35.84 -23.15
CA ALA F 70 -32.19 35.47 -24.55
C ALA F 70 -33.64 35.32 -24.91
N LYS F 71 -33.93 35.64 -26.16
CA LYS F 71 -35.27 35.58 -26.70
C LYS F 71 -35.24 34.97 -28.08
N PRO F 72 -36.36 34.36 -28.52
CA PRO F 72 -36.36 33.79 -29.87
C PRO F 72 -36.24 34.83 -30.97
N TYR F 73 -35.77 34.39 -32.12
CA TYR F 73 -35.68 35.27 -33.30
C TYR F 73 -37.09 35.60 -33.79
N LYS F 74 -38.02 34.66 -33.65
CA LYS F 74 -39.39 34.88 -34.13
C LYS F 74 -40.13 35.78 -33.22
N ASP F 75 -40.77 36.81 -33.80
CA ASP F 75 -41.60 37.77 -33.03
C ASP F 75 -40.80 38.39 -31.87
N HIS F 76 -39.63 38.94 -32.20
CA HIS F 76 -38.79 39.54 -31.21
C HIS F 76 -39.30 40.98 -31.06
N PRO F 77 -39.70 41.38 -29.85
CA PRO F 77 -40.28 42.71 -29.72
C PRO F 77 -39.38 43.87 -30.19
N THR F 78 -38.07 43.75 -30.01
CA THR F 78 -37.15 44.81 -30.41
C THR F 78 -36.99 44.84 -31.92
N ILE F 79 -36.79 43.67 -32.53
CA ILE F 79 -36.66 43.59 -33.98
C ILE F 79 -37.92 44.12 -34.65
N MET F 80 -39.07 43.73 -34.13
CA MET F 80 -40.36 44.17 -34.66
C MET F 80 -40.56 45.66 -34.60
N ARG F 81 -40.13 46.28 -33.52
CA ARG F 81 -40.28 47.71 -33.36
C ARG F 81 -39.36 48.46 -34.28
N LEU F 82 -38.12 48.00 -34.40
CA LEU F 82 -37.17 48.65 -35.29
C LEU F 82 -37.49 48.42 -36.73
N GLN F 83 -38.24 47.34 -37.02
CA GLN F 83 -38.74 47.08 -38.41
C GLN F 83 -39.63 48.22 -38.86
N LYS F 84 -40.48 48.71 -37.95
CA LYS F 84 -41.40 49.80 -38.27
C LYS F 84 -40.66 51.13 -38.46
N LEU F 85 -39.59 51.32 -37.69
CA LEU F 85 -38.77 52.53 -37.81
C LEU F 85 -38.05 52.52 -39.15
N ALA F 86 -37.54 51.35 -39.51
CA ALA F 86 -36.83 51.19 -40.77
C ALA F 86 -37.75 51.52 -41.95
N LYS F 87 -38.97 51.01 -41.88
CA LYS F 87 -39.97 51.29 -42.90
C LYS F 87 -40.31 52.79 -42.87
N GLU F 88 -40.59 53.34 -41.70
CA GLU F 88 -40.93 54.76 -41.64
C GLU F 88 -39.90 55.66 -42.36
N LEU F 89 -38.64 55.40 -42.13
CA LEU F 89 -37.59 56.27 -42.60
C LEU F 89 -36.90 55.88 -43.90
N GLY F 90 -37.07 54.65 -44.34
CA GLY F 90 -36.36 54.19 -45.53
C GLY F 90 -34.87 53.96 -45.26
N VAL F 91 -34.54 53.39 -44.10
CA VAL F 91 -33.13 53.11 -43.73
C VAL F 91 -32.90 51.65 -43.39
N VAL F 92 -31.73 51.15 -43.69
CA VAL F 92 -31.36 49.79 -43.35
C VAL F 92 -30.85 49.75 -41.91
N ILE F 93 -31.36 48.81 -41.11
CA ILE F 93 -31.00 48.69 -39.66
C ILE F 93 -30.63 47.25 -39.19
N PRO F 94 -29.33 46.97 -39.02
CA PRO F 94 -28.96 45.67 -38.46
C PRO F 94 -29.29 45.68 -36.96
N VAL F 95 -30.04 44.69 -36.47
CA VAL F 95 -30.44 44.67 -35.09
C VAL F 95 -29.78 43.53 -34.28
N SER F 96 -28.86 43.92 -33.41
CA SER F 96 -28.12 42.97 -32.55
C SER F 96 -29.00 42.51 -31.39
N PHE F 97 -29.00 41.21 -31.11
CA PHE F 97 -29.80 40.63 -30.01
C PHE F 97 -29.29 39.28 -29.57
N PHE F 98 -29.66 38.91 -28.36
CA PHE F 98 -29.31 37.67 -27.73
C PHE F 98 -30.38 36.65 -28.08
N GLU F 99 -30.05 35.69 -28.95
CA GLU F 99 -31.02 34.71 -29.47
C GLU F 99 -31.14 33.38 -28.73
N GLU F 100 -32.38 32.98 -28.47
CA GLU F 100 -32.70 31.66 -27.91
C GLU F 100 -33.27 30.86 -29.08
N ALA F 101 -32.65 29.75 -29.45
CA ALA F 101 -33.14 28.87 -30.51
C ALA F 101 -33.16 27.45 -29.94
N ASN F 102 -34.24 27.14 -29.25
CA ASN F 102 -34.36 25.85 -28.49
C ASN F 102 -33.34 25.85 -27.32
N ASN F 103 -32.43 24.88 -27.29
CA ASN F 103 -31.41 24.84 -26.23
C ASN F 103 -30.09 25.51 -26.67
N ALA F 104 -30.00 25.88 -27.95
CA ALA F 104 -28.85 26.64 -28.44
C ALA F 104 -29.07 28.11 -28.13
N HIS F 105 -27.99 28.87 -27.96
CA HIS F 105 -28.07 30.32 -27.74
C HIS F 105 -27.00 30.96 -28.57
N TYR F 106 -27.28 32.13 -29.11
CA TYR F 106 -26.36 32.83 -29.99
C TYR F 106 -26.34 34.31 -29.79
N ASN F 107 -25.27 34.93 -30.25
CA ASN F 107 -25.15 36.37 -30.29
C ASN F 107 -25.45 36.68 -31.79
N SER F 108 -26.66 37.12 -32.05
CA SER F 108 -27.13 37.27 -33.43
C SER F 108 -27.43 38.69 -33.88
N ILE F 109 -27.67 38.83 -35.18
CA ILE F 109 -28.03 40.12 -35.75
C ILE F 109 -29.01 39.92 -36.92
N ALA F 110 -30.10 40.67 -36.90
CA ALA F 110 -31.15 40.58 -37.92
C ALA F 110 -31.03 41.80 -38.79
N ILE F 111 -31.02 41.61 -40.09
CA ILE F 111 -30.81 42.72 -41.01
C ILE F 111 -32.14 43.20 -41.55
N ILE F 112 -32.56 44.39 -41.13
CA ILE F 112 -33.83 44.95 -41.60
C ILE F 112 -33.58 45.87 -42.79
N ASP F 113 -34.25 45.60 -43.90
CA ASP F 113 -34.09 46.38 -45.15
C ASP F 113 -34.82 47.69 -45.01
N ALA F 114 -34.57 48.61 -45.94
CA ALA F 114 -35.19 49.94 -45.94
C ALA F 114 -36.69 49.99 -46.15
N ASP F 115 -37.29 48.84 -46.53
CA ASP F 115 -38.76 48.73 -46.63
C ASP F 115 -39.38 47.98 -45.43
N GLY F 116 -38.62 47.78 -44.36
CA GLY F 116 -39.13 47.07 -43.14
C GLY F 116 -38.95 45.52 -43.12
N THR F 117 -38.56 44.95 -44.27
CA THR F 117 -38.39 43.50 -44.44
C THR F 117 -37.18 42.93 -43.69
N ASP F 118 -37.42 41.80 -43.02
CA ASP F 118 -36.37 41.08 -42.29
C ASP F 118 -35.73 40.15 -43.32
N LEU F 119 -34.49 40.44 -43.66
CA LEU F 119 -33.78 39.70 -44.64
C LEU F 119 -33.09 38.45 -44.08
N GLY F 120 -33.02 38.30 -42.76
CA GLY F 120 -32.37 37.13 -42.15
C GLY F 120 -31.34 37.47 -41.08
N ILE F 121 -30.67 36.44 -40.61
CA ILE F 121 -29.73 36.60 -39.53
C ILE F 121 -28.37 36.07 -39.77
N TYR F 122 -27.44 36.69 -39.04
CA TYR F 122 -26.08 36.25 -38.95
C TYR F 122 -25.88 35.92 -37.42
N ARG F 123 -25.21 34.80 -37.15
CA ARG F 123 -24.89 34.37 -35.81
C ARG F 123 -23.36 34.52 -35.61
N LYS F 124 -22.96 35.28 -34.60
CA LYS F 124 -21.52 35.53 -34.28
C LYS F 124 -20.74 34.23 -34.35
N SER F 125 -19.65 34.20 -35.15
CA SER F 125 -18.86 32.97 -35.34
C SER F 125 -17.71 32.79 -34.36
N HIS F 126 -16.99 33.87 -34.09
CA HIS F 126 -15.84 33.81 -33.20
C HIS F 126 -16.28 34.29 -31.81
N ILE F 127 -16.15 33.45 -30.79
CA ILE F 127 -16.66 33.80 -29.44
C ILE F 127 -15.50 34.10 -28.43
N PRO F 128 -15.44 35.34 -27.93
CA PRO F 128 -14.31 35.75 -27.10
C PRO F 128 -14.37 35.19 -25.69
N ASP F 129 -13.31 35.39 -24.92
CA ASP F 129 -13.28 34.82 -23.54
C ASP F 129 -12.28 35.56 -22.69
N GLY F 130 -12.48 35.46 -21.39
CA GLY F 130 -11.59 36.04 -20.42
C GLY F 130 -12.33 36.95 -19.50
N PRO F 131 -11.63 37.46 -18.52
CA PRO F 131 -12.29 38.36 -17.60
C PRO F 131 -12.93 39.59 -18.28
N GLY F 132 -14.18 39.85 -17.90
CA GLY F 132 -14.96 40.93 -18.44
C GLY F 132 -15.69 40.58 -19.75
N TYR F 133 -15.22 39.56 -20.49
CA TYR F 133 -15.82 39.22 -21.76
C TYR F 133 -15.99 37.68 -21.89
N GLU F 134 -16.66 37.11 -20.90
CA GLU F 134 -16.87 35.63 -20.81
C GLU F 134 -18.00 35.15 -21.75
N GLU F 135 -17.92 35.59 -23.02
CA GLU F 135 -18.96 35.28 -24.02
C GLU F 135 -19.18 33.80 -24.24
N LYS F 136 -18.09 33.06 -24.17
CA LYS F 136 -18.14 31.61 -24.39
C LYS F 136 -19.09 30.81 -23.45
N PHE F 137 -19.53 31.43 -22.34
CA PHE F 137 -20.47 30.79 -21.39
C PHE F 137 -21.96 30.97 -21.85
N TYR F 138 -22.20 31.94 -22.73
CA TYR F 138 -23.57 32.29 -23.17
C TYR F 138 -23.95 31.84 -24.57
N PHE F 139 -23.00 31.88 -25.48
CA PHE F 139 -23.32 31.68 -26.88
C PHE F 139 -22.62 30.52 -27.53
N ASN F 140 -23.41 29.68 -28.20
CA ASN F 140 -22.84 28.65 -29.04
C ASN F 140 -22.11 29.41 -30.13
N PRO F 141 -21.02 28.83 -30.62
CA PRO F 141 -20.36 29.41 -31.78
C PRO F 141 -21.34 29.36 -32.98
N GLY F 142 -21.48 30.49 -33.68
CA GLY F 142 -22.40 30.66 -34.81
C GLY F 142 -22.30 29.58 -35.87
N ASP F 143 -23.46 29.21 -36.43
CA ASP F 143 -23.56 28.17 -37.44
C ASP F 143 -24.19 28.62 -38.75
N THR F 144 -24.35 29.92 -38.93
CA THR F 144 -24.85 30.47 -40.19
C THR F 144 -23.71 30.62 -41.20
N GLY F 145 -22.48 30.86 -40.71
CA GLY F 145 -21.35 31.16 -41.59
C GLY F 145 -21.39 32.64 -41.93
N PHE F 146 -20.38 33.12 -42.62
CA PHE F 146 -20.35 34.57 -42.99
C PHE F 146 -21.29 34.83 -44.13
N LYS F 147 -22.04 35.93 -44.01
CA LYS F 147 -23.11 36.24 -45.01
C LYS F 147 -23.09 37.62 -45.60
N VAL F 148 -23.76 37.76 -46.72
CA VAL F 148 -23.98 39.06 -47.31
C VAL F 148 -25.45 39.20 -47.58
N PHE F 149 -25.95 40.42 -47.45
CA PHE F 149 -27.32 40.72 -47.61
C PHE F 149 -27.54 41.74 -48.67
N GLN F 150 -28.50 41.47 -49.57
CA GLN F 150 -28.86 42.44 -50.61
C GLN F 150 -29.89 43.45 -50.07
N THR F 151 -29.46 44.68 -49.77
CA THR F 151 -30.38 45.71 -49.27
C THR F 151 -30.75 46.57 -50.43
N LYS F 152 -31.64 47.55 -50.22
CA LYS F 152 -32.04 48.44 -51.31
C LYS F 152 -30.91 49.33 -51.83
N TYR F 153 -29.92 49.63 -51.01
CA TYR F 153 -28.85 50.54 -51.38
C TYR F 153 -27.52 49.87 -51.71
N ALA F 154 -27.30 48.67 -51.17
CA ALA F 154 -26.04 47.99 -51.31
C ALA F 154 -26.09 46.56 -50.87
N LYS F 155 -25.14 45.80 -51.34
CA LYS F 155 -24.94 44.49 -50.85
C LYS F 155 -23.97 44.68 -49.67
N ILE F 156 -24.38 44.24 -48.47
CA ILE F 156 -23.58 44.47 -47.30
C ILE F 156 -23.17 43.22 -46.55
N GLY F 157 -22.07 43.34 -45.80
CA GLY F 157 -21.58 42.28 -44.94
C GLY F 157 -21.62 42.75 -43.49
N VAL F 158 -22.31 41.99 -42.64
CA VAL F 158 -22.40 42.30 -41.24
C VAL F 158 -21.86 41.15 -40.40
N ALA F 159 -20.89 41.45 -39.54
CA ALA F 159 -20.39 40.45 -38.57
C ALA F 159 -20.48 41.14 -37.19
N ILE F 160 -20.13 40.45 -36.11
CA ILE F 160 -20.32 41.00 -34.76
C ILE F 160 -19.06 41.03 -33.88
N CYS F 161 -18.87 42.17 -33.23
CA CYS F 161 -17.76 42.41 -32.27
C CYS F 161 -16.46 41.60 -32.50
N TRP F 162 -16.21 40.56 -31.68
CA TRP F 162 -14.97 39.76 -31.80
C TRP F 162 -14.65 39.29 -33.27
N ASP F 163 -15.68 39.07 -34.11
CA ASP F 163 -15.49 38.71 -35.52
C ASP F 163 -14.61 39.75 -36.22
N GLN F 164 -14.65 40.99 -35.75
CA GLN F 164 -13.87 42.07 -36.37
C GLN F 164 -12.33 41.91 -36.31
N TRP F 165 -11.85 40.99 -35.49
CA TRP F 165 -10.41 40.78 -35.35
C TRP F 165 -9.84 39.72 -36.34
N PHE F 166 -10.73 39.12 -37.12
CA PHE F 166 -10.38 38.03 -38.04
C PHE F 166 -10.46 38.42 -39.54
N PRO F 167 -9.30 38.50 -40.20
CA PRO F 167 -9.29 38.81 -41.65
C PRO F 167 -10.16 37.87 -42.45
N GLU F 168 -10.26 36.63 -42.00
CA GLU F 168 -11.01 35.62 -42.68
C GLU F 168 -12.43 36.03 -42.89
N ALA F 169 -13.01 36.68 -41.87
CA ALA F 169 -14.43 37.04 -41.94
C ALA F 169 -14.62 38.12 -42.93
N ALA F 170 -13.72 39.10 -42.93
CA ALA F 170 -13.85 40.22 -43.89
C ALA F 170 -13.72 39.74 -45.31
N ARG F 171 -12.74 38.90 -45.56
CA ARG F 171 -12.50 38.34 -46.88
C ARG F 171 -13.67 37.48 -47.39
N ALA F 172 -14.25 36.68 -46.48
CA ALA F 172 -15.38 35.82 -46.82
C ALA F 172 -16.54 36.62 -47.25
N MET F 173 -16.77 37.77 -46.57
CA MET F 173 -17.86 38.63 -46.96
C MET F 173 -17.56 39.37 -48.31
N ALA F 174 -16.34 39.87 -48.47
CA ALA F 174 -15.96 40.58 -49.71
C ALA F 174 -16.01 39.63 -50.95
N LEU F 175 -15.63 38.38 -50.74
CA LEU F 175 -15.61 37.41 -51.79
C LEU F 175 -17.01 37.15 -52.29
N GLN F 176 -17.97 37.32 -51.37
CA GLN F 176 -19.40 37.10 -51.72
C GLN F 176 -20.08 38.36 -52.19
N GLY F 177 -19.30 39.40 -52.47
CA GLY F 177 -19.85 40.64 -53.01
C GLY F 177 -20.24 41.72 -52.04
N ALA F 178 -19.87 41.63 -50.77
CA ALA F 178 -20.17 42.73 -49.82
C ALA F 178 -19.48 43.99 -50.31
N GLU F 179 -20.19 45.10 -50.30
CA GLU F 179 -19.63 46.39 -50.77
C GLU F 179 -19.26 47.32 -49.61
N ILE F 180 -19.77 46.99 -48.41
CA ILE F 180 -19.50 47.72 -47.17
C ILE F 180 -19.56 46.67 -46.07
N LEU F 181 -18.66 46.75 -45.11
CA LEU F 181 -18.65 45.86 -43.97
C LEU F 181 -19.10 46.64 -42.75
N PHE F 182 -19.86 45.97 -41.87
CA PHE F 182 -20.42 46.57 -40.64
C PHE F 182 -20.12 45.70 -39.42
N TYR F 183 -19.60 46.34 -38.35
CA TYR F 183 -19.28 45.61 -37.13
C TYR F 183 -19.78 46.28 -35.81
N PRO F 184 -20.97 45.88 -35.30
CA PRO F 184 -21.43 46.36 -33.99
C PRO F 184 -20.52 45.76 -32.87
N THR F 185 -20.09 46.60 -31.96
CA THR F 185 -19.04 46.25 -31.02
C THR F 185 -19.37 46.64 -29.55
N ALA F 186 -18.75 45.94 -28.60
CA ALA F 186 -18.79 46.31 -27.21
C ALA F 186 -17.39 46.02 -26.64
N ILE F 187 -16.49 46.99 -26.71
CA ILE F 187 -15.16 46.79 -26.21
C ILE F 187 -14.64 47.92 -25.37
N GLY F 188 -13.96 47.58 -24.27
CA GLY F 188 -13.38 48.60 -23.38
C GLY F 188 -12.17 48.10 -22.63
N SER F 189 -11.97 48.69 -21.47
CA SER F 189 -10.94 48.25 -20.54
C SER F 189 -11.23 46.79 -20.13
N GLU F 190 -10.27 46.16 -19.46
CA GLU F 190 -10.41 44.77 -19.00
C GLU F 190 -10.21 44.78 -17.50
N PRO F 191 -11.21 44.24 -16.73
CA PRO F 191 -11.32 44.36 -15.25
C PRO F 191 -10.16 43.82 -14.37
N HIS F 192 -9.48 42.82 -14.88
CA HIS F 192 -8.35 42.19 -14.15
C HIS F 192 -6.95 42.84 -14.36
N ASP F 193 -6.85 43.79 -15.30
CA ASP F 193 -5.55 44.40 -15.65
C ASP F 193 -5.81 45.76 -16.29
N GLN F 194 -5.74 46.81 -15.47
CA GLN F 194 -6.01 48.18 -15.94
C GLN F 194 -5.02 48.72 -16.99
N SER F 195 -3.84 48.13 -17.10
CA SER F 195 -2.83 48.55 -18.10
C SER F 195 -3.17 48.14 -19.57
N ILE F 196 -4.19 47.30 -19.74
CA ILE F 196 -4.59 46.87 -21.08
C ILE F 196 -5.43 47.99 -21.74
N ASP F 197 -4.97 48.47 -22.89
CA ASP F 197 -5.68 49.50 -23.66
C ASP F 197 -5.61 49.07 -25.13
N SER F 198 -6.67 48.41 -25.58
CA SER F 198 -6.75 47.80 -26.89
C SER F 198 -7.20 48.68 -28.05
N ARG F 199 -7.65 49.90 -27.78
CA ARG F 199 -8.28 50.75 -28.83
C ARG F 199 -7.48 50.97 -30.12
N ASP F 200 -6.18 51.18 -30.02
CA ASP F 200 -5.37 51.46 -31.19
C ASP F 200 -5.17 50.18 -31.99
N HIS F 201 -4.98 49.08 -31.25
CA HIS F 201 -4.82 47.76 -31.84
C HIS F 201 -6.10 47.36 -32.61
N TRP F 202 -7.23 47.64 -31.99
CA TRP F 202 -8.57 47.37 -32.50
C TRP F 202 -8.82 48.06 -33.83
N LYS F 203 -8.50 49.35 -33.90
CA LYS F 203 -8.68 50.12 -35.15
C LYS F 203 -7.77 49.65 -36.28
N ARG F 204 -6.49 49.47 -35.97
CA ARG F 204 -5.53 49.04 -36.98
C ARG F 204 -5.93 47.72 -37.63
N VAL F 205 -6.40 46.76 -36.85
CA VAL F 205 -6.82 45.47 -37.41
C VAL F 205 -7.99 45.64 -38.43
N MET F 206 -8.97 46.47 -38.09
CA MET F 206 -10.09 46.72 -38.97
C MET F 206 -9.70 47.60 -40.18
N GLN F 207 -8.83 48.58 -39.95
CA GLN F 207 -8.36 49.37 -41.07
C GLN F 207 -7.69 48.43 -42.06
N GLY F 208 -7.01 47.41 -41.53
CA GLY F 208 -6.39 46.40 -42.35
C GLY F 208 -7.40 45.69 -43.26
N HIS F 209 -8.54 45.28 -42.68
CA HIS F 209 -9.57 44.60 -43.46
C HIS F 209 -10.08 45.49 -44.60
N ALA F 210 -10.33 46.76 -44.28
CA ALA F 210 -10.88 47.69 -45.25
C ALA F 210 -9.88 47.86 -46.43
N GLY F 211 -8.60 48.04 -46.10
CA GLY F 211 -7.59 48.18 -47.09
C GLY F 211 -7.27 46.93 -47.87
N ALA F 212 -7.36 45.77 -47.23
CA ALA F 212 -7.05 44.55 -47.93
C ALA F 212 -8.13 44.09 -48.90
N ASN F 213 -9.39 44.47 -48.64
CA ASN F 213 -10.52 44.06 -49.48
C ASN F 213 -11.04 45.21 -50.39
N LEU F 214 -10.54 46.42 -50.15
CA LEU F 214 -10.99 47.63 -50.77
C LEU F 214 -12.48 47.81 -50.67
N VAL F 215 -12.94 47.79 -49.43
CA VAL F 215 -14.33 48.09 -49.06
C VAL F 215 -14.36 48.98 -47.83
N PRO F 216 -15.32 49.92 -47.75
CA PRO F 216 -15.45 50.74 -46.57
C PRO F 216 -15.97 49.90 -45.42
N LEU F 217 -15.81 50.40 -44.22
CA LEU F 217 -16.11 49.61 -43.03
C LEU F 217 -16.65 50.49 -41.92
N VAL F 218 -17.70 50.00 -41.24
CA VAL F 218 -18.37 50.74 -40.20
C VAL F 218 -18.31 49.97 -38.89
N ALA F 219 -17.81 50.65 -37.84
CA ALA F 219 -17.70 50.08 -36.52
C ALA F 219 -18.37 50.99 -35.52
N SER F 220 -19.35 50.44 -34.79
CA SER F 220 -20.11 51.17 -33.76
C SER F 220 -19.86 50.54 -32.42
N ASN F 221 -19.24 51.28 -31.51
CA ASN F 221 -18.88 50.76 -30.17
C ASN F 221 -19.55 51.56 -29.08
N ARG F 222 -19.77 50.89 -27.96
CA ARG F 222 -20.42 51.48 -26.79
C ARG F 222 -19.49 52.43 -26.00
N ILE F 223 -20.10 53.33 -25.22
CA ILE F 223 -19.37 54.20 -24.29
C ILE F 223 -19.92 53.95 -22.90
N GLY F 224 -19.24 54.53 -21.90
CA GLY F 224 -19.67 54.52 -20.52
C GLY F 224 -19.11 53.43 -19.65
N ASN F 225 -19.23 53.63 -18.32
CA ASN F 225 -18.82 52.67 -17.28
C ASN F 225 -19.99 51.78 -16.96
N GLU F 226 -19.73 50.47 -16.86
CA GLU F 226 -20.77 49.50 -16.48
C GLU F 226 -20.23 48.59 -15.38
N ILE F 227 -21.05 48.39 -14.35
CA ILE F 227 -20.67 47.61 -13.20
C ILE F 227 -21.67 46.50 -12.98
N ILE F 228 -21.18 45.28 -13.06
CA ILE F 228 -21.97 44.09 -12.96
C ILE F 228 -21.59 43.31 -11.72
N GLU F 229 -22.59 42.77 -11.04
CA GLU F 229 -22.33 41.83 -9.94
C GLU F 229 -22.09 40.44 -10.60
N THR F 230 -20.96 39.82 -10.24
CA THR F 230 -20.59 38.49 -10.74
C THR F 230 -20.51 37.49 -9.58
N GLU F 231 -20.25 36.24 -9.98
CA GLU F 231 -20.03 35.10 -9.09
C GLU F 231 -18.93 35.44 -8.10
N HIS F 232 -18.01 36.35 -8.48
CA HIS F 232 -16.93 36.79 -7.54
C HIS F 232 -17.02 38.26 -7.08
N GLY F 233 -18.17 38.91 -7.26
CA GLY F 233 -18.32 40.32 -6.83
C GLY F 233 -18.40 41.28 -8.02
N LYS F 234 -18.14 42.55 -7.78
CA LYS F 234 -18.22 43.57 -8.81
C LYS F 234 -17.13 43.50 -9.84
N SER F 235 -17.53 43.72 -11.08
CA SER F 235 -16.63 43.80 -12.20
C SER F 235 -17.04 45.08 -12.93
N GLU F 236 -16.05 45.84 -13.37
CA GLU F 236 -16.30 47.07 -14.03
C GLU F 236 -15.57 47.15 -15.40
N ILE F 237 -16.26 47.69 -16.40
CA ILE F 237 -15.67 47.94 -17.69
C ILE F 237 -15.96 49.37 -18.07
N LYS F 238 -14.92 50.06 -18.53
CA LYS F 238 -15.07 51.39 -19.09
C LYS F 238 -14.99 51.24 -20.64
N PHE F 239 -16.16 51.28 -21.28
CA PHE F 239 -16.26 51.17 -22.75
C PHE F 239 -15.62 52.38 -23.39
N TYR F 240 -14.80 52.13 -24.42
CA TYR F 240 -13.99 53.23 -24.93
C TYR F 240 -14.42 53.91 -26.26
N GLY F 241 -15.68 53.70 -26.66
CA GLY F 241 -16.19 54.35 -27.84
C GLY F 241 -15.23 54.24 -29.02
N ASN F 242 -14.81 55.35 -29.57
CA ASN F 242 -13.97 55.35 -30.76
C ASN F 242 -14.68 54.68 -31.93
N SER F 243 -15.99 54.81 -32.02
CA SER F 243 -16.70 54.31 -33.18
C SER F 243 -16.10 54.98 -34.38
N PHE F 244 -16.08 54.31 -35.51
CA PHE F 244 -15.50 54.93 -36.65
C PHE F 244 -16.01 54.39 -37.99
N ILE F 245 -15.68 55.14 -39.04
CA ILE F 245 -15.96 54.79 -40.43
C ILE F 245 -14.66 54.92 -41.20
N ALA F 246 -14.27 53.85 -41.87
CA ALA F 246 -13.07 53.80 -42.70
C ALA F 246 -13.41 53.61 -44.17
N GLY F 247 -12.61 54.22 -45.04
CA GLY F 247 -12.72 54.10 -46.47
C GLY F 247 -12.02 52.88 -47.00
N PRO F 248 -12.15 52.64 -48.31
CA PRO F 248 -11.61 51.44 -48.91
C PRO F 248 -10.04 51.34 -48.96
N THR F 249 -9.31 52.34 -48.52
CA THR F 249 -7.86 52.17 -48.35
C THR F 249 -7.50 52.07 -46.83
N GLY F 250 -8.52 52.02 -45.98
CA GLY F 250 -8.28 51.94 -44.53
C GLY F 250 -8.20 53.27 -43.85
N GLU F 251 -8.26 54.37 -44.61
CA GLU F 251 -8.23 55.72 -44.02
C GLU F 251 -9.49 55.96 -43.16
N ILE F 252 -9.29 56.48 -41.94
CA ILE F 252 -10.43 56.82 -41.07
C ILE F 252 -11.00 58.12 -41.61
N VAL F 253 -12.26 58.11 -42.04
CA VAL F 253 -12.93 59.33 -42.52
C VAL F 253 -13.78 60.05 -41.47
N SER F 254 -14.25 59.29 -40.51
CA SER F 254 -15.10 59.81 -39.45
C SER F 254 -14.76 59.03 -38.22
N ILE F 255 -14.63 59.73 -37.08
CA ILE F 255 -14.32 59.05 -35.83
C ILE F 255 -14.78 59.81 -34.61
N ALA F 256 -15.19 59.03 -33.60
CA ALA F 256 -15.71 59.57 -32.37
C ALA F 256 -14.66 59.39 -31.25
N ASP F 257 -14.81 60.15 -30.16
CA ASP F 257 -13.88 60.05 -29.02
C ASP F 257 -14.34 58.93 -28.03
N ASP F 258 -13.70 58.83 -26.87
CA ASP F 258 -14.00 57.75 -25.94
C ASP F 258 -15.08 57.98 -24.92
N LYS F 259 -15.84 59.07 -25.06
CA LYS F 259 -16.84 59.38 -24.04
C LYS F 259 -18.12 60.11 -24.51
N GLU F 260 -18.05 60.78 -25.65
CA GLU F 260 -19.20 61.54 -26.16
C GLU F 260 -20.20 60.56 -26.79
N GLU F 261 -21.47 60.95 -26.83
CA GLU F 261 -22.49 60.23 -27.59
C GLU F 261 -22.25 60.74 -29.04
N ALA F 262 -22.31 59.87 -30.06
CA ALA F 262 -21.99 60.31 -31.44
C ALA F 262 -22.86 59.75 -32.55
N VAL F 263 -22.98 60.55 -33.60
CA VAL F 263 -23.64 60.17 -34.85
C VAL F 263 -22.63 60.52 -35.93
N LEU F 264 -21.99 59.47 -36.48
CA LEU F 264 -20.99 59.57 -37.53
C LEU F 264 -21.66 59.34 -38.90
N ILE F 265 -21.21 60.11 -39.89
CA ILE F 265 -21.79 60.10 -41.24
C ILE F 265 -20.72 60.09 -42.34
N ALA F 266 -20.85 59.18 -43.31
CA ALA F 266 -19.95 59.14 -44.45
C ALA F 266 -20.69 58.68 -45.71
N GLU F 267 -20.38 59.36 -46.83
CA GLU F 267 -20.93 59.01 -48.13
C GLU F 267 -19.85 58.33 -49.00
N PHE F 268 -20.20 57.18 -49.57
CA PHE F 268 -19.30 56.44 -50.47
C PHE F 268 -19.95 56.26 -51.85
N ASN F 269 -19.16 56.34 -52.91
CA ASN F 269 -19.62 56.05 -54.29
C ASN F 269 -19.27 54.58 -54.61
N LEU F 270 -20.25 53.71 -54.49
CA LEU F 270 -20.00 52.32 -54.62
C LEU F 270 -19.50 51.89 -55.97
N ASP F 271 -19.93 52.58 -57.05
CA ASP F 271 -19.46 52.22 -58.41
C ASP F 271 -18.02 52.61 -58.57
N LYS F 272 -17.61 53.77 -58.08
CA LYS F 272 -16.17 54.13 -58.13
C LYS F 272 -15.28 53.20 -57.25
N ILE F 273 -15.76 52.82 -56.07
CA ILE F 273 -14.99 51.97 -55.20
C ILE F 273 -14.86 50.61 -55.83
N LYS F 274 -15.96 50.12 -56.42
CA LYS F 274 -15.96 48.83 -57.09
C LYS F 274 -14.87 48.82 -58.19
N SER F 275 -14.80 49.91 -58.92
CA SER F 275 -13.83 50.03 -60.00
C SER F 275 -12.38 50.05 -59.41
N MET F 276 -12.21 50.79 -58.32
CA MET F 276 -10.93 50.90 -57.66
C MET F 276 -10.50 49.51 -57.16
N ARG F 277 -11.44 48.79 -56.56
CA ARG F 277 -11.18 47.50 -56.01
C ARG F 277 -10.71 46.54 -57.05
N HIS F 278 -11.39 46.51 -58.16
CA HIS F 278 -11.01 45.61 -59.22
C HIS F 278 -9.67 45.96 -59.85
N CYS F 279 -9.47 47.26 -60.06
CA CYS F 279 -8.26 47.77 -60.61
C CYS F 279 -7.04 47.46 -59.74
N TRP F 280 -7.16 47.50 -58.40
CA TRP F 280 -5.98 47.18 -57.53
C TRP F 280 -5.54 45.72 -57.75
N GLY F 281 -6.50 44.87 -58.15
CA GLY F 281 -6.19 43.48 -58.57
C GLY F 281 -6.03 42.39 -57.49
N VAL F 282 -6.20 42.74 -56.24
CA VAL F 282 -6.01 41.70 -55.22
C VAL F 282 -6.91 40.45 -55.46
N PHE F 283 -8.15 40.68 -55.85
CA PHE F 283 -9.04 39.57 -56.10
C PHE F 283 -8.67 38.75 -57.34
N ARG F 284 -8.02 39.40 -58.30
CA ARG F 284 -7.55 38.74 -59.50
C ARG F 284 -6.34 37.83 -59.19
N ASP F 285 -5.52 38.23 -58.21
CA ASP F 285 -4.28 37.56 -57.91
C ASP F 285 -4.32 36.62 -56.74
N ARG F 286 -5.49 36.41 -56.11
CA ARG F 286 -5.54 35.49 -54.97
C ARG F 286 -5.16 34.07 -55.34
N ARG F 287 -4.60 33.34 -54.38
CA ARG F 287 -4.12 31.97 -54.64
C ARG F 287 -4.78 30.92 -53.73
N PRO F 288 -6.09 30.68 -53.94
CA PRO F 288 -6.79 29.72 -53.09
C PRO F 288 -6.19 28.31 -53.15
N ASP F 289 -5.50 27.95 -54.22
CA ASP F 289 -4.83 26.65 -54.24
C ASP F 289 -3.73 26.56 -53.15
N LEU F 290 -3.35 27.70 -52.57
CA LEU F 290 -2.28 27.73 -51.54
C LEU F 290 -2.80 28.10 -50.14
N TYR F 291 -4.14 28.18 -49.98
CA TYR F 291 -4.75 28.60 -48.76
C TYR F 291 -5.36 27.48 -47.84
N LYS F 292 -5.05 26.20 -48.12
CA LYS F 292 -5.60 25.08 -47.37
C LYS F 292 -5.23 25.08 -45.91
N VAL F 293 -4.03 25.58 -45.62
CA VAL F 293 -3.56 25.69 -44.28
C VAL F 293 -4.54 26.56 -43.46
N LEU F 294 -5.34 27.42 -44.13
CA LEU F 294 -6.30 28.25 -43.39
C LEU F 294 -7.47 27.39 -42.85
N LEU F 295 -7.57 26.15 -43.30
CA LEU F 295 -8.62 25.29 -42.82
C LEU F 295 -8.13 24.37 -41.65
N THR F 296 -6.96 24.68 -41.08
CA THR F 296 -6.43 24.01 -39.92
C THR F 296 -6.47 25.05 -38.77
N LEU F 297 -6.30 24.57 -37.57
CA LEU F 297 -6.14 25.41 -36.40
C LEU F 297 -4.65 25.46 -36.00
N ASP F 298 -3.95 24.34 -36.19
CA ASP F 298 -2.57 24.17 -35.73
C ASP F 298 -1.53 24.25 -36.85
N GLY F 299 -1.97 24.65 -38.04
CA GLY F 299 -1.07 24.76 -39.18
C GLY F 299 -0.58 23.47 -39.82
N LYS F 300 -1.19 22.34 -39.46
CA LYS F 300 -0.85 21.01 -40.05
C LYS F 300 -2.11 20.20 -40.44
N ASN F 301 -2.96 19.91 -39.44
CA ASN F 301 -4.20 19.09 -39.62
C ASN F 301 -5.47 19.84 -40.02
N PRO F 302 -6.10 19.48 -41.19
CA PRO F 302 -7.38 20.15 -41.58
C PRO F 302 -8.48 19.76 -40.63
N VAL F 303 -9.39 20.68 -40.31
CA VAL F 303 -10.54 20.31 -39.47
C VAL F 303 -11.57 19.49 -40.29
N LEU F 304 -12.36 18.67 -39.59
CA LEU F 304 -13.38 17.82 -40.21
C LEU F 304 -14.61 18.61 -40.74
N ARG G 10 -10.77 -14.35 -24.55
CA ARG G 10 -9.98 -13.05 -24.49
C ARG G 10 -10.36 -12.22 -23.23
N LYS G 11 -9.48 -12.25 -22.23
CA LYS G 11 -9.72 -11.62 -20.91
C LYS G 11 -8.79 -10.44 -20.60
N VAL G 12 -9.27 -9.25 -20.89
CA VAL G 12 -8.51 -8.04 -20.62
C VAL G 12 -8.86 -7.52 -19.23
N VAL G 13 -7.84 -7.23 -18.40
CA VAL G 13 -8.08 -6.59 -17.07
C VAL G 13 -7.86 -5.05 -17.23
N VAL G 14 -8.74 -4.25 -16.61
CA VAL G 14 -8.68 -2.77 -16.64
C VAL G 14 -8.70 -2.10 -15.25
N SER G 15 -8.07 -0.92 -15.14
CA SER G 15 -7.95 -0.19 -13.87
C SER G 15 -8.25 1.31 -13.89
N ALA G 16 -8.89 1.76 -12.80
CA ALA G 16 -9.19 3.17 -12.57
C ALA G 16 -8.32 3.60 -11.42
N LEU G 17 -7.64 4.74 -11.61
CA LEU G 17 -6.75 5.30 -10.58
C LEU G 17 -7.29 6.66 -10.09
N GLN G 18 -7.12 6.89 -8.80
CA GLN G 18 -7.63 8.06 -8.13
C GLN G 18 -6.65 8.56 -7.04
N PHE G 19 -6.03 9.70 -7.35
CA PHE G 19 -5.04 10.31 -6.47
C PHE G 19 -5.17 11.80 -6.43
N ALA G 20 -4.43 12.37 -5.48
CA ALA G 20 -4.35 13.79 -5.23
C ALA G 20 -3.10 14.31 -5.91
N CYS G 21 -3.20 15.56 -6.35
CA CYS G 21 -2.12 16.21 -7.03
C CYS G 21 -1.57 17.38 -6.23
N THR G 22 -0.27 17.62 -6.39
CA THR G 22 0.41 18.85 -5.91
C THR G 22 0.61 19.67 -7.21
N ASP G 23 1.23 20.86 -7.11
CA ASP G 23 1.47 21.65 -8.34
C ASP G 23 2.96 21.51 -8.73
N ASP G 24 3.39 20.25 -8.87
CA ASP G 24 4.77 19.92 -9.20
C ASP G 24 4.83 18.64 -10.11
N VAL G 25 5.19 18.85 -11.38
CA VAL G 25 5.24 17.78 -12.42
C VAL G 25 5.86 16.43 -11.99
N SER G 26 7.11 16.47 -11.54
CA SER G 26 7.85 15.27 -11.15
C SER G 26 7.26 14.49 -9.93
N THR G 27 6.72 15.19 -8.92
CA THR G 27 6.06 14.52 -7.77
C THR G 27 4.79 13.80 -8.30
N ASN G 28 4.03 14.47 -9.16
CA ASN G 28 2.78 13.89 -9.67
C ASN G 28 3.00 12.69 -10.54
N VAL G 29 3.93 12.83 -11.49
CA VAL G 29 4.33 11.70 -12.30
C VAL G 29 4.84 10.53 -11.38
N THR G 30 5.59 10.83 -10.30
CA THR G 30 5.99 9.80 -9.33
C THR G 30 4.74 9.08 -8.77
N THR G 31 3.66 9.84 -8.51
CA THR G 31 2.42 9.21 -7.97
C THR G 31 1.78 8.27 -8.95
N ALA G 32 1.57 8.74 -10.20
CA ALA G 32 0.98 7.90 -11.24
C ALA G 32 1.83 6.64 -11.43
N GLU G 33 3.14 6.84 -11.52
CA GLU G 33 4.13 5.75 -11.68
C GLU G 33 4.07 4.67 -10.57
N ARG G 34 3.68 5.07 -9.36
CA ARG G 34 3.58 4.15 -8.18
C ARG G 34 2.23 3.39 -8.18
N LEU G 35 1.17 4.10 -8.54
CA LEU G 35 -0.14 3.50 -8.68
C LEU G 35 -0.27 2.63 -9.98
N VAL G 36 0.38 3.01 -11.09
CA VAL G 36 0.38 2.16 -12.27
C VAL G 36 1.08 0.79 -11.94
N ARG G 37 2.26 0.82 -11.29
CA ARG G 37 3.02 -0.43 -10.89
C ARG G 37 2.21 -1.37 -9.99
N ALA G 38 1.34 -0.77 -9.15
CA ALA G 38 0.42 -1.51 -8.22
C ALA G 38 -0.75 -2.10 -9.03
N ALA G 39 -1.22 -1.34 -10.04
CA ALA G 39 -2.28 -1.84 -10.90
C ALA G 39 -1.74 -3.12 -11.53
N HIS G 40 -0.57 -3.01 -12.17
CA HIS G 40 0.13 -4.16 -12.83
C HIS G 40 0.32 -5.35 -11.90
N LYS G 41 0.55 -5.07 -10.60
CA LYS G 41 0.68 -6.10 -9.53
C LYS G 41 -0.69 -6.83 -9.34
N GLN G 42 -1.79 -6.07 -9.38
CA GLN G 42 -3.14 -6.62 -9.23
C GLN G 42 -3.67 -7.28 -10.53
N GLY G 43 -2.76 -7.30 -11.56
CA GLY G 43 -3.01 -7.95 -12.85
C GLY G 43 -3.47 -7.08 -14.02
N ALA G 44 -3.32 -5.76 -13.91
CA ALA G 44 -3.83 -4.85 -14.93
C ALA G 44 -3.14 -4.92 -16.33
N ASN G 45 -3.96 -4.84 -17.38
CA ASN G 45 -3.48 -4.82 -18.77
C ASN G 45 -3.54 -3.38 -19.27
N ILE G 46 -4.59 -2.67 -18.90
CA ILE G 46 -4.80 -1.29 -19.34
C ILE G 46 -5.04 -0.39 -18.14
N VAL G 47 -4.16 0.59 -17.93
CA VAL G 47 -4.20 1.49 -16.78
C VAL G 47 -4.60 2.92 -17.18
N LEU G 48 -5.61 3.48 -16.49
CA LEU G 48 -6.09 4.85 -16.81
C LEU G 48 -5.66 5.84 -15.78
N ILE G 49 -5.04 6.92 -16.25
CA ILE G 49 -4.61 7.99 -15.38
C ILE G 49 -5.56 9.20 -15.55
N GLN G 50 -5.99 9.79 -14.43
CA GLN G 50 -6.89 10.98 -14.40
C GLN G 50 -6.42 12.18 -15.24
N GLU G 51 -7.35 13.12 -15.51
CA GLU G 51 -7.11 14.29 -16.40
C GLU G 51 -6.09 15.30 -15.85
N LEU G 52 -5.20 15.77 -16.74
CA LEU G 52 -4.23 16.79 -16.39
C LEU G 52 -3.54 16.54 -14.99
N PHE G 53 -3.21 15.27 -14.72
CA PHE G 53 -2.55 14.85 -13.47
C PHE G 53 -1.14 15.42 -13.27
N GLU G 54 -0.54 15.96 -14.35
CA GLU G 54 0.80 16.62 -14.28
C GLU G 54 0.84 17.80 -13.31
N GLY G 55 -0.32 18.38 -13.00
CA GLY G 55 -0.38 19.47 -12.04
C GLY G 55 -1.76 19.69 -11.48
N TYR G 56 -1.90 20.78 -10.73
CA TYR G 56 -3.19 21.24 -10.17
C TYR G 56 -4.13 21.52 -11.37
N TYR G 57 -5.45 21.40 -11.12
CA TYR G 57 -6.45 21.74 -12.12
C TYR G 57 -6.48 23.29 -12.19
N PHE G 58 -5.60 23.80 -13.07
CA PHE G 58 -5.36 25.24 -13.25
C PHE G 58 -6.51 26.03 -13.89
N CYS G 59 -7.52 25.33 -14.43
CA CYS G 59 -8.64 25.99 -15.18
C CYS G 59 -9.67 26.79 -14.31
N GLN G 60 -9.41 26.91 -13.00
CA GLN G 60 -10.23 27.80 -12.09
C GLN G 60 -9.93 29.27 -12.40
N ALA G 61 -8.66 29.53 -12.75
CA ALA G 61 -8.21 30.84 -13.14
C ALA G 61 -8.19 30.93 -14.68
N GLN G 62 -8.16 32.17 -15.17
CA GLN G 62 -8.06 32.51 -16.57
C GLN G 62 -6.88 33.47 -16.60
N ARG G 63 -5.70 32.87 -16.62
CA ARG G 63 -4.44 33.57 -16.56
C ARG G 63 -3.62 33.30 -17.79
N GLU G 64 -2.96 34.36 -18.27
CA GLU G 64 -2.08 34.35 -19.44
C GLU G 64 -0.91 33.37 -19.23
N ASP G 65 -0.27 33.45 -18.05
CA ASP G 65 0.89 32.60 -17.80
C ASP G 65 0.54 31.09 -17.79
N PHE G 66 -0.65 30.75 -17.28
CA PHE G 66 -1.12 29.34 -17.27
C PHE G 66 -1.24 28.74 -18.69
N ILE G 67 -1.54 29.55 -19.70
CA ILE G 67 -1.60 29.01 -21.07
C ILE G 67 -0.20 28.44 -21.44
N GLN G 68 0.87 29.12 -20.99
CA GLN G 68 2.24 28.68 -21.24
C GLN G 68 2.67 27.42 -20.49
N ARG G 69 1.77 26.80 -19.72
CA ARG G 69 2.04 25.47 -19.14
C ARG G 69 1.96 24.38 -20.24
N ALA G 70 1.35 24.72 -21.38
CA ALA G 70 1.20 23.76 -22.47
C ALA G 70 2.58 23.40 -23.01
N LYS G 71 2.70 22.21 -23.61
CA LYS G 71 3.95 21.75 -24.26
C LYS G 71 3.61 21.00 -25.58
N PRO G 72 4.57 20.95 -26.53
CA PRO G 72 4.23 20.17 -27.72
C PRO G 72 4.05 18.68 -27.46
N TYR G 73 3.27 18.06 -28.33
CA TYR G 73 3.06 16.63 -28.29
C TYR G 73 4.43 15.92 -28.51
N LYS G 74 5.16 16.37 -29.54
CA LYS G 74 6.47 15.80 -29.93
C LYS G 74 7.51 15.85 -28.82
N ASP G 75 8.14 14.69 -28.59
CA ASP G 75 9.16 14.52 -27.56
C ASP G 75 8.68 15.16 -26.23
N HIS G 76 7.49 14.77 -25.77
CA HIS G 76 6.92 15.29 -24.50
C HIS G 76 7.59 14.50 -23.27
N PRO G 77 8.14 15.22 -22.27
CA PRO G 77 8.90 14.56 -21.18
C PRO G 77 8.12 13.55 -20.37
N THR G 78 6.83 13.82 -20.22
CA THR G 78 5.96 12.92 -19.48
C THR G 78 5.49 11.75 -20.33
N ILE G 79 5.17 12.00 -21.63
CA ILE G 79 4.78 10.91 -22.54
C ILE G 79 5.99 9.96 -22.55
N MET G 80 7.17 10.49 -22.89
CA MET G 80 8.44 9.72 -22.95
C MET G 80 8.77 8.84 -21.66
N ARG G 81 8.42 9.35 -20.49
CA ARG G 81 8.68 8.66 -19.23
C ARG G 81 7.63 7.54 -18.98
N LEU G 82 6.41 7.69 -19.50
CA LEU G 82 5.37 6.64 -19.32
C LEU G 82 5.47 5.57 -20.38
N GLN G 83 6.12 5.90 -21.49
CA GLN G 83 6.36 4.92 -22.54
C GLN G 83 7.37 3.88 -22.04
N LYS G 84 8.40 4.33 -21.33
CA LYS G 84 9.35 3.37 -20.75
C LYS G 84 8.59 2.43 -19.75
N LEU G 85 7.78 3.06 -18.87
CA LEU G 85 6.99 2.34 -17.80
C LEU G 85 5.96 1.36 -18.46
N ALA G 86 5.33 1.82 -19.55
CA ALA G 86 4.33 1.02 -20.21
C ALA G 86 4.96 -0.20 -20.81
N LYS G 87 6.12 0.00 -21.42
CA LYS G 87 6.85 -1.04 -22.14
C LYS G 87 7.41 -2.13 -21.21
N GLU G 88 7.92 -1.69 -20.08
CA GLU G 88 8.47 -2.59 -19.12
C GLU G 88 7.41 -3.53 -18.51
N LEU G 89 6.24 -2.97 -18.14
CA LEU G 89 5.13 -3.73 -17.47
C LEU G 89 4.33 -4.57 -18.46
N GLY G 90 4.13 -3.99 -19.64
CA GLY G 90 3.33 -4.59 -20.67
C GLY G 90 1.91 -4.13 -20.43
N VAL G 91 1.75 -2.82 -20.15
CA VAL G 91 0.41 -2.25 -19.96
C VAL G 91 0.16 -1.07 -20.87
N VAL G 92 -1.11 -0.93 -21.28
CA VAL G 92 -1.61 0.18 -22.12
C VAL G 92 -1.90 1.32 -21.13
N ILE G 93 -1.51 2.55 -21.50
CA ILE G 93 -1.65 3.72 -20.62
C ILE G 93 -2.00 4.98 -21.39
N PRO G 94 -3.27 5.45 -21.29
CA PRO G 94 -3.63 6.76 -21.83
C PRO G 94 -3.13 7.97 -20.95
N VAL G 95 -2.29 8.82 -21.59
CA VAL G 95 -1.61 10.00 -20.97
C VAL G 95 -2.17 11.42 -21.33
N SER G 96 -2.96 11.94 -20.36
CA SER G 96 -3.52 13.29 -20.37
C SER G 96 -2.45 14.43 -20.23
N PHE G 97 -2.50 15.40 -21.16
CA PHE G 97 -1.59 16.50 -21.10
C PHE G 97 -2.14 17.69 -21.84
N PHE G 98 -1.61 18.86 -21.46
CA PHE G 98 -1.95 20.14 -22.09
C PHE G 98 -1.04 20.31 -23.33
N GLU G 99 -1.64 20.28 -24.52
CA GLU G 99 -0.88 20.33 -25.78
C GLU G 99 -0.78 21.73 -26.41
N GLU G 100 0.42 22.09 -26.86
CA GLU G 100 0.66 23.32 -27.65
C GLU G 100 0.92 22.80 -29.08
N ALA G 101 0.33 23.45 -30.07
CA ALA G 101 0.55 23.08 -31.48
C ALA G 101 0.53 24.37 -32.31
N ASN G 102 1.74 24.93 -32.48
CA ASN G 102 1.95 26.24 -33.07
C ASN G 102 1.16 27.24 -32.19
N ASN G 103 0.14 27.88 -32.70
CA ASN G 103 -0.67 28.81 -31.88
C ASN G 103 -1.96 28.16 -31.30
N ALA G 104 -2.29 26.94 -31.74
CA ALA G 104 -3.42 26.19 -31.16
C ALA G 104 -2.99 25.59 -29.83
N HIS G 105 -3.99 25.26 -29.03
CA HIS G 105 -3.82 24.61 -27.72
C HIS G 105 -4.93 23.60 -27.51
N TYR G 106 -4.62 22.45 -26.92
CA TYR G 106 -5.66 21.45 -26.71
C TYR G 106 -5.54 20.75 -25.39
N ASN G 107 -6.66 20.15 -24.97
CA ASN G 107 -6.72 19.26 -23.82
C ASN G 107 -6.65 17.90 -24.58
N SER G 108 -5.52 17.19 -24.45
CA SER G 108 -5.24 16.01 -25.33
C SER G 108 -4.75 14.79 -24.56
N ILE G 109 -4.83 13.63 -25.23
CA ILE G 109 -4.39 12.42 -24.63
C ILE G 109 -3.61 11.51 -25.65
N ALA G 110 -2.46 11.01 -25.18
CA ALA G 110 -1.63 10.07 -25.99
C ALA G 110 -1.79 8.58 -25.49
N ILE G 111 -2.22 7.68 -26.40
CA ILE G 111 -2.43 6.27 -26.10
C ILE G 111 -1.11 5.49 -26.30
N ILE G 112 -0.47 5.08 -25.19
CA ILE G 112 0.78 4.33 -25.25
C ILE G 112 0.53 2.82 -25.04
N ASP G 113 0.71 2.06 -26.13
CA ASP G 113 0.48 0.59 -26.18
C ASP G 113 1.47 -0.22 -25.26
N ALA G 114 1.23 -1.56 -25.22
CA ALA G 114 1.98 -2.53 -24.41
C ALA G 114 3.48 -2.59 -24.67
N ASP G 115 3.90 -2.21 -25.86
CA ASP G 115 5.34 -2.15 -26.17
C ASP G 115 5.94 -0.72 -26.04
N GLY G 116 5.19 0.22 -25.44
CA GLY G 116 5.67 1.60 -25.30
C GLY G 116 5.37 2.45 -26.51
N THR G 117 4.92 1.82 -27.59
CA THR G 117 4.57 2.55 -28.82
C THR G 117 3.52 3.66 -28.52
N ASP G 118 3.75 4.86 -29.05
CA ASP G 118 2.78 5.96 -28.95
C ASP G 118 1.90 5.81 -30.22
N LEU G 119 0.61 5.44 -29.99
CA LEU G 119 -0.35 5.10 -31.08
C LEU G 119 -1.14 6.30 -31.63
N GLY G 120 -0.89 7.47 -31.08
CA GLY G 120 -1.57 8.63 -31.54
C GLY G 120 -2.24 9.39 -30.42
N ILE G 121 -2.91 10.43 -30.86
CA ILE G 121 -3.47 11.42 -29.99
C ILE G 121 -5.00 11.65 -30.21
N TYR G 122 -5.71 11.93 -29.12
CA TYR G 122 -7.12 12.40 -29.17
C TYR G 122 -7.18 13.79 -28.50
N ARG G 123 -7.91 14.71 -29.14
CA ARG G 123 -8.07 16.07 -28.62
C ARG G 123 -9.52 16.31 -28.13
N LYS G 124 -9.64 16.63 -26.84
CA LYS G 124 -10.94 16.96 -26.21
C LYS G 124 -11.82 17.80 -27.18
N SER G 125 -13.02 17.26 -27.47
CA SER G 125 -13.98 17.84 -28.40
C SER G 125 -14.94 18.86 -27.76
N HIS G 126 -15.52 18.48 -26.63
CA HIS G 126 -16.46 19.32 -25.90
C HIS G 126 -15.70 19.96 -24.72
N ILE G 127 -15.70 21.28 -24.68
CA ILE G 127 -14.93 22.05 -23.71
C ILE G 127 -15.86 22.71 -22.69
N PRO G 128 -15.69 22.35 -21.36
CA PRO G 128 -16.55 22.97 -20.36
C PRO G 128 -16.24 24.45 -20.11
N ASP G 129 -17.15 25.10 -19.38
CA ASP G 129 -17.00 26.49 -19.05
C ASP G 129 -17.82 26.82 -17.79
N GLY G 130 -17.34 27.83 -17.05
CA GLY G 130 -18.01 28.32 -15.85
C GLY G 130 -17.04 28.39 -14.69
N PRO G 131 -17.45 29.10 -13.58
CA PRO G 131 -16.61 29.25 -12.40
C PRO G 131 -15.99 27.91 -11.94
N GLY G 132 -14.66 27.90 -11.76
CA GLY G 132 -13.91 26.70 -11.38
C GLY G 132 -13.43 25.85 -12.58
N TYR G 133 -14.11 25.96 -13.73
CA TYR G 133 -13.83 25.08 -14.90
C TYR G 133 -13.75 25.87 -16.21
N GLU G 134 -12.92 26.92 -16.21
CA GLU G 134 -12.78 27.86 -17.35
C GLU G 134 -11.93 27.26 -18.45
N GLU G 135 -12.37 26.11 -18.94
CA GLU G 135 -11.60 25.40 -19.92
C GLU G 135 -11.66 26.04 -21.30
N LYS G 136 -12.73 26.79 -21.61
CA LYS G 136 -12.85 27.42 -22.95
C LYS G 136 -11.85 28.55 -23.16
N PHE G 137 -11.24 29.01 -22.06
CA PHE G 137 -10.25 30.07 -22.12
C PHE G 137 -8.91 29.48 -22.60
N TYR G 138 -8.68 28.20 -22.31
CA TYR G 138 -7.40 27.55 -22.66
C TYR G 138 -7.38 26.71 -23.92
N PHE G 139 -8.48 26.02 -24.21
CA PHE G 139 -8.46 25.02 -25.25
C PHE G 139 -9.28 25.33 -26.52
N ASN G 140 -8.66 25.13 -27.68
CA ASN G 140 -9.41 25.17 -28.90
C ASN G 140 -10.28 23.93 -28.78
N PRO G 141 -11.54 24.01 -29.27
CA PRO G 141 -12.27 22.75 -29.23
C PRO G 141 -11.58 21.77 -30.26
N GLY G 142 -11.43 20.51 -29.83
CA GLY G 142 -10.75 19.42 -30.58
C GLY G 142 -11.09 19.24 -32.08
N ASP G 143 -10.05 18.97 -32.85
CA ASP G 143 -10.16 18.76 -34.29
C ASP G 143 -9.75 17.33 -34.79
N THR G 144 -9.49 16.41 -33.86
CA THR G 144 -9.15 15.03 -34.25
C THR G 144 -10.41 14.23 -34.59
N GLY G 145 -11.53 14.58 -33.97
CA GLY G 145 -12.74 13.78 -34.06
C GLY G 145 -12.56 12.66 -32.99
N PHE G 146 -13.61 11.89 -32.73
CA PHE G 146 -13.57 10.78 -31.80
C PHE G 146 -12.79 9.61 -32.44
N LYS G 147 -11.92 8.99 -31.63
CA LYS G 147 -11.04 7.94 -32.11
C LYS G 147 -11.03 6.66 -31.28
N VAL G 148 -10.64 5.57 -31.96
CA VAL G 148 -10.48 4.26 -31.35
C VAL G 148 -9.03 3.85 -31.60
N PHE G 149 -8.46 3.27 -30.58
CA PHE G 149 -7.10 2.84 -30.64
C PHE G 149 -6.99 1.33 -30.49
N GLN G 150 -6.48 0.71 -31.55
CA GLN G 150 -6.24 -0.72 -31.60
C GLN G 150 -4.96 -1.03 -30.77
N THR G 151 -5.13 -1.58 -29.56
CA THR G 151 -3.96 -1.95 -28.72
C THR G 151 -3.84 -3.47 -28.68
N LYS G 152 -2.72 -3.96 -28.20
CA LYS G 152 -2.47 -5.41 -28.13
C LYS G 152 -3.60 -6.19 -27.36
N TYR G 153 -4.20 -5.53 -26.36
CA TYR G 153 -5.27 -6.14 -25.59
C TYR G 153 -6.66 -5.92 -26.18
N ALA G 154 -6.87 -4.79 -26.86
CA ALA G 154 -8.20 -4.47 -27.39
C ALA G 154 -8.26 -3.18 -28.22
N LYS G 155 -9.44 -2.96 -28.84
CA LYS G 155 -9.80 -1.68 -29.49
C LYS G 155 -10.42 -0.85 -28.34
N ILE G 156 -9.90 0.37 -28.11
CA ILE G 156 -10.41 1.18 -26.99
C ILE G 156 -10.84 2.59 -27.38
N GLY G 157 -12.01 2.98 -26.87
CA GLY G 157 -12.53 4.33 -27.03
C GLY G 157 -12.02 5.20 -25.89
N VAL G 158 -11.14 6.16 -26.20
CA VAL G 158 -10.60 7.10 -25.19
C VAL G 158 -11.07 8.54 -25.55
N ALA G 159 -11.81 9.15 -24.62
CA ALA G 159 -12.21 10.57 -24.80
C ALA G 159 -11.76 11.25 -23.50
N ILE G 160 -12.09 12.53 -23.29
CA ILE G 160 -11.61 13.27 -22.11
C ILE G 160 -12.72 14.08 -21.34
N CYS G 161 -12.68 13.92 -20.02
CA CYS G 161 -13.60 14.59 -19.00
C CYS G 161 -15.03 15.01 -19.49
N TRP G 162 -15.29 16.30 -19.67
CA TRP G 162 -16.58 16.81 -20.20
C TRP G 162 -17.18 15.95 -21.38
N ASP G 163 -16.31 15.35 -22.25
CA ASP G 163 -16.78 14.40 -23.34
C ASP G 163 -17.69 13.26 -22.77
N GLN G 164 -17.46 12.89 -21.51
CA GLN G 164 -18.23 11.82 -20.85
C GLN G 164 -19.74 12.13 -20.65
N TRP G 165 -20.12 13.40 -20.82
CA TRP G 165 -21.52 13.81 -20.68
C TRP G 165 -22.32 13.67 -21.98
N PHE G 166 -21.62 13.47 -23.10
CA PHE G 166 -22.24 13.43 -24.41
C PHE G 166 -22.41 12.04 -24.96
N PRO G 167 -23.68 11.60 -25.10
CA PRO G 167 -23.96 10.26 -25.69
C PRO G 167 -23.38 10.14 -27.13
N GLU G 168 -23.27 11.25 -27.82
CA GLU G 168 -22.75 11.22 -29.23
C GLU G 168 -21.32 10.71 -29.31
N ALA G 169 -20.52 11.04 -28.27
CA ALA G 169 -19.12 10.64 -28.22
C ALA G 169 -19.00 9.16 -28.00
N ALA G 170 -19.68 8.66 -26.97
CA ALA G 170 -19.73 7.22 -26.69
C ALA G 170 -20.24 6.40 -27.87
N ARG G 171 -21.29 6.88 -28.55
CA ARG G 171 -21.86 6.16 -29.69
C ARG G 171 -20.91 6.11 -30.91
N ALA G 172 -20.25 7.25 -31.17
CA ALA G 172 -19.30 7.35 -32.25
C ALA G 172 -18.13 6.37 -32.04
N MET G 173 -17.68 6.24 -30.77
CA MET G 173 -16.57 5.34 -30.46
C MET G 173 -17.02 3.88 -30.60
N ALA G 174 -18.22 3.56 -30.14
CA ALA G 174 -18.74 2.19 -30.28
C ALA G 174 -18.98 1.83 -31.77
N LEU G 175 -19.41 2.79 -32.60
CA LEU G 175 -19.59 2.54 -34.05
C LEU G 175 -18.27 2.20 -34.78
N GLN G 176 -17.16 2.73 -34.23
CA GLN G 176 -15.79 2.53 -34.80
C GLN G 176 -15.01 1.31 -34.22
N GLY G 177 -15.72 0.39 -33.55
CA GLY G 177 -15.12 -0.84 -33.01
C GLY G 177 -14.65 -0.85 -31.54
N ALA G 178 -14.96 0.22 -30.78
CA ALA G 178 -14.56 0.32 -29.37
C ALA G 178 -15.15 -0.79 -28.49
N GLU G 179 -14.28 -1.67 -28.02
CA GLU G 179 -14.68 -2.79 -27.11
C GLU G 179 -14.74 -2.29 -25.71
N ILE G 180 -14.03 -1.20 -25.42
CA ILE G 180 -14.10 -0.56 -24.12
C ILE G 180 -13.95 0.94 -24.30
N LEU G 181 -14.64 1.69 -23.44
CA LEU G 181 -14.57 3.16 -23.39
C LEU G 181 -13.85 3.60 -22.12
N PHE G 182 -12.99 4.61 -22.25
CA PHE G 182 -12.21 5.15 -21.13
C PHE G 182 -12.38 6.70 -21.02
N TYR G 183 -12.52 7.24 -19.79
CA TYR G 183 -12.68 8.72 -19.60
C TYR G 183 -11.89 9.28 -18.42
N PRO G 184 -10.69 9.84 -18.67
CA PRO G 184 -9.92 10.51 -17.60
C PRO G 184 -10.59 11.86 -17.21
N THR G 185 -10.89 12.02 -15.92
CA THR G 185 -11.72 13.10 -15.42
C THR G 185 -11.11 14.00 -14.28
N ALA G 186 -11.62 15.23 -14.17
CA ALA G 186 -11.31 16.14 -13.01
C ALA G 186 -12.58 16.95 -12.70
N ILE G 187 -13.34 16.49 -11.71
CA ILE G 187 -14.61 17.15 -11.36
C ILE G 187 -14.87 17.08 -9.86
N GLY G 188 -15.51 18.13 -9.35
CA GLY G 188 -15.83 18.23 -7.94
C GLY G 188 -16.83 19.32 -7.69
N SER G 189 -16.70 19.94 -6.51
CA SER G 189 -17.51 21.09 -6.16
C SER G 189 -17.23 22.25 -7.15
N GLU G 190 -18.14 23.22 -7.15
CA GLU G 190 -18.03 24.42 -7.97
C GLU G 190 -17.86 25.60 -7.01
N PRO G 191 -16.79 26.40 -7.22
CA PRO G 191 -16.44 27.48 -6.25
C PRO G 191 -17.48 28.59 -6.00
N HIS G 192 -18.41 28.74 -6.95
CA HIS G 192 -19.47 29.78 -6.86
C HIS G 192 -20.73 29.40 -6.11
N ASP G 193 -20.93 28.09 -5.90
CA ASP G 193 -22.17 27.56 -5.28
C ASP G 193 -21.93 26.17 -4.61
N GLN G 194 -21.74 26.16 -3.28
CA GLN G 194 -21.48 24.88 -2.58
C GLN G 194 -22.69 23.92 -2.57
N SER G 195 -23.88 24.43 -2.93
CA SER G 195 -25.11 23.61 -3.03
C SER G 195 -25.09 22.65 -4.26
N ILE G 196 -24.20 22.91 -5.25
CA ILE G 196 -24.10 22.06 -6.47
C ILE G 196 -23.27 20.75 -6.23
N ASP G 197 -23.96 19.60 -6.20
CA ASP G 197 -23.33 18.26 -5.96
C ASP G 197 -23.62 17.39 -7.18
N SER G 198 -22.69 17.39 -8.15
CA SER G 198 -22.91 16.70 -9.45
C SER G 198 -22.53 15.20 -9.53
N ARG G 199 -22.06 14.61 -8.43
CA ARG G 199 -21.52 13.24 -8.47
C ARG G 199 -22.49 12.13 -8.92
N ASP G 200 -23.73 12.15 -8.45
CA ASP G 200 -24.72 11.09 -8.81
C ASP G 200 -25.15 11.22 -10.31
N HIS G 201 -25.49 12.44 -10.68
CA HIS G 201 -25.87 12.81 -12.05
C HIS G 201 -24.76 12.42 -13.09
N TRP G 202 -23.51 12.69 -12.71
CA TRP G 202 -22.30 12.41 -13.53
C TRP G 202 -22.12 10.87 -13.77
N LYS G 203 -22.18 10.09 -12.67
CA LYS G 203 -22.17 8.61 -12.79
C LYS G 203 -23.32 8.11 -13.69
N ARG G 204 -24.54 8.62 -13.43
CA ARG G 204 -25.74 8.21 -14.18
C ARG G 204 -25.68 8.40 -15.68
N VAL G 205 -25.17 9.53 -16.12
CA VAL G 205 -25.06 9.78 -17.57
C VAL G 205 -24.15 8.75 -18.25
N MET G 206 -23.01 8.47 -17.60
CA MET G 206 -22.04 7.48 -18.12
C MET G 206 -22.58 6.04 -18.08
N GLN G 207 -23.30 5.71 -17.00
CA GLN G 207 -23.94 4.41 -16.87
C GLN G 207 -24.86 4.22 -18.07
N GLY G 208 -25.51 5.30 -18.49
CA GLY G 208 -26.38 5.25 -19.67
C GLY G 208 -25.67 4.94 -20.99
N HIS G 209 -24.46 5.48 -21.17
CA HIS G 209 -23.70 5.21 -22.41
C HIS G 209 -23.32 3.74 -22.44
N ALA G 210 -22.83 3.24 -21.31
CA ALA G 210 -22.45 1.84 -21.21
C ALA G 210 -23.62 0.91 -21.64
N GLY G 211 -24.78 1.09 -21.00
CA GLY G 211 -25.97 0.23 -21.28
C GLY G 211 -26.56 0.39 -22.66
N ALA G 212 -26.46 1.59 -23.22
CA ALA G 212 -27.00 1.88 -24.56
C ALA G 212 -26.13 1.30 -25.71
N ASN G 213 -24.83 1.18 -25.48
CA ASN G 213 -23.88 0.66 -26.49
C ASN G 213 -23.45 -0.82 -26.21
N LEU G 214 -23.67 -1.27 -24.97
CA LEU G 214 -23.22 -2.60 -24.44
C LEU G 214 -21.67 -2.76 -24.43
N VAL G 215 -21.01 -1.77 -23.79
CA VAL G 215 -19.53 -1.71 -23.66
C VAL G 215 -19.20 -1.25 -22.26
N PRO G 216 -18.24 -1.91 -21.59
CA PRO G 216 -17.88 -1.47 -20.24
C PRO G 216 -17.18 -0.15 -20.30
N LEU G 217 -17.23 0.53 -19.14
CA LEU G 217 -16.74 1.89 -19.04
C LEU G 217 -15.84 2.16 -17.83
N VAL G 218 -14.82 3.01 -18.06
CA VAL G 218 -13.89 3.36 -17.00
C VAL G 218 -13.75 4.86 -16.89
N ALA G 219 -13.95 5.34 -15.65
CA ALA G 219 -13.82 6.76 -15.30
C ALA G 219 -12.86 6.92 -14.11
N SER G 220 -11.79 7.68 -14.35
CA SER G 220 -10.79 7.94 -13.32
C SER G 220 -10.96 9.41 -12.98
N ASN G 221 -11.13 9.71 -11.70
CA ASN G 221 -11.32 11.08 -11.26
C ASN G 221 -10.40 11.36 -10.05
N ARG G 222 -9.91 12.59 -9.96
CA ARG G 222 -9.03 12.95 -8.88
C ARG G 222 -9.79 13.27 -7.56
N ILE G 223 -9.01 13.32 -6.49
CA ILE G 223 -9.50 13.71 -5.17
C ILE G 223 -8.61 14.82 -4.61
N GLY G 224 -8.95 15.26 -3.39
CA GLY G 224 -8.18 16.25 -2.66
C GLY G 224 -8.69 17.64 -2.90
N ASN G 225 -8.19 18.57 -2.08
CA ASN G 225 -8.50 19.99 -2.20
C ASN G 225 -7.38 20.73 -2.90
N GLU G 226 -7.78 21.63 -3.82
CA GLU G 226 -6.87 22.50 -4.61
C GLU G 226 -7.35 23.95 -4.58
N ILE G 227 -6.43 24.86 -4.18
CA ILE G 227 -6.68 26.31 -4.13
C ILE G 227 -5.83 26.97 -5.25
N ILE G 228 -6.48 27.67 -6.18
CA ILE G 228 -5.82 28.37 -7.28
C ILE G 228 -5.88 29.87 -7.01
N GLU G 229 -4.77 30.58 -7.31
CA GLU G 229 -4.73 32.05 -7.22
C GLU G 229 -5.28 32.56 -8.55
N THR G 230 -6.57 32.94 -8.58
CA THR G 230 -7.15 33.45 -9.83
C THR G 230 -6.94 34.98 -9.90
N GLU G 231 -7.28 35.54 -11.06
CA GLU G 231 -7.24 37.00 -11.33
C GLU G 231 -8.17 37.80 -10.38
N HIS G 232 -9.17 37.12 -9.78
CA HIS G 232 -10.15 37.73 -8.83
C HIS G 232 -10.03 37.28 -7.36
N GLY G 233 -8.86 36.71 -6.99
CA GLY G 233 -8.61 36.19 -5.60
C GLY G 233 -8.57 34.66 -5.56
N LYS G 234 -8.37 34.08 -4.39
CA LYS G 234 -8.33 32.60 -4.25
C LYS G 234 -9.65 31.88 -4.67
N SER G 235 -9.51 30.69 -5.25
CA SER G 235 -10.66 29.85 -5.67
C SER G 235 -10.37 28.38 -5.31
N GLU G 236 -11.32 27.73 -4.63
CA GLU G 236 -11.10 26.35 -4.14
C GLU G 236 -12.10 25.31 -4.71
N ILE G 237 -11.56 24.13 -5.08
CA ILE G 237 -12.38 22.98 -5.49
C ILE G 237 -12.06 21.78 -4.58
N LYS G 238 -13.11 21.06 -4.15
CA LYS G 238 -12.95 19.74 -3.49
C LYS G 238 -13.32 18.70 -4.58
N PHE G 239 -12.31 18.07 -5.20
CA PHE G 239 -12.58 17.02 -6.19
C PHE G 239 -13.18 15.82 -5.42
N TYR G 240 -14.31 15.29 -5.93
CA TYR G 240 -15.10 14.27 -5.22
C TYR G 240 -14.87 12.78 -5.59
N GLY G 241 -13.82 12.48 -6.37
CA GLY G 241 -13.48 11.11 -6.70
C GLY G 241 -14.58 10.32 -7.39
N ASN G 242 -15.03 9.25 -6.76
CA ASN G 242 -16.03 8.33 -7.32
C ASN G 242 -15.63 7.70 -8.70
N SER G 243 -14.31 7.49 -8.89
CA SER G 243 -13.74 6.78 -10.04
C SER G 243 -14.39 5.42 -10.07
N PHE G 244 -14.83 4.97 -11.23
CA PHE G 244 -15.55 3.72 -11.30
C PHE G 244 -15.33 2.94 -12.58
N ILE G 245 -15.82 1.72 -12.56
CA ILE G 245 -15.80 0.87 -13.71
C ILE G 245 -17.22 0.29 -13.81
N ALA G 246 -17.86 0.56 -14.93
CA ALA G 246 -19.19 0.02 -15.20
C ALA G 246 -19.05 -1.15 -16.21
N GLY G 247 -20.02 -2.08 -16.17
CA GLY G 247 -20.09 -3.23 -17.09
C GLY G 247 -20.90 -2.85 -18.32
N PRO G 248 -21.09 -3.79 -19.28
CA PRO G 248 -21.80 -3.52 -20.57
C PRO G 248 -23.30 -3.22 -20.41
N THR G 249 -23.84 -3.46 -19.21
CA THR G 249 -25.23 -3.12 -18.94
C THR G 249 -25.30 -1.84 -18.13
N GLY G 250 -24.15 -1.22 -17.89
CA GLY G 250 -24.09 0.00 -17.11
C GLY G 250 -24.06 -0.17 -15.59
N GLU G 251 -23.85 -1.40 -15.10
CA GLU G 251 -23.82 -1.65 -13.65
C GLU G 251 -22.45 -1.36 -13.04
N ILE G 252 -22.46 -0.79 -11.82
CA ILE G 252 -21.21 -0.44 -11.11
C ILE G 252 -20.63 -1.67 -10.41
N VAL G 253 -19.52 -2.16 -10.99
CA VAL G 253 -18.78 -3.37 -10.50
C VAL G 253 -17.62 -3.01 -9.54
N SER G 254 -17.01 -1.82 -9.75
CA SER G 254 -15.94 -1.31 -8.88
C SER G 254 -16.13 0.22 -8.76
N ILE G 255 -16.08 0.72 -7.53
CA ILE G 255 -16.28 2.16 -7.24
C ILE G 255 -15.46 2.69 -6.04
N ALA G 256 -14.74 3.79 -6.28
CA ALA G 256 -13.92 4.46 -5.25
C ALA G 256 -14.78 5.44 -4.43
N ASP G 257 -14.21 5.92 -3.33
CA ASP G 257 -14.91 6.92 -2.52
C ASP G 257 -14.47 8.35 -2.92
N ASP G 258 -14.99 9.34 -2.20
CA ASP G 258 -14.71 10.75 -2.54
C ASP G 258 -13.44 11.34 -1.94
N LYS G 259 -12.79 10.59 -1.05
CA LYS G 259 -11.65 11.11 -0.30
C LYS G 259 -10.33 10.31 -0.38
N GLU G 260 -10.42 8.98 -0.43
CA GLU G 260 -9.23 8.14 -0.40
C GLU G 260 -8.68 7.74 -1.77
N GLU G 261 -7.39 7.45 -1.76
CA GLU G 261 -6.62 7.03 -2.94
C GLU G 261 -7.07 5.61 -3.34
N ALA G 262 -7.27 5.36 -4.64
CA ALA G 262 -7.77 4.03 -5.09
C ALA G 262 -7.18 3.50 -6.40
N VAL G 263 -7.07 2.16 -6.43
CA VAL G 263 -6.56 1.38 -7.56
C VAL G 263 -7.68 0.33 -7.95
N LEU G 264 -8.58 0.66 -8.87
CA LEU G 264 -9.72 -0.24 -9.20
C LEU G 264 -9.37 -1.26 -10.26
N ILE G 265 -10.03 -2.42 -10.18
CA ILE G 265 -9.83 -3.53 -11.14
C ILE G 265 -11.14 -4.22 -11.52
N ALA G 266 -11.32 -4.50 -12.81
CA ALA G 266 -12.44 -5.29 -13.25
C ALA G 266 -12.01 -6.03 -14.55
N GLU G 267 -12.23 -7.33 -14.57
CA GLU G 267 -11.85 -8.18 -15.70
C GLU G 267 -13.09 -8.36 -16.52
N PHE G 268 -12.93 -8.26 -17.84
CA PHE G 268 -14.04 -8.44 -18.83
C PHE G 268 -13.73 -9.46 -19.91
N ASN G 269 -14.68 -10.34 -20.13
CA ASN G 269 -14.61 -11.29 -21.18
C ASN G 269 -15.10 -10.56 -22.45
N LEU G 270 -14.16 -9.98 -23.23
CA LEU G 270 -14.53 -9.14 -24.42
C LEU G 270 -15.26 -9.88 -25.57
N ASP G 271 -14.85 -11.11 -25.87
CA ASP G 271 -15.50 -11.93 -26.94
C ASP G 271 -16.95 -12.29 -26.62
N LYS G 272 -17.25 -12.49 -25.34
CA LYS G 272 -18.63 -12.79 -24.90
C LYS G 272 -19.47 -11.51 -24.75
N ILE G 273 -18.84 -10.39 -24.41
CA ILE G 273 -19.58 -9.11 -24.32
C ILE G 273 -19.97 -8.71 -25.75
N LYS G 274 -19.09 -9.01 -26.73
CA LYS G 274 -19.38 -8.79 -28.16
C LYS G 274 -20.55 -9.69 -28.67
N SER G 275 -20.67 -10.91 -28.14
CA SER G 275 -21.82 -11.78 -28.48
C SER G 275 -23.10 -11.21 -27.81
N MET G 276 -22.97 -10.71 -26.57
CA MET G 276 -24.09 -10.03 -25.84
C MET G 276 -24.57 -8.81 -26.70
N ARG G 277 -23.62 -7.99 -27.16
CA ARG G 277 -23.90 -6.79 -27.95
C ARG G 277 -24.57 -7.15 -29.32
N HIS G 278 -23.94 -8.05 -30.08
CA HIS G 278 -24.44 -8.48 -31.42
C HIS G 278 -25.86 -9.15 -31.38
N CYS G 279 -26.15 -9.90 -30.31
CA CYS G 279 -27.46 -10.59 -30.16
C CYS G 279 -28.59 -9.62 -29.82
N TRP G 280 -28.28 -8.62 -29.00
CA TRP G 280 -29.25 -7.57 -28.60
C TRP G 280 -29.61 -6.74 -29.85
N GLY G 281 -28.65 -6.67 -30.77
CA GLY G 281 -28.83 -6.02 -32.06
C GLY G 281 -29.19 -4.54 -32.13
N VAL G 282 -28.76 -3.74 -31.13
CA VAL G 282 -29.06 -2.29 -31.16
C VAL G 282 -28.39 -1.58 -32.36
N PHE G 283 -27.20 -2.03 -32.77
CA PHE G 283 -26.48 -1.41 -33.89
C PHE G 283 -27.11 -1.69 -35.27
N ARG G 284 -27.58 -2.91 -35.51
CA ARG G 284 -28.30 -3.21 -36.77
C ARG G 284 -29.72 -2.53 -36.77
N ASP G 285 -30.30 -2.36 -35.56
CA ASP G 285 -31.61 -1.67 -35.34
C ASP G 285 -31.59 -0.14 -35.43
N ARG G 286 -30.40 0.47 -35.49
CA ARG G 286 -30.29 1.95 -35.55
C ARG G 286 -30.91 2.55 -36.85
N ARG G 287 -31.35 3.79 -36.76
CA ARG G 287 -32.00 4.48 -37.87
C ARG G 287 -31.24 5.79 -38.16
N PRO G 288 -30.07 5.68 -38.84
CA PRO G 288 -29.28 6.88 -39.21
C PRO G 288 -30.06 7.85 -40.14
N ASP G 289 -31.00 7.31 -40.93
CA ASP G 289 -31.85 8.15 -41.81
C ASP G 289 -32.67 9.20 -41.04
N LEU G 290 -33.06 8.90 -39.78
CA LEU G 290 -33.85 9.80 -38.93
C LEU G 290 -33.02 10.62 -37.90
N TYR G 291 -31.69 10.54 -37.95
CA TYR G 291 -30.82 11.25 -36.97
C TYR G 291 -30.13 12.54 -37.45
N LYS G 292 -30.54 13.06 -38.63
CA LYS G 292 -29.95 14.31 -39.18
C LYS G 292 -30.04 15.49 -38.22
N VAL G 293 -31.04 15.49 -37.32
CA VAL G 293 -31.21 16.61 -36.38
C VAL G 293 -30.01 16.71 -35.39
N LEU G 294 -29.27 15.61 -35.21
CA LEU G 294 -28.09 15.61 -34.34
C LEU G 294 -26.94 16.45 -34.95
N LEU G 295 -27.04 16.77 -36.25
CA LEU G 295 -26.07 17.67 -36.96
C LEU G 295 -26.41 19.18 -36.83
N THR G 296 -27.46 19.50 -36.07
CA THR G 296 -27.86 20.87 -35.77
C THR G 296 -27.56 21.15 -34.28
N LEU G 297 -27.45 22.43 -33.95
CA LEU G 297 -27.33 22.86 -32.54
C LEU G 297 -28.71 23.30 -32.04
N ASP G 298 -29.43 24.05 -32.90
CA ASP G 298 -30.75 24.61 -32.57
C ASP G 298 -31.99 23.69 -32.80
N GLY G 299 -31.77 22.50 -33.38
CA GLY G 299 -32.85 21.54 -33.67
C GLY G 299 -33.55 21.75 -35.00
N LYS G 300 -32.94 22.54 -35.89
CA LYS G 300 -33.50 22.84 -37.25
C LYS G 300 -32.43 23.06 -38.33
N ASN G 301 -31.38 23.85 -38.00
CA ASN G 301 -30.31 24.25 -38.97
C ASN G 301 -29.07 23.39 -38.96
N PRO G 302 -28.83 22.62 -40.06
CA PRO G 302 -27.59 21.83 -40.08
C PRO G 302 -26.38 22.79 -40.03
N VAL G 303 -25.33 22.41 -39.32
CA VAL G 303 -24.14 23.26 -39.25
C VAL G 303 -23.34 23.09 -40.55
N LEU G 304 -22.54 24.10 -40.89
CA LEU G 304 -21.73 23.95 -42.11
C LEU G 304 -20.68 22.79 -41.90
N LYS H 8 -42.47 30.81 -8.25
CA LYS H 8 -41.62 31.19 -9.43
C LYS H 8 -41.63 30.09 -10.55
N GLY H 9 -42.32 30.37 -11.67
CA GLY H 9 -42.29 29.46 -12.86
C GLY H 9 -43.45 28.51 -13.15
N ARG H 10 -43.49 28.01 -14.41
CA ARG H 10 -44.52 27.04 -14.89
C ARG H 10 -44.34 25.71 -14.19
N LYS H 11 -45.34 25.32 -13.41
CA LYS H 11 -45.32 24.06 -12.65
C LYS H 11 -46.22 23.06 -13.36
N VAL H 12 -45.64 21.93 -13.75
CA VAL H 12 -46.34 20.87 -14.47
C VAL H 12 -46.25 19.55 -13.70
N VAL H 13 -47.39 18.90 -13.47
CA VAL H 13 -47.42 17.61 -12.78
C VAL H 13 -47.61 16.50 -13.82
N VAL H 14 -46.71 15.50 -13.84
CA VAL H 14 -46.82 14.34 -14.75
C VAL H 14 -47.18 13.04 -13.99
N SER H 15 -47.44 11.97 -14.73
CA SER H 15 -47.85 10.69 -14.13
C SER H 15 -47.70 9.49 -15.06
N ALA H 16 -47.22 8.39 -14.49
CA ALA H 16 -47.11 7.12 -15.17
C ALA H 16 -48.13 6.22 -14.51
N LEU H 17 -48.90 5.51 -15.34
CA LEU H 17 -49.87 4.52 -14.87
C LEU H 17 -49.28 3.13 -15.19
N GLN H 18 -49.71 2.11 -14.45
CA GLN H 18 -49.19 0.76 -14.63
C GLN H 18 -50.27 -0.22 -14.33
N PHE H 19 -50.60 -1.09 -15.29
CA PHE H 19 -51.62 -2.13 -15.04
C PHE H 19 -51.58 -3.35 -15.95
N ALA H 20 -52.29 -4.38 -15.52
CA ALA H 20 -52.40 -5.63 -16.25
C ALA H 20 -53.45 -5.48 -17.34
N CYS H 21 -53.22 -6.16 -18.47
CA CYS H 21 -54.15 -6.15 -19.61
C CYS H 21 -54.74 -7.56 -19.95
N THR H 22 -56.03 -7.60 -20.23
CA THR H 22 -56.67 -8.81 -20.72
C THR H 22 -56.70 -8.69 -22.28
N ASP H 23 -57.34 -9.63 -23.00
CA ASP H 23 -57.37 -9.60 -24.52
C ASP H 23 -58.62 -8.90 -25.15
N ASP H 24 -59.60 -8.53 -24.31
CA ASP H 24 -60.84 -7.87 -24.77
C ASP H 24 -60.58 -6.31 -24.78
N VAL H 25 -61.10 -5.62 -25.80
CA VAL H 25 -60.82 -4.15 -26.00
C VAL H 25 -61.52 -3.16 -24.99
N SER H 26 -62.71 -3.55 -24.52
CA SER H 26 -63.56 -2.72 -23.63
C SER H 26 -63.03 -2.40 -22.18
N THR H 27 -62.72 -3.44 -21.37
CA THR H 27 -62.27 -3.30 -19.94
C THR H 27 -61.01 -2.49 -19.76
N ASN H 28 -59.96 -2.93 -20.43
CA ASN H 28 -58.68 -2.24 -20.33
C ASN H 28 -58.80 -0.76 -20.67
N VAL H 29 -59.79 -0.38 -21.48
CA VAL H 29 -59.98 1.07 -21.78
C VAL H 29 -60.67 1.74 -20.58
N THR H 30 -61.62 0.99 -19.95
CA THR H 30 -62.33 1.47 -18.75
C THR H 30 -61.37 1.52 -17.59
N THR H 31 -60.57 0.47 -17.48
CA THR H 31 -59.55 0.37 -16.43
C THR H 31 -58.47 1.49 -16.60
N ALA H 32 -58.14 1.85 -17.86
CA ALA H 32 -57.20 2.96 -18.12
C ALA H 32 -57.88 4.30 -17.82
N GLU H 33 -59.20 4.36 -18.04
CA GLU H 33 -59.99 5.57 -17.75
C GLU H 33 -60.02 5.84 -16.23
N ARG H 34 -60.25 4.77 -15.43
CA ARG H 34 -60.32 4.90 -13.95
C ARG H 34 -59.01 5.45 -13.35
N LEU H 35 -57.87 4.99 -13.88
CA LEU H 35 -56.55 5.44 -13.40
C LEU H 35 -56.16 6.84 -13.91
N VAL H 36 -56.71 7.27 -15.07
CA VAL H 36 -56.48 8.64 -15.59
C VAL H 36 -57.26 9.62 -14.65
N ARG H 37 -58.45 9.21 -14.20
CA ARG H 37 -59.28 10.01 -13.27
C ARG H 37 -58.62 10.17 -11.89
N ALA H 38 -58.01 9.09 -11.38
CA ALA H 38 -57.31 9.12 -10.08
C ALA H 38 -55.98 9.92 -10.21
N ALA H 39 -55.30 9.81 -11.37
CA ALA H 39 -54.07 10.60 -11.61
C ALA H 39 -54.41 12.11 -11.58
N HIS H 40 -55.55 12.46 -12.20
CA HIS H 40 -56.07 13.85 -12.22
C HIS H 40 -56.44 14.41 -10.81
N LYS H 41 -57.01 13.57 -9.92
CA LYS H 41 -57.39 14.02 -8.57
C LYS H 41 -56.13 14.39 -7.70
N GLN H 42 -54.97 13.84 -8.07
CA GLN H 42 -53.69 14.11 -7.35
C GLN H 42 -52.89 15.30 -7.95
N GLY H 43 -53.55 16.09 -8.81
CA GLY H 43 -52.95 17.29 -9.43
C GLY H 43 -52.29 17.09 -10.79
N ALA H 44 -52.55 15.92 -11.42
CA ALA H 44 -51.89 15.58 -12.71
C ALA H 44 -52.39 16.34 -13.96
N ASN H 45 -51.42 16.83 -14.73
CA ASN H 45 -51.64 17.57 -15.97
C ASN H 45 -51.40 16.70 -17.24
N ILE H 46 -50.45 15.77 -17.17
CA ILE H 46 -50.10 14.87 -18.27
C ILE H 46 -50.00 13.46 -17.73
N VAL H 47 -50.82 12.54 -18.24
CA VAL H 47 -50.81 11.16 -17.77
C VAL H 47 -50.43 10.23 -18.90
N LEU H 48 -49.36 9.45 -18.71
CA LEU H 48 -48.97 8.49 -19.74
C LEU H 48 -49.58 7.10 -19.45
N ILE H 49 -50.22 6.52 -20.47
CA ILE H 49 -50.76 5.18 -20.39
C ILE H 49 -49.80 4.29 -21.19
N GLN H 50 -49.57 3.09 -20.66
CA GLN H 50 -48.64 2.05 -21.20
C GLN H 50 -48.86 1.69 -22.69
N GLU H 51 -47.84 1.04 -23.26
CA GLU H 51 -47.89 0.60 -24.65
C GLU H 51 -48.91 -0.52 -25.01
N LEU H 52 -49.68 -0.28 -26.08
CA LEU H 52 -50.88 -1.08 -26.57
C LEU H 52 -51.81 -1.65 -25.49
N PHE H 53 -52.30 -0.75 -24.63
CA PHE H 53 -53.15 -1.11 -23.48
C PHE H 53 -54.55 -1.69 -23.78
N GLU H 54 -54.93 -1.76 -25.07
CA GLU H 54 -56.25 -2.29 -25.48
C GLU H 54 -56.39 -3.82 -25.39
N GLY H 55 -55.35 -4.54 -25.82
CA GLY H 55 -55.34 -6.03 -25.76
C GLY H 55 -53.98 -6.55 -25.29
N TYR H 56 -53.81 -7.89 -25.25
CA TYR H 56 -52.52 -8.50 -24.84
C TYR H 56 -51.36 -7.93 -25.71
N TYR H 57 -50.13 -8.14 -25.24
CA TYR H 57 -48.95 -7.74 -25.99
C TYR H 57 -48.67 -8.93 -26.93
N PHE H 58 -49.21 -8.81 -28.13
CA PHE H 58 -49.12 -9.88 -29.17
C PHE H 58 -47.84 -9.83 -30.05
N CYS H 59 -47.07 -8.75 -29.96
CA CYS H 59 -45.87 -8.52 -30.80
C CYS H 59 -44.81 -9.65 -30.90
N GLN H 60 -44.93 -10.70 -30.07
CA GLN H 60 -43.98 -11.85 -30.15
C GLN H 60 -44.40 -12.95 -31.14
N ALA H 61 -45.52 -13.64 -30.84
CA ALA H 61 -46.08 -14.70 -31.72
C ALA H 61 -46.46 -14.19 -33.13
N GLN H 62 -45.78 -14.72 -34.18
CA GLN H 62 -46.02 -14.32 -35.60
C GLN H 62 -47.33 -14.90 -36.17
N ARG H 63 -48.43 -14.37 -35.63
CA ARG H 63 -49.79 -14.79 -35.98
C ARG H 63 -50.57 -13.67 -36.69
N GLU H 64 -50.81 -13.87 -38.00
CA GLU H 64 -51.67 -12.96 -38.80
C GLU H 64 -53.04 -12.82 -38.11
N ASP H 65 -53.31 -13.77 -37.20
CA ASP H 65 -54.48 -13.78 -36.31
C ASP H 65 -54.80 -12.40 -35.66
N PHE H 66 -53.75 -11.63 -35.27
CA PHE H 66 -53.95 -10.31 -34.56
C PHE H 66 -53.58 -9.02 -35.34
N ILE H 67 -53.74 -9.04 -36.67
CA ILE H 67 -53.50 -7.84 -37.51
C ILE H 67 -54.78 -6.98 -37.57
N GLN H 68 -55.94 -7.66 -37.57
CA GLN H 68 -57.27 -7.01 -37.58
C GLN H 68 -57.50 -5.99 -36.45
N ARG H 69 -56.80 -6.16 -35.32
CA ARG H 69 -56.92 -5.21 -34.21
C ARG H 69 -56.49 -3.80 -34.65
N ALA H 70 -55.85 -3.70 -35.81
CA ALA H 70 -55.45 -2.41 -36.36
C ALA H 70 -56.68 -1.67 -36.83
N LYS H 71 -56.63 -0.34 -36.71
CA LYS H 71 -57.72 0.55 -37.16
C LYS H 71 -57.05 1.85 -37.62
N PRO H 72 -57.74 2.67 -38.45
CA PRO H 72 -57.04 3.86 -38.94
C PRO H 72 -56.76 4.92 -37.85
N TYR H 73 -55.85 5.85 -38.17
CA TYR H 73 -55.53 6.99 -37.29
C TYR H 73 -56.77 7.92 -37.22
N LYS H 74 -57.39 8.12 -38.39
CA LYS H 74 -58.62 8.91 -38.51
C LYS H 74 -59.80 8.15 -37.88
N ASP H 75 -60.54 8.85 -37.00
CA ASP H 75 -61.73 8.31 -36.34
C ASP H 75 -61.47 7.00 -35.57
N HIS H 76 -60.38 6.95 -34.81
CA HIS H 76 -60.09 5.76 -34.00
C HIS H 76 -61.01 5.90 -32.75
N PRO H 77 -62.01 4.96 -32.55
CA PRO H 77 -62.94 5.14 -31.40
C PRO H 77 -62.23 5.37 -30.04
N THR H 78 -61.23 4.54 -29.74
CA THR H 78 -60.45 4.66 -28.48
C THR H 78 -59.76 6.06 -28.30
N ILE H 79 -59.25 6.67 -29.38
CA ILE H 79 -58.66 8.04 -29.33
C ILE H 79 -59.81 9.04 -29.02
N MET H 80 -60.92 8.89 -29.75
CA MET H 80 -62.13 9.75 -29.58
C MET H 80 -62.68 9.75 -28.15
N ARG H 81 -62.69 8.58 -27.52
CA ARG H 81 -63.18 8.44 -26.14
C ARG H 81 -62.26 9.17 -25.17
N LEU H 82 -60.96 8.90 -25.24
CA LEU H 82 -59.99 9.60 -24.39
C LEU H 82 -59.85 11.09 -24.77
N GLN H 83 -60.33 11.47 -25.97
CA GLN H 83 -60.37 12.90 -26.38
C GLN H 83 -61.45 13.67 -25.60
N LYS H 84 -62.58 13.00 -25.32
CA LYS H 84 -63.63 13.59 -24.50
C LYS H 84 -63.15 13.68 -23.05
N LEU H 85 -62.37 12.67 -22.63
CA LEU H 85 -61.83 12.60 -21.24
C LEU H 85 -60.70 13.61 -20.99
N ALA H 86 -59.81 13.76 -21.99
CA ALA H 86 -58.72 14.73 -21.94
C ALA H 86 -59.30 16.15 -21.83
N LYS H 87 -60.33 16.46 -22.63
CA LYS H 87 -61.01 17.77 -22.58
C LYS H 87 -61.79 17.94 -21.25
N GLU H 88 -62.58 16.94 -20.89
CA GLU H 88 -63.35 17.00 -19.66
C GLU H 88 -62.45 17.26 -18.45
N LEU H 89 -61.30 16.57 -18.38
CA LEU H 89 -60.37 16.68 -17.22
C LEU H 89 -59.24 17.70 -17.37
N GLY H 90 -59.04 18.21 -18.58
CA GLY H 90 -57.96 19.19 -18.82
C GLY H 90 -56.59 18.55 -18.72
N VAL H 91 -56.47 17.28 -19.14
CA VAL H 91 -55.18 16.55 -19.09
C VAL H 91 -54.67 16.14 -20.49
N VAL H 92 -53.35 16.29 -20.70
CA VAL H 92 -52.67 15.84 -21.93
C VAL H 92 -52.61 14.29 -21.86
N ILE H 93 -52.96 13.59 -22.94
CA ILE H 93 -52.97 12.12 -22.93
C ILE H 93 -52.39 11.50 -24.19
N PRO H 94 -51.11 11.07 -24.15
CA PRO H 94 -50.62 10.32 -25.30
C PRO H 94 -51.35 8.95 -25.39
N VAL H 95 -51.89 8.64 -26.57
CA VAL H 95 -52.68 7.41 -26.82
C VAL H 95 -51.94 6.38 -27.72
N SER H 96 -51.36 5.34 -27.12
CA SER H 96 -50.68 4.28 -27.90
C SER H 96 -51.73 3.35 -28.60
N PHE H 97 -51.51 3.11 -29.89
CA PHE H 97 -52.40 2.29 -30.70
C PHE H 97 -51.66 1.60 -31.85
N PHE H 98 -52.38 0.68 -32.49
CA PHE H 98 -51.89 -0.13 -33.59
C PHE H 98 -52.52 0.43 -34.89
N GLU H 99 -51.72 1.22 -35.61
CA GLU H 99 -52.15 1.95 -36.82
C GLU H 99 -52.27 1.14 -38.11
N GLU H 100 -53.25 1.53 -38.94
CA GLU H 100 -53.48 0.97 -40.26
C GLU H 100 -53.50 2.17 -41.20
N ALA H 101 -52.58 2.20 -42.16
CA ALA H 101 -52.49 3.30 -43.15
C ALA H 101 -52.08 2.51 -44.44
N ASN H 102 -53.03 2.32 -45.35
CA ASN H 102 -52.82 1.81 -46.75
C ASN H 102 -52.28 0.32 -46.66
N ASN H 103 -51.02 0.09 -47.08
CA ASN H 103 -50.39 -1.26 -47.15
C ASN H 103 -49.02 -1.18 -46.42
N ALA H 104 -49.13 -0.92 -45.11
CA ALA H 104 -48.00 -0.77 -44.20
C ALA H 104 -48.61 -0.49 -42.83
N HIS H 105 -48.21 -1.27 -41.81
CA HIS H 105 -48.73 -1.14 -40.42
C HIS H 105 -47.68 -0.44 -39.48
N TYR H 106 -48.15 0.26 -38.43
CA TYR H 106 -47.23 0.98 -37.49
C TYR H 106 -47.64 0.86 -36.02
N ASN H 107 -46.67 1.04 -35.12
CA ASN H 107 -46.91 1.08 -33.68
C ASN H 107 -46.87 2.58 -33.36
N SER H 108 -48.05 3.18 -33.30
CA SER H 108 -48.20 4.61 -33.15
C SER H 108 -48.71 5.11 -31.80
N ILE H 109 -48.63 6.44 -31.63
CA ILE H 109 -49.11 7.15 -30.44
C ILE H 109 -49.62 8.55 -30.82
N ALA H 110 -50.88 8.82 -30.50
CA ALA H 110 -51.51 10.10 -30.78
C ALA H 110 -51.51 10.97 -29.50
N ILE H 111 -51.09 12.21 -29.66
CA ILE H 111 -50.99 13.16 -28.55
C ILE H 111 -52.26 13.96 -28.51
N ILE H 112 -52.95 13.86 -27.37
CA ILE H 112 -54.18 14.61 -27.15
C ILE H 112 -53.90 15.75 -26.17
N ASP H 113 -54.25 16.96 -26.59
CA ASP H 113 -54.00 18.18 -25.83
C ASP H 113 -55.05 18.32 -24.71
N ALA H 114 -54.76 19.16 -23.72
CA ALA H 114 -55.68 19.39 -22.56
C ALA H 114 -57.11 19.88 -22.95
N ASP H 115 -57.25 20.52 -24.12
CA ASP H 115 -58.56 20.99 -24.64
C ASP H 115 -59.26 19.97 -25.59
N GLY H 116 -58.72 18.75 -25.66
CA GLY H 116 -59.28 17.66 -26.49
C GLY H 116 -58.71 17.47 -27.90
N THR H 117 -58.01 18.49 -28.40
CA THR H 117 -57.46 18.49 -29.75
C THR H 117 -56.41 17.39 -30.00
N ASP H 118 -56.50 16.78 -31.19
CA ASP H 118 -55.58 15.75 -31.64
C ASP H 118 -54.38 16.49 -32.28
N LEU H 119 -53.21 16.44 -31.64
CA LEU H 119 -52.02 17.19 -32.12
C LEU H 119 -51.10 16.50 -33.16
N GLY H 120 -51.24 15.19 -33.36
CA GLY H 120 -50.41 14.46 -34.37
C GLY H 120 -49.98 13.05 -33.98
N ILE H 121 -49.23 12.39 -34.88
CA ILE H 121 -48.79 10.97 -34.68
C ILE H 121 -47.28 10.74 -34.63
N TYR H 122 -46.83 9.95 -33.65
CA TYR H 122 -45.44 9.46 -33.65
C TYR H 122 -45.51 7.97 -33.95
N ARG H 123 -44.66 7.54 -34.87
CA ARG H 123 -44.60 6.16 -35.26
C ARG H 123 -43.27 5.55 -34.84
N LYS H 124 -43.35 4.48 -34.03
CA LYS H 124 -42.20 3.68 -33.53
C LYS H 124 -41.09 3.52 -34.65
N SER H 125 -39.89 4.06 -34.38
CA SER H 125 -38.79 4.07 -35.37
C SER H 125 -37.91 2.83 -35.33
N HIS H 126 -37.43 2.46 -34.13
CA HIS H 126 -36.54 1.30 -33.97
C HIS H 126 -37.30 -0.03 -33.78
N ILE H 127 -37.20 -0.91 -34.78
CA ILE H 127 -37.91 -2.21 -34.81
C ILE H 127 -36.96 -3.41 -34.56
N PRO H 128 -37.16 -4.18 -33.46
CA PRO H 128 -36.35 -5.40 -33.29
C PRO H 128 -36.83 -6.51 -34.26
N PHE H 137 -42.50 -9.84 -35.51
CA PHE H 137 -42.73 -8.49 -34.95
C PHE H 137 -43.19 -7.56 -36.11
N TYR H 138 -44.39 -7.85 -36.67
CA TYR H 138 -44.96 -7.10 -37.84
C TYR H 138 -45.39 -5.60 -37.65
N PHE H 139 -44.40 -4.73 -37.79
CA PHE H 139 -44.62 -3.28 -37.84
C PHE H 139 -43.59 -2.73 -38.84
N ASN H 140 -44.00 -1.79 -39.70
CA ASN H 140 -43.05 -1.13 -40.60
C ASN H 140 -42.23 -0.12 -39.79
N PRO H 141 -41.01 0.21 -40.28
CA PRO H 141 -40.28 1.23 -39.58
C PRO H 141 -41.06 2.53 -39.70
N GLY H 142 -41.22 3.26 -38.60
CA GLY H 142 -41.89 4.56 -38.63
C GLY H 142 -41.14 5.52 -39.57
N ASP H 143 -41.90 6.29 -40.36
CA ASP H 143 -41.29 7.29 -41.28
C ASP H 143 -41.64 8.74 -40.90
N THR H 144 -42.12 8.95 -39.67
CA THR H 144 -42.45 10.28 -39.15
C THR H 144 -41.20 10.98 -38.62
N GLY H 145 -40.23 10.20 -38.17
CA GLY H 145 -39.08 10.75 -37.51
C GLY H 145 -39.46 11.07 -36.06
N PHE H 146 -38.53 11.64 -35.32
CA PHE H 146 -38.78 11.98 -33.91
C PHE H 146 -39.43 13.36 -33.87
N LYS H 147 -40.45 13.48 -33.01
CA LYS H 147 -41.26 14.71 -32.96
C LYS H 147 -41.47 15.34 -31.57
N VAL H 148 -41.95 16.58 -31.60
CA VAL H 148 -42.28 17.35 -30.41
C VAL H 148 -43.66 17.93 -30.61
N PHE H 149 -44.43 17.95 -29.52
CA PHE H 149 -45.80 18.45 -29.54
C PHE H 149 -45.93 19.51 -28.50
N GLN H 150 -46.46 20.67 -28.91
CA GLN H 150 -46.73 21.77 -28.01
C GLN H 150 -48.13 21.53 -27.47
N THR H 151 -48.22 21.38 -26.15
CA THR H 151 -49.49 21.14 -25.45
C THR H 151 -49.81 22.39 -24.63
N LYS H 152 -50.91 22.35 -23.90
CA LYS H 152 -51.37 23.48 -23.09
C LYS H 152 -50.38 23.79 -21.96
N TYR H 153 -49.68 22.76 -21.46
CA TYR H 153 -48.77 22.94 -20.31
C TYR H 153 -47.27 22.80 -20.58
N ALA H 154 -46.88 22.18 -21.71
CA ALA H 154 -45.45 22.00 -22.03
C ALA H 154 -45.23 21.39 -23.40
N LYS H 155 -44.03 21.62 -23.94
CA LYS H 155 -43.64 20.98 -25.19
C LYS H 155 -43.09 19.58 -24.77
N ILE H 156 -43.54 18.52 -25.42
CA ILE H 156 -43.11 17.15 -25.07
C ILE H 156 -42.59 16.31 -26.23
N GLY H 157 -41.71 15.37 -25.87
CA GLY H 157 -41.18 14.40 -26.81
C GLY H 157 -41.78 13.06 -26.45
N VAL H 158 -42.23 12.31 -27.47
CA VAL H 158 -42.80 10.97 -27.24
C VAL H 158 -42.23 9.93 -28.19
N ALA H 159 -41.81 8.81 -27.59
CA ALA H 159 -41.27 7.64 -28.28
C ALA H 159 -41.95 6.40 -27.65
N ILE H 160 -41.62 5.21 -28.12
CA ILE H 160 -42.33 3.98 -27.71
C ILE H 160 -41.40 2.78 -27.55
N CYS H 161 -41.68 1.94 -26.56
CA CYS H 161 -40.92 0.70 -26.25
C CYS H 161 -39.45 0.68 -26.76
N TRP H 162 -39.14 -0.11 -27.79
CA TRP H 162 -37.75 -0.29 -28.27
C TRP H 162 -36.95 1.03 -28.60
N ASP H 163 -37.64 2.10 -28.99
CA ASP H 163 -36.98 3.41 -29.22
C ASP H 163 -36.19 3.88 -27.95
N GLN H 164 -36.66 3.39 -26.80
CA GLN H 164 -36.15 3.76 -25.48
C GLN H 164 -34.67 3.43 -25.21
N TRP H 165 -34.12 2.51 -26.01
CA TRP H 165 -32.72 2.13 -25.89
C TRP H 165 -31.77 3.05 -26.65
N PHE H 166 -32.33 3.92 -27.47
CA PHE H 166 -31.51 4.75 -28.33
C PHE H 166 -31.39 6.17 -27.80
N PRO H 167 -30.16 6.57 -27.37
CA PRO H 167 -29.92 7.98 -26.98
C PRO H 167 -30.14 8.97 -28.15
N GLU H 168 -29.97 8.52 -29.42
CA GLU H 168 -30.21 9.39 -30.61
C GLU H 168 -31.63 9.99 -30.61
N ALA H 169 -32.61 9.17 -30.22
CA ALA H 169 -34.03 9.58 -30.15
C ALA H 169 -34.27 10.60 -29.03
N ALA H 170 -33.75 10.32 -27.83
CA ALA H 170 -33.90 11.24 -26.67
C ALA H 170 -33.30 12.63 -27.03
N ARG H 171 -32.09 12.62 -27.61
CA ARG H 171 -31.42 13.86 -27.99
C ARG H 171 -32.16 14.63 -29.09
N ALA H 172 -32.64 13.87 -30.09
CA ALA H 172 -33.38 14.48 -31.23
C ALA H 172 -34.60 15.24 -30.70
N MET H 173 -35.32 14.66 -29.73
CA MET H 173 -36.49 15.32 -29.17
C MET H 173 -36.07 16.57 -28.36
N ALA H 174 -35.03 16.43 -27.51
CA ALA H 174 -34.53 17.55 -26.69
C ALA H 174 -33.98 18.70 -27.60
N LEU H 175 -33.35 18.35 -28.72
CA LEU H 175 -32.82 19.40 -29.71
C LEU H 175 -33.91 20.30 -30.30
N GLN H 176 -35.13 19.76 -30.39
CA GLN H 176 -36.29 20.49 -30.93
C GLN H 176 -37.16 21.08 -29.81
N GLY H 177 -36.65 21.09 -28.56
CA GLY H 177 -37.36 21.73 -27.44
C GLY H 177 -38.13 20.85 -26.45
N ALA H 178 -38.14 19.53 -26.65
CA ALA H 178 -38.84 18.62 -25.69
C ALA H 178 -38.42 18.96 -24.24
N GLU H 179 -39.39 19.29 -23.40
CA GLU H 179 -39.11 19.65 -21.99
C GLU H 179 -39.26 18.44 -21.10
N ILE H 180 -40.04 17.45 -21.55
CA ILE H 180 -40.27 16.18 -20.84
C ILE H 180 -40.30 15.08 -21.92
N LEU H 181 -39.81 13.89 -21.59
CA LEU H 181 -39.84 12.74 -22.51
C LEU H 181 -40.75 11.66 -21.92
N PHE H 182 -41.43 10.94 -22.82
CA PHE H 182 -42.39 9.92 -22.47
C PHE H 182 -42.12 8.63 -23.25
N TYR H 183 -41.99 7.52 -22.53
CA TYR H 183 -41.69 6.22 -23.12
C TYR H 183 -42.68 5.13 -22.58
N PRO H 184 -43.84 4.93 -23.28
CA PRO H 184 -44.79 3.88 -22.87
C PRO H 184 -44.24 2.56 -23.42
N THR H 185 -43.83 1.68 -22.52
CA THR H 185 -43.18 0.44 -22.91
C THR H 185 -44.02 -0.79 -22.54
N ALA H 186 -43.52 -1.97 -22.92
CA ALA H 186 -44.15 -3.26 -22.62
C ALA H 186 -42.99 -4.24 -22.65
N ILE H 187 -42.51 -4.65 -21.46
CA ILE H 187 -41.29 -5.49 -21.38
C ILE H 187 -41.25 -6.48 -20.17
N GLY H 188 -40.59 -7.63 -20.39
CA GLY H 188 -40.43 -8.72 -19.41
C GLY H 188 -39.60 -9.90 -19.93
N ASP H 197 -34.03 -10.89 -17.12
CA ASP H 197 -34.33 -9.81 -16.19
C ASP H 197 -33.42 -8.60 -16.51
N SER H 198 -33.79 -7.85 -17.53
CA SER H 198 -33.04 -6.68 -17.96
C SER H 198 -33.61 -5.38 -17.34
N ARG H 199 -34.26 -5.50 -16.16
CA ARG H 199 -34.91 -4.33 -15.55
C ARG H 199 -33.92 -3.19 -15.15
N ASP H 200 -32.77 -3.58 -14.59
CA ASP H 200 -31.76 -2.63 -14.13
C ASP H 200 -31.00 -1.98 -15.30
N HIS H 201 -30.89 -2.72 -16.41
CA HIS H 201 -30.25 -2.25 -17.65
C HIS H 201 -31.18 -1.22 -18.30
N TRP H 202 -32.49 -1.54 -18.31
CA TRP H 202 -33.53 -0.64 -18.86
C TRP H 202 -33.57 0.67 -18.09
N LYS H 203 -33.67 0.61 -16.76
CA LYS H 203 -33.69 1.85 -15.94
C LYS H 203 -32.47 2.75 -16.18
N ARG H 204 -31.28 2.14 -16.19
CA ARG H 204 -30.05 2.91 -16.34
C ARG H 204 -29.93 3.62 -17.68
N VAL H 205 -30.47 3.02 -18.76
CA VAL H 205 -30.47 3.67 -20.11
C VAL H 205 -31.43 4.89 -20.10
N MET H 206 -32.62 4.74 -19.52
CA MET H 206 -33.58 5.86 -19.42
C MET H 206 -33.00 6.99 -18.55
N GLN H 207 -32.45 6.63 -17.40
CA GLN H 207 -31.84 7.59 -16.49
C GLN H 207 -30.69 8.39 -17.15
N GLY H 208 -29.93 7.73 -18.02
CA GLY H 208 -28.84 8.37 -18.77
C GLY H 208 -29.37 9.34 -19.82
N HIS H 209 -30.58 9.06 -20.38
CA HIS H 209 -31.27 10.00 -21.36
C HIS H 209 -31.67 11.31 -20.64
N ALA H 210 -32.30 11.14 -19.47
CA ALA H 210 -32.76 12.25 -18.66
C ALA H 210 -31.56 13.10 -18.21
N GLY H 211 -30.56 12.42 -17.66
CA GLY H 211 -29.35 13.09 -17.20
C GLY H 211 -28.52 13.78 -18.30
N ALA H 212 -28.37 13.13 -19.46
CA ALA H 212 -27.58 13.71 -20.60
C ALA H 212 -28.25 14.93 -21.28
N ASN H 213 -29.59 14.96 -21.23
CA ASN H 213 -30.39 16.03 -21.88
C ASN H 213 -30.94 17.08 -20.86
N LEU H 214 -30.92 16.71 -19.56
CA LEU H 214 -31.44 17.56 -18.46
C LEU H 214 -32.90 17.96 -18.61
N VAL H 215 -33.70 16.91 -18.83
CA VAL H 215 -35.16 16.98 -18.97
C VAL H 215 -35.77 15.80 -18.18
N PRO H 216 -36.92 16.02 -17.48
CA PRO H 216 -37.55 14.87 -16.83
C PRO H 216 -37.90 13.75 -17.86
N LEU H 217 -38.40 12.63 -17.36
CA LEU H 217 -38.71 11.49 -18.20
C LEU H 217 -39.71 10.60 -17.51
N VAL H 218 -40.83 10.33 -18.19
CA VAL H 218 -41.93 9.47 -17.64
C VAL H 218 -41.94 8.10 -18.34
N ALA H 219 -42.05 7.01 -17.59
CA ALA H 219 -42.02 5.67 -18.20
C ALA H 219 -43.06 4.70 -17.62
N SER H 220 -44.06 4.35 -18.43
CA SER H 220 -45.15 3.44 -18.02
C SER H 220 -45.00 2.06 -18.73
N ASN H 221 -44.90 1.00 -17.93
CA ASN H 221 -44.75 -0.38 -18.42
C ASN H 221 -45.84 -1.18 -17.79
N ARG H 222 -46.27 -2.27 -18.43
CA ARG H 222 -47.39 -3.09 -17.87
C ARG H 222 -47.00 -4.05 -16.72
N ILE H 223 -48.01 -4.73 -16.13
CA ILE H 223 -47.81 -5.61 -14.98
C ILE H 223 -48.32 -7.05 -15.18
N SER H 235 -50.65 -17.10 -24.78
CA SER H 235 -49.30 -17.25 -24.27
C SER H 235 -48.81 -15.90 -23.74
N GLU H 236 -48.81 -15.76 -22.41
CA GLU H 236 -48.36 -14.49 -21.74
C GLU H 236 -46.88 -14.63 -21.30
N ILE H 237 -46.27 -13.51 -20.90
CA ILE H 237 -44.92 -13.47 -20.29
C ILE H 237 -45.16 -12.73 -18.98
N LYS H 238 -44.16 -12.70 -18.10
CA LYS H 238 -44.27 -11.92 -16.85
C LYS H 238 -43.60 -10.58 -17.07
N PHE H 239 -44.44 -9.56 -17.20
CA PHE H 239 -43.99 -8.19 -17.35
C PHE H 239 -43.54 -7.72 -15.97
N TYR H 240 -42.51 -6.87 -15.91
CA TYR H 240 -41.97 -6.50 -14.62
C TYR H 240 -42.29 -5.09 -14.08
N GLY H 241 -43.33 -4.45 -14.60
CA GLY H 241 -43.72 -3.11 -14.14
C GLY H 241 -42.52 -2.15 -14.02
N ASN H 242 -42.19 -1.78 -12.77
CA ASN H 242 -41.09 -0.87 -12.50
C ASN H 242 -41.22 0.41 -13.32
N SER H 243 -42.45 0.95 -13.36
CA SER H 243 -42.75 2.22 -14.04
C SER H 243 -42.18 3.32 -13.15
N PHE H 244 -41.59 4.34 -13.78
CA PHE H 244 -40.95 5.39 -13.04
C PHE H 244 -40.98 6.75 -13.73
N ILE H 245 -40.72 7.76 -12.93
CA ILE H 245 -40.55 9.11 -13.37
C ILE H 245 -39.13 9.41 -12.91
N ALA H 246 -38.35 10.02 -13.81
CA ALA H 246 -36.96 10.40 -13.56
C ALA H 246 -36.85 11.92 -13.69
N GLY H 247 -36.07 12.57 -12.79
CA GLY H 247 -35.81 14.03 -12.87
C GLY H 247 -34.79 14.32 -13.98
N PRO H 248 -34.42 15.63 -14.18
CA PRO H 248 -33.41 16.06 -15.20
C PRO H 248 -31.91 15.72 -14.85
N THR H 249 -31.68 15.21 -13.65
CA THR H 249 -30.35 14.70 -13.23
C THR H 249 -30.30 13.14 -13.43
N GLY H 250 -31.44 12.55 -13.85
CA GLY H 250 -31.56 11.12 -14.02
C GLY H 250 -32.03 10.42 -12.75
N GLU H 251 -32.24 11.17 -11.67
CA GLU H 251 -32.69 10.56 -10.41
C GLU H 251 -34.18 10.15 -10.45
N ILE H 252 -34.45 8.92 -10.00
CA ILE H 252 -35.82 8.37 -9.93
C ILE H 252 -36.56 9.07 -8.76
N VAL H 253 -37.60 9.85 -9.08
CA VAL H 253 -38.38 10.60 -8.07
C VAL H 253 -39.62 9.85 -7.60
N SER H 254 -40.00 8.81 -8.35
CA SER H 254 -41.10 7.92 -7.98
C SER H 254 -40.99 6.62 -8.83
N ILE H 255 -41.29 5.49 -8.20
CA ILE H 255 -41.16 4.20 -8.87
C ILE H 255 -42.20 3.19 -8.39
N ALA H 256 -42.74 2.40 -9.31
CA ALA H 256 -43.73 1.37 -8.98
C ALA H 256 -43.03 0.01 -8.83
N ASP H 257 -43.68 -0.94 -8.12
CA ASP H 257 -43.11 -2.29 -7.92
C ASP H 257 -43.35 -3.15 -9.19
N ASP H 258 -43.00 -4.45 -9.13
CA ASP H 258 -43.15 -5.36 -10.31
C ASP H 258 -44.44 -6.22 -10.38
N LYS H 259 -45.41 -5.97 -9.48
CA LYS H 259 -46.64 -6.79 -9.47
C LYS H 259 -47.96 -6.02 -9.26
N GLU H 260 -47.89 -4.72 -8.92
CA GLU H 260 -49.11 -3.97 -8.55
C GLU H 260 -49.50 -2.85 -9.50
N GLU H 261 -50.80 -2.51 -9.46
CA GLU H 261 -51.37 -1.41 -10.22
C GLU H 261 -50.87 -0.12 -9.52
N ALA H 262 -50.45 0.87 -10.32
CA ALA H 262 -49.87 2.10 -9.74
C ALA H 262 -50.22 3.40 -10.47
N VAL H 263 -50.21 4.49 -9.70
CA VAL H 263 -50.44 5.84 -10.17
C VAL H 263 -49.33 6.71 -9.56
N LEU H 264 -48.36 7.10 -10.37
CA LEU H 264 -47.22 7.88 -9.88
C LEU H 264 -47.42 9.36 -10.19
N ILE H 265 -47.01 10.21 -9.24
CA ILE H 265 -47.13 11.69 -9.33
C ILE H 265 -45.76 12.34 -9.10
N ALA H 266 -45.50 13.43 -9.83
CA ALA H 266 -44.26 14.18 -9.69
C ALA H 266 -44.42 15.58 -10.30
N GLU H 267 -44.23 16.63 -9.48
CA GLU H 267 -44.28 18.03 -9.97
C GLU H 267 -42.87 18.52 -10.36
N PHE H 268 -42.78 19.23 -11.50
CA PHE H 268 -41.51 19.81 -11.99
C PHE H 268 -41.66 21.28 -12.32
N ASN H 269 -40.64 22.07 -11.98
CA ASN H 269 -40.61 23.47 -12.29
C ASN H 269 -39.84 23.56 -13.63
N LEU H 270 -40.58 23.58 -14.73
CA LEU H 270 -39.98 23.58 -16.08
C LEU H 270 -39.10 24.79 -16.35
N ASP H 271 -39.41 25.94 -15.74
CA ASP H 271 -38.58 27.15 -15.89
C ASP H 271 -37.22 27.02 -15.17
N LYS H 272 -37.22 26.50 -13.94
CA LYS H 272 -35.95 26.30 -13.21
C LYS H 272 -35.11 25.19 -13.88
N ILE H 273 -35.82 24.14 -14.34
CA ILE H 273 -35.18 23.00 -15.04
C ILE H 273 -34.57 23.47 -16.37
N LYS H 274 -35.29 24.35 -17.08
CA LYS H 274 -34.80 24.97 -18.33
C LYS H 274 -33.53 25.81 -18.05
N SER H 275 -33.58 26.59 -16.95
CA SER H 275 -32.48 27.45 -16.50
C SER H 275 -31.23 26.58 -16.19
N MET H 276 -31.48 25.49 -15.42
CA MET H 276 -30.46 24.44 -15.07
C MET H 276 -29.87 23.79 -16.36
N ARG H 277 -30.75 23.38 -17.28
CA ARG H 277 -30.33 22.71 -18.51
C ARG H 277 -29.36 23.59 -19.30
N HIS H 278 -29.72 24.86 -19.46
CA HIS H 278 -28.89 25.80 -20.22
C HIS H 278 -27.56 26.16 -19.50
N CYS H 279 -27.66 26.33 -18.17
CA CYS H 279 -26.51 26.66 -17.32
C CYS H 279 -25.48 25.51 -17.27
N TRP H 280 -25.98 24.26 -17.31
CA TRP H 280 -25.10 23.07 -17.30
C TRP H 280 -24.25 23.05 -18.59
N GLY H 281 -24.79 23.64 -19.67
CA GLY H 281 -24.04 23.91 -20.88
C GLY H 281 -23.81 22.84 -21.94
N VAL H 282 -24.34 21.62 -21.73
CA VAL H 282 -24.13 20.54 -22.72
C VAL H 282 -24.56 20.94 -24.16
N PHE H 283 -25.70 21.64 -24.29
CA PHE H 283 -26.18 22.09 -25.63
C PHE H 283 -25.35 23.22 -26.24
N ARG H 284 -24.76 24.03 -25.38
CA ARG H 284 -23.83 25.10 -25.81
C ARG H 284 -22.48 24.51 -26.37
N ASP H 285 -22.17 23.30 -25.90
CA ASP H 285 -20.89 22.63 -26.13
C ASP H 285 -20.93 21.49 -27.14
N ARG H 286 -22.13 21.12 -27.59
CA ARG H 286 -22.27 20.04 -28.60
C ARG H 286 -21.43 20.32 -29.87
N ARG H 287 -20.91 19.23 -30.46
CA ARG H 287 -20.06 19.30 -31.67
C ARG H 287 -20.68 18.53 -32.90
N PRO H 288 -21.83 19.02 -33.41
CA PRO H 288 -22.46 18.40 -34.60
C PRO H 288 -21.47 18.19 -35.78
N ASP H 289 -20.49 19.07 -35.92
CA ASP H 289 -19.46 18.96 -36.95
C ASP H 289 -18.60 17.68 -36.79
N LEU H 290 -18.65 17.06 -35.60
CA LEU H 290 -17.91 15.79 -35.37
C LEU H 290 -18.84 14.54 -35.30
N TYR H 291 -20.15 14.75 -35.50
CA TYR H 291 -21.15 13.66 -35.35
C TYR H 291 -21.63 12.97 -36.63
N LYS H 292 -20.93 13.17 -37.75
CA LYS H 292 -21.34 12.57 -39.04
C LYS H 292 -21.34 11.04 -39.02
N VAL H 293 -20.45 10.45 -38.20
CA VAL H 293 -20.38 8.98 -38.08
C VAL H 293 -21.72 8.39 -37.53
N LEU H 294 -22.52 9.24 -36.88
CA LEU H 294 -23.82 8.85 -36.37
C LEU H 294 -24.88 8.61 -37.47
N LEU H 295 -24.61 9.12 -38.68
CA LEU H 295 -25.50 8.92 -39.84
C LEU H 295 -25.06 7.68 -40.67
N THR H 296 -24.22 6.84 -40.06
CA THR H 296 -23.80 5.55 -40.64
C THR H 296 -24.27 4.42 -39.68
N LEU H 297 -24.22 3.18 -40.18
CA LEU H 297 -24.52 1.96 -39.40
C LEU H 297 -23.21 1.22 -39.04
N ASP H 298 -22.30 1.12 -40.04
CA ASP H 298 -21.00 0.42 -39.89
C ASP H 298 -19.81 1.36 -39.55
N GLY H 299 -20.10 2.53 -38.94
CA GLY H 299 -19.07 3.51 -38.59
C GLY H 299 -18.24 4.11 -39.74
N LYS H 300 -18.69 3.93 -40.98
CA LYS H 300 -17.93 4.36 -42.17
C LYS H 300 -18.81 4.99 -43.32
N ASN H 301 -19.80 4.22 -43.82
CA ASN H 301 -20.68 4.62 -44.98
C ASN H 301 -22.04 5.30 -44.62
N PRO H 302 -22.30 6.55 -45.12
CA PRO H 302 -23.62 7.17 -44.82
C PRO H 302 -24.78 6.57 -45.62
N ASP I 7 31.90 -56.25 21.42
CA ASP I 7 32.75 -56.53 22.62
C ASP I 7 33.40 -55.25 23.15
N LYS I 8 33.74 -54.31 22.25
CA LYS I 8 34.59 -53.13 22.60
C LYS I 8 34.22 -52.20 23.79
N GLY I 9 35.26 -51.88 24.59
CA GLY I 9 35.14 -50.96 25.73
C GLY I 9 35.91 -51.43 26.96
N ARG I 10 36.10 -50.54 27.92
CA ARG I 10 36.78 -50.90 29.17
C ARG I 10 35.90 -51.88 29.92
N LYS I 11 36.51 -52.96 30.34
CA LYS I 11 35.83 -53.98 31.10
C LYS I 11 36.43 -54.09 32.47
N VAL I 12 35.56 -54.27 33.44
CA VAL I 12 35.94 -54.43 34.81
C VAL I 12 35.14 -55.58 35.38
N VAL I 13 35.83 -56.49 36.05
CA VAL I 13 35.20 -57.59 36.74
C VAL I 13 35.12 -57.20 38.23
N VAL I 14 33.92 -57.20 38.78
CA VAL I 14 33.76 -56.84 40.21
C VAL I 14 33.33 -58.07 40.99
N SER I 15 33.63 -58.07 42.29
CA SER I 15 33.31 -59.18 43.14
C SER I 15 32.79 -58.75 44.46
N ALA I 16 31.80 -59.52 44.95
CA ALA I 16 31.24 -59.34 46.31
C ALA I 16 31.58 -60.58 47.10
N LEU I 17 32.21 -60.42 48.25
CA LEU I 17 32.56 -61.52 49.10
C LEU I 17 31.58 -61.64 50.24
N GLN I 18 31.30 -62.86 50.68
CA GLN I 18 30.37 -63.10 51.76
C GLN I 18 30.92 -64.19 52.69
N PHE I 19 31.04 -63.88 53.98
CA PHE I 19 31.44 -64.91 54.97
C PHE I 19 30.92 -64.65 56.37
N ALA I 20 31.05 -65.61 57.27
CA ALA I 20 30.66 -65.43 58.65
C ALA I 20 31.90 -65.01 59.42
N CYS I 21 31.70 -64.16 60.43
CA CYS I 21 32.78 -63.66 61.25
C CYS I 21 32.91 -64.43 62.55
N THR I 22 34.15 -64.62 62.98
CA THR I 22 34.47 -65.15 64.34
C THR I 22 34.78 -63.89 65.11
N ASP I 23 35.03 -63.96 66.40
CA ASP I 23 35.44 -62.77 67.12
C ASP I 23 36.95 -62.87 67.43
N ASP I 24 37.69 -63.32 66.42
CA ASP I 24 39.14 -63.42 66.46
C ASP I 24 39.59 -62.70 65.19
N VAL I 25 40.28 -61.57 65.41
CA VAL I 25 40.79 -60.73 64.32
C VAL I 25 41.64 -61.48 63.29
N SER I 26 42.68 -62.19 63.77
CA SER I 26 43.57 -62.94 62.90
C SER I 26 42.83 -63.87 61.99
N THR I 27 41.90 -64.64 62.55
CA THR I 27 41.12 -65.57 61.77
C THR I 27 40.34 -64.84 60.69
N ASN I 28 39.65 -63.77 61.07
CA ASN I 28 38.83 -63.03 60.12
C ASN I 28 39.64 -62.37 59.02
N VAL I 29 40.82 -61.87 59.30
CA VAL I 29 41.64 -61.29 58.22
C VAL I 29 42.14 -62.44 57.29
N THR I 30 42.48 -63.58 57.88
CA THR I 30 42.89 -64.75 57.12
C THR I 30 41.71 -65.18 56.18
N THR I 31 40.48 -65.20 56.70
CA THR I 31 39.32 -65.55 55.90
C THR I 31 39.19 -64.61 54.72
N ALA I 32 39.36 -63.31 54.97
CA ALA I 32 39.22 -62.30 53.91
C ALA I 32 40.30 -62.45 52.85
N GLU I 33 41.53 -62.65 53.25
CA GLU I 33 42.59 -62.85 52.30
C GLU I 33 42.29 -64.08 51.38
N ARG I 34 41.87 -65.20 52.00
CA ARG I 34 41.51 -66.41 51.24
C ARG I 34 40.43 -66.14 50.14
N LEU I 35 39.41 -65.35 50.47
CA LEU I 35 38.34 -65.09 49.57
C LEU I 35 38.73 -64.03 48.50
N VAL I 36 39.57 -63.06 48.86
CA VAL I 36 40.07 -62.11 47.88
C VAL I 36 40.89 -62.89 46.85
N ARG I 37 41.72 -63.82 47.32
CA ARG I 37 42.52 -64.64 46.40
C ARG I 37 41.61 -65.48 45.48
N ALA I 38 40.52 -66.01 46.02
CA ALA I 38 39.61 -66.81 45.21
C ALA I 38 38.91 -65.94 44.18
N ALA I 39 38.58 -64.72 44.56
CA ALA I 39 37.93 -63.81 43.64
C ALA I 39 38.86 -63.43 42.48
N HIS I 40 40.11 -63.15 42.85
CA HIS I 40 41.15 -62.81 41.91
C HIS I 40 41.42 -63.96 40.94
N LYS I 41 41.43 -65.19 41.47
CA LYS I 41 41.60 -66.36 40.63
C LYS I 41 40.51 -66.48 39.57
N GLN I 42 39.29 -66.02 39.91
CA GLN I 42 38.17 -66.04 38.98
C GLN I 42 38.11 -64.75 38.10
N GLY I 43 39.18 -63.92 38.11
CA GLY I 43 39.27 -62.73 37.26
C GLY I 43 38.89 -61.38 37.89
N ALA I 44 38.62 -61.35 39.17
CA ALA I 44 38.21 -60.09 39.80
C ALA I 44 39.30 -58.96 39.74
N ASN I 45 38.86 -57.74 39.41
CA ASN I 45 39.73 -56.54 39.42
C ASN I 45 39.44 -55.68 40.67
N ILE I 46 38.19 -55.66 41.13
CA ILE I 46 37.77 -54.92 42.34
C ILE I 46 36.94 -55.89 43.17
N VAL I 47 37.36 -56.04 44.45
CA VAL I 47 36.81 -57.02 45.36
C VAL I 47 36.32 -56.35 46.66
N LEU I 48 35.04 -56.53 46.98
CA LEU I 48 34.44 -55.92 48.17
C LEU I 48 34.19 -56.86 49.37
N ILE I 49 34.91 -56.57 50.46
CA ILE I 49 34.76 -57.28 51.74
C ILE I 49 33.65 -56.62 52.60
N GLN I 50 32.85 -57.44 53.27
CA GLN I 50 31.75 -56.96 54.14
C GLN I 50 32.21 -55.99 55.26
N GLU I 51 31.25 -55.20 55.76
CA GLU I 51 31.50 -54.20 56.81
C GLU I 51 32.03 -54.78 58.16
N LEU I 52 33.06 -54.09 58.67
CA LEU I 52 33.67 -54.38 59.98
C LEU I 52 33.98 -55.87 60.21
N PHE I 53 34.54 -56.46 59.16
CA PHE I 53 34.84 -57.86 59.11
C PHE I 53 35.86 -58.40 60.14
N GLU I 54 36.59 -57.54 60.83
CA GLU I 54 37.57 -58.01 61.78
C GLU I 54 36.95 -58.69 63.02
N GLY I 55 35.64 -58.56 63.21
CA GLY I 55 34.99 -59.24 64.31
C GLY I 55 33.48 -59.22 64.35
N TYR I 56 32.92 -59.73 65.44
CA TYR I 56 31.48 -59.67 65.65
C TYR I 56 31.00 -58.20 65.52
N TYR I 57 29.80 -58.08 65.02
CA TYR I 57 29.18 -56.80 64.81
C TYR I 57 28.73 -56.29 66.18
N PHE I 58 29.52 -55.41 66.75
CA PHE I 58 29.36 -54.99 68.18
C PHE I 58 28.42 -53.78 68.43
N CYS I 59 27.94 -53.12 67.35
CA CYS I 59 27.22 -51.84 67.45
C CYS I 59 25.78 -51.82 68.05
N GLN I 60 25.18 -52.99 68.29
CA GLN I 60 23.82 -53.06 68.92
C GLN I 60 23.96 -53.27 70.44
N ALA I 61 25.21 -53.44 70.90
CA ALA I 61 25.54 -53.50 72.31
C ALA I 61 26.22 -52.17 72.64
N GLN I 62 25.76 -51.45 73.66
CA GLN I 62 26.44 -50.22 74.06
C GLN I 62 27.44 -50.63 75.13
N ARG I 63 28.58 -51.18 74.70
CA ARG I 63 29.58 -51.66 75.65
C ARG I 63 30.92 -50.88 75.53
N GLU I 64 31.31 -50.24 76.64
CA GLU I 64 32.48 -49.33 76.69
C GLU I 64 33.81 -49.94 76.20
N ASP I 65 34.08 -51.20 76.56
CA ASP I 65 35.35 -51.84 76.18
C ASP I 65 35.55 -52.15 74.69
N PHE I 66 34.47 -52.15 73.90
CA PHE I 66 34.59 -52.35 72.44
C PHE I 66 35.20 -51.12 71.78
N ILE I 67 35.04 -49.95 72.39
CA ILE I 67 35.60 -48.69 71.82
C ILE I 67 37.09 -48.83 71.51
N GLN I 68 37.81 -49.59 72.33
CA GLN I 68 39.25 -49.78 72.14
C GLN I 68 39.64 -50.61 70.89
N ARG I 69 38.67 -51.20 70.21
CA ARG I 69 38.95 -51.93 68.97
C ARG I 69 39.28 -50.97 67.86
N ALA I 70 38.92 -49.70 68.05
CA ALA I 70 39.17 -48.68 67.05
C ALA I 70 40.66 -48.36 67.05
N LYS I 71 41.19 -48.15 65.84
CA LYS I 71 42.57 -47.79 65.63
C LYS I 71 42.64 -46.62 64.68
N PRO I 72 43.73 -45.84 64.76
CA PRO I 72 43.87 -44.75 63.81
C PRO I 72 44.02 -45.23 62.34
N TYR I 73 43.62 -44.38 61.41
CA TYR I 73 43.77 -44.60 59.92
C TYR I 73 45.24 -44.82 59.56
N LYS I 74 46.08 -43.95 60.08
CA LYS I 74 47.53 -44.00 59.86
C LYS I 74 48.21 -45.26 60.45
N ASP I 75 49.01 -45.94 59.63
CA ASP I 75 49.70 -47.15 60.00
C ASP I 75 48.72 -48.22 60.56
N HIS I 76 47.55 -48.36 59.93
CA HIS I 76 46.58 -49.38 60.38
C HIS I 76 47.07 -50.79 59.94
N PRO I 77 47.29 -51.73 60.89
CA PRO I 77 47.86 -53.04 60.50
C PRO I 77 47.01 -53.86 59.54
N THR I 78 45.68 -53.70 59.57
CA THR I 78 44.84 -54.42 58.63
C THR I 78 44.85 -53.74 57.23
N ILE I 79 44.84 -52.39 57.20
CA ILE I 79 44.95 -51.68 55.95
C ILE I 79 46.33 -52.02 55.33
N MET I 80 47.40 -51.85 56.08
CA MET I 80 48.75 -52.13 55.55
C MET I 80 48.86 -53.55 54.98
N ARG I 81 48.27 -54.52 55.67
CA ARG I 81 48.35 -55.89 55.21
C ARG I 81 47.52 -56.12 53.93
N LEU I 82 46.37 -55.49 53.83
CA LEU I 82 45.56 -55.63 52.60
C LEU I 82 46.17 -54.81 51.42
N GLN I 83 46.96 -53.77 51.73
CA GLN I 83 47.68 -53.01 50.72
C GLN I 83 48.70 -53.94 50.05
N LYS I 84 49.33 -54.80 50.85
CA LYS I 84 50.32 -55.72 50.30
C LYS I 84 49.64 -56.74 49.38
N LEU I 85 48.42 -57.15 49.76
CA LEU I 85 47.70 -58.14 49.00
C LEU I 85 47.18 -57.52 47.71
N ALA I 86 46.70 -56.29 47.79
CA ALA I 86 46.22 -55.52 46.63
C ALA I 86 47.32 -55.35 45.56
N LYS I 87 48.52 -55.03 46.01
CA LYS I 87 49.64 -54.86 45.12
C LYS I 87 50.10 -56.21 44.56
N GLU I 88 50.04 -57.25 45.37
CA GLU I 88 50.53 -58.57 44.94
C GLU I 88 49.70 -59.07 43.78
N LEU I 89 48.39 -58.93 43.89
CA LEU I 89 47.44 -59.44 42.92
C LEU I 89 46.94 -58.44 41.88
N GLY I 90 47.21 -57.15 42.05
CA GLY I 90 46.67 -56.14 41.13
C GLY I 90 45.16 -55.95 41.26
N VAL I 91 44.65 -55.86 42.50
CA VAL I 91 43.18 -55.64 42.69
C VAL I 91 42.86 -54.48 43.61
N VAL I 92 41.74 -53.84 43.36
CA VAL I 92 41.30 -52.76 44.19
C VAL I 92 40.57 -53.35 45.41
N ILE I 93 40.99 -52.96 46.62
CA ILE I 93 40.37 -53.42 47.86
C ILE I 93 39.88 -52.28 48.82
N PRO I 94 38.56 -51.99 48.82
CA PRO I 94 38.04 -51.10 49.86
C PRO I 94 38.10 -51.81 51.26
N VAL I 95 38.78 -51.24 52.23
CA VAL I 95 38.93 -51.87 53.52
C VAL I 95 38.13 -51.17 54.60
N SER I 96 37.08 -51.83 55.07
CA SER I 96 36.24 -51.31 56.17
C SER I 96 37.00 -51.36 57.51
N PHE I 97 36.95 -50.32 58.34
CA PHE I 97 37.59 -50.37 59.67
C PHE I 97 36.96 -49.37 60.64
N PHE I 98 37.18 -49.61 61.92
CA PHE I 98 36.70 -48.78 63.03
C PHE I 98 37.80 -47.76 63.31
N GLU I 99 37.57 -46.49 62.96
CA GLU I 99 38.60 -45.44 63.02
C GLU I 99 38.63 -44.64 64.30
N GLU I 100 39.80 -44.64 64.93
CA GLU I 100 40.02 -43.81 66.04
C GLU I 100 40.54 -42.50 65.43
N ALA I 101 39.86 -41.40 65.67
CA ALA I 101 40.29 -40.09 65.17
C ALA I 101 40.58 -39.18 66.35
N ASN I 102 40.72 -37.90 66.08
CA ASN I 102 41.04 -36.97 67.17
C ASN I 102 39.80 -36.40 67.92
N ASN I 103 39.50 -37.03 69.08
CA ASN I 103 38.24 -36.77 69.82
C ASN I 103 36.98 -37.13 69.00
N ALA I 104 37.08 -38.22 68.25
CA ALA I 104 35.98 -38.74 67.48
C ALA I 104 36.32 -40.15 67.06
N HIS I 105 35.29 -40.91 66.70
CA HIS I 105 35.45 -42.26 66.22
C HIS I 105 34.57 -42.34 65.00
N TYR I 106 34.94 -43.15 64.03
CA TYR I 106 34.15 -43.26 62.84
C TYR I 106 34.10 -44.68 62.33
N ASN I 107 33.04 -44.95 61.60
CA ASN I 107 32.93 -46.19 60.83
C ASN I 107 33.48 -45.79 59.45
N SER I 108 34.63 -46.34 59.11
CA SER I 108 35.34 -45.86 57.94
C SER I 108 35.75 -46.92 56.95
N ILE I 109 36.17 -46.47 55.78
CA ILE I 109 36.59 -47.35 54.72
C ILE I 109 37.68 -46.67 53.91
N ALA I 110 38.78 -47.39 53.69
CA ALA I 110 39.96 -46.87 52.96
C ALA I 110 40.01 -47.58 51.63
N ILE I 111 40.18 -46.83 50.56
CA ILE I 111 40.20 -47.41 49.22
C ILE I 111 41.62 -47.67 48.78
N ILE I 112 41.98 -48.95 48.68
CA ILE I 112 43.32 -49.35 48.22
C ILE I 112 43.29 -49.67 46.74
N ASP I 113 44.12 -48.98 45.98
CA ASP I 113 44.19 -49.13 44.49
C ASP I 113 44.93 -50.45 44.16
N ALA I 114 44.93 -50.83 42.88
CA ALA I 114 45.59 -52.06 42.38
C ALA I 114 47.06 -52.07 42.46
N ASP I 115 47.68 -50.90 42.64
CA ASP I 115 49.13 -50.81 42.82
C ASP I 115 49.54 -50.76 44.29
N GLY I 116 48.57 -50.87 45.20
CA GLY I 116 48.83 -50.81 46.67
C GLY I 116 48.62 -49.43 47.32
N THR I 117 48.48 -48.38 46.51
CA THR I 117 48.31 -47.04 46.98
C THR I 117 46.98 -46.79 47.72
N ASP I 118 47.09 -46.13 48.85
CA ASP I 118 45.94 -45.75 49.67
C ASP I 118 45.41 -44.45 49.07
N LEU I 119 44.24 -44.55 48.44
CA LEU I 119 43.67 -43.42 47.77
C LEU I 119 42.88 -42.49 48.70
N GLY I 120 42.61 -42.93 49.94
CA GLY I 120 41.88 -42.11 50.92
C GLY I 120 40.74 -42.83 51.60
N ILE I 121 39.95 -42.06 52.37
CA ILE I 121 38.84 -42.65 53.10
C ILE I 121 37.49 -41.98 52.96
N TYR I 122 36.48 -42.79 53.16
CA TYR I 122 35.13 -42.29 53.26
C TYR I 122 34.68 -42.62 54.71
N ARG I 123 33.99 -41.68 55.34
CA ARG I 123 33.48 -41.89 56.71
C ARG I 123 31.97 -41.99 56.67
N LYS I 124 31.41 -43.07 57.23
CA LYS I 124 29.95 -43.31 57.24
C LYS I 124 29.19 -42.05 57.69
N SER I 125 28.20 -41.64 56.88
CA SER I 125 27.52 -40.35 57.09
C SER I 125 26.20 -40.45 57.89
N HIS I 126 25.45 -41.50 57.62
CA HIS I 126 24.14 -41.68 58.21
C HIS I 126 24.25 -42.66 59.40
N ILE I 127 23.96 -42.18 60.60
CA ILE I 127 24.06 -43.00 61.81
C ILE I 127 22.69 -43.19 62.51
N PRO I 128 22.20 -44.44 62.50
CA PRO I 128 20.88 -44.81 63.09
C PRO I 128 20.76 -44.57 64.58
N ASP I 129 19.68 -43.93 65.03
CA ASP I 129 19.42 -43.65 66.51
C ASP I 129 18.07 -44.24 67.00
N GLY I 130 17.70 -45.44 66.52
CA GLY I 130 16.42 -46.06 66.97
C GLY I 130 16.57 -46.72 68.37
N PRO I 131 15.47 -46.79 69.17
CA PRO I 131 15.58 -47.49 70.49
C PRO I 131 16.22 -48.94 70.47
N GLY I 132 16.32 -49.58 69.29
CA GLY I 132 16.98 -50.92 69.12
C GLY I 132 18.29 -50.82 68.31
N TYR I 133 18.66 -49.58 67.96
CA TYR I 133 19.87 -49.23 67.18
C TYR I 133 20.82 -48.29 68.00
N GLU I 134 21.97 -48.83 68.41
CA GLU I 134 22.89 -48.06 69.28
C GLU I 134 24.21 -47.59 68.61
N GLU I 135 24.26 -47.51 67.26
CA GLU I 135 25.49 -47.08 66.55
C GLU I 135 26.07 -45.70 66.98
N LYS I 136 25.22 -44.76 67.35
CA LYS I 136 25.68 -43.42 67.74
C LYS I 136 26.67 -43.43 68.88
N PHE I 137 26.55 -44.42 69.76
CA PHE I 137 27.45 -44.61 70.89
C PHE I 137 28.92 -44.82 70.45
N TYR I 138 29.12 -45.45 69.28
CA TYR I 138 30.46 -45.74 68.75
C TYR I 138 30.91 -44.79 67.66
N PHE I 139 29.96 -44.29 66.86
CA PHE I 139 30.34 -43.48 65.69
C PHE I 139 29.82 -42.01 65.63
N ASN I 140 30.73 -41.07 65.44
CA ASN I 140 30.33 -39.74 65.16
C ASN I 140 29.82 -39.73 63.68
N PRO I 141 28.89 -38.83 63.35
CA PRO I 141 28.45 -38.76 61.92
C PRO I 141 29.64 -38.37 61.05
N GLY I 142 29.84 -39.09 59.93
CA GLY I 142 30.96 -38.83 59.02
C GLY I 142 31.04 -37.38 58.55
N ASP I 143 32.28 -36.90 58.38
CA ASP I 143 32.52 -35.52 57.92
C ASP I 143 33.32 -35.41 56.59
N THR I 144 33.51 -36.53 55.89
CA THR I 144 34.16 -36.54 54.62
C THR I 144 33.22 -36.11 53.48
N GLY I 145 31.93 -36.42 53.59
CA GLY I 145 31.03 -36.20 52.54
C GLY I 145 31.09 -37.40 51.60
N PHE I 146 30.19 -37.47 50.63
CA PHE I 146 30.20 -38.57 49.67
C PHE I 146 31.31 -38.31 48.69
N LYS I 147 32.10 -39.34 48.44
CA LYS I 147 33.31 -39.26 47.62
C LYS I 147 33.37 -40.28 46.48
N VAL I 148 34.25 -39.98 45.53
CA VAL I 148 34.56 -40.90 44.48
C VAL I 148 36.03 -40.98 44.37
N PHE I 149 36.47 -42.15 43.98
CA PHE I 149 37.87 -42.48 43.87
C PHE I 149 38.19 -43.00 42.49
N GLN I 150 39.24 -42.46 41.91
CA GLN I 150 39.75 -42.90 40.62
C GLN I 150 40.71 -44.08 40.87
N THR I 151 40.28 -45.30 40.56
CA THR I 151 41.16 -46.50 40.70
C THR I 151 41.76 -46.81 39.33
N LYS I 152 42.60 -47.83 39.22
CA LYS I 152 43.19 -48.20 37.92
C LYS I 152 42.15 -48.65 36.89
N TYR I 153 41.04 -49.21 37.37
CA TYR I 153 40.04 -49.79 36.53
C TYR I 153 38.79 -48.98 36.38
N ALA I 154 38.51 -48.06 37.33
CA ALA I 154 37.24 -47.30 37.31
C ALA I 154 37.19 -46.22 38.36
N LYS I 155 36.29 -45.28 38.14
CA LYS I 155 36.05 -44.23 39.07
C LYS I 155 34.97 -44.91 39.93
N ILE I 156 35.17 -45.02 41.25
CA ILE I 156 34.17 -45.69 42.09
C ILE I 156 33.67 -44.89 43.28
N GLY I 157 32.47 -45.23 43.71
CA GLY I 157 31.83 -44.62 44.86
C GLY I 157 31.61 -45.72 45.89
N VAL I 158 32.03 -45.47 47.13
CA VAL I 158 31.82 -46.45 48.19
C VAL I 158 31.07 -45.79 49.31
N ALA I 159 30.12 -46.50 49.90
CA ALA I 159 29.46 -46.02 51.09
C ALA I 159 29.18 -47.21 52.08
N ILE I 160 28.71 -46.91 53.31
CA ILE I 160 28.72 -47.94 54.32
C ILE I 160 27.41 -48.20 55.03
N CYS I 161 27.08 -49.50 55.21
CA CYS I 161 25.90 -49.96 56.00
C CYS I 161 24.64 -49.04 55.87
N TRP I 162 24.21 -48.38 56.96
CA TRP I 162 22.99 -47.54 56.97
C TRP I 162 22.86 -46.50 55.78
N ASP I 163 24.00 -46.09 55.19
CA ASP I 163 24.03 -45.15 54.07
C ASP I 163 23.24 -45.77 52.93
N GLN I 164 23.23 -47.11 52.91
CA GLN I 164 22.57 -47.88 51.84
C GLN I 164 21.12 -47.47 51.63
N TRP I 165 20.48 -46.91 52.66
CA TRP I 165 19.06 -46.55 52.55
C TRP I 165 18.72 -45.16 51.93
N PHE I 166 19.73 -44.37 51.62
CA PHE I 166 19.61 -43.00 51.24
C PHE I 166 19.95 -42.76 49.75
N PRO I 167 18.92 -42.58 48.92
CA PRO I 167 19.15 -42.30 47.46
C PRO I 167 20.07 -41.13 47.25
N GLU I 168 20.01 -40.14 48.12
CA GLU I 168 20.89 -38.99 48.04
C GLU I 168 22.39 -39.36 47.96
N ALA I 169 22.80 -40.40 48.72
CA ALA I 169 24.23 -40.84 48.67
C ALA I 169 24.61 -41.44 47.30
N ALA I 170 23.76 -42.28 46.78
CA ALA I 170 24.00 -42.91 45.47
C ALA I 170 24.06 -41.83 44.38
N ARG I 171 23.11 -40.90 44.44
CA ARG I 171 23.06 -39.83 43.47
C ARG I 171 24.28 -38.94 43.55
N ALA I 172 24.67 -38.56 44.77
CA ALA I 172 25.82 -37.68 44.96
C ALA I 172 27.08 -38.28 44.37
N MET I 173 27.22 -39.57 44.51
CA MET I 173 28.35 -40.30 43.93
C MET I 173 28.26 -40.32 42.42
N ALA I 174 27.11 -40.70 41.89
CA ALA I 174 26.92 -40.74 40.41
C ALA I 174 27.20 -39.36 39.76
N LEU I 175 26.70 -38.31 40.39
CA LEU I 175 26.90 -36.95 39.85
C LEU I 175 28.35 -36.57 39.76
N GLN I 176 29.18 -37.13 40.65
CA GLN I 176 30.62 -36.87 40.62
C GLN I 176 31.44 -37.87 39.73
N GLY I 177 30.77 -38.67 38.91
CA GLY I 177 31.45 -39.59 38.02
C GLY I 177 31.63 -41.05 38.44
N ALA I 178 31.03 -41.47 39.58
CA ALA I 178 31.16 -42.87 40.01
C ALA I 178 30.60 -43.79 38.93
N GLU I 179 31.37 -44.81 38.54
CA GLU I 179 30.93 -45.74 37.45
C GLU I 179 30.37 -47.02 38.04
N ILE I 180 30.76 -47.31 39.31
CA ILE I 180 30.28 -48.47 40.05
C ILE I 180 30.13 -48.06 41.49
N LEU I 181 29.07 -48.55 42.14
CA LEU I 181 28.82 -48.27 43.58
C LEU I 181 29.07 -49.54 44.43
N PHE I 182 29.75 -49.33 45.56
CA PHE I 182 30.05 -50.39 46.53
C PHE I 182 29.43 -50.08 47.89
N TYR I 183 28.78 -51.07 48.47
CA TYR I 183 28.10 -50.92 49.73
C TYR I 183 28.34 -52.13 50.68
N PRO I 184 29.49 -52.13 51.37
CA PRO I 184 29.72 -53.19 52.41
C PRO I 184 28.74 -52.99 53.55
N THR I 185 28.14 -54.05 54.03
CA THR I 185 27.12 -53.89 55.08
C THR I 185 27.07 -55.04 56.10
N ALA I 186 26.15 -54.90 57.03
CA ALA I 186 25.94 -55.92 58.05
C ALA I 186 24.51 -55.86 58.51
N ILE I 187 23.68 -56.72 57.97
CA ILE I 187 22.29 -56.68 58.31
C ILE I 187 21.75 -58.05 58.53
N GLY I 188 20.96 -58.18 59.61
CA GLY I 188 20.36 -59.40 60.06
C GLY I 188 19.06 -59.15 60.78
N SER I 189 18.76 -59.95 61.77
CA SER I 189 17.50 -59.85 62.45
C SER I 189 17.43 -60.68 63.76
N GLU I 190 16.38 -60.32 64.56
CA GLU I 190 16.01 -60.89 65.90
C GLU I 190 17.00 -60.46 67.02
N ASP I 197 11.59 -59.47 58.79
CA ASP I 197 12.89 -59.61 58.12
C ASP I 197 13.03 -58.66 56.87
N SER I 198 14.15 -57.94 56.83
CA SER I 198 14.30 -56.86 55.89
C SER I 198 15.11 -57.10 54.62
N ARG I 199 15.49 -58.35 54.31
CA ARG I 199 16.36 -58.60 53.14
C ARG I 199 15.75 -58.17 51.77
N ASP I 200 14.44 -58.37 51.56
CA ASP I 200 13.82 -57.95 50.28
C ASP I 200 13.70 -56.43 50.20
N HIS I 201 13.38 -55.80 51.33
CA HIS I 201 13.27 -54.34 51.40
C HIS I 201 14.58 -53.72 51.04
N TRP I 202 15.66 -54.26 51.61
CA TRP I 202 17.03 -53.80 51.37
C TRP I 202 17.47 -53.95 49.92
N LYS I 203 17.22 -55.13 49.35
CA LYS I 203 17.55 -55.38 47.93
C LYS I 203 16.81 -54.38 47.01
N ARG I 204 15.53 -54.23 47.22
CA ARG I 204 14.77 -53.29 46.43
C ARG I 204 15.30 -51.88 46.45
N VAL I 205 15.71 -51.40 47.61
CA VAL I 205 16.18 -50.03 47.71
C VAL I 205 17.48 -49.86 46.93
N MET I 206 18.38 -50.83 47.08
CA MET I 206 19.68 -50.80 46.39
CA MET I 206 19.67 -50.83 46.42
C MET I 206 19.51 -50.95 44.89
N GLN I 207 18.65 -51.86 44.47
CA GLN I 207 18.35 -52.06 43.02
C GLN I 207 17.88 -50.76 42.44
N GLY I 208 17.05 -50.06 43.21
CA GLY I 208 16.59 -48.73 42.88
C GLY I 208 17.70 -47.70 42.66
N HIS I 209 18.75 -47.68 43.50
CA HIS I 209 19.88 -46.78 43.29
C HIS I 209 20.61 -47.09 41.96
N ALA I 210 20.84 -48.38 41.71
CA ALA I 210 21.51 -48.81 40.50
C ALA I 210 20.66 -48.40 39.23
N GLY I 211 19.36 -48.64 39.29
CA GLY I 211 18.43 -48.31 38.22
C GLY I 211 18.27 -46.80 37.97
N ALA I 212 18.31 -46.00 39.02
CA ALA I 212 18.07 -44.54 38.89
C ALA I 212 19.27 -43.79 38.39
N ASN I 213 20.45 -44.30 38.76
CA ASN I 213 21.76 -43.74 38.36
C ASN I 213 22.43 -44.40 37.19
N LEU I 214 21.84 -45.51 36.74
CA LEU I 214 22.39 -46.31 35.64
C LEU I 214 23.90 -46.62 35.83
N VAL I 215 24.18 -47.16 37.00
CA VAL I 215 25.51 -47.69 37.36
C VAL I 215 25.33 -49.02 38.07
N PRO I 216 26.27 -49.94 37.86
CA PRO I 216 26.20 -51.19 38.63
C PRO I 216 26.50 -51.00 40.13
N LEU I 217 26.00 -51.91 40.94
CA LEU I 217 26.09 -51.78 42.38
C LEU I 217 26.45 -53.13 43.02
N VAL I 218 27.43 -53.10 43.93
CA VAL I 218 27.95 -54.30 44.59
C VAL I 218 27.70 -54.17 46.10
N ALA I 219 27.07 -55.18 46.70
CA ALA I 219 26.77 -55.16 48.09
C ALA I 219 27.23 -56.45 48.74
N SER I 220 27.99 -56.31 49.83
CA SER I 220 28.52 -57.43 50.59
C SER I 220 28.03 -57.40 52.04
N ASN I 221 27.35 -58.47 52.44
CA ASN I 221 26.80 -58.64 53.78
C ASN I 221 27.31 -59.92 54.39
N ARG I 222 27.43 -59.95 55.72
CA ARG I 222 27.88 -61.13 56.42
C ARG I 222 26.75 -62.12 56.61
N ILE I 223 27.14 -63.36 56.91
CA ILE I 223 26.23 -64.43 57.30
C ILE I 223 26.60 -64.84 58.75
N GLY I 224 25.80 -65.71 59.34
CA GLY I 224 26.13 -66.32 60.65
C GLY I 224 25.38 -65.71 61.82
N ASN I 225 25.26 -66.51 62.87
CA ASN I 225 24.68 -66.10 64.16
C ASN I 225 25.74 -65.53 65.05
N GLU I 226 25.42 -64.42 65.73
CA GLU I 226 26.36 -63.77 66.64
C GLU I 226 25.70 -63.40 67.95
N ILE I 227 26.36 -63.84 69.03
CA ILE I 227 25.93 -63.60 70.40
C ILE I 227 27.01 -62.79 71.14
N ILE I 228 26.56 -61.74 71.83
CA ILE I 228 27.42 -60.88 72.68
C ILE I 228 26.71 -60.56 74.01
N GLU I 229 27.40 -60.68 75.14
CA GLU I 229 26.80 -60.27 76.47
C GLU I 229 26.67 -58.71 76.50
N THR I 230 25.60 -58.17 77.13
CA THR I 230 25.38 -56.69 77.18
C THR I 230 24.74 -56.25 78.52
N GLU I 231 24.18 -55.02 78.51
CA GLU I 231 23.47 -54.43 79.70
C GLU I 231 22.19 -55.23 80.16
N HIS I 232 21.36 -55.65 79.19
CA HIS I 232 20.14 -56.49 79.44
C HIS I 232 20.49 -58.00 79.52
N GLY I 233 21.15 -58.51 78.48
CA GLY I 233 21.55 -59.92 78.38
C GLY I 233 21.98 -60.23 76.95
N LYS I 234 21.73 -61.45 76.49
CA LYS I 234 22.14 -61.88 75.15
C LYS I 234 21.62 -61.03 73.97
N SER I 235 22.53 -60.33 73.27
CA SER I 235 22.17 -59.73 71.98
C SER I 235 22.46 -60.90 71.01
N GLU I 236 21.42 -61.36 70.32
CA GLU I 236 21.54 -62.43 69.32
C GLU I 236 20.98 -61.96 67.98
N ILE I 237 21.87 -61.90 66.98
CA ILE I 237 21.53 -61.48 65.63
C ILE I 237 21.87 -62.59 64.63
N LYS I 238 20.93 -62.92 63.72
CA LYS I 238 21.21 -63.86 62.61
C LYS I 238 21.39 -63.06 61.35
N PHE I 239 22.62 -62.87 60.93
CA PHE I 239 22.87 -62.10 59.68
C PHE I 239 22.40 -62.91 58.53
N TYR I 240 21.87 -62.23 57.51
CA TYR I 240 21.18 -62.96 56.47
C TYR I 240 21.83 -62.97 55.07
N GLY I 241 23.10 -62.60 54.99
CA GLY I 241 23.82 -62.65 53.73
C GLY I 241 23.10 -62.03 52.58
N ASN I 242 22.80 -62.81 51.55
CA ASN I 242 22.15 -62.29 50.35
C ASN I 242 23.00 -61.18 49.69
N SER I 243 24.34 -61.32 49.80
CA SER I 243 25.24 -60.38 49.11
C SER I 243 24.88 -60.49 47.60
N PHE I 244 25.05 -59.40 46.85
CA PHE I 244 24.68 -59.43 45.46
C PHE I 244 25.39 -58.41 44.62
N ILE I 245 25.23 -58.58 43.30
CA ILE I 245 25.74 -57.63 42.31
C ILE I 245 24.62 -57.31 41.38
N ALA I 246 24.32 -56.02 41.24
CA ALA I 246 23.26 -55.56 40.34
C ALA I 246 23.85 -54.73 39.18
N GLY I 247 23.22 -54.86 38.02
CA GLY I 247 23.60 -54.13 36.84
C GLY I 247 22.97 -52.74 36.79
N PRO I 248 23.28 -51.97 35.72
CA PRO I 248 22.82 -50.59 35.57
C PRO I 248 21.30 -50.36 35.39
N THR I 249 20.51 -51.40 35.17
CA THR I 249 19.04 -51.24 35.17
C THR I 249 18.46 -51.82 36.50
N GLY I 250 19.34 -52.19 37.42
CA GLY I 250 18.92 -52.76 38.70
C GLY I 250 18.67 -54.24 38.75
N GLU I 251 18.88 -54.94 37.64
CA GLU I 251 18.72 -56.37 37.61
C GLU I 251 19.83 -57.02 38.43
N ILE I 252 19.48 -58.02 39.24
CA ILE I 252 20.47 -58.78 40.02
C ILE I 252 21.14 -59.75 39.06
N VAL I 253 22.45 -59.65 38.89
CA VAL I 253 23.19 -60.57 37.99
C VAL I 253 23.88 -61.70 38.72
N SER I 254 24.13 -61.53 40.02
CA SER I 254 24.57 -62.62 40.83
C SER I 254 24.20 -62.37 42.29
N ILE I 255 23.94 -63.47 43.00
CA ILE I 255 23.44 -63.39 44.34
C ILE I 255 23.82 -64.58 45.15
N ALA I 256 24.01 -64.33 46.45
CA ALA I 256 24.37 -65.38 47.45
C ALA I 256 23.15 -65.73 48.30
N ASP I 257 23.20 -66.88 48.94
CA ASP I 257 22.11 -67.29 49.85
C ASP I 257 22.37 -66.71 51.26
N ASP I 258 21.63 -67.19 52.25
CA ASP I 258 21.74 -66.65 53.59
C ASP I 258 22.53 -67.49 54.58
N LYS I 259 23.30 -68.46 54.10
CA LYS I 259 23.96 -69.34 55.01
C LYS I 259 25.34 -69.82 54.60
N GLU I 260 25.78 -69.53 53.37
CA GLU I 260 27.10 -70.01 52.91
C GLU I 260 28.07 -68.91 52.49
N GLU I 261 29.37 -69.23 52.51
CA GLU I 261 30.40 -68.37 51.97
C GLU I 261 30.21 -68.27 50.49
N ALA I 262 30.45 -67.09 49.94
CA ALA I 262 30.29 -66.87 48.52
C ALA I 262 31.34 -65.94 47.99
N VAL I 263 31.63 -66.12 46.70
CA VAL I 263 32.52 -65.26 45.94
C VAL I 263 31.72 -64.99 44.69
N LEU I 264 31.09 -63.82 44.61
CA LEU I 264 30.28 -63.45 43.43
C LEU I 264 31.16 -62.64 42.48
N ILE I 265 30.90 -62.87 41.18
CA ILE I 265 31.69 -62.31 40.07
C ILE I 265 30.77 -61.78 38.95
N ALA I 266 31.14 -60.61 38.42
CA ALA I 266 30.42 -60.03 37.33
C ALA I 266 31.30 -59.08 36.53
N GLU I 267 31.19 -59.18 35.21
CA GLU I 267 31.90 -58.32 34.32
C GLU I 267 30.96 -57.24 33.75
N PHE I 268 31.45 -56.00 33.77
CA PHE I 268 30.69 -54.86 33.22
C PHE I 268 31.50 -54.11 32.18
N ASN I 269 30.86 -53.74 31.06
CA ASN I 269 31.52 -52.93 30.07
C ASN I 269 31.19 -51.47 30.41
N LEU I 270 32.14 -50.81 31.07
CA LEU I 270 31.97 -49.44 31.50
C LEU I 270 31.79 -48.41 30.37
N ASP I 271 32.24 -48.68 29.18
CA ASP I 271 32.00 -47.71 28.09
C ASP I 271 30.55 -47.81 27.54
N LYS I 272 30.11 -49.02 27.32
CA LYS I 272 28.75 -49.25 26.93
C LYS I 272 27.77 -48.79 28.01
N ILE I 273 28.08 -49.01 29.28
CA ILE I 273 27.20 -48.55 30.34
C ILE I 273 27.16 -47.01 30.43
N LYS I 274 28.32 -46.37 30.29
CA LYS I 274 28.35 -44.89 30.24
C LYS I 274 27.41 -44.40 29.09
N SER I 275 27.52 -45.04 27.96
CA SER I 275 26.72 -44.67 26.76
C SER I 275 25.20 -44.87 26.97
N MET I 276 24.85 -45.99 27.58
CA MET I 276 23.47 -46.32 27.93
C MET I 276 22.94 -45.26 28.97
N ARG I 277 23.79 -44.93 29.94
CA ARG I 277 23.46 -43.96 31.01
C ARG I 277 23.16 -42.54 30.45
N HIS I 278 24.02 -42.07 29.59
CA HIS I 278 23.80 -40.79 28.99
C HIS I 278 22.58 -40.80 28.06
N CYS I 279 22.42 -41.88 27.33
CA CYS I 279 21.31 -41.99 26.37
C CYS I 279 19.93 -42.01 27.05
N TRP I 280 19.81 -42.71 28.19
CA TRP I 280 18.51 -42.78 28.89
C TRP I 280 18.07 -41.37 29.33
N GLY I 281 19.06 -40.51 29.64
CA GLY I 281 18.84 -39.08 29.80
C GLY I 281 18.50 -38.49 31.16
N VAL I 282 18.46 -39.34 32.21
CA VAL I 282 18.09 -38.81 33.52
C VAL I 282 19.00 -37.65 33.93
N PHE I 283 20.30 -37.77 33.71
CA PHE I 283 21.22 -36.71 34.10
C PHE I 283 21.11 -35.42 33.33
N ARG I 284 20.60 -35.52 32.08
CA ARG I 284 20.36 -34.42 31.27
C ARG I 284 19.08 -33.73 31.73
N ASP I 285 18.17 -34.51 32.30
CA ASP I 285 16.87 -34.04 32.67
C ASP I 285 16.62 -33.60 34.12
N ARG I 286 17.66 -33.71 34.99
CA ARG I 286 17.53 -33.30 36.38
C ARG I 286 17.17 -31.84 36.56
N ARG I 287 16.40 -31.58 37.62
CA ARG I 287 15.92 -30.24 37.93
C ARG I 287 16.47 -29.72 39.32
N PRO I 288 17.76 -29.51 39.41
CA PRO I 288 18.29 -29.05 40.70
C PRO I 288 17.71 -27.74 41.16
N ASP I 289 17.11 -26.97 40.26
CA ASP I 289 16.48 -25.73 40.67
C ASP I 289 15.21 -26.03 41.52
N LEU I 290 14.73 -27.25 41.45
CA LEU I 290 13.52 -27.68 42.20
C LEU I 290 13.84 -28.57 43.43
N TYR I 291 15.13 -28.77 43.71
CA TYR I 291 15.61 -29.71 44.74
C TYR I 291 16.09 -29.08 46.10
N LYS I 292 15.83 -27.82 46.31
CA LYS I 292 16.22 -27.18 47.53
C LYS I 292 15.64 -27.79 48.83
N VAL I 293 14.42 -28.31 48.76
CA VAL I 293 13.79 -28.98 49.87
C VAL I 293 14.64 -30.18 50.40
N LEU I 294 15.47 -30.76 49.55
CA LEU I 294 16.29 -31.87 49.95
C LEU I 294 17.40 -31.43 50.93
N LEU I 295 17.70 -30.15 50.99
CA LEU I 295 18.66 -29.63 51.92
C LEU I 295 17.98 -29.17 53.25
N THR I 296 16.75 -29.62 53.50
CA THR I 296 16.06 -29.40 54.78
C THR I 296 15.91 -30.79 55.39
N LEU I 297 15.57 -30.83 56.68
CA LEU I 297 15.17 -32.09 57.35
C LEU I 297 13.65 -32.17 57.39
N ASP I 298 13.02 -31.03 57.64
CA ASP I 298 11.58 -30.98 57.86
C ASP I 298 10.74 -30.54 56.63
N GLY I 299 11.36 -30.49 55.44
CA GLY I 299 10.65 -30.05 54.22
C GLY I 299 10.21 -28.58 54.17
N LYS I 300 10.86 -27.73 54.96
CA LYS I 300 10.55 -26.26 55.06
C LYS I 300 11.83 -25.40 55.24
N ASN I 301 12.56 -25.67 56.34
CA ASN I 301 13.75 -24.90 56.81
C ASN I 301 15.11 -25.44 56.36
N PRO I 302 15.89 -24.62 55.62
CA PRO I 302 17.19 -25.17 55.18
C PRO I 302 18.14 -25.30 56.37
N VAL I 303 19.03 -26.28 56.32
CA VAL I 303 20.04 -26.42 57.38
C VAL I 303 21.41 -25.98 56.81
N LEU I 304 22.27 -25.49 57.72
CA LEU I 304 23.63 -25.05 57.38
C LEU I 304 24.56 -26.28 57.03
N ASP J 7 -6.05 -54.56 62.91
CA ASP J 7 -5.83 -53.41 61.98
C ASP J 7 -6.63 -52.18 62.48
N LYS J 8 -5.98 -51.34 63.30
CA LYS J 8 -6.62 -50.12 63.88
C LYS J 8 -5.98 -48.81 63.35
N GLY J 9 -6.81 -47.92 62.78
CA GLY J 9 -6.35 -46.64 62.24
C GLY J 9 -6.88 -46.29 60.83
N ARG J 10 -6.62 -45.07 60.43
CA ARG J 10 -7.06 -44.51 59.15
C ARG J 10 -6.70 -45.39 57.92
N LYS J 11 -7.69 -46.04 57.32
CA LYS J 11 -7.46 -46.88 56.15
C LYS J 11 -7.84 -46.13 54.84
N VAL J 12 -7.06 -46.36 53.79
CA VAL J 12 -7.32 -45.78 52.52
C VAL J 12 -7.16 -46.84 51.42
N VAL J 13 -8.16 -46.96 50.56
CA VAL J 13 -8.09 -47.89 49.44
C VAL J 13 -7.71 -47.06 48.24
N VAL J 14 -6.65 -47.46 47.54
CA VAL J 14 -6.19 -46.76 46.32
C VAL J 14 -6.32 -47.67 45.09
N SER J 15 -6.36 -47.07 43.90
CA SER J 15 -6.50 -47.84 42.71
C SER J 15 -5.71 -47.34 41.54
N ALA J 16 -5.16 -48.27 40.78
CA ALA J 16 -4.49 -47.92 39.52
C ALA J 16 -5.43 -48.41 38.36
N LEU J 17 -5.63 -47.58 37.36
CA LEU J 17 -6.44 -47.96 36.17
C LEU J 17 -5.51 -48.17 35.01
N GLN J 18 -5.92 -49.03 34.10
CA GLN J 18 -5.15 -49.32 32.94
C GLN J 18 -6.10 -49.55 31.78
N PHE J 19 -5.93 -48.77 30.69
CA PHE J 19 -6.77 -48.94 29.46
C PHE J 19 -6.07 -48.41 28.21
N ALA J 20 -6.60 -48.77 27.07
CA ALA J 20 -6.03 -48.34 25.79
C ALA J 20 -6.81 -47.11 25.39
N CYS J 21 -6.16 -46.16 24.72
CA CYS J 21 -6.83 -44.93 24.27
C CYS J 21 -7.24 -45.00 22.82
N THR J 22 -8.33 -44.30 22.47
CA THR J 22 -8.73 -44.14 21.06
C THR J 22 -8.38 -42.69 20.68
N ASP J 23 -8.71 -42.27 19.47
CA ASP J 23 -8.37 -40.92 18.99
C ASP J 23 -9.44 -39.84 19.38
N ASP J 24 -10.48 -40.25 20.11
CA ASP J 24 -11.58 -39.36 20.45
C ASP J 24 -11.62 -39.06 21.95
N VAL J 25 -11.52 -37.77 22.29
CA VAL J 25 -11.52 -37.30 23.69
C VAL J 25 -12.72 -37.79 24.52
N SER J 26 -13.95 -37.60 24.04
CA SER J 26 -15.15 -38.00 24.77
C SER J 26 -15.13 -39.47 25.10
N THR J 27 -14.80 -40.28 24.10
CA THR J 27 -14.67 -41.73 24.28
C THR J 27 -13.71 -42.03 25.44
N ASN J 28 -12.51 -41.47 25.39
CA ASN J 28 -11.52 -41.75 26.40
C ASN J 28 -11.89 -41.30 27.79
N VAL J 29 -12.58 -40.17 27.91
CA VAL J 29 -13.01 -39.69 29.21
C VAL J 29 -14.13 -40.62 29.74
N THR J 30 -14.96 -41.13 28.81
CA THR J 30 -15.99 -42.09 29.16
C THR J 30 -15.36 -43.42 29.59
N THR J 31 -14.25 -43.80 28.98
CA THR J 31 -13.58 -45.02 29.39
C THR J 31 -13.02 -44.81 30.83
N ALA J 32 -12.44 -43.66 31.08
CA ALA J 32 -11.94 -43.37 32.41
C ALA J 32 -13.09 -43.41 33.47
N GLU J 33 -14.22 -42.78 33.11
CA GLU J 33 -15.38 -42.75 33.97
C GLU J 33 -15.83 -44.16 34.31
N ARG J 34 -15.85 -45.02 33.31
CA ARG J 34 -16.29 -46.39 33.50
C ARG J 34 -15.39 -47.17 34.52
N LEU J 35 -14.10 -47.00 34.39
CA LEU J 35 -13.17 -47.71 35.24
C LEU J 35 -13.07 -47.08 36.66
N VAL J 36 -13.26 -45.76 36.75
CA VAL J 36 -13.30 -45.10 38.03
C VAL J 36 -14.51 -45.65 38.78
N ARG J 37 -15.65 -45.77 38.09
CA ARG J 37 -16.85 -46.34 38.72
C ARG J 37 -16.63 -47.77 39.14
N ALA J 38 -15.83 -48.50 38.36
CA ALA J 38 -15.59 -49.87 38.69
C ALA J 38 -14.68 -49.91 39.98
N ALA J 39 -13.73 -48.99 40.06
CA ALA J 39 -12.82 -48.93 41.19
C ALA J 39 -13.61 -48.59 42.46
N HIS J 40 -14.49 -47.58 42.32
CA HIS J 40 -15.35 -47.16 43.40
C HIS J 40 -16.20 -48.29 43.90
N LYS J 41 -16.75 -49.09 42.99
CA LYS J 41 -17.59 -50.23 43.40
C LYS J 41 -16.80 -51.25 44.25
N GLN J 42 -15.52 -51.38 43.93
CA GLN J 42 -14.63 -52.28 44.65
C GLN J 42 -14.02 -51.62 45.91
N GLY J 43 -14.48 -50.40 46.24
CA GLY J 43 -14.08 -49.71 47.46
C GLY J 43 -12.98 -48.66 47.37
N ALA J 44 -12.55 -48.30 46.16
CA ALA J 44 -11.48 -47.31 46.04
C ALA J 44 -11.91 -45.91 46.57
N ASN J 45 -10.95 -45.24 47.23
CA ASN J 45 -11.10 -43.90 47.76
C ASN J 45 -10.34 -42.91 46.85
N ILE J 46 -9.20 -43.35 46.30
CA ILE J 46 -8.38 -42.52 45.42
C ILE J 46 -8.06 -43.38 44.21
N VAL J 47 -8.33 -42.82 43.02
CA VAL J 47 -8.19 -43.56 41.80
C VAL J 47 -7.29 -42.83 40.78
N LEU J 48 -6.31 -43.54 40.22
CA LEU J 48 -5.33 -42.95 39.30
C LEU J 48 -5.52 -43.33 37.81
N ILE J 49 -5.87 -42.33 37.01
CA ILE J 49 -5.99 -42.46 35.54
C ILE J 49 -4.57 -42.17 34.90
N GLN J 50 -4.18 -42.98 33.91
CA GLN J 50 -2.88 -42.84 33.19
C GLN J 50 -2.67 -41.47 32.51
N GLU J 51 -1.41 -41.16 32.21
CA GLU J 51 -0.99 -39.89 31.61
C GLU J 51 -1.59 -39.58 30.23
N LEU J 52 -2.03 -38.34 30.03
CA LEU J 52 -2.57 -37.84 28.73
C LEU J 52 -3.65 -38.73 28.11
N PHE J 53 -4.46 -39.29 29.00
CA PHE J 53 -5.49 -40.26 28.66
C PHE J 53 -6.54 -39.77 27.65
N GLU J 54 -6.66 -38.46 27.50
CA GLU J 54 -7.57 -37.83 26.57
C GLU J 54 -7.37 -38.21 25.13
N GLY J 55 -6.21 -38.77 24.78
CA GLY J 55 -5.99 -39.16 23.36
C GLY J 55 -4.77 -40.02 23.23
N TYR J 56 -4.40 -40.31 22.00
CA TYR J 56 -3.18 -41.03 21.70
C TYR J 56 -2.05 -40.20 22.23
N TYR J 57 -0.94 -40.87 22.50
CA TYR J 57 0.27 -40.23 22.98
C TYR J 57 0.88 -39.61 21.71
N PHE J 58 0.58 -38.34 21.50
CA PHE J 58 0.98 -37.61 20.28
C PHE J 58 2.46 -37.25 20.13
N CYS J 59 3.17 -37.34 21.26
CA CYS J 59 4.58 -36.98 21.38
C CYS J 59 5.53 -37.81 20.55
N GLN J 60 5.04 -38.85 19.91
CA GLN J 60 5.87 -39.53 18.94
C GLN J 60 6.22 -38.55 17.79
N ALA J 61 5.38 -37.51 17.60
CA ALA J 61 5.68 -36.53 16.55
C ALA J 61 6.04 -35.21 17.13
N GLN J 62 6.71 -34.43 16.33
CA GLN J 62 7.06 -33.06 16.67
C GLN J 62 6.32 -32.15 15.65
N ARG J 63 5.04 -31.93 15.92
CA ARG J 63 4.17 -31.19 15.02
C ARG J 63 3.56 -29.88 15.59
N GLU J 64 3.60 -28.84 14.77
CA GLU J 64 2.99 -27.54 15.06
C GLU J 64 1.53 -27.68 15.51
N ASP J 65 0.72 -28.35 14.68
CA ASP J 65 -0.70 -28.50 15.00
C ASP J 65 -0.97 -29.30 16.34
N PHE J 66 -0.09 -30.23 16.70
CA PHE J 66 -0.28 -30.98 17.97
C PHE J 66 -0.11 -30.06 19.19
N ILE J 67 0.63 -28.96 19.07
CA ILE J 67 0.84 -28.07 20.20
C ILE J 67 -0.49 -27.43 20.55
N GLN J 68 -1.28 -27.15 19.53
CA GLN J 68 -2.60 -26.55 19.74
C GLN J 68 -3.66 -27.49 20.35
N ARG J 69 -3.32 -28.75 20.57
CA ARG J 69 -4.21 -29.61 21.35
C ARG J 69 -4.22 -29.19 22.85
N ALA J 70 -3.33 -28.30 23.27
CA ALA J 70 -3.32 -27.84 24.67
C ALA J 70 -4.58 -27.02 24.97
N LYS J 71 -4.94 -26.94 26.25
CA LYS J 71 -6.06 -26.12 26.71
C LYS J 71 -5.75 -25.49 28.04
N PRO J 72 -6.36 -24.32 28.30
CA PRO J 72 -6.12 -23.74 29.62
C PRO J 72 -6.66 -24.59 30.84
N TYR J 73 -6.05 -24.40 32.00
CA TYR J 73 -6.49 -25.03 33.26
C TYR J 73 -7.90 -24.56 33.59
N LYS J 74 -8.12 -23.26 33.46
CA LYS J 74 -9.43 -22.64 33.70
C LYS J 74 -10.52 -23.16 32.76
N ASP J 75 -11.62 -23.64 33.37
CA ASP J 75 -12.76 -24.20 32.66
C ASP J 75 -12.41 -25.34 31.70
N HIS J 76 -11.47 -26.20 32.06
CA HIS J 76 -11.12 -27.32 31.20
C HIS J 76 -12.27 -28.33 31.23
N PRO J 77 -12.82 -28.67 30.05
CA PRO J 77 -13.99 -29.54 30.06
C PRO J 77 -13.78 -30.91 30.65
N THR J 78 -12.59 -31.47 30.50
CA THR J 78 -12.36 -32.79 31.07
C THR J 78 -12.25 -32.72 32.62
N ILE J 79 -11.47 -31.78 33.12
CA ILE J 79 -11.39 -31.58 34.53
C ILE J 79 -12.80 -31.38 35.09
N MET J 80 -13.60 -30.48 34.47
CA MET J 80 -14.94 -30.14 34.98
C MET J 80 -15.84 -31.35 35.02
N ARG J 81 -15.70 -32.21 34.03
CA ARG J 81 -16.52 -33.39 33.98
C ARG J 81 -16.12 -34.37 35.12
N LEU J 82 -14.82 -34.57 35.28
CA LEU J 82 -14.35 -35.43 36.34
C LEU J 82 -14.60 -34.89 37.79
N GLN J 83 -14.75 -33.57 37.94
CA GLN J 83 -15.14 -33.01 39.24
C GLN J 83 -16.55 -33.48 39.63
N LYS J 84 -17.44 -33.59 38.63
CA LYS J 84 -18.79 -34.06 38.90
C LYS J 84 -18.75 -35.49 39.32
N LEU J 85 -17.87 -36.28 38.71
CA LEU J 85 -17.78 -37.68 39.04
C LEU J 85 -17.17 -37.84 40.46
N ALA J 86 -16.08 -37.12 40.71
CA ALA J 86 -15.43 -37.13 42.01
C ALA J 86 -16.42 -36.85 43.13
N LYS J 87 -17.22 -35.81 42.96
CA LYS J 87 -18.22 -35.42 43.95
C LYS J 87 -19.34 -36.43 44.09
N GLU J 88 -19.79 -37.01 42.97
CA GLU J 88 -20.85 -38.03 42.99
C GLU J 88 -20.46 -39.28 43.81
N LEU J 89 -19.25 -39.78 43.57
CA LEU J 89 -18.73 -40.98 44.18
C LEU J 89 -17.99 -40.81 45.51
N GLY J 90 -17.58 -39.59 45.85
CA GLY J 90 -16.76 -39.38 47.03
C GLY J 90 -15.36 -39.97 46.80
N VAL J 91 -14.79 -39.70 45.63
CA VAL J 91 -13.47 -40.24 45.26
CA VAL J 91 -13.47 -40.24 45.27
C VAL J 91 -12.52 -39.13 44.81
N VAL J 92 -11.22 -39.29 45.13
CA VAL J 92 -10.18 -38.36 44.77
C VAL J 92 -9.70 -38.81 43.42
N ILE J 93 -9.59 -37.84 42.48
CA ILE J 93 -9.25 -38.11 41.05
C ILE J 93 -8.25 -37.07 40.50
N PRO J 94 -6.97 -37.45 40.35
CA PRO J 94 -5.95 -36.62 39.69
C PRO J 94 -6.20 -36.64 38.20
N VAL J 95 -6.28 -35.47 37.59
CA VAL J 95 -6.62 -35.41 36.14
C VAL J 95 -5.46 -34.85 35.34
N SER J 96 -4.81 -35.74 34.61
CA SER J 96 -3.71 -35.41 33.72
C SER J 96 -4.25 -34.71 32.42
N PHE J 97 -3.65 -33.57 32.05
CA PHE J 97 -4.04 -32.80 30.85
C PHE J 97 -2.86 -31.97 30.34
N PHE J 98 -2.98 -31.54 29.11
CA PHE J 98 -1.98 -30.76 28.39
C PHE J 98 -2.39 -29.33 28.52
N GLU J 99 -1.64 -28.59 29.32
CA GLU J 99 -1.98 -27.23 29.67
C GLU J 99 -1.38 -26.15 28.74
N GLU J 100 -2.20 -25.17 28.35
CA GLU J 100 -1.74 -23.96 27.73
C GLU J 100 -1.89 -22.82 28.79
N ALA J 101 -0.82 -22.06 29.02
CA ALA J 101 -0.86 -20.94 29.93
C ALA J 101 -0.18 -19.73 29.24
N ASN J 102 -1.00 -18.93 28.58
CA ASN J 102 -0.56 -17.87 27.69
C ASN J 102 0.37 -18.58 26.74
N ASN J 103 1.64 -18.21 26.68
CA ASN J 103 2.55 -18.80 25.71
C ASN J 103 3.32 -19.97 26.17
N ALA J 104 3.27 -20.30 27.49
CA ALA J 104 3.89 -21.44 27.99
C ALA J 104 2.96 -22.64 27.84
N HIS J 105 3.54 -23.82 27.75
CA HIS J 105 2.76 -25.02 27.74
C HIS J 105 3.36 -26.00 28.75
N TYR J 106 2.51 -26.82 29.34
CA TYR J 106 2.98 -27.82 30.31
C TYR J 106 2.18 -29.12 30.27
N ASN J 107 2.81 -30.18 30.74
CA ASN J 107 2.17 -31.50 30.92
C ASN J 107 1.72 -31.42 32.39
N SER J 108 0.44 -31.24 32.63
CA SER J 108 -0.06 -30.97 33.99
C SER J 108 -1.06 -31.98 34.57
N ILE J 109 -1.31 -31.84 35.88
CA ILE J 109 -2.25 -32.66 36.54
C ILE J 109 -2.97 -31.85 37.61
N ALA J 110 -4.29 -31.92 37.60
CA ALA J 110 -5.19 -31.23 38.54
C ALA J 110 -5.72 -32.25 39.53
N ILE J 111 -5.63 -31.96 40.81
CA ILE J 111 -6.04 -32.94 41.87
C ILE J 111 -7.44 -32.61 42.33
N ILE J 112 -8.38 -33.48 42.05
CA ILE J 112 -9.75 -33.24 42.46
C ILE J 112 -10.05 -34.02 43.74
N ASP J 113 -10.55 -33.31 44.75
CA ASP J 113 -10.85 -33.91 46.04
C ASP J 113 -12.24 -34.61 45.98
N ALA J 114 -12.49 -35.44 47.01
CA ALA J 114 -13.67 -36.29 47.09
C ALA J 114 -14.96 -35.55 47.17
N ASP J 115 -14.89 -34.24 47.45
CA ASP J 115 -16.08 -33.41 47.42
C ASP J 115 -16.17 -32.64 46.07
N GLY J 116 -15.30 -32.96 45.11
CA GLY J 116 -15.31 -32.29 43.79
C GLY J 116 -14.44 -31.02 43.70
N THR J 117 -13.88 -30.58 44.83
CA THR J 117 -13.04 -29.36 44.85
C THR J 117 -11.72 -29.57 44.13
N ASP J 118 -11.44 -28.65 43.20
CA ASP J 118 -10.17 -28.59 42.49
C ASP J 118 -9.11 -28.02 43.44
N LEU J 119 -8.20 -28.85 43.90
CA LEU J 119 -7.19 -28.40 44.90
C LEU J 119 -5.97 -27.73 44.29
N GLY J 120 -5.86 -27.69 42.96
CA GLY J 120 -4.68 -27.12 42.33
C GLY J 120 -3.98 -28.08 41.39
N ILE J 121 -2.86 -27.62 40.82
CA ILE J 121 -2.12 -28.41 39.89
C ILE J 121 -0.65 -28.58 40.15
N TYR J 122 -0.13 -29.63 39.55
CA TYR J 122 1.28 -29.93 39.56
C TYR J 122 1.66 -29.90 38.07
N ARG J 123 2.78 -29.23 37.75
CA ARG J 123 3.32 -29.22 36.34
C ARG J 123 4.56 -30.15 36.25
N LYS J 124 4.54 -31.07 35.31
CA LYS J 124 5.66 -32.01 35.11
C LYS J 124 7.00 -31.34 35.08
N SER J 125 7.89 -31.78 35.99
CA SER J 125 9.21 -31.19 36.17
C SER J 125 10.32 -31.70 35.27
N HIS J 126 10.38 -33.05 35.09
CA HIS J 126 11.40 -33.68 34.28
C HIS J 126 10.74 -34.06 32.94
N ILE J 127 11.26 -33.48 31.85
CA ILE J 127 10.67 -33.73 30.48
C ILE J 127 11.57 -34.67 29.64
N PRO J 128 11.06 -35.84 29.27
CA PRO J 128 11.85 -36.78 28.51
C PRO J 128 11.92 -36.36 27.01
N ASP J 129 12.76 -37.05 26.26
CA ASP J 129 13.03 -36.72 24.91
C ASP J 129 13.61 -37.94 24.22
N GLY J 130 13.64 -37.93 22.90
CA GLY J 130 14.14 -39.06 22.11
C GLY J 130 13.09 -39.68 21.18
N PRO J 131 13.49 -40.55 20.27
CA PRO J 131 12.47 -41.10 19.38
C PRO J 131 11.27 -41.70 20.09
N GLY J 132 10.09 -41.29 19.68
CA GLY J 132 8.88 -41.78 20.24
C GLY J 132 8.38 -41.04 21.45
N TYR J 133 9.26 -40.32 22.12
CA TYR J 133 8.89 -39.62 23.36
C TYR J 133 9.44 -38.19 23.33
N GLU J 134 9.07 -37.45 22.28
CA GLU J 134 9.56 -36.10 22.03
C GLU J 134 8.86 -35.03 22.88
N GLU J 135 8.87 -35.20 24.19
CA GLU J 135 8.14 -34.32 25.06
C GLU J 135 8.76 -32.98 25.18
N LYS J 136 10.07 -32.92 25.05
CA LYS J 136 10.74 -31.65 25.18
C LYS J 136 10.32 -30.63 24.13
N PHE J 137 9.78 -31.08 23.01
CA PHE J 137 9.31 -30.20 21.99
C PHE J 137 8.01 -29.47 22.41
N TYR J 138 7.25 -30.09 23.34
CA TYR J 138 5.91 -29.58 23.71
C TYR J 138 5.79 -28.86 25.01
N PHE J 139 6.55 -29.29 26.00
CA PHE J 139 6.35 -28.83 27.30
C PHE J 139 7.51 -28.01 27.89
N ASN J 140 7.17 -26.85 28.43
CA ASN J 140 8.11 -26.12 29.20
C ASN J 140 8.40 -27.01 30.45
N PRO J 141 9.63 -27.05 30.91
CA PRO J 141 9.80 -27.79 32.16
C PRO J 141 8.95 -27.12 33.28
N GLY J 142 8.31 -27.95 34.10
CA GLY J 142 7.45 -27.48 35.16
C GLY J 142 8.09 -26.51 36.11
N ASP J 143 7.25 -25.58 36.59
CA ASP J 143 7.66 -24.52 37.47
C ASP J 143 6.81 -24.48 38.76
N THR J 144 6.00 -25.51 39.02
CA THR J 144 5.25 -25.52 40.25
C THR J 144 6.18 -25.98 41.38
N GLY J 145 7.11 -26.86 41.02
CA GLY J 145 7.91 -27.57 41.94
C GLY J 145 7.09 -28.81 42.40
N PHE J 146 7.67 -29.63 43.25
CA PHE J 146 7.00 -30.83 43.77
C PHE J 146 6.01 -30.43 44.79
N LYS J 147 4.85 -31.08 44.76
CA LYS J 147 3.78 -30.71 45.66
C LYS J 147 3.14 -31.86 46.37
N VAL J 148 2.42 -31.57 47.46
CA VAL J 148 1.59 -32.58 48.09
C VAL J 148 0.27 -31.93 48.35
N PHE J 149 -0.79 -32.72 48.26
CA PHE J 149 -2.15 -32.24 48.40
C PHE J 149 -2.90 -32.88 49.55
N GLN J 150 -3.55 -32.06 50.35
CA GLN J 150 -4.31 -32.56 51.45
C GLN J 150 -5.71 -32.84 50.92
N THR J 151 -6.02 -34.14 50.74
CA THR J 151 -7.34 -34.59 50.32
C THR J 151 -8.12 -35.07 51.52
N LYS J 152 -9.40 -35.42 51.32
CA LYS J 152 -10.20 -35.93 52.42
C LYS J 152 -9.62 -37.21 53.02
N TYR J 153 -8.92 -38.02 52.21
CA TYR J 153 -8.42 -39.33 52.66
C TYR J 153 -6.96 -39.39 53.12
N ALA J 154 -6.10 -38.55 52.53
CA ALA J 154 -4.67 -38.60 52.79
C ALA J 154 -3.98 -37.40 52.23
N LYS J 155 -2.78 -37.11 52.71
CA LYS J 155 -1.90 -36.16 52.02
C LYS J 155 -1.24 -37.02 51.00
N ILE J 156 -1.29 -36.59 49.73
CA ILE J 156 -0.72 -37.37 48.66
C ILE J 156 0.27 -36.56 47.80
N GLY J 157 1.23 -37.26 47.22
CA GLY J 157 2.19 -36.66 46.30
C GLY J 157 1.86 -37.18 44.91
N VAL J 158 1.60 -36.30 43.96
CA VAL J 158 1.31 -36.68 42.59
C VAL J 158 2.37 -36.09 41.67
N ALA J 159 3.03 -36.93 40.89
CA ALA J 159 3.98 -36.47 39.91
C ALA J 159 3.64 -37.23 38.60
N ILE J 160 4.36 -36.93 37.51
CA ILE J 160 3.93 -37.40 36.16
C ILE J 160 4.99 -38.11 35.39
N CYS J 161 4.63 -39.30 34.92
CA CYS J 161 5.44 -40.17 34.08
C CYS J 161 6.95 -40.08 34.32
N TRP J 162 7.70 -39.45 33.42
CA TRP J 162 9.18 -39.35 33.52
C TRP J 162 9.69 -38.95 34.89
N ASP J 163 8.92 -38.12 35.60
CA ASP J 163 9.22 -37.73 36.99
C ASP J 163 9.51 -38.96 37.85
N GLN J 164 8.86 -40.07 37.54
CA GLN J 164 8.99 -41.30 38.31
C GLN J 164 10.37 -41.92 38.29
N TRP J 165 11.26 -41.47 37.43
CA TRP J 165 12.60 -42.07 37.44
C TRP J 165 13.58 -41.39 38.41
N PHE J 166 13.10 -40.34 39.10
CA PHE J 166 13.95 -39.48 39.87
C PHE J 166 13.77 -39.58 41.37
N PRO J 167 14.79 -40.12 42.03
CA PRO J 167 14.71 -40.22 43.50
C PRO J 167 14.39 -38.88 44.17
N GLU J 168 14.86 -37.79 43.60
CA GLU J 168 14.61 -36.47 44.16
C GLU J 168 13.14 -36.06 44.23
N ALA J 169 12.37 -36.41 43.21
CA ALA J 169 10.97 -36.05 43.20
C ALA J 169 10.23 -36.77 44.33
N ALA J 170 10.51 -38.05 44.49
CA ALA J 170 9.87 -38.87 45.48
C ALA J 170 10.23 -38.40 46.94
N ARG J 171 11.47 -38.04 47.14
CA ARG J 171 11.96 -37.58 48.46
C ARG J 171 11.35 -36.20 48.75
N ALA J 172 11.27 -35.35 47.71
CA ALA J 172 10.70 -34.03 47.91
C ALA J 172 9.27 -34.13 48.36
N MET J 173 8.51 -35.02 47.72
CA MET J 173 7.14 -35.18 48.09
C MET J 173 7.02 -35.77 49.48
N ALA J 174 7.83 -36.80 49.78
CA ALA J 174 7.82 -37.42 51.14
C ALA J 174 8.19 -36.43 52.23
N LEU J 175 9.20 -35.62 51.99
CA LEU J 175 9.64 -34.62 52.96
C LEU J 175 8.55 -33.58 53.23
N GLN J 176 7.69 -33.34 52.22
CA GLN J 176 6.59 -32.37 52.36
C GLN J 176 5.32 -33.01 52.95
N GLY J 177 5.40 -34.27 53.41
CA GLY J 177 4.25 -34.95 54.01
C GLY J 177 3.44 -35.92 53.14
N ALA J 178 3.91 -36.28 51.95
CA ALA J 178 3.16 -37.24 51.15
C ALA J 178 3.03 -38.61 51.87
N GLU J 179 1.82 -39.14 51.98
CA GLU J 179 1.59 -40.43 52.62
C GLU J 179 1.51 -41.50 51.58
N ILE J 180 1.29 -41.11 50.30
CA ILE J 180 1.17 -42.08 49.20
C ILE J 180 1.62 -41.31 47.92
N LEU J 181 2.42 -41.97 47.06
CA LEU J 181 2.91 -41.37 45.80
C LEU J 181 2.10 -41.91 44.61
N PHE J 182 1.83 -41.07 43.65
CA PHE J 182 1.04 -41.43 42.44
C PHE J 182 1.77 -40.97 41.12
N TYR J 183 1.88 -41.87 40.16
CA TYR J 183 2.52 -41.57 38.92
C TYR J 183 1.70 -42.05 37.64
N PRO J 184 0.83 -41.22 37.13
CA PRO J 184 0.17 -41.57 35.85
C PRO J 184 1.28 -41.60 34.78
N THR J 185 1.29 -42.64 33.94
CA THR J 185 2.40 -42.91 33.06
C THR J 185 1.94 -43.26 31.58
N ALA J 186 2.84 -43.05 30.59
CA ALA J 186 2.67 -43.52 29.19
C ALA J 186 4.02 -44.03 28.73
N ILE J 187 4.28 -45.32 28.83
CA ILE J 187 5.57 -45.87 28.46
C ILE J 187 5.41 -47.24 27.81
N GLY J 188 6.26 -47.50 26.82
CA GLY J 188 6.24 -48.71 26.07
C GLY J 188 7.52 -48.93 25.31
N SER J 189 7.41 -49.63 24.21
CA SER J 189 8.50 -49.85 23.30
C SER J 189 8.95 -48.50 22.72
N GLU J 190 10.09 -48.55 22.05
CA GLU J 190 10.65 -47.35 21.45
C GLU J 190 10.81 -47.61 19.99
N PRO J 191 10.29 -46.71 19.17
CA PRO J 191 10.16 -46.94 17.72
C PRO J 191 11.44 -47.14 16.95
N HIS J 192 12.53 -46.60 17.44
CA HIS J 192 13.78 -46.72 16.67
C HIS J 192 14.60 -47.98 16.97
N ASP J 193 14.25 -48.75 18.00
CA ASP J 193 15.02 -49.93 18.42
C ASP J 193 14.13 -50.91 19.21
N GLN J 194 13.75 -51.98 18.53
CA GLN J 194 12.87 -52.95 19.12
C GLN J 194 13.49 -53.75 20.27
N SER J 195 14.81 -53.68 20.49
CA SER J 195 15.45 -54.45 21.58
C SER J 195 15.31 -53.78 22.96
N ILE J 196 14.84 -52.54 22.99
CA ILE J 196 14.70 -51.81 24.22
C ILE J 196 13.41 -52.25 24.91
N ASP J 197 13.55 -52.86 26.09
CA ASP J 197 12.40 -53.28 26.92
C ASP J 197 12.68 -52.76 28.36
N SER J 198 12.03 -51.65 28.68
CA SER J 198 12.26 -50.96 29.88
C SER J 198 11.36 -51.34 31.08
N ARG J 199 10.40 -52.23 30.89
CA ARG J 199 9.44 -52.54 31.96
C ARG J 199 9.98 -52.95 33.36
N ASP J 200 10.98 -53.80 33.37
CA ASP J 200 11.56 -54.28 34.64
C ASP J 200 12.37 -53.15 35.30
N HIS J 201 13.12 -52.38 34.50
CA HIS J 201 13.92 -51.26 34.99
C HIS J 201 12.97 -50.19 35.62
N TRP J 202 11.89 -49.90 34.87
CA TRP J 202 10.86 -48.94 35.24
C TRP J 202 10.27 -49.29 36.63
N LYS J 203 9.86 -50.54 36.81
CA LYS J 203 9.32 -51.00 38.08
C LYS J 203 10.35 -50.90 39.17
N ARG J 204 11.55 -51.40 38.93
CA ARG J 204 12.62 -51.38 39.97
C ARG J 204 12.92 -49.99 40.53
N VAL J 205 12.96 -48.98 39.67
CA VAL J 205 13.31 -47.65 40.12
C VAL J 205 12.20 -47.11 41.05
N MET J 206 10.95 -47.30 40.66
CA MET J 206 9.85 -46.84 41.50
C MET J 206 9.72 -47.61 42.85
N GLN J 207 9.93 -48.92 42.82
CA GLN J 207 9.88 -49.70 44.02
C GLN J 207 10.99 -49.19 44.99
N GLY J 208 12.08 -48.69 44.40
CA GLY J 208 13.17 -48.09 45.12
C GLY J 208 12.69 -46.86 45.90
N HIS J 209 11.88 -46.05 45.25
CA HIS J 209 11.34 -44.85 45.86
C HIS J 209 10.45 -45.23 46.99
N ALA J 210 9.58 -46.23 46.76
CA ALA J 210 8.68 -46.67 47.81
C ALA J 210 9.41 -47.13 49.05
N GLY J 211 10.46 -47.93 48.88
CA GLY J 211 11.19 -48.49 50.02
C GLY J 211 12.07 -47.50 50.74
N ALA J 212 12.59 -46.52 50.00
CA ALA J 212 13.47 -45.54 50.58
C ALA J 212 12.74 -44.50 51.43
N ASN J 213 11.52 -44.20 51.03
CA ASN J 213 10.69 -43.27 51.75
C ASN J 213 9.65 -43.94 52.70
N LEU J 214 9.52 -45.27 52.63
CA LEU J 214 8.52 -45.97 53.44
C LEU J 214 7.10 -45.38 53.23
N VAL J 215 6.75 -45.27 51.94
CA VAL J 215 5.45 -44.81 51.49
C VAL J 215 4.97 -45.71 50.35
N PRO J 216 3.69 -46.04 50.32
CA PRO J 216 3.20 -46.81 49.22
C PRO J 216 3.21 -45.97 47.95
N LEU J 217 3.20 -46.67 46.83
CA LEU J 217 3.28 -46.04 45.53
C LEU J 217 2.32 -46.68 44.54
N VAL J 218 1.68 -45.85 43.72
CA VAL J 218 0.70 -46.29 42.72
C VAL J 218 1.18 -45.75 41.31
N ALA J 219 1.24 -46.65 40.32
CA ALA J 219 1.59 -46.26 38.89
C ALA J 219 0.55 -46.79 37.94
N SER J 220 0.03 -45.91 37.08
CA SER J 220 -1.00 -46.26 36.12
C SER J 220 -0.47 -46.02 34.74
N ASN J 221 -0.38 -47.08 33.95
CA ASN J 221 0.17 -47.03 32.61
C ASN J 221 -0.81 -47.54 31.54
N ARG J 222 -0.69 -46.92 30.39
CA ARG J 222 -1.43 -47.22 29.16
C ARG J 222 -1.04 -48.60 28.54
N ILE J 223 -1.97 -49.16 27.79
CA ILE J 223 -1.76 -50.34 26.99
C ILE J 223 -2.18 -50.01 25.54
N GLY J 224 -1.95 -50.95 24.63
CA GLY J 224 -2.36 -50.85 23.22
C GLY J 224 -1.26 -50.39 22.28
N ASN J 225 -1.44 -50.66 21.01
CA ASN J 225 -0.56 -50.17 19.93
C ASN J 225 -1.09 -48.84 19.41
N GLU J 226 -0.20 -47.87 19.27
CA GLU J 226 -0.55 -46.57 18.73
C GLU J 226 0.38 -46.18 17.59
N ILE J 227 -0.21 -45.81 16.47
CA ILE J 227 0.51 -45.35 15.31
C ILE J 227 0.21 -43.85 15.17
N ILE J 228 1.26 -43.03 15.14
CA ILE J 228 1.13 -41.57 14.99
C ILE J 228 1.75 -41.21 13.64
N GLU J 229 1.10 -40.34 12.89
CA GLU J 229 1.68 -39.87 11.62
C GLU J 229 2.66 -38.80 11.98
N THR J 230 3.94 -39.05 11.81
CA THR J 230 4.89 -38.00 12.19
C THR J 230 5.30 -37.20 10.97
N GLU J 231 6.03 -36.14 11.23
CA GLU J 231 6.61 -35.33 10.20
C GLU J 231 7.62 -36.15 9.31
N HIS J 232 7.90 -37.41 9.72
CA HIS J 232 8.79 -38.28 8.91
C HIS J 232 8.20 -39.64 8.64
N GLY J 233 6.89 -39.76 8.84
CA GLY J 233 6.15 -41.04 8.55
C GLY J 233 5.50 -41.61 9.79
N LYS J 234 4.87 -42.76 9.61
CA LYS J 234 4.24 -43.44 10.70
C LYS J 234 5.29 -43.84 11.73
N SER J 235 4.94 -43.72 13.00
CA SER J 235 5.80 -44.16 14.07
C SER J 235 4.89 -44.93 15.00
N GLU J 236 5.33 -46.10 15.42
CA GLU J 236 4.55 -46.97 16.30
C GLU J 236 5.18 -47.27 17.69
N ILE J 237 4.32 -47.25 18.71
CA ILE J 237 4.65 -47.66 20.04
C ILE J 237 3.63 -48.71 20.51
N LYS J 238 4.15 -49.71 21.22
CA LYS J 238 3.35 -50.69 21.91
C LYS J 238 3.50 -50.36 23.40
N PHE J 239 2.45 -49.81 23.97
CA PHE J 239 2.42 -49.51 25.38
C PHE J 239 2.29 -50.82 26.16
N TYR J 240 3.12 -50.98 27.21
CA TYR J 240 3.20 -52.25 27.93
C TYR J 240 2.47 -52.43 29.28
N GLY J 241 1.59 -51.52 29.64
CA GLY J 241 0.82 -51.66 30.84
C GLY J 241 1.70 -51.89 32.05
N ASN J 242 1.52 -53.03 32.71
CA ASN J 242 2.26 -53.33 33.95
C ASN J 242 1.99 -52.24 34.99
N SER J 243 0.75 -51.74 35.00
CA SER J 243 0.33 -50.81 36.02
C SER J 243 0.48 -51.60 37.34
N PHE J 244 0.83 -50.91 38.43
CA PHE J 244 0.97 -51.62 39.71
C PHE J 244 0.78 -50.72 40.93
N ILE J 245 0.62 -51.37 42.09
CA ILE J 245 0.56 -50.68 43.36
C ILE J 245 1.69 -51.33 44.23
N ALA J 246 2.55 -50.53 44.82
CA ALA J 246 3.62 -51.06 45.67
C ALA J 246 3.40 -50.61 47.09
N GLY J 247 3.69 -51.52 48.02
CA GLY J 247 3.62 -51.23 49.50
C GLY J 247 4.82 -50.40 49.93
N PRO J 248 4.89 -50.03 51.23
CA PRO J 248 5.93 -49.14 51.74
C PRO J 248 7.36 -49.69 51.79
N THR J 249 7.55 -50.99 51.60
CA THR J 249 8.88 -51.53 51.46
C THR J 249 9.21 -51.81 50.00
N GLY J 250 8.34 -51.43 49.09
CA GLY J 250 8.58 -51.60 47.65
C GLY J 250 8.03 -52.88 47.06
N GLU J 251 7.38 -53.71 47.88
CA GLU J 251 6.78 -54.93 47.42
C GLU J 251 5.54 -54.62 46.55
N ILE J 252 5.46 -55.31 45.43
CA ILE J 252 4.33 -55.14 44.53
C ILE J 252 3.12 -55.93 45.07
N VAL J 253 2.08 -55.23 45.51
CA VAL J 253 0.91 -55.91 46.03
C VAL J 253 -0.17 -56.15 45.00
N SER J 254 -0.12 -55.44 43.87
CA SER J 254 -1.06 -55.64 42.76
C SER J 254 -0.37 -55.30 41.47
N ILE J 255 -0.56 -56.14 40.44
CA ILE J 255 0.02 -55.83 39.15
C ILE J 255 -0.86 -56.23 37.97
N ALA J 256 -0.86 -55.40 36.93
CA ALA J 256 -1.61 -55.70 35.72
C ALA J 256 -0.66 -56.31 34.65
N ASP J 257 -1.24 -56.95 33.62
CA ASP J 257 -0.42 -57.52 32.57
C ASP J 257 -0.15 -56.42 31.51
N ASP J 258 0.42 -56.81 30.37
CA ASP J 258 0.77 -55.79 29.35
C ASP J 258 -0.23 -55.56 28.23
N LYS J 259 -1.44 -56.06 28.37
CA LYS J 259 -2.39 -55.95 27.26
C LYS J 259 -3.91 -55.85 27.60
N GLU J 260 -4.29 -56.04 28.85
CA GLU J 260 -5.70 -55.99 29.19
C GLU J 260 -6.05 -54.78 30.07
N GLU J 261 -7.32 -54.35 29.98
CA GLU J 261 -7.79 -53.33 30.90
C GLU J 261 -7.63 -53.82 32.32
N ALA J 262 -7.34 -52.94 33.26
CA ALA J 262 -7.28 -53.35 34.66
C ALA J 262 -7.74 -52.30 35.63
N VAL J 263 -8.26 -52.78 36.73
CA VAL J 263 -8.66 -52.00 37.86
C VAL J 263 -7.94 -52.62 39.04
N LEU J 264 -6.83 -52.04 39.47
CA LEU J 264 -6.07 -52.58 40.64
C LEU J 264 -6.51 -51.89 41.94
N ILE J 265 -6.59 -52.67 43.00
CA ILE J 265 -7.11 -52.22 44.27
C ILE J 265 -6.19 -52.64 45.44
N ALA J 266 -5.81 -51.70 46.32
CA ALA J 266 -5.05 -52.05 47.56
C ALA J 266 -5.41 -51.15 48.73
N GLU J 267 -5.55 -51.76 49.89
CA GLU J 267 -5.82 -51.06 51.12
C GLU J 267 -4.49 -50.87 51.93
N PHE J 268 -4.28 -49.66 52.44
CA PHE J 268 -3.15 -49.34 53.33
C PHE J 268 -3.67 -48.68 54.62
N ASN J 269 -3.02 -49.00 55.73
CA ASN J 269 -3.32 -48.38 57.03
C ASN J 269 -2.32 -47.26 57.22
N LEU J 270 -2.70 -46.06 56.81
CA LEU J 270 -1.78 -44.92 56.88
C LEU J 270 -1.25 -44.57 58.33
N ASP J 271 -2.03 -44.84 59.38
CA ASP J 271 -1.56 -44.56 60.72
C ASP J 271 -0.43 -45.53 61.07
N LYS J 272 -0.60 -46.82 60.73
CA LYS J 272 0.43 -47.84 61.00
C LYS J 272 1.68 -47.62 60.14
N ILE J 273 1.51 -47.27 58.87
CA ILE J 273 2.69 -47.03 58.04
C ILE J 273 3.47 -45.82 58.56
N LYS J 274 2.75 -44.77 58.94
CA LYS J 274 3.34 -43.56 59.50
C LYS J 274 4.17 -43.82 60.78
N SER J 275 3.66 -44.69 61.65
CA SER J 275 4.38 -45.03 62.85
C SER J 275 5.61 -45.94 62.50
N MET J 276 5.48 -46.79 61.47
CA MET J 276 6.59 -47.62 60.98
C MET J 276 7.67 -46.72 60.35
N ARG J 277 7.26 -45.66 59.67
CA ARG J 277 8.21 -44.73 59.01
C ARG J 277 9.00 -43.92 60.05
N HIS J 278 8.28 -43.42 61.05
CA HIS J 278 8.83 -42.66 62.14
C HIS J 278 9.80 -43.53 62.92
N CYS J 279 9.41 -44.79 63.16
CA CYS J 279 10.24 -45.77 63.92
C CYS J 279 11.53 -46.13 63.16
N TRP J 280 11.42 -46.32 61.86
CA TRP J 280 12.57 -46.62 61.02
C TRP J 280 13.63 -45.46 61.16
N GLY J 281 13.13 -44.22 61.18
CA GLY J 281 13.94 -43.03 61.38
C GLY J 281 14.81 -42.51 60.24
N VAL J 282 14.56 -42.91 58.99
CA VAL J 282 15.44 -42.43 57.91
C VAL J 282 15.38 -40.92 57.80
N PHE J 283 14.16 -40.37 57.89
CA PHE J 283 14.00 -38.92 57.84
C PHE J 283 14.77 -38.11 58.95
N ARG J 284 14.82 -38.60 60.19
CA ARG J 284 15.63 -37.92 61.20
C ARG J 284 17.17 -38.16 61.00
N ASP J 285 17.54 -39.25 60.31
CA ASP J 285 18.96 -39.60 60.07
C ASP J 285 19.56 -38.99 58.77
N ARG J 286 18.76 -38.31 57.97
CA ARG J 286 19.29 -37.65 56.72
C ARG J 286 20.35 -36.63 57.04
N ARG J 287 21.17 -36.34 56.05
CA ARG J 287 22.28 -35.45 56.18
C ARG J 287 22.23 -34.36 55.10
N PRO J 288 21.21 -33.48 55.15
CA PRO J 288 21.10 -32.37 54.22
C PRO J 288 22.36 -31.51 54.11
N ASP J 289 23.16 -31.47 55.19
CA ASP J 289 24.42 -30.73 55.17
C ASP J 289 25.45 -31.35 54.21
N LEU J 290 25.27 -32.62 53.85
CA LEU J 290 26.17 -33.29 52.90
C LEU J 290 25.53 -33.47 51.47
N TYR J 291 24.31 -32.96 51.24
CA TYR J 291 23.63 -33.14 49.93
C TYR J 291 23.74 -31.95 48.96
N LYS J 292 24.63 -31.01 49.21
CA LYS J 292 24.76 -29.86 48.31
C LYS J 292 24.99 -30.18 46.80
N VAL J 293 25.71 -31.27 46.51
CA VAL J 293 26.04 -31.66 45.19
C VAL J 293 24.78 -31.99 44.35
N LEU J 294 23.68 -32.33 45.02
CA LEU J 294 22.41 -32.57 44.35
C LEU J 294 21.84 -31.29 43.66
N LEU J 295 22.35 -30.09 44.03
CA LEU J 295 21.93 -28.89 43.40
C LEU J 295 22.81 -28.54 42.17
N THR J 296 23.69 -29.46 41.74
CA THR J 296 24.49 -29.27 40.56
C THR J 296 23.95 -30.29 39.56
N LEU J 297 24.31 -30.08 38.30
CA LEU J 297 24.05 -31.04 37.24
C LEU J 297 25.33 -31.85 36.95
N ASP J 298 26.46 -31.17 37.00
CA ASP J 298 27.77 -31.71 36.60
C ASP J 298 28.68 -32.22 37.78
N GLY J 299 28.12 -32.22 38.99
CA GLY J 299 28.83 -32.62 40.18
C GLY J 299 29.80 -31.63 40.81
N LYS J 300 29.93 -30.41 40.27
CA LYS J 300 30.79 -29.36 40.81
C LYS J 300 30.08 -28.00 40.95
N ASN J 301 29.34 -27.56 39.92
CA ASN J 301 28.77 -26.20 39.91
C ASN J 301 27.32 -26.07 40.30
N PRO J 302 27.04 -25.40 41.47
CA PRO J 302 25.63 -25.21 41.84
C PRO J 302 24.93 -24.46 40.75
N VAL J 303 23.76 -24.91 40.37
CA VAL J 303 23.00 -24.18 39.34
C VAL J 303 22.53 -22.84 39.90
N LEU J 304 22.17 -21.93 39.00
CA LEU J 304 21.66 -20.62 39.44
C LEU J 304 20.21 -20.70 40.01
N MET K 4 44.35 17.71 12.50
CA MET K 4 45.54 16.81 12.35
C MET K 4 45.38 15.49 13.11
N ALA K 5 44.84 15.53 14.33
CA ALA K 5 44.66 14.32 15.17
C ALA K 5 43.32 13.56 14.94
N GLU K 6 43.41 12.38 14.30
CA GLU K 6 42.24 11.49 14.07
C GLU K 6 41.38 11.32 15.36
N ASP K 7 40.08 11.06 15.20
CA ASP K 7 39.16 10.90 16.37
C ASP K 7 39.67 9.87 17.41
N LYS K 8 39.87 10.33 18.65
CA LYS K 8 40.34 9.49 19.76
C LYS K 8 39.35 8.43 20.20
N GLY K 9 39.87 7.48 20.98
CA GLY K 9 39.09 6.39 21.54
C GLY K 9 39.71 5.05 21.22
N ARG K 10 39.41 4.04 22.04
CA ARG K 10 39.86 2.68 21.82
C ARG K 10 39.17 2.11 20.60
N LYS K 11 39.95 1.59 19.67
CA LYS K 11 39.41 0.96 18.49
C LYS K 11 39.63 -0.51 18.52
N VAL K 12 38.64 -1.24 18.02
CA VAL K 12 38.68 -2.66 17.95
C VAL K 12 38.15 -3.13 16.63
N VAL K 13 38.86 -4.06 16.01
CA VAL K 13 38.45 -4.63 14.76
C VAL K 13 37.94 -6.02 15.05
N VAL K 14 36.69 -6.26 14.69
CA VAL K 14 36.08 -7.56 14.89
C VAL K 14 35.84 -8.23 13.55
N SER K 15 35.76 -9.56 13.57
CA SER K 15 35.56 -10.35 12.36
C SER K 15 34.59 -11.50 12.56
N ALA K 16 33.80 -11.76 11.53
CA ALA K 16 32.93 -12.92 11.50
C ALA K 16 33.43 -13.77 10.38
N LEU K 17 33.55 -15.07 10.65
CA LEU K 17 33.96 -16.06 9.67
C LEU K 17 32.75 -16.89 9.26
N GLN K 18 32.77 -17.38 8.03
CA GLN K 18 31.68 -18.16 7.42
C GLN K 18 32.30 -19.18 6.50
N PHE K 19 32.20 -20.46 6.88
CA PHE K 19 32.75 -21.58 6.08
C PHE K 19 31.94 -22.85 6.15
N ALA K 20 32.26 -23.78 5.29
CA ALA K 20 31.61 -25.08 5.29
C ALA K 20 32.44 -26.13 6.07
N CYS K 21 31.75 -27.10 6.66
CA CYS K 21 32.43 -28.16 7.40
C CYS K 21 32.26 -29.56 6.79
N THR K 22 33.27 -30.39 6.97
CA THR K 22 33.16 -31.81 6.67
C THR K 22 32.82 -32.45 8.02
N ASP K 23 32.82 -33.78 8.11
CA ASP K 23 32.56 -34.40 9.43
C ASP K 23 33.86 -34.93 10.00
N ASP K 24 34.96 -34.25 9.66
CA ASP K 24 36.28 -34.60 10.14
C ASP K 24 36.90 -33.42 10.92
N VAL K 25 37.24 -33.66 12.18
CA VAL K 25 37.76 -32.61 13.06
C VAL K 25 39.02 -31.89 12.57
N SER K 26 40.02 -32.64 12.14
CA SER K 26 41.29 -32.02 11.68
C SER K 26 41.12 -31.15 10.42
N THR K 27 40.27 -31.57 9.49
CA THR K 27 40.00 -30.73 8.30
C THR K 27 39.35 -29.37 8.75
N ASN K 28 38.29 -29.47 9.56
CA ASN K 28 37.58 -28.28 10.02
C ASN K 28 38.43 -27.29 10.87
N VAL K 29 39.33 -27.81 11.70
CA VAL K 29 40.17 -26.94 12.52
C VAL K 29 41.20 -26.28 11.63
N THR K 30 41.70 -27.00 10.62
CA THR K 30 42.62 -26.42 9.63
C THR K 30 41.91 -25.29 8.84
N THR K 31 40.62 -25.49 8.54
CA THR K 31 39.84 -24.48 7.84
C THR K 31 39.75 -23.22 8.71
N ALA K 32 39.39 -23.42 9.97
CA ALA K 32 39.25 -22.35 10.93
C ALA K 32 40.54 -21.56 11.08
N GLU K 33 41.64 -22.26 11.20
CA GLU K 33 42.93 -21.61 11.36
C GLU K 33 43.33 -20.79 10.12
N ARG K 34 43.05 -21.28 8.90
CA ARG K 34 43.33 -20.51 7.66
C ARG K 34 42.54 -19.18 7.69
N LEU K 35 41.24 -19.26 7.98
CA LEU K 35 40.38 -18.10 8.01
C LEU K 35 40.71 -17.13 9.16
N VAL K 36 41.05 -17.67 10.35
CA VAL K 36 41.51 -16.84 11.43
C VAL K 36 42.77 -16.05 11.01
N ARG K 37 43.73 -16.71 10.37
CA ARG K 37 44.94 -16.01 9.90
C ARG K 37 44.62 -14.94 8.84
N ALA K 38 43.59 -15.17 8.05
CA ALA K 38 43.20 -14.23 6.99
C ALA K 38 42.52 -12.99 7.62
N ALA K 39 41.76 -13.21 8.69
CA ALA K 39 41.11 -12.12 9.38
C ALA K 39 42.18 -11.26 10.10
N HIS K 40 43.19 -11.92 10.66
CA HIS K 40 44.29 -11.23 11.33
C HIS K 40 45.05 -10.40 10.32
N LYS K 41 45.27 -10.94 9.13
CA LYS K 41 46.01 -10.18 8.06
C LYS K 41 45.24 -8.90 7.65
N GLN K 42 43.92 -8.98 7.69
CA GLN K 42 43.04 -7.85 7.43
C GLN K 42 42.84 -6.90 8.65
N GLY K 43 43.54 -7.16 9.78
CA GLY K 43 43.52 -6.28 10.99
C GLY K 43 42.63 -6.67 12.17
N ALA K 44 42.02 -7.85 12.10
CA ALA K 44 41.11 -8.27 13.18
C ALA K 44 41.84 -8.54 14.52
N ASN K 45 41.15 -8.12 15.60
CA ASN K 45 41.59 -8.29 17.00
C ASN K 45 40.77 -9.40 17.65
N ILE K 46 39.51 -9.53 17.25
CA ILE K 46 38.60 -10.56 17.79
C ILE K 46 37.94 -11.26 16.57
N VAL K 47 38.12 -12.58 16.49
CA VAL K 47 37.62 -13.36 15.36
C VAL K 47 36.62 -14.41 15.86
N LEU K 48 35.42 -14.39 15.30
CA LEU K 48 34.40 -15.33 15.68
C LEU K 48 34.21 -16.47 14.66
N ILE K 49 34.37 -17.69 15.17
CA ILE K 49 34.18 -18.94 14.44
C ILE K 49 32.78 -19.48 14.76
N GLN K 50 32.10 -20.03 13.76
CA GLN K 50 30.73 -20.55 13.86
C GLN K 50 30.54 -21.70 14.87
N GLU K 51 29.29 -21.91 15.28
CA GLU K 51 28.91 -22.94 16.26
C GLU K 51 29.30 -24.37 15.85
N LEU K 52 29.79 -25.14 16.80
CA LEU K 52 30.08 -26.57 16.60
C LEU K 52 30.84 -26.90 15.30
N PHE K 53 31.73 -26.00 14.94
CA PHE K 53 32.55 -26.06 13.71
C PHE K 53 33.46 -27.29 13.58
N GLU K 54 33.60 -28.08 14.66
CA GLU K 54 34.48 -29.26 14.59
C GLU K 54 33.93 -30.38 13.72
N GLY K 55 32.62 -30.35 13.48
CA GLY K 55 32.01 -31.39 12.67
C GLY K 55 30.75 -30.90 12.00
N TYR K 56 30.05 -31.83 11.37
CA TYR K 56 28.75 -31.58 10.86
C TYR K 56 27.84 -31.20 12.03
N TYR K 57 26.73 -30.50 11.73
CA TYR K 57 25.76 -30.19 12.78
C TYR K 57 24.98 -31.49 12.98
N PHE K 58 25.47 -32.28 13.95
CA PHE K 58 24.97 -33.61 14.13
C PHE K 58 23.58 -33.68 14.73
N CYS K 59 23.09 -32.55 15.23
CA CYS K 59 21.80 -32.52 15.92
C CYS K 59 20.56 -32.80 15.04
N GLN K 60 20.76 -33.06 13.78
CA GLN K 60 19.63 -33.46 12.97
C GLN K 60 19.11 -34.82 13.49
N ALA K 61 20.00 -35.60 14.10
CA ALA K 61 19.65 -36.90 14.62
C ALA K 61 19.65 -36.88 16.13
N GLN K 62 18.99 -37.87 16.71
CA GLN K 62 18.93 -38.09 18.15
C GLN K 62 19.53 -39.50 18.33
N ARG K 63 20.85 -39.57 18.41
CA ARG K 63 21.56 -40.82 18.49
C ARG K 63 22.42 -40.93 19.71
N GLU K 64 22.42 -42.14 20.25
CA GLU K 64 23.21 -42.50 21.43
C GLU K 64 24.69 -42.24 21.18
N ASP K 65 25.19 -42.66 20.00
CA ASP K 65 26.62 -42.54 19.73
C ASP K 65 27.07 -41.10 19.56
N PHE K 66 26.18 -40.24 19.10
CA PHE K 66 26.53 -38.84 18.90
C PHE K 66 26.71 -38.11 20.24
N ILE K 67 26.08 -38.59 21.30
CA ILE K 67 26.26 -37.98 22.62
C ILE K 67 27.73 -38.12 23.03
N GLN K 68 28.36 -39.25 22.68
CA GLN K 68 29.75 -39.53 23.02
C GLN K 68 30.80 -38.75 22.18
N ARG K 69 30.37 -37.83 21.32
CA ARG K 69 31.29 -36.91 20.66
C ARG K 69 31.72 -35.83 21.65
N ALA K 70 31.00 -35.69 22.75
CA ALA K 70 31.33 -34.71 23.76
C ALA K 70 32.70 -35.00 24.37
N LYS K 71 33.38 -33.94 24.83
CA LYS K 71 34.69 -34.04 25.49
C LYS K 71 34.77 -33.10 26.67
N PRO K 72 35.65 -33.41 27.66
CA PRO K 72 35.82 -32.49 28.78
C PRO K 72 36.40 -31.15 28.32
N TYR K 73 36.07 -30.12 29.07
CA TYR K 73 36.62 -28.78 28.85
C TYR K 73 38.09 -28.81 29.11
N LYS K 74 38.48 -29.49 30.18
CA LYS K 74 39.89 -29.65 30.56
C LYS K 74 40.74 -30.44 29.54
N ASP K 75 41.86 -29.83 29.14
CA ASP K 75 42.78 -30.41 28.16
C ASP K 75 42.09 -30.74 26.83
N HIS K 76 41.13 -29.90 26.42
CA HIS K 76 40.40 -30.12 25.13
C HIS K 76 41.39 -29.83 23.99
N PRO K 77 41.62 -30.80 23.08
CA PRO K 77 42.65 -30.58 22.06
C PRO K 77 42.36 -29.47 21.07
N THR K 78 41.11 -29.23 20.72
CA THR K 78 40.84 -28.14 19.79
C THR K 78 41.09 -26.80 20.51
N ILE K 79 40.61 -26.67 21.75
CA ILE K 79 40.83 -25.44 22.52
C ILE K 79 42.34 -25.22 22.68
N MET K 80 43.09 -26.26 23.03
CA MET K 80 44.52 -26.13 23.21
C MET K 80 45.24 -25.66 21.95
N ARG K 81 44.80 -26.17 20.81
CA ARG K 81 45.41 -25.85 19.54
C ARG K 81 45.12 -24.37 19.20
N LEU K 82 43.86 -23.93 19.35
CA LEU K 82 43.51 -22.54 19.07
C LEU K 82 44.12 -21.55 20.07
N GLN K 83 44.39 -21.97 21.31
CA GLN K 83 45.13 -21.14 22.25
C GLN K 83 46.49 -20.72 21.65
N LYS K 84 47.20 -21.65 21.01
CA LYS K 84 48.50 -21.31 20.39
C LYS K 84 48.33 -20.30 19.28
N LEU K 85 47.30 -20.46 18.48
CA LEU K 85 47.02 -19.53 17.40
C LEU K 85 46.71 -18.13 17.96
N ALA K 86 45.83 -18.09 18.95
CA ALA K 86 45.47 -16.85 19.64
C ALA K 86 46.71 -16.10 20.13
N LYS K 87 47.62 -16.83 20.74
CA LYS K 87 48.84 -16.25 21.27
C LYS K 87 49.78 -15.74 20.16
N GLU K 88 49.95 -16.55 19.13
CA GLU K 88 50.85 -16.19 18.01
C GLU K 88 50.45 -14.88 17.33
N LEU K 89 49.17 -14.75 17.05
CA LEU K 89 48.62 -13.59 16.35
C LEU K 89 48.17 -12.43 17.25
N GLY K 90 47.99 -12.69 18.54
CA GLY K 90 47.48 -11.67 19.41
C GLY K 90 46.02 -11.40 19.12
N VAL K 91 45.21 -12.46 19.01
CA VAL K 91 43.78 -12.27 18.76
C VAL K 91 42.92 -13.07 19.71
N VAL K 92 41.74 -12.54 20.00
CA VAL K 92 40.75 -13.16 20.85
C VAL K 92 39.94 -14.13 19.99
N ILE K 93 39.83 -15.37 20.47
CA ILE K 93 39.15 -16.46 19.75
C ILE K 93 38.22 -17.21 20.68
N PRO K 94 36.93 -16.98 20.53
CA PRO K 94 35.97 -17.82 21.24
C PRO K 94 35.89 -19.21 20.61
N VAL K 95 35.94 -20.30 21.41
CA VAL K 95 35.95 -21.67 20.83
C VAL K 95 34.73 -22.50 21.22
N SER K 96 33.85 -22.72 20.26
CA SER K 96 32.63 -23.52 20.45
C SER K 96 32.96 -25.02 20.52
N PHE K 97 32.43 -25.73 21.52
CA PHE K 97 32.66 -27.19 21.64
C PHE K 97 31.53 -27.93 22.36
N PHE K 98 31.45 -29.23 22.14
CA PHE K 98 30.47 -30.06 22.80
C PHE K 98 31.14 -30.56 24.09
N GLU K 99 30.67 -30.07 25.24
CA GLU K 99 31.26 -30.39 26.53
C GLU K 99 30.62 -31.55 27.24
N GLU K 100 31.49 -32.41 27.80
CA GLU K 100 31.12 -33.49 28.71
C GLU K 100 31.62 -33.03 30.11
N ALA K 101 30.74 -33.11 31.12
CA ALA K 101 31.09 -32.78 32.47
C ALA K 101 30.41 -33.79 33.44
N ASN K 102 31.13 -34.89 33.66
CA ASN K 102 30.65 -36.04 34.36
C ASN K 102 29.42 -36.54 33.56
N ASN K 103 28.22 -36.59 34.15
CA ASN K 103 27.04 -37.03 33.40
C ASN K 103 26.27 -35.91 32.72
N ALA K 104 26.63 -34.67 32.97
CA ALA K 104 26.03 -33.57 32.25
C ALA K 104 26.76 -33.33 30.92
N HIS K 105 26.07 -32.62 30.02
CA HIS K 105 26.61 -32.30 28.70
C HIS K 105 26.09 -30.95 28.33
N TYR K 106 26.94 -30.17 27.70
CA TYR K 106 26.55 -28.86 27.36
C TYR K 106 27.08 -28.44 26.02
N ASN K 107 26.45 -27.41 25.48
CA ASN K 107 26.90 -26.80 24.21
C ASN K 107 27.64 -25.58 24.76
N SER K 108 28.95 -25.59 24.64
CA SER K 108 29.77 -24.58 25.33
C SER K 108 30.69 -23.77 24.43
N ILE K 109 31.30 -22.75 25.03
CA ILE K 109 32.24 -21.89 24.32
C ILE K 109 33.29 -21.40 25.31
N ALA K 110 34.54 -21.60 24.97
CA ALA K 110 35.65 -21.13 25.78
C ALA K 110 36.20 -19.82 25.20
N ILE K 111 36.40 -18.80 26.03
CA ILE K 111 36.94 -17.56 25.51
C ILE K 111 38.44 -17.46 25.67
N ILE K 112 39.17 -17.50 24.54
CA ILE K 112 40.60 -17.36 24.55
C ILE K 112 41.02 -15.92 24.35
N ASP K 113 41.80 -15.35 25.27
CA ASP K 113 42.23 -13.97 25.20
C ASP K 113 43.41 -13.87 24.20
N ALA K 114 43.82 -12.65 23.90
CA ALA K 114 44.90 -12.40 22.94
C ALA K 114 46.26 -12.85 23.39
N ASP K 115 46.43 -13.15 24.68
CA ASP K 115 47.73 -13.70 25.15
C ASP K 115 47.70 -15.27 25.22
N GLY K 116 46.61 -15.88 24.74
CA GLY K 116 46.46 -17.35 24.77
C GLY K 116 45.81 -17.87 26.06
N THR K 117 45.50 -16.97 26.98
CA THR K 117 44.88 -17.33 28.24
C THR K 117 43.41 -17.69 28.05
N ASP K 118 43.02 -18.80 28.66
CA ASP K 118 41.61 -19.29 28.64
C ASP K 118 40.89 -18.56 29.78
N LEU K 119 40.03 -17.63 29.41
CA LEU K 119 39.35 -16.84 30.38
C LEU K 119 38.10 -17.50 31.00
N GLY K 120 37.67 -18.66 30.49
CA GLY K 120 36.52 -19.35 31.05
C GLY K 120 35.51 -19.75 29.98
N ILE K 121 34.38 -20.29 30.45
CA ILE K 121 33.33 -20.78 29.55
C ILE K 121 31.96 -20.21 29.78
N TYR K 122 31.17 -20.30 28.73
CA TYR K 122 29.75 -19.98 28.79
C TYR K 122 29.08 -21.26 28.25
N ARG K 123 27.97 -21.66 28.86
CA ARG K 123 27.21 -22.86 28.49
C ARG K 123 25.88 -22.36 27.94
N LYS K 124 25.59 -22.72 26.68
CA LYS K 124 24.34 -22.31 26.03
C LYS K 124 23.16 -22.51 26.96
N SER K 125 22.40 -21.42 27.18
CA SER K 125 21.26 -21.37 28.07
C SER K 125 19.92 -21.79 27.45
N HIS K 126 19.68 -21.34 26.20
CA HIS K 126 18.42 -21.62 25.49
C HIS K 126 18.68 -22.71 24.46
N ILE K 127 18.06 -23.86 24.65
CA ILE K 127 18.29 -25.01 23.80
C ILE K 127 17.08 -25.23 22.85
N PRO K 128 17.32 -25.19 21.52
CA PRO K 128 16.26 -25.33 20.55
C PRO K 128 15.87 -26.73 20.34
N ASP K 129 14.75 -26.95 19.66
CA ASP K 129 14.29 -28.29 19.41
C ASP K 129 13.47 -28.34 18.15
N GLY K 130 13.29 -29.54 17.63
CA GLY K 130 12.45 -29.75 16.44
C GLY K 130 13.26 -30.39 15.32
N PRO K 131 12.56 -30.82 14.26
CA PRO K 131 13.17 -31.47 13.12
C PRO K 131 14.36 -30.69 12.59
N GLY K 132 15.49 -31.39 12.46
CA GLY K 132 16.74 -30.82 12.03
C GLY K 132 17.60 -30.20 13.13
N TYR K 133 17.00 -29.82 14.25
CA TYR K 133 17.71 -29.09 15.31
C TYR K 133 17.31 -29.65 16.66
N GLU K 134 17.52 -30.94 16.83
CA GLU K 134 17.12 -31.66 18.10
C GLU K 134 18.15 -31.49 19.20
N GLU K 135 18.52 -30.26 19.51
CA GLU K 135 19.55 -29.99 20.51
C GLU K 135 19.15 -30.36 21.96
N LYS K 136 17.86 -30.32 22.26
CA LYS K 136 17.38 -30.66 23.62
C LYS K 136 17.69 -32.10 24.05
N PHE K 137 17.97 -32.95 23.07
CA PHE K 137 18.30 -34.33 23.35
C PHE K 137 19.73 -34.51 23.86
N TYR K 138 20.60 -33.59 23.45
CA TYR K 138 22.06 -33.63 23.69
C TYR K 138 22.56 -32.77 24.85
N PHE K 139 21.98 -31.59 25.01
CA PHE K 139 22.48 -30.60 25.94
C PHE K 139 21.59 -30.27 27.12
N ASN K 140 22.18 -30.34 28.30
CA ASN K 140 21.55 -29.81 29.47
C ASN K 140 21.44 -28.28 29.25
N PRO K 141 20.33 -27.69 29.65
CA PRO K 141 20.31 -26.23 29.59
C PRO K 141 21.43 -25.66 30.43
N GLY K 142 22.13 -24.69 29.87
CA GLY K 142 23.29 -24.08 30.50
C GLY K 142 23.07 -23.56 31.91
N ASP K 143 24.11 -23.67 32.72
CA ASP K 143 24.04 -23.24 34.08
C ASP K 143 25.10 -22.23 34.47
N THR K 144 25.69 -21.55 33.50
CA THR K 144 26.63 -20.49 33.85
C THR K 144 25.93 -19.17 34.02
N GLY K 145 24.76 -19.06 33.44
CA GLY K 145 24.15 -17.74 33.36
C GLY K 145 24.91 -16.99 32.24
N PHE K 146 24.44 -15.80 31.92
CA PHE K 146 25.05 -15.01 30.87
C PHE K 146 26.26 -14.34 31.49
N LYS K 147 27.34 -14.31 30.71
CA LYS K 147 28.64 -13.79 31.18
C LYS K 147 29.24 -12.73 30.25
N VAL K 148 30.13 -11.91 30.80
CA VAL K 148 30.93 -11.00 30.01
C VAL K 148 32.36 -11.33 30.34
N PHE K 149 33.23 -11.18 29.35
CA PHE K 149 34.63 -11.50 29.50
C PHE K 149 35.49 -10.30 29.20
N GLN K 150 36.46 -10.06 30.07
CA GLN K 150 37.37 -8.98 29.90
C GLN K 150 38.60 -9.45 29.11
N THR K 151 38.68 -9.07 27.84
CA THR K 151 39.80 -9.42 26.96
C THR K 151 40.74 -8.22 26.83
N LYS K 152 41.85 -8.42 26.18
CA LYS K 152 42.81 -7.33 25.96
C LYS K 152 42.27 -6.11 25.25
N TYR K 153 41.23 -6.29 24.43
CA TYR K 153 40.70 -5.20 23.63
C TYR K 153 39.35 -4.64 24.07
N ALA K 154 38.56 -5.44 24.78
CA ALA K 154 37.21 -5.04 25.11
C ALA K 154 36.58 -5.98 26.10
N LYS K 155 35.54 -5.52 26.74
CA LYS K 155 34.77 -6.40 27.57
C LYS K 155 33.71 -6.92 26.56
N ILE K 156 33.64 -8.23 26.36
CA ILE K 156 32.73 -8.79 25.37
C ILE K 156 31.71 -9.74 25.95
N GLY K 157 30.60 -9.88 25.25
CA GLY K 157 29.51 -10.77 25.65
C GLY K 157 29.41 -11.84 24.57
N VAL K 158 29.54 -13.10 24.96
CA VAL K 158 29.43 -14.18 24.04
C VAL K 158 28.32 -15.12 24.45
N ALA K 159 27.45 -15.43 23.50
CA ALA K 159 26.36 -16.40 23.73
C ALA K 159 26.33 -17.30 22.48
N ILE K 160 25.40 -18.24 22.41
CA ILE K 160 25.48 -19.25 21.33
C ILE K 160 24.18 -19.50 20.63
N CYS K 161 24.28 -19.54 19.28
CA CYS K 161 23.20 -19.81 18.35
C CYS K 161 21.80 -19.40 18.85
N TRP K 162 20.95 -20.37 19.23
CA TRP K 162 19.53 -20.08 19.67
C TRP K 162 19.41 -18.95 20.71
N ASP K 163 20.46 -18.73 21.54
CA ASP K 163 20.49 -17.60 22.48
C ASP K 163 20.25 -16.28 21.79
N GLN K 164 20.57 -16.21 20.51
CA GLN K 164 20.50 -14.95 19.82
C GLN K 164 19.05 -14.50 19.54
N TRP K 165 18.09 -15.37 19.79
CA TRP K 165 16.69 -15.00 19.57
C TRP K 165 16.10 -14.33 20.80
N PHE K 166 16.87 -14.26 21.90
CA PHE K 166 16.36 -13.78 23.18
C PHE K 166 16.91 -12.42 23.59
N PRO K 167 16.05 -11.41 23.64
CA PRO K 167 16.43 -10.07 24.12
C PRO K 167 17.03 -10.09 25.52
N GLU K 168 16.51 -11.00 26.36
CA GLU K 168 17.00 -11.20 27.72
C GLU K 168 18.53 -11.44 27.82
N ALA K 169 19.01 -12.34 26.98
CA ALA K 169 20.42 -12.66 26.91
C ALA K 169 21.27 -11.43 26.55
N ALA K 170 20.91 -10.75 25.47
CA ALA K 170 21.64 -9.56 25.05
C ALA K 170 21.63 -8.49 26.12
N ARG K 171 20.46 -8.26 26.73
CA ARG K 171 20.33 -7.25 27.75
C ARG K 171 21.14 -7.68 28.98
N ALA K 172 21.09 -8.95 29.33
CA ALA K 172 21.90 -9.43 30.50
C ALA K 172 23.40 -9.15 30.28
N MET K 173 23.89 -9.33 29.06
CA MET K 173 25.29 -9.10 28.81
C MET K 173 25.62 -7.59 28.82
N ALA K 174 24.76 -6.77 28.21
CA ALA K 174 25.00 -5.33 28.16
C ALA K 174 24.95 -4.69 29.56
N LEU K 175 23.98 -5.14 30.40
CA LEU K 175 23.91 -4.65 31.76
C LEU K 175 25.21 -4.90 32.49
N GLN K 176 25.91 -6.00 32.16
CA GLN K 176 27.19 -6.34 32.84
C GLN K 176 28.43 -5.72 32.19
N GLY K 177 28.22 -4.78 31.31
CA GLY K 177 29.32 -4.05 30.68
C GLY K 177 29.84 -4.57 29.37
N ALA K 178 29.14 -5.52 28.75
CA ALA K 178 29.57 -6.01 27.44
C ALA K 178 29.54 -4.82 26.44
N GLU K 179 30.60 -4.70 25.69
CA GLU K 179 30.76 -3.64 24.64
C GLU K 179 30.50 -4.12 23.23
N ILE K 180 30.59 -5.45 23.02
CA ILE K 180 30.30 -6.10 21.75
C ILE K 180 29.69 -7.43 22.08
N LEU K 181 28.70 -7.84 21.30
CA LEU K 181 28.08 -9.15 21.46
C LEU K 181 28.46 -10.04 20.28
N PHE K 182 28.67 -11.33 20.58
CA PHE K 182 29.07 -12.35 19.63
C PHE K 182 28.16 -13.54 19.73
N TYR K 183 27.71 -14.05 18.58
CA TYR K 183 26.89 -15.24 18.50
C TYR K 183 27.33 -16.22 17.38
N PRO K 184 28.15 -17.23 17.70
CA PRO K 184 28.42 -18.30 16.70
C PRO K 184 27.10 -19.05 16.44
N THR K 185 26.85 -19.38 15.19
CA THR K 185 25.52 -19.90 14.77
C THR K 185 25.59 -21.08 13.82
N ALA K 186 24.58 -21.96 13.89
CA ALA K 186 24.39 -22.99 12.85
C ALA K 186 22.90 -23.01 12.54
N ILE K 187 22.48 -22.27 11.50
CA ILE K 187 21.04 -22.21 11.15
C ILE K 187 20.84 -22.21 9.64
N GLY K 188 19.77 -22.86 9.21
CA GLY K 188 19.48 -22.98 7.82
C GLY K 188 18.07 -23.42 7.57
N SER K 189 17.89 -24.16 6.47
CA SER K 189 16.60 -24.76 6.11
C SER K 189 16.17 -25.79 7.20
N GLU K 190 14.94 -26.27 7.10
CA GLU K 190 14.40 -27.22 8.08
C GLU K 190 13.90 -28.39 7.26
N PRO K 191 14.38 -29.60 7.58
CA PRO K 191 14.14 -30.72 6.70
C PRO K 191 12.70 -31.23 6.59
N HIS K 192 11.82 -30.82 7.50
CA HIS K 192 10.40 -31.28 7.42
C HIS K 192 9.48 -30.40 6.62
N ASP K 193 9.93 -29.20 6.30
CA ASP K 193 9.11 -28.23 5.57
C ASP K 193 10.04 -27.25 4.82
N GLN K 194 10.16 -27.48 3.53
CA GLN K 194 11.03 -26.64 2.68
C GLN K 194 10.56 -25.16 2.53
N SER K 195 9.33 -24.85 2.97
CA SER K 195 8.75 -23.50 2.87
C SER K 195 9.24 -22.51 3.97
N ILE K 196 9.89 -23.03 5.00
CA ILE K 196 10.37 -22.20 6.05
C ILE K 196 11.69 -21.54 5.64
N ASP K 197 11.76 -20.25 5.76
CA ASP K 197 12.97 -19.53 5.42
C ASP K 197 13.07 -18.47 6.47
N SER K 198 13.88 -18.74 7.52
CA SER K 198 14.01 -17.90 8.64
C SER K 198 15.07 -16.82 8.59
N ARG K 199 15.78 -16.66 7.46
CA ARG K 199 16.94 -15.74 7.43
C ARG K 199 16.64 -14.28 7.72
N ASP K 200 15.50 -13.77 7.25
CA ASP K 200 15.17 -12.36 7.48
C ASP K 200 14.75 -12.10 8.91
N HIS K 201 14.02 -13.04 9.46
CA HIS K 201 13.51 -13.01 10.80
C HIS K 201 14.68 -13.05 11.77
N TRP K 202 15.61 -13.98 11.51
CA TRP K 202 16.84 -14.16 12.30
C TRP K 202 17.66 -12.86 12.41
N LYS K 203 17.89 -12.20 11.26
CA LYS K 203 18.62 -10.94 11.25
C LYS K 203 17.91 -9.85 12.01
N ARG K 204 16.59 -9.68 11.79
CA ARG K 204 15.88 -8.61 12.42
C ARG K 204 15.91 -8.70 13.95
N VAL K 205 15.91 -9.91 14.49
CA VAL K 205 15.87 -10.05 15.92
C VAL K 205 17.18 -9.59 16.55
N MET K 206 18.30 -10.02 15.97
CA MET K 206 19.62 -9.59 16.46
C MET K 206 19.87 -8.08 16.25
N GLN K 207 19.48 -7.55 15.10
CA GLN K 207 19.62 -6.13 14.87
C GLN K 207 18.87 -5.35 15.93
N GLY K 208 17.78 -5.91 16.38
CA GLY K 208 16.98 -5.30 17.42
C GLY K 208 17.75 -5.31 18.72
N HIS K 209 18.56 -6.33 18.94
CA HIS K 209 19.37 -6.37 20.19
C HIS K 209 20.46 -5.30 20.14
N ALA K 210 21.05 -5.13 18.97
CA ALA K 210 22.12 -4.20 18.81
C ALA K 210 21.58 -2.79 19.10
N GLY K 211 20.44 -2.48 18.49
CA GLY K 211 19.82 -1.19 18.65
C GLY K 211 19.27 -0.88 20.04
N ALA K 212 18.73 -1.89 20.73
CA ALA K 212 18.14 -1.66 22.07
C ALA K 212 19.18 -1.48 23.16
N ASN K 213 20.37 -2.05 22.96
CA ASN K 213 21.48 -2.01 23.97
C ASN K 213 22.61 -1.08 23.56
N LEU K 214 22.48 -0.56 22.33
CA LEU K 214 23.46 0.30 21.69
C LEU K 214 24.89 -0.24 21.76
N VAL K 215 25.05 -1.49 21.31
CA VAL K 215 26.35 -2.19 21.25
C VAL K 215 26.40 -2.91 19.92
N PRO K 216 27.60 -2.99 19.29
CA PRO K 216 27.75 -3.72 18.06
C PRO K 216 27.56 -5.22 18.30
N LEU K 217 27.30 -5.94 17.23
CA LEU K 217 26.96 -7.37 17.31
C LEU K 217 27.54 -8.11 16.10
N VAL K 218 28.11 -9.26 16.37
CA VAL K 218 28.78 -10.09 15.37
C VAL K 218 28.12 -11.47 15.37
N ALA K 219 27.73 -11.94 14.18
CA ALA K 219 27.15 -13.29 14.06
C ALA K 219 27.82 -14.06 12.93
N SER K 220 28.30 -15.26 13.23
CA SER K 220 28.98 -16.11 12.26
C SER K 220 28.11 -17.33 12.04
N ASN K 221 27.71 -17.60 10.80
CA ASN K 221 26.85 -18.75 10.49
C ASN K 221 27.50 -19.66 9.46
N ARG K 222 27.11 -20.92 9.51
CA ARG K 222 27.63 -21.96 8.65
C ARG K 222 27.04 -21.84 7.25
N ILE K 223 27.72 -22.44 6.28
CA ILE K 223 27.23 -22.56 4.92
C ILE K 223 27.32 -24.03 4.52
N GLY K 224 26.64 -24.35 3.41
CA GLY K 224 26.69 -25.64 2.78
C GLY K 224 25.62 -26.62 3.14
N ASN K 225 25.49 -27.64 2.30
CA ASN K 225 24.58 -28.72 2.57
C ASN K 225 25.17 -29.79 3.45
N GLU K 226 24.37 -30.31 4.35
CA GLU K 226 24.81 -31.41 5.23
C GLU K 226 23.74 -32.47 5.32
N ILE K 227 24.16 -33.71 5.12
CA ILE K 227 23.30 -34.86 5.20
C ILE K 227 23.74 -35.72 6.40
N ILE K 228 22.79 -35.99 7.32
CA ILE K 228 23.04 -36.81 8.54
C ILE K 228 22.19 -38.05 8.48
N GLU K 229 22.77 -39.19 8.88
CA GLU K 229 22.01 -40.45 8.95
C GLU K 229 21.33 -40.46 10.32
N THR K 230 20.00 -40.31 10.31
CA THR K 230 19.24 -40.31 11.52
C THR K 230 18.57 -41.66 11.74
N GLU K 231 18.07 -41.83 12.96
CA GLU K 231 17.28 -43.02 13.38
C GLU K 231 16.11 -43.26 12.44
N HIS K 232 15.79 -42.32 11.52
CA HIS K 232 14.66 -42.48 10.60
C HIS K 232 15.00 -42.24 9.13
N GLY K 233 16.30 -42.28 8.81
CA GLY K 233 16.76 -42.06 7.43
C GLY K 233 17.59 -40.79 7.30
N LYS K 234 17.83 -40.39 6.06
CA LYS K 234 18.58 -39.18 5.78
C LYS K 234 17.78 -37.94 6.13
N SER K 235 18.47 -36.95 6.69
CA SER K 235 17.89 -35.67 6.97
C SER K 235 18.94 -34.69 6.46
N GLU K 236 18.49 -33.74 5.65
CA GLU K 236 19.39 -32.77 5.07
C GLU K 236 19.06 -31.33 5.46
N ILE K 237 20.09 -30.55 5.75
CA ILE K 237 19.94 -29.10 5.91
C ILE K 237 20.83 -28.33 4.93
N LYS K 238 20.32 -27.23 4.39
CA LYS K 238 21.13 -26.32 3.66
C LYS K 238 21.38 -25.14 4.57
N PHE K 239 22.59 -24.96 5.05
CA PHE K 239 22.88 -23.81 5.91
C PHE K 239 22.94 -22.51 5.12
N TYR K 240 22.28 -21.44 5.61
CA TYR K 240 22.09 -20.24 4.81
C TYR K 240 23.07 -19.04 4.93
N GLY K 241 24.16 -19.23 5.66
CA GLY K 241 25.16 -18.19 5.75
C GLY K 241 24.58 -16.89 6.25
N ASN K 242 24.71 -15.83 5.47
CA ASN K 242 24.28 -14.53 5.95
C ASN K 242 24.95 -14.06 7.27
N SER K 243 26.20 -14.44 7.47
CA SER K 243 26.94 -13.93 8.60
C SER K 243 27.00 -12.38 8.45
N PHE K 244 26.96 -11.66 9.58
CA PHE K 244 26.98 -10.22 9.51
C PHE K 244 27.50 -9.56 10.74
N ILE K 245 27.84 -8.28 10.57
CA ILE K 245 28.23 -7.43 11.68
C ILE K 245 27.34 -6.21 11.68
N ALA K 246 26.80 -5.89 12.85
CA ALA K 246 25.88 -4.76 12.98
C ALA K 246 26.39 -3.76 13.98
N GLY K 247 26.13 -2.49 13.70
CA GLY K 247 26.54 -1.39 14.58
C GLY K 247 25.54 -1.13 15.70
N PRO K 248 25.86 -0.15 16.54
CA PRO K 248 25.03 0.05 17.73
C PRO K 248 23.59 0.64 17.52
N THR K 249 23.23 0.97 16.27
CA THR K 249 21.84 1.34 15.98
C THR K 249 21.12 0.15 15.26
N GLY K 250 21.81 -0.99 15.12
CA GLY K 250 21.27 -2.15 14.43
C GLY K 250 21.56 -2.20 12.94
N GLU K 251 22.12 -1.15 12.36
CA GLU K 251 22.45 -1.16 10.96
C GLU K 251 23.52 -2.24 10.62
N ILE K 252 23.32 -2.94 9.51
CA ILE K 252 24.28 -3.96 9.07
C ILE K 252 25.42 -3.18 8.38
N VAL K 253 26.64 -3.36 8.85
CA VAL K 253 27.80 -2.70 8.24
C VAL K 253 28.52 -3.67 7.33
N SER K 254 28.34 -4.95 7.55
CA SER K 254 29.02 -5.96 6.74
C SER K 254 28.17 -7.26 6.72
N ILE K 255 28.00 -7.87 5.54
CA ILE K 255 27.17 -9.08 5.39
C ILE K 255 27.61 -10.03 4.29
N ALA K 256 27.60 -11.32 4.57
CA ALA K 256 27.96 -12.33 3.59
C ALA K 256 26.69 -12.85 2.88
N ASP K 257 26.85 -13.55 1.77
CA ASP K 257 25.68 -14.10 1.10
C ASP K 257 25.42 -15.47 1.69
N ASP K 258 24.61 -16.28 1.03
CA ASP K 258 24.22 -17.58 1.57
C ASP K 258 25.00 -18.78 1.15
N LYS K 259 26.10 -18.58 0.46
CA LYS K 259 26.83 -19.74 -0.12
C LYS K 259 28.37 -19.59 -0.17
N GLU K 260 28.84 -18.35 -0.09
CA GLU K 260 30.27 -18.07 -0.14
C GLU K 260 30.97 -18.27 1.23
N GLU K 261 32.26 -18.61 1.15
CA GLU K 261 33.15 -18.65 2.29
C GLU K 261 33.48 -17.16 2.51
N ALA K 262 33.55 -16.71 3.74
CA ALA K 262 33.73 -15.29 3.99
C ALA K 262 34.43 -14.90 5.27
N VAL K 263 35.14 -13.78 5.18
CA VAL K 263 35.80 -13.15 6.28
C VAL K 263 35.24 -11.71 6.28
N LEU K 264 34.45 -11.39 7.26
CA LEU K 264 33.88 -10.06 7.41
C LEU K 264 34.68 -9.27 8.47
N ILE K 265 34.95 -7.99 8.16
CA ILE K 265 35.76 -7.10 8.97
C ILE K 265 35.02 -5.80 9.29
N ALA K 266 35.07 -5.34 10.56
CA ALA K 266 34.55 -4.01 10.92
C ALA K 266 35.29 -3.41 12.12
N GLU K 267 35.54 -2.11 12.04
CA GLU K 267 36.20 -1.40 13.09
C GLU K 267 35.16 -0.58 13.86
N PHE K 268 35.24 -0.63 15.19
CA PHE K 268 34.39 0.16 16.03
C PHE K 268 35.20 1.02 17.01
N ASN K 269 34.71 2.25 17.27
CA ASN K 269 35.33 3.13 18.29
C ASN K 269 34.53 2.92 19.62
N LEU K 270 35.07 2.09 20.50
CA LEU K 270 34.39 1.73 21.71
C LEU K 270 34.07 2.91 22.64
N ASP K 271 34.93 3.93 22.65
CA ASP K 271 34.69 5.07 23.48
C ASP K 271 33.58 5.97 22.98
N LYS K 272 33.46 6.16 21.67
CA LYS K 272 32.35 6.95 21.11
C LYS K 272 31.04 6.24 21.26
N ILE K 273 31.05 4.94 21.06
CA ILE K 273 29.83 4.15 21.18
C ILE K 273 29.32 4.17 22.64
N LYS K 274 30.26 4.07 23.60
CA LYS K 274 29.90 4.09 25.03
C LYS K 274 29.19 5.41 25.30
N SER K 275 29.75 6.48 24.73
CA SER K 275 29.20 7.77 24.93
C SER K 275 27.77 7.90 24.32
N MET K 276 27.57 7.31 23.16
CA MET K 276 26.29 7.30 22.45
C MET K 276 25.25 6.49 23.20
N ARG K 277 25.69 5.37 23.71
CA ARG K 277 24.84 4.49 24.48
C ARG K 277 24.25 5.18 25.72
N HIS K 278 25.11 5.80 26.48
CA HIS K 278 24.72 6.50 27.70
C HIS K 278 23.85 7.71 27.37
N CYS K 279 24.26 8.44 26.33
CA CYS K 279 23.54 9.61 25.87
C CYS K 279 22.10 9.30 25.46
N TRP K 280 21.90 8.18 24.77
CA TRP K 280 20.53 7.80 24.32
C TRP K 280 19.58 7.54 25.56
N GLY K 281 20.19 7.09 26.65
CA GLY K 281 19.50 7.02 27.95
C GLY K 281 18.69 5.81 28.34
N VAL K 282 18.63 4.79 27.51
CA VAL K 282 17.80 3.65 27.83
C VAL K 282 18.20 3.02 29.13
N PHE K 283 19.49 2.94 29.42
CA PHE K 283 19.95 2.32 30.67
C PHE K 283 19.67 3.17 31.92
N ARG K 284 19.58 4.47 31.72
CA ARG K 284 19.21 5.43 32.76
C ARG K 284 17.69 5.31 33.11
N ASP K 285 16.89 4.86 32.13
CA ASP K 285 15.47 4.90 32.21
C ASP K 285 14.79 3.57 32.42
N ARG K 286 15.55 2.48 32.42
CA ARG K 286 15.00 1.14 32.67
C ARG K 286 14.27 1.03 34.02
N ARG K 287 13.28 0.12 34.04
CA ARG K 287 12.36 -0.05 35.17
C ARG K 287 12.41 -1.46 35.76
N PRO K 288 13.54 -1.85 36.34
CA PRO K 288 13.60 -3.20 36.92
C PRO K 288 12.50 -3.51 37.92
N ASP K 289 11.96 -2.49 38.54
CA ASP K 289 10.86 -2.70 39.45
C ASP K 289 9.56 -3.20 38.78
N LEU K 290 9.45 -3.03 37.47
CA LEU K 290 8.28 -3.47 36.77
C LEU K 290 8.59 -4.68 35.94
N TYR K 291 9.80 -5.23 36.06
CA TYR K 291 10.20 -6.36 35.26
C TYR K 291 10.07 -7.81 35.85
N LYS K 292 9.47 -7.97 37.03
CA LYS K 292 9.31 -9.30 37.63
C LYS K 292 8.57 -10.31 36.75
N VAL K 293 7.60 -9.86 35.92
CA VAL K 293 6.89 -10.77 35.05
C VAL K 293 7.88 -11.54 34.16
N LEU K 294 9.04 -10.98 33.94
CA LEU K 294 10.04 -11.63 33.11
C LEU K 294 10.63 -12.89 33.72
N LEU K 295 10.50 -13.04 35.07
CA LEU K 295 10.95 -14.24 35.77
C LEU K 295 9.85 -15.31 35.83
N THR K 296 8.84 -15.19 34.95
CA THR K 296 7.78 -16.15 34.86
C THR K 296 7.90 -16.71 33.47
N LEU K 297 7.30 -17.87 33.27
CA LEU K 297 7.14 -18.42 31.94
C LEU K 297 5.76 -18.15 31.41
N ASP K 298 4.78 -18.19 32.30
CA ASP K 298 3.38 -18.12 31.86
C ASP K 298 2.71 -16.76 32.08
N GLY K 299 3.53 -15.75 32.38
CA GLY K 299 3.04 -14.41 32.61
C GLY K 299 2.41 -14.21 33.94
N LYS K 300 2.31 -15.25 34.78
CA LYS K 300 1.71 -15.08 36.11
C LYS K 300 2.59 -15.59 37.27
N ASN K 301 3.16 -16.80 37.13
CA ASN K 301 3.87 -17.50 38.22
C ASN K 301 5.36 -17.42 38.17
N PRO K 302 5.97 -16.78 39.20
CA PRO K 302 7.45 -16.74 39.20
C PRO K 302 8.03 -18.13 39.33
N VAL K 303 9.07 -18.41 38.61
CA VAL K 303 9.69 -19.71 38.71
C VAL K 303 10.48 -19.76 40.06
N LEU K 304 10.64 -20.98 40.56
CA LEU K 304 11.44 -21.22 41.77
C LEU K 304 13.00 -20.94 41.50
N ASP L 7 -8.32 -19.72 4.22
CA ASP L 7 -7.45 -19.45 5.43
C ASP L 7 -8.32 -19.24 6.67
N LYS L 8 -8.46 -20.27 7.50
CA LYS L 8 -9.34 -20.20 8.69
C LYS L 8 -8.70 -19.51 9.93
N GLY L 9 -9.53 -19.06 10.88
CA GLY L 9 -9.08 -18.46 12.15
C GLY L 9 -9.51 -17.01 12.35
N ARG L 10 -9.47 -16.52 13.59
CA ARG L 10 -9.84 -15.16 13.86
C ARG L 10 -8.94 -14.19 13.14
N LYS L 11 -9.56 -13.24 12.47
CA LYS L 11 -8.85 -12.18 11.83
C LYS L 11 -9.18 -10.89 12.52
N VAL L 12 -8.21 -9.99 12.55
CA VAL L 12 -8.37 -8.66 13.07
C VAL L 12 -7.67 -7.70 12.11
N VAL L 13 -8.30 -6.57 11.85
CA VAL L 13 -7.72 -5.54 11.01
C VAL L 13 -7.30 -4.44 11.93
N VAL L 14 -6.04 -4.06 11.87
CA VAL L 14 -5.53 -2.99 12.72
C VAL L 14 -5.19 -1.78 11.88
N SER L 15 -5.09 -0.63 12.55
CA SER L 15 -4.80 0.62 11.84
C SER L 15 -3.86 1.53 12.62
N ALA L 16 -2.99 2.20 11.87
CA ALA L 16 -2.11 3.23 12.38
C ALA L 16 -2.47 4.50 11.68
N LEU L 17 -2.66 5.56 12.46
CA LEU L 17 -2.97 6.92 11.95
C LEU L 17 -1.78 7.83 12.15
N GLN L 18 -1.68 8.79 11.28
CA GLN L 18 -0.55 9.75 11.27
C GLN L 18 -1.08 11.09 10.87
N PHE L 19 -0.91 12.08 11.74
CA PHE L 19 -1.43 13.41 11.43
C PHE L 19 -0.74 14.50 12.19
N ALA L 20 -0.94 15.71 11.68
CA ALA L 20 -0.42 16.94 12.29
C ALA L 20 -1.41 17.50 13.33
N CYS L 21 -0.84 18.09 14.38
CA CYS L 21 -1.61 18.67 15.45
C CYS L 21 -1.45 20.17 15.54
N THR L 22 -2.53 20.88 15.89
CA THR L 22 -2.45 22.29 16.25
C THR L 22 -2.35 22.29 17.79
N ASP L 23 -2.40 23.47 18.43
CA ASP L 23 -2.40 23.49 19.91
C ASP L 23 -3.86 23.78 20.40
N ASP L 24 -4.82 23.40 19.57
CA ASP L 24 -6.21 23.54 19.88
C ASP L 24 -6.83 22.11 20.09
N VAL L 25 -7.26 21.80 21.32
CA VAL L 25 -7.84 20.49 21.62
C VAL L 25 -8.99 20.11 20.68
N SER L 26 -9.98 20.97 20.56
CA SER L 26 -11.15 20.66 19.70
C SER L 26 -10.80 20.36 18.24
N THR L 27 -9.82 21.09 17.68
CA THR L 27 -9.36 20.85 16.29
C THR L 27 -8.75 19.44 16.16
N ASN L 28 -7.97 19.07 17.14
CA ASN L 28 -7.24 17.81 17.12
C ASN L 28 -8.09 16.57 17.34
N VAL L 29 -9.07 16.67 18.22
CA VAL L 29 -9.99 15.59 18.44
C VAL L 29 -10.86 15.47 17.14
N THR L 30 -11.17 16.57 16.51
CA THR L 30 -11.90 16.56 15.21
C THR L 30 -11.09 15.79 14.13
N THR L 31 -9.77 16.06 14.07
CA THR L 31 -8.86 15.34 13.16
C THR L 31 -8.90 13.85 13.48
N ALA L 32 -8.69 13.50 14.74
CA ALA L 32 -8.68 12.14 15.13
C ALA L 32 -9.99 11.45 14.78
N GLU L 33 -11.14 12.08 15.04
CA GLU L 33 -12.41 11.45 14.72
CA GLU L 33 -12.46 11.47 14.70
C GLU L 33 -12.52 11.16 13.22
N ARG L 34 -12.05 12.10 12.40
CA ARG L 34 -12.10 11.97 10.93
C ARG L 34 -11.30 10.76 10.45
N LEU L 35 -10.10 10.61 11.00
CA LEU L 35 -9.23 9.53 10.58
C LEU L 35 -9.66 8.16 11.12
N VAL L 36 -10.24 8.14 12.33
CA VAL L 36 -10.80 6.92 12.87
C VAL L 36 -11.95 6.46 11.97
N ARG L 37 -12.78 7.39 11.49
CA ARG L 37 -13.88 7.02 10.58
C ARG L 37 -13.39 6.46 9.26
N ALA L 38 -12.26 6.99 8.80
CA ALA L 38 -11.65 6.54 7.57
C ALA L 38 -11.05 5.16 7.74
N ALA L 39 -10.43 4.91 8.86
CA ALA L 39 -9.87 3.58 9.15
C ALA L 39 -11.01 2.53 9.25
N HIS L 40 -12.08 2.87 9.98
CA HIS L 40 -13.28 2.05 10.06
C HIS L 40 -13.83 1.78 8.62
N LYS L 41 -13.91 2.80 7.79
CA LYS L 41 -14.41 2.61 6.41
C LYS L 41 -13.59 1.56 5.65
N GLN L 42 -12.28 1.51 5.95
CA GLN L 42 -11.38 0.53 5.32
C GLN L 42 -11.39 -0.82 5.99
N GLY L 43 -12.21 -0.99 7.06
CA GLY L 43 -12.37 -2.28 7.72
C GLY L 43 -11.63 -2.48 9.03
N ALA L 44 -10.96 -1.46 9.52
CA ALA L 44 -10.22 -1.59 10.80
C ALA L 44 -11.11 -1.91 12.00
N ASN L 45 -10.60 -2.77 12.86
CA ASN L 45 -11.28 -3.15 14.07
C ASN L 45 -10.62 -2.46 15.27
N ILE L 46 -9.33 -2.15 15.15
CA ILE L 46 -8.59 -1.47 16.22
C ILE L 46 -7.77 -0.33 15.60
N VAL L 47 -8.00 0.89 16.05
CA VAL L 47 -7.37 2.05 15.47
C VAL L 47 -6.51 2.76 16.48
N LEU L 48 -5.23 3.00 16.13
CA LEU L 48 -4.25 3.62 17.01
C LEU L 48 -3.96 5.11 16.67
N ILE L 49 -4.32 6.00 17.61
CA ILE L 49 -4.07 7.44 17.51
C ILE L 49 -2.74 7.71 18.23
N GLN L 50 -1.90 8.56 17.61
CA GLN L 50 -0.57 8.94 18.13
C GLN L 50 -0.55 9.61 19.54
N GLU L 51 0.62 9.60 20.17
CA GLU L 51 0.78 10.12 21.52
C GLU L 51 0.44 11.60 21.73
N LEU L 52 -0.24 11.89 22.83
CA LEU L 52 -0.57 13.26 23.25
C LEU L 52 -1.13 14.13 22.10
N PHE L 53 -2.01 13.51 21.32
CA PHE L 53 -2.59 14.11 20.18
C PHE L 53 -3.50 15.31 20.47
N GLU L 54 -3.86 15.50 21.72
CA GLU L 54 -4.71 16.62 22.05
C GLU L 54 -4.04 17.97 21.82
N GLY L 55 -2.71 18.01 21.75
CA GLY L 55 -2.05 19.28 21.54
C GLY L 55 -0.69 19.16 20.90
N TYR L 56 0.01 20.29 20.87
CA TYR L 56 1.41 20.30 20.51
C TYR L 56 2.10 19.43 21.54
N TYR L 57 3.21 18.82 21.14
CA TYR L 57 4.02 18.05 22.02
C TYR L 57 4.71 19.11 22.91
N PHE L 58 4.11 19.37 24.06
CA PHE L 58 4.54 20.50 24.93
C PHE L 58 5.87 20.28 25.67
N CYS L 59 6.31 19.02 25.64
CA CYS L 59 7.48 18.61 26.35
C CYS L 59 8.84 19.19 25.94
N GLN L 60 8.89 20.01 24.90
CA GLN L 60 10.11 20.70 24.55
C GLN L 60 10.46 21.75 25.63
N ALA L 61 9.44 22.23 26.31
CA ALA L 61 9.62 23.17 27.35
C ALA L 61 9.48 22.46 28.71
N GLN L 62 10.02 23.10 29.74
CA GLN L 62 9.86 22.68 31.13
C GLN L 62 9.18 23.87 31.87
N ARG L 63 7.83 23.92 31.81
CA ARG L 63 7.06 25.07 32.31
C ARG L 63 5.99 24.68 33.28
N GLU L 64 5.93 25.43 34.36
CA GLU L 64 4.97 25.26 35.44
C GLU L 64 3.56 25.25 34.87
N ASP L 65 3.25 26.21 34.03
CA ASP L 65 1.89 26.27 33.49
C ASP L 65 1.52 25.04 32.65
N PHE L 66 2.50 24.45 31.94
CA PHE L 66 2.19 23.29 31.14
C PHE L 66 1.76 22.06 31.96
N ILE L 67 2.22 21.94 33.22
CA ILE L 67 1.80 20.85 34.07
C ILE L 67 0.32 20.88 34.26
N GLN L 68 -0.26 22.05 34.38
CA GLN L 68 -1.71 22.20 34.56
C GLN L 68 -2.54 21.91 33.29
N ARG L 69 -1.90 21.46 32.19
CA ARG L 69 -2.65 20.91 31.04
C ARG L 69 -3.26 19.56 31.41
N ALA L 70 -2.77 18.95 32.49
CA ALA L 70 -3.25 17.64 32.91
C ALA L 70 -4.68 17.61 33.42
N LYS L 71 -5.32 16.47 33.22
CA LYS L 71 -6.68 16.25 33.66
C LYS L 71 -6.86 14.89 34.30
N PRO L 72 -7.82 14.79 35.22
CA PRO L 72 -8.11 13.52 35.77
C PRO L 72 -8.61 12.50 34.73
N TYR L 73 -8.40 11.24 35.07
CA TYR L 73 -8.87 10.15 34.26
C TYR L 73 -10.38 10.13 34.36
N LYS L 74 -10.90 10.40 35.57
CA LYS L 74 -12.34 10.40 35.76
C LYS L 74 -13.06 11.51 34.95
N ASP L 75 -14.09 11.11 34.21
CA ASP L 75 -14.89 12.02 33.37
C ASP L 75 -14.00 12.91 32.45
N HIS L 76 -13.02 12.29 31.82
CA HIS L 76 -12.15 13.03 30.95
C HIS L 76 -12.95 13.37 29.65
N PRO L 77 -12.97 14.66 29.24
CA PRO L 77 -13.80 14.99 28.11
C PRO L 77 -13.40 14.35 26.78
N THR L 78 -12.10 14.19 26.53
CA THR L 78 -11.67 13.56 25.29
C THR L 78 -11.97 12.07 25.33
N ILE L 79 -11.68 11.42 26.45
CA ILE L 79 -11.99 10.00 26.56
C ILE L 79 -13.52 9.77 26.34
N MET L 80 -14.36 10.54 27.03
CA MET L 80 -15.82 10.35 26.92
C MET L 80 -16.36 10.54 25.51
N ARG L 81 -15.81 11.50 24.79
CA ARG L 81 -16.22 11.76 23.40
C ARG L 81 -15.80 10.57 22.51
N LEU L 82 -14.57 10.08 22.69
CA LEU L 82 -14.10 8.95 21.91
C LEU L 82 -14.78 7.63 22.28
N GLN L 83 -15.26 7.53 23.51
CA GLN L 83 -16.05 6.35 23.87
C GLN L 83 -17.30 6.31 22.98
N LYS L 84 -17.87 7.46 22.69
CA LYS L 84 -19.07 7.47 21.85
C LYS L 84 -18.79 7.01 20.43
N LEU L 85 -17.64 7.41 19.90
CA LEU L 85 -17.24 7.06 18.54
C LEU L 85 -16.93 5.58 18.46
N ALA L 86 -16.29 5.08 19.51
CA ALA L 86 -15.93 3.69 19.59
C ALA L 86 -17.16 2.79 19.54
N LYS L 87 -18.20 3.19 20.28
CA LYS L 87 -19.43 2.45 20.36
C LYS L 87 -20.20 2.53 19.04
N GLU L 88 -20.19 3.71 18.43
CA GLU L 88 -20.90 3.92 17.17
C GLU L 88 -20.36 3.02 16.05
N LEU L 89 -19.04 2.99 15.94
CA LEU L 89 -18.37 2.25 14.88
C LEU L 89 -18.02 0.81 15.17
N GLY L 90 -17.95 0.45 16.47
CA GLY L 90 -17.59 -0.91 16.85
C GLY L 90 -16.11 -1.13 16.69
N VAL L 91 -15.32 -0.13 17.07
CA VAL L 91 -13.88 -0.21 16.97
C VAL L 91 -13.25 0.08 18.33
N VAL L 92 -12.11 -0.57 18.57
CA VAL L 92 -11.33 -0.41 19.79
C VAL L 92 -10.43 0.80 19.59
N ILE L 93 -10.45 1.75 20.53
CA ILE L 93 -9.66 3.02 20.45
C ILE L 93 -8.89 3.30 21.76
N PRO L 94 -7.55 3.14 21.73
CA PRO L 94 -6.70 3.52 22.87
C PRO L 94 -6.52 5.01 22.89
N VAL L 95 -6.83 5.67 24.00
CA VAL L 95 -6.78 7.14 24.05
C VAL L 95 -5.65 7.69 24.93
N SER L 96 -4.63 8.23 24.30
CA SER L 96 -3.52 8.85 24.98
C SER L 96 -3.92 10.23 25.64
N PHE L 97 -3.50 10.44 26.90
CA PHE L 97 -3.81 11.70 27.60
C PHE L 97 -2.84 12.02 28.72
N PHE L 98 -2.85 13.27 29.17
CA PHE L 98 -1.98 13.74 30.26
C PHE L 98 -2.82 13.67 31.56
N GLU L 99 -2.48 12.71 32.40
CA GLU L 99 -3.26 12.40 33.59
C GLU L 99 -2.81 13.16 34.85
N GLU L 100 -3.79 13.70 35.59
CA GLU L 100 -3.54 14.25 36.92
C GLU L 100 -4.22 13.28 37.87
N ALA L 101 -3.50 12.83 38.88
CA ALA L 101 -4.03 11.92 39.92
C ALA L 101 -3.52 12.46 41.29
N ASN L 102 -4.33 13.33 41.87
CA ASN L 102 -4.00 14.12 43.01
C ASN L 102 -2.71 14.93 42.64
N ASN L 103 -1.58 14.65 43.32
CA ASN L 103 -0.35 15.39 43.10
C ASN L 103 0.55 14.64 42.19
N ALA L 104 0.22 13.39 41.85
CA ALA L 104 1.00 12.70 40.81
C ALA L 104 0.46 13.01 39.39
N HIS L 105 1.34 12.91 38.40
CA HIS L 105 1.02 13.15 37.04
C HIS L 105 1.66 12.06 36.17
N TYR L 106 0.93 11.64 35.13
CA TYR L 106 1.39 10.57 34.29
C TYR L 106 1.01 10.80 32.82
N ASN L 107 1.77 10.17 31.95
CA ASN L 107 1.56 10.14 30.51
C ASN L 107 0.80 8.81 30.41
N SER L 108 -0.49 8.87 30.13
CA SER L 108 -1.35 7.70 30.30
C SER L 108 -2.16 7.34 29.04
N ILE L 109 -2.78 6.18 29.02
CA ILE L 109 -3.60 5.78 27.86
C ILE L 109 -4.74 4.93 28.39
N ALA L 110 -5.95 5.30 27.97
CA ALA L 110 -7.19 4.60 28.32
C ALA L 110 -7.61 3.74 27.14
N ILE L 111 -7.94 2.48 27.39
CA ILE L 111 -8.29 1.57 26.33
C ILE L 111 -9.82 1.44 26.24
N ILE L 112 -10.42 1.98 25.16
CA ILE L 112 -11.84 1.87 24.93
C ILE L 112 -12.15 0.65 24.04
N ASP L 113 -13.04 -0.23 24.50
CA ASP L 113 -13.43 -1.41 23.75
C ASP L 113 -14.47 -1.08 22.61
N ALA L 114 -14.72 -2.05 21.72
CA ALA L 114 -15.64 -1.86 20.59
C ALA L 114 -17.08 -1.59 20.97
N ASP L 115 -17.45 -1.76 22.24
CA ASP L 115 -18.82 -1.42 22.73
C ASP L 115 -18.87 -0.07 23.53
N GLY L 116 -17.74 0.64 23.57
CA GLY L 116 -17.65 1.91 24.28
C GLY L 116 -17.11 1.80 25.71
N THR L 117 -16.95 0.59 26.22
CA THR L 117 -16.48 0.38 27.58
C THR L 117 -15.02 0.78 27.79
N ASP L 118 -14.80 1.53 28.88
CA ASP L 118 -13.45 1.95 29.31
C ASP L 118 -12.87 0.75 30.05
N LEU L 119 -11.88 0.09 29.47
CA LEU L 119 -11.31 -1.14 30.03
C LEU L 119 -10.24 -0.91 31.11
N GLY L 120 -9.83 0.33 31.28
CA GLY L 120 -8.78 0.67 32.20
C GLY L 120 -7.67 1.45 31.54
N ILE L 121 -6.62 1.64 32.30
CA ILE L 121 -5.56 2.51 31.95
C ILE L 121 -4.15 1.92 32.13
N TYR L 122 -3.24 2.34 31.24
CA TYR L 122 -1.83 2.04 31.34
C TYR L 122 -1.13 3.38 31.51
N ARG L 123 -0.16 3.45 32.41
CA ARG L 123 0.65 4.68 32.67
C ARG L 123 2.09 4.45 32.18
N LYS L 124 2.57 5.34 31.33
CA LYS L 124 3.89 5.22 30.74
C LYS L 124 4.98 4.95 31.76
N SER L 125 5.75 3.88 31.52
CA SER L 125 6.74 3.40 32.47
C SER L 125 8.17 3.98 32.33
N HIS L 126 8.64 4.10 31.11
CA HIS L 126 9.95 4.62 30.83
C HIS L 126 9.78 6.03 30.31
N ILE L 127 10.40 6.97 31.00
CA ILE L 127 10.21 8.38 30.77
C ILE L 127 11.48 9.00 30.18
N PRO L 128 11.39 9.50 28.94
CA PRO L 128 12.53 10.07 28.24
C PRO L 128 12.90 11.44 28.77
N ASP L 129 14.11 11.89 28.43
CA ASP L 129 14.61 13.20 28.86
C ASP L 129 15.64 13.71 27.84
N GLY L 130 15.90 15.00 27.91
CA GLY L 130 16.88 15.66 27.01
C GLY L 130 16.23 16.76 26.20
N PRO L 131 17.06 17.59 25.55
CA PRO L 131 16.54 18.69 24.76
C PRO L 131 15.44 18.25 23.83
N GLY L 132 14.30 18.94 23.90
CA GLY L 132 13.13 18.66 23.05
C GLY L 132 12.13 17.65 23.58
N TYR L 133 12.58 16.83 24.53
CA TYR L 133 11.82 15.71 25.02
C TYR L 133 11.98 15.60 26.58
N GLU L 134 11.66 16.66 27.26
CA GLU L 134 11.82 16.79 28.69
C GLU L 134 10.62 16.20 29.45
N GLU L 135 10.31 14.95 29.20
CA GLU L 135 9.16 14.33 29.82
C GLU L 135 9.37 14.07 31.30
N LYS L 136 10.62 13.91 31.74
CA LYS L 136 10.85 13.61 33.16
C LYS L 136 10.47 14.76 34.07
N PHE L 137 10.34 15.93 33.51
CA PHE L 137 9.90 17.09 34.25
C PHE L 137 8.40 17.02 34.58
N TYR L 138 7.61 16.42 33.66
CA TYR L 138 6.16 16.32 33.75
C TYR L 138 5.59 15.06 34.38
N PHE L 139 6.15 13.89 34.06
CA PHE L 139 5.51 12.63 34.46
C PHE L 139 6.18 11.80 35.53
N ASN L 140 5.40 11.36 36.51
CA ASN L 140 5.89 10.41 37.43
C ASN L 140 6.17 9.15 36.58
N PRO L 141 7.25 8.40 36.88
CA PRO L 141 7.40 7.14 36.21
C PRO L 141 6.14 6.29 36.54
N GLY L 142 5.54 5.67 35.51
CA GLY L 142 4.31 4.94 35.66
C GLY L 142 4.34 3.82 36.67
N ASP L 143 3.20 3.60 37.29
CA ASP L 143 3.08 2.61 38.34
C ASP L 143 2.02 1.57 38.10
N THR L 144 1.50 1.44 36.88
CA THR L 144 0.56 0.34 36.61
C THR L 144 1.31 -0.94 36.28
N GLY L 145 2.53 -0.83 35.83
CA GLY L 145 3.25 -1.99 35.27
C GLY L 145 2.68 -2.20 33.82
N PHE L 146 3.26 -3.18 33.08
CA PHE L 146 2.84 -3.49 31.77
C PHE L 146 1.57 -4.30 31.83
N LYS L 147 0.64 -3.96 30.94
CA LYS L 147 -0.68 -4.57 30.96
C LYS L 147 -1.12 -5.09 29.59
N VAL L 148 -2.12 -5.98 29.62
CA VAL L 148 -2.79 -6.44 28.44
C VAL L 148 -4.29 -6.29 28.66
N PHE L 149 -5.03 -6.06 27.58
CA PHE L 149 -6.42 -5.80 27.70
C PHE L 149 -7.18 -6.74 26.82
N GLN L 150 -8.21 -7.37 27.34
CA GLN L 150 -9.05 -8.24 26.54
C GLN L 150 -10.13 -7.37 25.85
N THR L 151 -10.02 -7.20 24.53
CA THR L 151 -11.01 -6.47 23.74
C THR L 151 -11.92 -7.47 22.96
N LYS L 152 -12.98 -6.97 22.36
CA LYS L 152 -13.84 -7.83 21.55
C LYS L 152 -13.12 -8.58 20.42
N TYR L 153 -12.00 -8.05 19.94
CA TYR L 153 -11.30 -8.64 18.83
C TYR L 153 -10.03 -9.38 19.15
N ALA L 154 -9.38 -9.01 20.24
CA ALA L 154 -8.09 -9.58 20.57
C ALA L 154 -7.62 -9.12 21.92
N LYS L 155 -6.67 -9.84 22.43
CA LYS L 155 -6.02 -9.43 23.67
C LYS L 155 -4.85 -8.58 23.18
N ILE L 156 -4.77 -7.31 23.62
CA ILE L 156 -3.75 -6.42 23.14
C ILE L 156 -2.86 -5.85 24.23
N GLY L 157 -1.65 -5.50 23.81
CA GLY L 157 -0.67 -4.87 24.67
C GLY L 157 -0.46 -3.44 24.16
N VAL L 158 -0.79 -2.45 24.96
CA VAL L 158 -0.58 -1.07 24.59
C VAL L 158 0.46 -0.44 25.53
N ALA L 159 1.50 0.17 24.96
CA ALA L 159 2.48 0.93 25.76
C ALA L 159 2.67 2.24 25.05
N ILE L 160 3.55 3.10 25.56
CA ILE L 160 3.58 4.44 25.08
C ILE L 160 4.96 4.93 24.73
N CYS L 161 5.06 5.46 23.51
CA CYS L 161 6.24 6.13 22.95
C CYS L 161 7.57 5.53 23.40
N TRP L 162 8.33 6.21 24.29
CA TRP L 162 9.66 5.74 24.75
C TRP L 162 9.70 4.27 25.20
N ASP L 163 8.57 3.74 25.71
CA ASP L 163 8.47 2.37 26.12
C ASP L 163 8.87 1.41 25.00
N GLN L 164 8.66 1.86 23.76
CA GLN L 164 8.92 1.07 22.55
C GLN L 164 10.38 0.75 22.30
N TRP L 165 11.29 1.36 23.05
CA TRP L 165 12.72 1.10 22.87
C TRP L 165 13.16 -0.03 23.77
N PHE L 166 12.25 -0.50 24.63
CA PHE L 166 12.57 -1.45 25.71
C PHE L 166 12.03 -2.84 25.44
N PRO L 167 12.92 -3.80 25.16
CA PRO L 167 12.48 -5.18 24.90
C PRO L 167 11.71 -5.77 26.07
N GLU L 168 12.05 -5.32 27.28
CA GLU L 168 11.38 -5.77 28.49
C GLU L 168 9.87 -5.51 28.44
N ALA L 169 9.48 -4.37 27.89
CA ALA L 169 8.06 -4.05 27.86
C ALA L 169 7.28 -4.97 26.91
N ALA L 170 7.87 -5.22 25.78
CA ALA L 170 7.19 -6.03 24.74
C ALA L 170 7.06 -7.45 25.23
N ARG L 171 8.14 -7.95 25.82
CA ARG L 171 8.16 -9.28 26.36
C ARG L 171 7.13 -9.40 27.53
N ALA L 172 7.12 -8.44 28.45
CA ALA L 172 6.19 -8.43 29.55
C ALA L 172 4.72 -8.55 29.04
N MET L 173 4.41 -7.83 27.94
CA MET L 173 3.08 -7.86 27.38
C MET L 173 2.85 -9.18 26.70
N ALA L 174 3.81 -9.62 25.91
CA ALA L 174 3.66 -10.93 25.26
C ALA L 174 3.45 -12.07 26.25
N LEU L 175 4.25 -12.07 27.36
CA LEU L 175 4.16 -13.11 28.34
C LEU L 175 2.77 -13.24 28.95
N GLN L 176 2.08 -12.10 29.02
CA GLN L 176 0.75 -12.03 29.60
C GLN L 176 -0.36 -12.28 28.53
N GLY L 177 0.03 -12.69 27.33
CA GLY L 177 -0.91 -13.07 26.29
C GLY L 177 -1.24 -12.05 25.25
N ALA L 178 -0.52 -10.94 25.22
CA ALA L 178 -0.77 -9.93 24.19
C ALA L 178 -0.64 -10.55 22.77
N GLU L 179 -1.63 -10.33 21.91
CA GLU L 179 -1.61 -10.85 20.57
C GLU L 179 -1.16 -9.79 19.52
N ILE L 180 -1.20 -8.51 19.89
CA ILE L 180 -0.73 -7.41 19.05
C ILE L 180 -0.20 -6.39 20.00
N LEU L 181 0.86 -5.69 19.60
CA LEU L 181 1.47 -4.63 20.42
C LEU L 181 1.16 -3.30 19.77
N PHE L 182 0.84 -2.28 20.57
CA PHE L 182 0.54 -0.95 20.10
C PHE L 182 1.36 0.13 20.79
N TYR L 183 1.94 1.02 20.02
CA TYR L 183 2.71 2.12 20.56
C TYR L 183 2.45 3.50 19.92
N PRO L 184 1.62 4.32 20.58
CA PRO L 184 1.46 5.72 20.12
C PRO L 184 2.77 6.47 20.40
N THR L 185 3.20 7.31 19.46
CA THR L 185 4.52 7.91 19.48
C THR L 185 4.50 9.41 19.13
N ALA L 186 5.49 10.12 19.64
CA ALA L 186 5.78 11.51 19.23
C ALA L 186 7.31 11.62 19.18
N ILE L 187 7.91 11.31 18.02
CA ILE L 187 9.38 11.38 17.86
C ILE L 187 9.77 12.04 16.56
N GLY L 188 10.80 12.86 16.61
CA GLY L 188 11.25 13.59 15.45
C GLY L 188 12.69 14.03 15.56
N SER L 189 13.02 15.16 14.94
CA SER L 189 14.36 15.68 15.08
C SER L 189 14.59 16.15 16.57
N GLU L 190 15.83 16.42 16.91
CA GLU L 190 16.19 16.93 18.25
C GLU L 190 16.75 18.34 18.10
N PRO L 191 16.15 19.31 18.84
CA PRO L 191 16.44 20.73 18.61
C PRO L 191 17.86 21.18 18.89
N HIS L 192 18.63 20.42 19.64
CA HIS L 192 20.00 20.82 19.99
C HIS L 192 21.06 20.32 19.00
N ASP L 193 20.67 19.42 18.09
CA ASP L 193 21.62 18.79 17.15
C ASP L 193 20.91 18.24 15.93
N GLN L 194 20.90 19.04 14.88
CA GLN L 194 20.27 18.70 13.62
C GLN L 194 20.82 17.44 12.96
N SER L 195 22.03 17.00 13.36
CA SER L 195 22.64 15.77 12.79
C SER L 195 21.97 14.48 13.28
N ILE L 196 21.22 14.53 14.37
CA ILE L 196 20.56 13.33 14.89
C ILE L 196 19.31 13.01 14.06
N ASP L 197 19.27 11.78 13.58
CA ASP L 197 18.17 11.28 12.78
C ASP L 197 17.92 9.87 13.26
N SER L 198 16.93 9.72 14.10
CA SER L 198 16.72 8.41 14.75
C SER L 198 15.75 7.47 14.06
N ARG L 199 15.24 7.83 12.88
CA ARG L 199 14.12 7.01 12.35
C ARG L 199 14.41 5.54 12.06
N ASP L 200 15.58 5.22 11.54
CA ASP L 200 15.92 3.82 11.23
C ASP L 200 16.14 2.99 12.49
N HIS L 201 16.83 3.60 13.46
CA HIS L 201 17.15 2.96 14.74
C HIS L 201 15.87 2.60 15.43
N TRP L 202 14.93 3.54 15.41
CA TRP L 202 13.61 3.45 16.05
C TRP L 202 12.80 2.28 15.49
N LYS L 203 12.77 2.19 14.16
CA LYS L 203 12.09 1.05 13.53
C LYS L 203 12.74 -0.29 13.80
N ARG L 204 14.05 -0.36 13.64
CA ARG L 204 14.76 -1.60 13.86
C ARG L 204 14.54 -2.20 15.31
N VAL L 205 14.46 -1.35 16.32
CA VAL L 205 14.28 -1.84 17.73
C VAL L 205 12.88 -2.49 17.86
N MET L 206 11.88 -1.82 17.31
CA MET L 206 10.51 -2.32 17.33
C MET L 206 10.35 -3.59 16.50
N GLN L 207 10.98 -3.61 15.35
CA GLN L 207 10.95 -4.77 14.50
C GLN L 207 11.50 -5.95 15.30
N GLY L 208 12.56 -5.68 16.06
CA GLY L 208 13.13 -6.71 16.98
C GLY L 208 12.09 -7.27 17.94
N HIS L 209 11.30 -6.39 18.56
CA HIS L 209 10.27 -6.81 19.45
C HIS L 209 9.29 -7.66 18.77
N ALA L 210 8.90 -7.28 17.57
CA ALA L 210 7.91 -8.06 16.88
C ALA L 210 8.41 -9.47 16.58
N GLY L 211 9.61 -9.59 16.04
CA GLY L 211 10.19 -10.88 15.71
C GLY L 211 10.58 -11.75 16.90
N ALA L 212 10.91 -11.12 18.01
CA ALA L 212 11.35 -11.90 19.20
C ALA L 212 10.15 -12.55 19.94
N ASN L 213 9.02 -11.86 19.92
CA ASN L 213 7.83 -12.33 20.58
C ASN L 213 6.81 -12.93 19.59
N LEU L 214 7.10 -12.82 18.28
CA LEU L 214 6.19 -13.28 17.20
C LEU L 214 4.77 -12.76 17.36
N VAL L 215 4.68 -11.46 17.49
CA VAL L 215 3.41 -10.75 17.54
C VAL L 215 3.50 -9.55 16.59
N PRO L 216 2.41 -9.23 15.87
CA PRO L 216 2.40 -8.02 15.06
C PRO L 216 2.49 -6.78 15.97
N LEU L 217 2.93 -5.66 15.41
CA LEU L 217 3.22 -4.46 16.17
C LEU L 217 2.76 -3.27 15.33
N VAL L 218 2.15 -2.29 15.97
CA VAL L 218 1.60 -1.11 15.31
C VAL L 218 2.20 0.15 16.03
N ALA L 219 2.80 1.04 15.26
CA ALA L 219 3.37 2.32 15.77
C ALA L 219 2.73 3.52 14.99
N SER L 220 2.04 4.40 15.72
CA SER L 220 1.44 5.63 15.14
C SER L 220 2.25 6.82 15.60
N ASN L 221 2.83 7.57 14.67
CA ASN L 221 3.65 8.72 15.00
C ASN L 221 3.19 10.03 14.31
N ARG L 222 3.45 11.13 15.02
CA ARG L 222 3.13 12.47 14.60
C ARG L 222 3.95 12.94 13.35
N ILE L 223 3.38 13.91 12.63
CA ILE L 223 4.06 14.61 11.55
C ILE L 223 3.95 16.09 11.84
N GLY L 224 4.68 16.89 11.05
CA GLY L 224 4.68 18.35 11.11
C GLY L 224 5.78 18.95 11.95
N ASN L 225 5.98 20.24 11.76
CA ASN L 225 6.90 21.06 12.52
C ASN L 225 6.14 21.73 13.62
N GLU L 226 6.70 21.69 14.83
CA GLU L 226 6.08 22.36 15.97
C GLU L 226 7.10 23.26 16.64
N ILE L 227 6.68 24.49 16.97
CA ILE L 227 7.49 25.44 17.69
C ILE L 227 6.86 25.71 19.06
N ILE L 228 7.63 25.48 20.12
CA ILE L 228 7.18 25.70 21.51
C ILE L 228 7.98 26.83 22.10
N GLU L 229 7.29 27.74 22.81
CA GLU L 229 7.97 28.81 23.52
C GLU L 229 8.46 28.25 24.85
N THR L 230 9.76 28.04 24.98
CA THR L 230 10.31 27.48 26.24
C THR L 230 10.84 28.58 27.06
N GLU L 231 11.15 28.21 28.29
CA GLU L 231 11.76 29.08 29.32
C GLU L 231 13.07 29.72 28.85
N HIS L 232 13.66 29.20 27.76
CA HIS L 232 14.88 29.79 27.13
C HIS L 232 14.69 30.18 25.66
N GLY L 233 13.45 30.33 25.22
CA GLY L 233 13.15 30.78 23.81
C GLY L 233 12.50 29.71 22.98
N LYS L 234 12.40 29.97 21.69
CA LYS L 234 11.78 29.07 20.77
C LYS L 234 12.59 27.80 20.60
N SER L 235 11.88 26.68 20.58
CA SER L 235 12.45 25.38 20.37
C SER L 235 11.54 24.69 19.32
N GLU L 236 12.15 24.08 18.32
CA GLU L 236 11.41 23.50 17.22
C GLU L 236 11.75 22.06 16.96
N ILE L 237 10.75 21.23 16.72
CA ILE L 237 10.95 19.87 16.29
C ILE L 237 10.17 19.61 15.00
N LYS L 238 10.77 18.79 14.14
CA LYS L 238 10.11 18.25 12.97
C LYS L 238 9.83 16.79 13.22
N PHE L 239 8.56 16.44 13.40
CA PHE L 239 8.19 15.05 13.65
C PHE L 239 8.30 14.31 12.33
N TYR L 240 8.90 13.10 12.36
CA TYR L 240 9.22 12.37 11.13
C TYR L 240 8.28 11.24 10.68
N GLY L 241 7.10 11.18 11.25
CA GLY L 241 6.12 10.22 10.75
C GLY L 241 6.65 8.81 10.73
N ASN L 242 6.62 8.18 9.57
CA ASN L 242 7.10 6.80 9.50
C ASN L 242 6.35 5.85 10.43
N SER L 243 5.07 6.15 10.64
CA SER L 243 4.16 5.24 11.30
C SER L 243 4.20 3.93 10.46
N PHE L 244 4.02 2.80 11.11
CA PHE L 244 4.10 1.56 10.42
C PHE L 244 3.41 0.42 11.12
N ILE L 245 3.18 -0.64 10.33
CA ILE L 245 2.65 -1.88 10.91
C ILE L 245 3.63 -3.02 10.57
N ALA L 246 4.01 -3.78 11.58
CA ALA L 246 4.94 -4.89 11.40
C ALA L 246 4.28 -6.25 11.70
N GLY L 247 4.73 -7.27 10.96
CA GLY L 247 4.26 -8.64 11.16
C GLY L 247 5.01 -9.35 12.26
N PRO L 248 4.64 -10.61 12.52
CA PRO L 248 5.24 -11.39 13.59
C PRO L 248 6.70 -11.85 13.36
N THR L 249 7.27 -11.66 12.18
CA THR L 249 8.72 -11.91 11.95
C THR L 249 9.49 -10.56 11.92
N GLY L 250 8.74 -9.47 12.20
CA GLY L 250 9.30 -8.12 12.16
C GLY L 250 9.24 -7.44 10.79
N GLU L 251 8.74 -8.14 9.74
CA GLU L 251 8.61 -7.55 8.44
C GLU L 251 7.62 -6.40 8.46
N ILE L 252 7.99 -5.31 7.84
CA ILE L 252 7.13 -4.15 7.77
C ILE L 252 6.08 -4.43 6.68
N VAL L 253 4.81 -4.48 7.03
CA VAL L 253 3.76 -4.74 6.03
C VAL L 253 3.08 -3.47 5.58
N SER L 254 3.20 -2.40 6.35
CA SER L 254 2.62 -1.15 5.89
C SER L 254 3.39 -0.03 6.52
N ILE L 255 3.74 1.00 5.74
CA ILE L 255 4.51 2.12 6.26
C ILE L 255 4.18 3.48 5.62
N ALA L 256 4.19 4.56 6.40
CA ALA L 256 3.95 5.91 5.88
C ALA L 256 5.26 6.65 5.71
N ASP L 257 5.25 7.72 4.91
CA ASP L 257 6.48 8.52 4.72
C ASP L 257 6.61 9.51 5.90
N ASP L 258 7.46 10.53 5.78
CA ASP L 258 7.71 11.45 6.90
C ASP L 258 6.93 12.74 6.95
N LYS L 259 5.92 12.86 6.11
CA LYS L 259 5.19 14.12 6.09
C LYS L 259 3.73 14.06 5.61
N GLU L 260 3.29 12.91 5.07
CA GLU L 260 1.89 12.74 4.62
C GLU L 260 0.98 12.42 5.85
N GLU L 261 -0.30 12.80 5.72
CA GLU L 261 -1.31 12.39 6.71
C GLU L 261 -1.60 10.96 6.23
N ALA L 262 -1.90 10.01 7.13
CA ALA L 262 -2.07 8.64 6.64
C ALA L 262 -2.89 7.73 7.48
N VAL L 263 -3.48 6.75 6.81
CA VAL L 263 -4.27 5.71 7.43
C VAL L 263 -3.66 4.36 6.97
N LEU L 264 -2.94 3.69 7.84
CA LEU L 264 -2.37 2.36 7.50
C LEU L 264 -3.31 1.27 8.00
N ILE L 265 -3.45 0.22 7.20
CA ILE L 265 -4.34 -0.90 7.42
C ILE L 265 -3.63 -2.26 7.18
N ALA L 266 -3.82 -3.21 8.09
CA ALA L 266 -3.32 -4.56 7.92
C ALA L 266 -4.20 -5.57 8.63
N GLU L 267 -4.43 -6.67 7.97
CA GLU L 267 -5.19 -7.74 8.52
C GLU L 267 -4.23 -8.84 9.01
N PHE L 268 -4.49 -9.40 10.21
CA PHE L 268 -3.74 -10.53 10.75
C PHE L 268 -4.67 -11.69 11.14
N ASN L 269 -4.21 -12.91 10.87
CA ASN L 269 -4.89 -14.12 11.28
C ASN L 269 -4.32 -14.51 12.71
N LEU L 270 -5.00 -14.14 13.77
CA LEU L 270 -4.48 -14.43 15.13
C LEU L 270 -4.31 -15.91 15.47
N ASP L 271 -5.18 -16.80 14.99
CA ASP L 271 -4.98 -18.25 15.23
C ASP L 271 -3.71 -18.82 14.55
N LYS L 272 -3.45 -18.39 13.30
CA LYS L 272 -2.24 -18.86 12.60
C LYS L 272 -0.97 -18.27 13.21
N ILE L 273 -1.07 -17.06 13.72
CA ILE L 273 0.07 -16.42 14.29
C ILE L 273 0.35 -17.07 15.65
N LYS L 274 -0.70 -17.33 16.42
CA LYS L 274 -0.55 -18.01 17.68
C LYS L 274 0.19 -19.35 17.49
N SER L 275 -0.22 -20.11 16.50
CA SER L 275 0.38 -21.41 16.17
C SER L 275 1.87 -21.27 15.76
N MET L 276 2.15 -20.24 14.98
CA MET L 276 3.49 -19.95 14.54
C MET L 276 4.38 -19.62 15.75
N ARG L 277 3.88 -18.72 16.62
CA ARG L 277 4.60 -18.27 17.79
C ARG L 277 4.94 -19.41 18.69
N HIS L 278 4.02 -20.35 18.88
CA HIS L 278 4.30 -21.46 19.76
C HIS L 278 5.23 -22.47 19.12
N CYS L 279 5.14 -22.66 17.83
CA CYS L 279 5.97 -23.68 17.16
CA CYS L 279 5.97 -23.73 17.26
C CYS L 279 7.41 -23.27 17.11
N TRP L 280 7.65 -21.96 16.98
CA TRP L 280 9.03 -21.44 16.87
C TRP L 280 9.73 -21.70 18.20
N GLY L 281 8.97 -21.64 19.28
CA GLY L 281 9.43 -22.17 20.58
C GLY L 281 10.17 -21.29 21.57
N VAL L 282 10.39 -20.06 21.21
CA VAL L 282 11.09 -19.20 22.14
C VAL L 282 10.46 -19.19 23.54
N PHE L 283 9.13 -19.10 23.63
CA PHE L 283 8.47 -19.16 24.92
C PHE L 283 8.62 -20.46 25.66
N ARG L 284 8.84 -21.53 24.92
CA ARG L 284 9.10 -22.83 25.50
C ARG L 284 10.54 -22.89 26.15
N ASP L 285 11.43 -22.08 25.63
CA ASP L 285 12.85 -22.21 25.92
C ASP L 285 13.42 -21.12 26.78
N ARG L 286 12.57 -20.14 27.14
CA ARG L 286 13.02 -19.05 28.03
C ARG L 286 13.57 -19.61 29.35
N ARG L 287 14.51 -18.83 29.92
CA ARG L 287 15.22 -19.26 31.09
C ARG L 287 15.12 -18.22 32.20
N PRO L 288 13.90 -18.03 32.74
CA PRO L 288 13.73 -17.04 33.78
C PRO L 288 14.64 -17.27 35.00
N ASP L 289 15.11 -18.48 35.20
CA ASP L 289 16.05 -18.74 36.31
C ASP L 289 17.40 -18.01 36.13
N LEU L 290 17.65 -17.53 34.91
CA LEU L 290 18.90 -16.85 34.59
C LEU L 290 18.74 -15.39 34.28
N TYR L 291 17.54 -14.86 34.52
CA TYR L 291 17.25 -13.50 34.18
C TYR L 291 17.21 -12.55 35.37
N LYS L 292 17.64 -12.96 36.56
CA LYS L 292 17.63 -12.05 37.70
C LYS L 292 18.43 -10.75 37.47
N VAL L 293 19.49 -10.79 36.65
CA VAL L 293 20.26 -9.61 36.41
C VAL L 293 19.39 -8.50 35.74
N LEU L 294 18.31 -8.86 35.03
CA LEU L 294 17.44 -7.87 34.46
C LEU L 294 16.70 -7.01 35.52
N LEU L 295 16.68 -7.47 36.79
CA LEU L 295 16.10 -6.71 37.86
C LEU L 295 17.14 -5.82 38.52
N THR L 296 18.29 -5.62 37.85
CA THR L 296 19.27 -4.64 38.27
C THR L 296 19.34 -3.51 37.23
N LEU L 297 19.94 -2.41 37.63
CA LEU L 297 20.22 -1.34 36.73
C LEU L 297 21.71 -1.38 36.38
N ASP L 298 22.55 -1.71 37.38
CA ASP L 298 23.98 -1.68 37.20
C ASP L 298 24.62 -3.00 36.87
N GLY L 299 23.84 -4.02 36.53
CA GLY L 299 24.41 -5.34 36.27
C GLY L 299 24.86 -6.17 37.51
N LYS L 300 24.68 -5.66 38.73
CA LYS L 300 25.06 -6.42 39.93
C LYS L 300 24.03 -6.37 41.07
N ASN L 301 23.50 -5.16 41.35
CA ASN L 301 22.62 -4.90 42.46
C ASN L 301 21.16 -4.92 42.15
N PRO L 302 20.41 -5.92 42.70
CA PRO L 302 18.96 -5.97 42.44
C PRO L 302 18.28 -4.75 43.05
N VAL L 303 17.34 -4.14 42.33
CA VAL L 303 16.68 -2.96 42.88
C VAL L 303 15.73 -3.37 43.99
N LEU L 304 15.41 -2.43 44.88
CA LEU L 304 14.44 -2.72 45.97
C LEU L 304 12.95 -2.75 45.47
N ASP M 7 28.65 17.31 82.49
CA ASP M 7 27.50 16.67 81.74
C ASP M 7 27.94 15.48 80.84
N LYS M 8 27.91 14.27 81.46
CA LYS M 8 28.32 12.97 80.88
C LYS M 8 27.60 12.48 79.58
N GLY M 9 28.32 11.60 78.84
CA GLY M 9 27.85 10.95 77.62
C GLY M 9 28.76 11.10 76.42
N ARG M 10 28.58 10.25 75.42
CA ARG M 10 29.33 10.33 74.16
C ARG M 10 29.11 11.66 73.49
N LYS M 11 30.19 12.39 73.24
CA LYS M 11 30.11 13.65 72.54
C LYS M 11 30.71 13.52 71.17
N VAL M 12 30.09 14.17 70.19
CA VAL M 12 30.63 14.22 68.85
C VAL M 12 30.60 15.65 68.37
N VAL M 13 31.71 16.11 67.79
CA VAL M 13 31.76 17.43 67.18
C VAL M 13 31.61 17.21 65.66
N VAL M 14 30.62 17.88 65.06
CA VAL M 14 30.35 17.76 63.64
C VAL M 14 30.63 19.10 62.97
N SER M 15 30.83 19.08 61.66
CA SER M 15 31.15 20.28 60.93
C SER M 15 30.58 20.36 59.53
N ALA M 16 30.16 21.57 59.16
CA ALA M 16 29.70 21.88 57.81
C ALA M 16 30.69 22.82 57.14
N LEU M 17 31.01 22.52 55.90
CA LEU M 17 31.90 23.31 55.09
C LEU M 17 31.11 24.05 53.99
N GLN M 18 31.57 25.22 53.64
CA GLN M 18 30.94 26.01 52.60
C GLN M 18 32.04 26.64 51.79
N PHE M 19 32.11 26.33 50.47
CA PHE M 19 33.13 26.93 49.59
C PHE M 19 32.71 27.02 48.12
N ALA M 20 33.51 27.78 47.38
CA ALA M 20 33.33 27.98 45.92
C ALA M 20 34.18 26.97 45.21
N CYS M 21 33.68 26.51 44.09
CA CYS M 21 34.37 25.53 43.27
C CYS M 21 34.77 26.06 41.90
N THR M 22 35.92 25.66 41.38
CA THR M 22 36.23 25.93 39.96
C THR M 22 35.77 24.65 39.26
N ASP M 23 36.18 24.45 38.00
CA ASP M 23 35.83 23.20 37.33
C ASP M 23 37.04 22.31 37.15
N ASP M 24 38.10 22.57 37.94
CA ASP M 24 39.29 21.72 37.99
C ASP M 24 39.29 20.83 39.28
N VAL M 25 39.31 19.50 39.12
CA VAL M 25 39.27 18.59 40.26
C VAL M 25 40.36 18.83 41.28
N SER M 26 41.60 18.91 40.85
CA SER M 26 42.69 19.08 41.77
C SER M 26 42.56 20.34 42.63
N THR M 27 42.10 21.42 42.04
CA THR M 27 41.93 22.66 42.79
C THR M 27 40.86 22.46 43.88
N ASN M 28 39.76 21.86 43.50
CA ASN M 28 38.65 21.69 44.40
C ASN M 28 38.91 20.75 45.53
N VAL M 29 39.63 19.67 45.26
CA VAL M 29 39.96 18.71 46.30
C VAL M 29 40.98 19.38 47.24
N THR M 30 41.88 20.20 46.68
CA THR M 30 42.83 20.93 47.48
C THR M 30 42.06 21.86 48.44
N THR M 31 41.00 22.51 47.97
CA THR M 31 40.18 23.39 48.80
C THR M 31 39.50 22.62 49.96
N ALA M 32 38.95 21.47 49.65
CA ALA M 32 38.27 20.65 50.63
C ALA M 32 39.25 20.20 51.70
N GLU M 33 40.41 19.78 51.30
CA GLU M 33 41.41 19.36 52.24
C GLU M 33 41.73 20.49 53.18
N ARG M 34 42.02 21.66 52.65
CA ARG M 34 42.37 22.80 53.52
C ARG M 34 41.25 23.03 54.55
N LEU M 35 39.99 22.99 54.10
CA LEU M 35 38.89 23.24 55.00
C LEU M 35 38.62 22.08 55.97
N VAL M 36 38.93 20.85 55.56
CA VAL M 36 38.77 19.67 56.44
C VAL M 36 39.78 19.79 57.59
N ARG M 37 41.00 20.15 57.26
CA ARG M 37 42.03 20.34 58.26
C ARG M 37 41.69 21.48 59.22
N ALA M 38 41.08 22.54 58.71
CA ALA M 38 40.70 23.67 59.57
C ALA M 38 39.61 23.21 60.51
N ALA M 39 38.66 22.47 59.97
CA ALA M 39 37.58 21.94 60.81
C ALA M 39 38.18 21.03 61.89
N HIS M 40 39.14 20.21 61.50
CA HIS M 40 39.77 19.30 62.45
C HIS M 40 40.49 20.05 63.57
N LYS M 41 41.19 21.11 63.22
CA LYS M 41 41.92 21.90 64.18
C LYS M 41 40.99 22.54 65.22
N GLN M 42 39.76 22.81 64.81
CA GLN M 42 38.75 23.35 65.72
C GLN M 42 37.97 22.24 66.46
N GLY M 43 38.43 20.98 66.34
CA GLY M 43 37.88 19.83 67.06
C GLY M 43 36.86 18.94 66.37
N ALA M 44 36.63 19.11 65.08
CA ALA M 44 35.64 18.29 64.41
C ALA M 44 36.04 16.81 64.32
N ASN M 45 35.05 15.93 64.47
CA ASN M 45 35.22 14.49 64.35
C ASN M 45 34.59 13.99 63.01
N ILE M 46 33.55 14.68 62.52
CA ILE M 46 32.89 14.31 61.29
C ILE M 46 32.75 15.58 60.45
N VAL M 47 33.30 15.58 59.25
CA VAL M 47 33.29 16.78 58.47
C VAL M 47 32.53 16.56 57.20
N LEU M 48 31.56 17.45 56.91
CA LEU M 48 30.74 17.35 55.71
C LEU M 48 31.07 18.35 54.56
N ILE M 49 31.48 17.80 53.45
CA ILE M 49 31.75 18.54 52.22
C ILE M 49 30.48 18.55 51.27
N GLN M 50 30.18 19.71 50.68
CA GLN M 50 29.09 19.91 49.70
C GLN M 50 29.04 18.93 48.49
N GLU M 51 27.87 18.84 47.93
CA GLU M 51 27.59 17.98 46.79
C GLU M 51 28.41 18.28 45.51
N LEU M 52 28.89 17.19 44.89
CA LEU M 52 29.62 17.20 43.61
C LEU M 52 30.66 18.26 43.59
N PHE M 53 31.40 18.30 44.69
CA PHE M 53 32.41 19.35 44.92
C PHE M 53 33.63 19.27 43.98
N GLU M 54 33.80 18.13 43.32
CA GLU M 54 34.91 17.97 42.39
C GLU M 54 34.90 18.98 41.24
N GLY M 55 33.74 19.57 40.95
CA GLY M 55 33.68 20.52 39.91
C GLY M 55 32.48 21.40 39.97
N TYR M 56 32.23 22.10 38.84
CA TYR M 56 31.05 22.96 38.69
C TYR M 56 29.82 22.05 38.79
N TYR M 57 28.71 22.61 39.25
CA TYR M 57 27.44 21.91 39.23
C TYR M 57 27.01 21.98 37.73
N PHE M 58 27.41 20.94 37.02
CA PHE M 58 27.26 20.86 35.64
C PHE M 58 25.82 20.58 35.17
N CYS M 59 24.96 20.18 36.11
CA CYS M 59 23.61 19.83 35.79
C CYS M 59 22.75 20.99 35.26
N GLN M 60 23.32 22.20 35.19
CA GLN M 60 22.57 23.29 34.51
C GLN M 60 22.39 22.91 33.05
N ALA M 61 23.31 22.08 32.54
CA ALA M 61 23.30 21.61 31.17
C ALA M 61 22.84 20.19 31.04
N GLN M 62 22.30 19.82 29.88
CA GLN M 62 21.94 18.41 29.60
C GLN M 62 22.83 18.02 28.43
N ARG M 63 24.09 17.69 28.76
CA ARG M 63 25.10 17.40 27.73
C ARG M 63 25.67 15.98 27.75
N GLU M 64 25.78 15.39 26.54
CA GLU M 64 26.36 14.03 26.36
C GLU M 64 27.72 13.94 27.02
N ASP M 65 28.58 14.89 26.69
CA ASP M 65 29.95 14.84 27.18
C ASP M 65 30.05 14.91 28.70
N PHE M 66 29.13 15.63 29.35
CA PHE M 66 29.14 15.74 30.81
C PHE M 66 28.85 14.41 31.54
N ILE M 67 28.17 13.47 30.86
CA ILE M 67 27.90 12.16 31.43
C ILE M 67 29.24 11.41 31.69
N GLN M 68 30.20 11.65 30.84
CA GLN M 68 31.51 11.02 30.96
C GLN M 68 32.39 11.61 32.07
N ARG M 69 31.87 12.58 32.84
CA ARG M 69 32.53 13.00 34.07
C ARG M 69 32.45 11.90 35.13
N ALA M 70 31.52 10.95 34.97
CA ALA M 70 31.37 9.89 35.94
C ALA M 70 32.56 8.95 35.96
N LYS M 71 32.77 8.33 37.12
CA LYS M 71 33.88 7.38 37.34
C LYS M 71 33.42 6.25 38.21
N PRO M 72 34.03 5.07 38.05
CA PRO M 72 33.59 4.00 38.93
C PRO M 72 33.85 4.27 40.43
N TYR M 73 33.06 3.65 41.30
CA TYR M 73 33.25 3.69 42.76
C TYR M 73 34.60 3.04 43.16
N LYS M 74 34.95 1.96 42.51
CA LYS M 74 36.20 1.26 42.77
C LYS M 74 37.45 2.05 42.30
N ASP M 75 38.43 2.17 43.21
CA ASP M 75 39.67 2.90 42.98
C ASP M 75 39.45 4.33 42.47
N HIS M 76 38.50 5.04 43.07
CA HIS M 76 38.20 6.43 42.67
C HIS M 76 39.31 7.34 43.24
N PRO M 77 40.00 8.09 42.39
CA PRO M 77 41.13 8.85 42.88
C PRO M 77 40.81 9.86 43.96
N THR M 78 39.63 10.46 43.91
CA THR M 78 39.22 11.44 44.93
C THR M 78 38.86 10.73 46.28
N ILE M 79 38.12 9.63 46.22
CA ILE M 79 37.84 8.86 47.44
C ILE M 79 39.15 8.39 48.10
N MET M 80 40.05 7.81 47.31
CA MET M 80 41.33 7.31 47.81
C MET M 80 42.19 8.44 48.43
N ARG M 81 42.21 9.59 47.82
CA ARG M 81 42.93 10.71 48.35
C ARG M 81 42.33 11.18 49.69
N LEU M 82 41.01 11.25 49.74
CA LEU M 82 40.35 11.66 50.97
C LEU M 82 40.42 10.57 52.08
N GLN M 83 40.53 9.29 51.70
CA GLN M 83 40.74 8.21 52.68
C GLN M 83 42.05 8.43 53.47
N LYS M 84 43.10 8.91 52.78
CA LYS M 84 44.37 9.20 53.47
C LYS M 84 44.20 10.31 54.49
N LEU M 85 43.45 11.33 54.14
CA LEU M 85 43.26 12.47 55.02
C LEU M 85 42.44 12.07 56.26
N ALA M 86 41.43 11.23 56.05
CA ALA M 86 40.58 10.71 57.15
C ALA M 86 41.40 9.96 58.16
N LYS M 87 42.28 9.12 57.66
CA LYS M 87 43.14 8.31 58.47
C LYS M 87 44.16 9.14 59.23
N GLU M 88 44.81 10.06 58.53
CA GLU M 88 45.81 10.94 59.12
C GLU M 88 45.23 11.75 60.30
N LEU M 89 44.03 12.30 60.10
CA LEU M 89 43.41 13.14 61.07
C LEU M 89 42.42 12.46 62.05
N GLY M 90 42.00 11.24 61.73
CA GLY M 90 41.01 10.57 62.55
C GLY M 90 39.66 11.21 62.44
N VAL M 91 39.19 11.49 61.21
CA VAL M 91 37.89 12.08 61.08
C VAL M 91 37.07 11.34 60.05
N VAL M 92 35.77 11.43 60.19
CA VAL M 92 34.84 10.79 59.23
C VAL M 92 34.58 11.78 58.10
N ILE M 93 34.69 11.30 56.87
CA ILE M 93 34.49 12.14 55.67
C ILE M 93 33.58 11.47 54.59
N PRO M 94 32.32 11.93 54.46
CA PRO M 94 31.48 11.48 53.38
C PRO M 94 31.95 12.18 52.11
N VAL M 95 32.18 11.40 51.05
CA VAL M 95 32.69 11.94 49.78
C VAL M 95 31.68 11.80 48.68
N SER M 96 31.12 12.92 48.28
CA SER M 96 30.15 12.98 47.14
C SER M 96 30.85 12.84 45.80
N PHE M 97 30.38 11.94 44.92
CA PHE M 97 30.95 11.82 43.57
C PHE M 97 29.90 11.34 42.54
N PHE M 98 30.22 11.53 41.27
CA PHE M 98 29.38 11.10 40.12
C PHE M 98 29.85 9.70 39.74
N GLU M 99 29.01 8.72 40.00
CA GLU M 99 29.36 7.34 39.83
C GLU M 99 28.88 6.72 38.54
N GLU M 100 29.77 6.00 37.88
CA GLU M 100 29.46 5.14 36.74
C GLU M 100 29.45 3.68 37.26
N ALA M 101 28.43 2.92 36.93
CA ALA M 101 28.35 1.50 37.33
C ALA M 101 27.79 0.74 36.15
N ASN M 102 28.74 0.31 35.32
CA ASN M 102 28.49 -0.27 34.00
C ASN M 102 27.71 0.79 33.18
N ASN M 103 26.46 0.53 32.78
CA ASN M 103 25.69 1.56 32.05
C ASN M 103 24.81 2.40 32.96
N ALA M 104 24.73 2.08 34.23
CA ALA M 104 23.98 2.92 35.13
C ALA M 104 24.86 4.08 35.58
N HIS M 105 24.26 5.19 36.03
CA HIS M 105 25.01 6.30 36.60
C HIS M 105 24.27 6.81 37.80
N TYR M 106 24.99 7.23 38.82
CA TYR M 106 24.36 7.70 40.02
C TYR M 106 25.04 8.90 40.65
N ASN M 107 24.26 9.68 41.39
CA ASN M 107 24.80 10.75 42.20
C ASN M 107 25.01 10.05 43.56
N SER M 108 26.26 9.85 43.94
CA SER M 108 26.59 9.01 45.07
C SER M 108 27.46 9.62 46.14
N ILE M 109 27.56 8.90 47.26
CA ILE M 109 28.43 9.33 48.35
C ILE M 109 29.03 8.11 49.08
N ALA M 110 30.34 8.17 49.35
CA ALA M 110 31.07 7.12 49.98
C ALA M 110 31.45 7.61 51.41
N ILE M 111 31.16 6.78 52.41
CA ILE M 111 31.35 7.17 53.79
C ILE M 111 32.67 6.63 54.24
N ILE M 112 33.61 7.53 54.48
CA ILE M 112 34.94 7.16 54.95
C ILE M 112 35.00 7.32 56.47
N ASP M 113 35.41 6.25 57.15
CA ASP M 113 35.47 6.21 58.62
C ASP M 113 36.76 6.87 59.12
N ALA M 114 36.83 7.15 60.40
CA ALA M 114 37.98 7.78 60.98
C ALA M 114 39.28 7.00 60.89
N ASP M 115 39.24 5.70 60.55
CA ASP M 115 40.50 4.91 60.38
C ASP M 115 40.85 4.76 58.90
N GLY M 116 40.15 5.49 58.04
CA GLY M 116 40.40 5.43 56.58
C GLY M 116 39.53 4.41 55.84
N THR M 117 38.79 3.59 56.57
CA THR M 117 38.00 2.58 55.95
C THR M 117 36.78 3.12 55.17
N ASP M 118 36.58 2.54 53.99
CA ASP M 118 35.42 2.86 53.09
C ASP M 118 34.28 1.99 53.54
N LEU M 119 33.33 2.58 54.26
CA LEU M 119 32.22 1.80 54.86
C LEU M 119 31.09 1.53 53.87
N GLY M 120 31.19 2.07 52.68
CA GLY M 120 30.13 1.84 51.69
C GLY M 120 29.53 3.09 51.05
N ILE M 121 28.45 2.86 50.33
CA ILE M 121 27.92 3.87 49.45
C ILE M 121 26.39 4.08 49.57
N TYR M 122 25.94 5.32 49.45
CA TYR M 122 24.54 5.65 49.33
C TYR M 122 24.40 6.31 47.94
N ARG M 123 23.36 5.92 47.22
CA ARG M 123 23.03 6.49 45.88
C ARG M 123 21.79 7.34 45.99
N LYS M 124 21.91 8.62 45.60
CA LYS M 124 20.83 9.56 45.69
C LYS M 124 19.52 8.99 45.12
N SER M 125 18.47 9.05 45.96
CA SER M 125 17.19 8.45 45.64
C SER M 125 16.19 9.35 44.92
N HIS M 126 16.07 10.61 45.36
CA HIS M 126 15.13 11.56 44.77
C HIS M 126 15.93 12.47 43.82
N ILE M 127 15.62 12.46 42.55
CA ILE M 127 16.39 13.19 41.59
C ILE M 127 15.62 14.40 41.07
N PRO M 128 16.18 15.60 41.27
CA PRO M 128 15.52 16.81 40.88
C PRO M 128 15.55 17.10 39.36
N ASP M 129 14.74 18.05 38.96
CA ASP M 129 14.64 18.41 37.54
C ASP M 129 14.14 19.83 37.39
N GLY M 130 14.33 20.38 36.18
CA GLY M 130 13.92 21.76 35.88
C GLY M 130 15.14 22.60 35.55
N PRO M 131 14.91 23.81 34.95
CA PRO M 131 16.02 24.70 34.52
C PRO M 131 17.05 24.93 35.65
N GLY M 132 18.32 24.67 35.35
CA GLY M 132 19.43 24.80 36.29
C GLY M 132 19.79 23.55 37.09
N TYR M 133 18.83 22.65 37.26
CA TYR M 133 18.99 21.46 38.10
C TYR M 133 18.48 20.21 37.34
N GLU M 134 19.07 19.97 36.16
CA GLU M 134 18.63 18.91 35.26
C GLU M 134 19.26 17.60 35.61
N GLU M 135 19.13 17.20 36.86
CA GLU M 135 19.77 15.98 37.34
C GLU M 135 19.16 14.68 36.78
N LYS M 136 17.87 14.70 36.48
CA LYS M 136 17.19 13.52 35.90
C LYS M 136 17.80 13.03 34.57
N PHE M 137 18.53 13.91 33.88
CA PHE M 137 19.20 13.57 32.63
C PHE M 137 20.45 12.70 32.87
N TYR M 138 21.09 12.88 34.02
CA TYR M 138 22.36 12.23 34.34
C TYR M 138 22.28 11.02 35.26
N PHE M 139 21.34 11.05 36.18
CA PHE M 139 21.35 10.02 37.16
C PHE M 139 20.18 9.07 37.19
N ASN M 140 20.46 7.76 37.12
CA ASN M 140 19.44 6.78 37.48
C ASN M 140 18.99 7.07 38.94
N PRO M 141 17.70 6.98 39.24
CA PRO M 141 17.30 7.05 40.64
C PRO M 141 18.03 6.00 41.43
N GLY M 142 18.49 6.38 42.62
CA GLY M 142 19.24 5.50 43.50
C GLY M 142 18.55 4.20 43.82
N ASP M 143 19.32 3.13 43.88
CA ASP M 143 18.78 1.83 44.23
C ASP M 143 19.37 1.22 45.52
N THR M 144 20.06 2.00 46.36
CA THR M 144 20.60 1.47 47.63
C THR M 144 19.56 1.52 48.69
N GLY M 145 18.56 2.40 48.54
CA GLY M 145 17.63 2.65 49.60
C GLY M 145 18.33 3.52 50.65
N PHE M 146 17.60 3.98 51.66
CA PHE M 146 18.22 4.86 52.62
C PHE M 146 19.02 4.03 53.59
N LYS M 147 20.20 4.51 53.95
CA LYS M 147 21.12 3.79 54.79
C LYS M 147 21.65 4.53 55.96
N VAL M 148 22.16 3.76 56.92
CA VAL M 148 22.88 4.33 58.06
C VAL M 148 24.24 3.68 58.15
N PHE M 149 25.24 4.42 58.64
CA PHE M 149 26.59 3.91 58.71
C PHE M 149 27.14 4.01 60.12
N GLN M 150 27.76 2.93 60.58
CA GLN M 150 28.37 2.88 61.96
C GLN M 150 29.78 3.35 61.85
N THR M 151 30.03 4.57 62.29
CA THR M 151 31.36 5.14 62.27
C THR M 151 31.92 5.00 63.65
N LYS M 152 33.19 5.38 63.84
CA LYS M 152 33.84 5.29 65.16
C LYS M 152 33.19 6.23 66.17
N TYR M 153 32.54 7.30 65.72
CA TYR M 153 31.94 8.25 66.67
C TYR M 153 30.45 8.22 66.75
N ALA M 154 29.77 7.60 65.77
CA ALA M 154 28.29 7.59 65.79
C ALA M 154 27.71 6.85 64.62
N LYS M 155 26.44 6.45 64.77
CA LYS M 155 25.68 5.91 63.64
C LYS M 155 25.16 7.12 62.92
N ILE M 156 25.48 7.27 61.65
CA ILE M 156 25.03 8.45 60.93
C ILE M 156 24.17 8.10 59.77
N GLY M 157 23.33 9.04 59.39
CA GLY M 157 22.49 8.93 58.20
C GLY M 157 22.94 9.98 57.21
N VAL M 158 23.34 9.56 56.02
CA VAL M 158 23.77 10.49 54.96
C VAL M 158 22.92 10.34 53.70
N ALA M 159 22.24 11.40 53.32
CA ALA M 159 21.52 11.43 52.06
C ALA M 159 22.03 12.65 51.31
N ILE M 160 21.50 12.89 50.08
CA ILE M 160 22.10 13.91 49.21
C ILE M 160 21.15 14.93 48.64
N CYS M 161 21.57 16.20 48.75
CA CYS M 161 20.86 17.40 48.24
C CYS M 161 19.32 17.29 48.21
N TRP M 162 18.73 17.08 47.02
CA TRP M 162 17.27 17.01 46.91
C TRP M 162 16.61 16.05 47.89
N ASP M 163 17.28 14.97 48.26
CA ASP M 163 16.75 14.04 49.26
C ASP M 163 16.30 14.79 50.54
N GLN M 164 16.97 15.91 50.85
CA GLN M 164 16.70 16.69 52.08
C GLN M 164 15.31 17.30 52.10
N TRP M 165 14.59 17.29 50.99
CA TRP M 165 13.26 17.81 50.97
C TRP M 165 12.21 16.78 51.42
N PHE M 166 12.60 15.51 51.56
CA PHE M 166 11.65 14.42 51.80
C PHE M 166 11.70 13.91 53.20
N PRO M 167 10.61 14.13 53.98
CA PRO M 167 10.51 13.60 55.37
C PRO M 167 10.70 12.11 55.41
N GLU M 168 10.25 11.44 54.34
CA GLU M 168 10.38 9.95 54.26
C GLU M 168 11.84 9.51 54.44
N ALA M 169 12.76 10.29 53.83
CA ALA M 169 14.14 9.91 53.86
C ALA M 169 14.78 10.09 55.25
N ALA M 170 14.48 11.21 55.91
CA ALA M 170 15.03 11.47 57.26
C ALA M 170 14.40 10.47 58.22
N ARG M 171 13.10 10.14 58.01
CA ARG M 171 12.45 9.19 58.89
C ARG M 171 13.06 7.78 58.73
N ALA M 172 13.33 7.37 57.50
CA ALA M 172 13.91 6.06 57.22
C ALA M 172 15.28 5.87 57.93
N MET M 173 16.10 6.92 57.95
CA MET M 173 17.39 6.84 58.54
C MET M 173 17.30 6.83 60.05
N ALA M 174 16.42 7.64 60.61
CA ALA M 174 16.21 7.67 62.01
C ALA M 174 15.66 6.35 62.53
N LEU M 175 14.73 5.72 61.81
CA LEU M 175 14.21 4.41 62.23
C LEU M 175 15.26 3.33 62.28
N GLN M 176 16.30 3.52 61.48
CA GLN M 176 17.41 2.56 61.40
C GLN M 176 18.55 2.89 62.38
N GLY M 177 18.34 3.87 63.26
CA GLY M 177 19.30 4.23 64.36
C GLY M 177 20.18 5.45 64.05
N ALA M 178 19.95 6.14 62.93
CA ALA M 178 20.79 7.32 62.67
C ALA M 178 20.71 8.30 63.83
N GLU M 179 21.87 8.75 64.30
CA GLU M 179 21.97 9.69 65.43
C GLU M 179 22.19 11.14 65.01
N ILE M 180 22.65 11.33 63.77
CA ILE M 180 22.87 12.63 63.15
C ILE M 180 22.57 12.44 61.64
N LEU M 181 21.94 13.43 61.01
CA LEU M 181 21.68 13.40 59.59
C LEU M 181 22.61 14.41 58.91
N PHE M 182 23.06 14.04 57.69
CA PHE M 182 23.97 14.86 56.89
C PHE M 182 23.46 14.96 55.46
N TYR M 183 23.36 16.18 54.94
CA TYR M 183 22.98 16.42 53.55
C TYR M 183 23.88 17.37 52.83
N PRO M 184 24.84 16.85 52.04
CA PRO M 184 25.64 17.71 51.11
C PRO M 184 24.68 18.28 50.09
N THR M 185 24.83 19.53 49.73
CA THR M 185 23.87 20.25 48.90
C THR M 185 24.52 21.16 47.83
N ALA M 186 23.76 21.43 46.77
CA ALA M 186 24.09 22.42 45.76
C ALA M 186 22.79 23.08 45.37
N ILE M 187 22.48 24.20 46.03
CA ILE M 187 21.26 24.91 45.72
C ILE M 187 21.44 26.41 45.75
N GLY M 188 20.79 27.07 44.80
CA GLY M 188 20.83 28.51 44.69
C GLY M 188 19.67 29.06 43.85
N SER M 189 19.95 30.16 43.15
CA SER M 189 19.00 30.78 42.29
C SER M 189 18.61 29.83 41.12
N GLU M 190 17.58 30.19 40.39
CA GLU M 190 17.14 29.37 39.29
C GLU M 190 17.21 30.27 38.07
N PRO M 191 17.82 29.79 36.98
CA PRO M 191 18.18 30.66 35.86
C PRO M 191 17.06 31.17 35.01
N HIS M 192 15.92 30.52 35.04
CA HIS M 192 14.77 30.97 34.24
C HIS M 192 13.92 32.01 34.98
N ASP M 193 14.13 32.21 36.27
CA ASP M 193 13.24 33.07 37.05
C ASP M 193 13.95 33.56 38.32
N GLN M 194 14.43 34.79 38.23
CA GLN M 194 15.19 35.40 39.32
C GLN M 194 14.36 35.74 40.54
N SER M 195 13.03 35.69 40.47
CA SER M 195 12.19 35.96 41.62
C SER M 195 12.09 34.75 42.58
N ILE M 196 12.61 33.59 42.18
CA ILE M 196 12.57 32.41 43.02
C ILE M 196 13.73 32.52 43.99
N ASP M 197 13.42 32.48 45.28
CA ASP M 197 14.42 32.49 46.36
C ASP M 197 13.98 31.44 47.40
N SER M 198 14.56 30.24 47.31
CA SER M 198 14.14 29.09 48.08
C SER M 198 14.82 28.85 49.44
N ARG M 199 15.74 29.73 49.82
CA ARG M 199 16.60 29.48 51.00
C ARG M 199 15.85 29.29 52.33
N ASP M 200 14.87 30.12 52.57
CA ASP M 200 14.04 30.04 53.76
C ASP M 200 13.23 28.74 53.78
N HIS M 201 12.59 28.45 52.65
CA HIS M 201 11.78 27.23 52.48
C HIS M 201 12.66 25.96 52.71
N TRP M 202 13.84 25.99 52.09
CA TRP M 202 14.86 24.93 52.19
C TRP M 202 15.27 24.63 53.69
N LYS M 203 15.55 25.69 54.44
CA LYS M 203 15.93 25.52 55.83
C LYS M 203 14.75 24.98 56.65
N ARG M 204 13.57 25.57 56.46
CA ARG M 204 12.41 25.18 57.23
C ARG M 204 12.07 23.69 57.08
N VAL M 205 12.21 23.17 55.87
CA VAL M 205 11.88 21.75 55.64
C VAL M 205 12.83 20.86 56.43
N MET M 206 14.10 21.21 56.39
CA MET M 206 15.12 20.40 57.12
C MET M 206 15.02 20.55 58.62
N GLN M 207 14.69 21.75 59.09
CA GLN M 207 14.53 21.95 60.51
C GLN M 207 13.38 21.06 60.99
N GLY M 208 12.41 20.89 60.11
CA GLY M 208 11.28 20.02 60.31
C GLY M 208 11.70 18.57 60.54
N HIS M 209 12.62 18.06 59.71
CA HIS M 209 13.11 16.69 59.89
C HIS M 209 13.84 16.52 61.21
N ALA M 210 14.71 17.46 61.56
CA ALA M 210 15.48 17.38 62.80
C ALA M 210 14.55 17.34 63.99
N GLY M 211 13.55 18.21 63.98
CA GLY M 211 12.57 18.24 65.06
C GLY M 211 11.62 17.07 65.18
N ALA M 212 11.23 16.55 64.06
CA ALA M 212 10.29 15.42 64.03
C ALA M 212 10.93 14.09 64.41
N ASN M 213 12.23 13.97 64.20
CA ASN M 213 12.99 12.74 64.52
C ASN M 213 13.89 12.87 65.76
N LEU M 214 13.96 14.06 66.32
CA LEU M 214 14.85 14.38 67.42
C LEU M 214 16.30 13.92 67.23
N VAL M 215 16.85 14.36 66.09
CA VAL M 215 18.25 14.16 65.71
C VAL M 215 18.89 15.44 65.16
N PRO M 216 20.16 15.71 65.50
CA PRO M 216 20.79 16.88 64.87
C PRO M 216 20.92 16.68 63.36
N LEU M 217 21.17 17.77 62.63
CA LEU M 217 21.19 17.71 61.15
C LEU M 217 22.21 18.68 60.58
N VAL M 218 22.98 18.24 59.59
CA VAL M 218 24.05 19.05 59.04
C VAL M 218 23.84 19.26 57.54
N ALA M 219 23.87 20.52 57.09
CA ALA M 219 23.77 20.79 55.65
C ALA M 219 24.93 21.68 55.17
N SER M 220 25.64 21.18 54.16
CA SER M 220 26.73 21.85 53.56
C SER M 220 26.34 22.29 52.16
N ASN M 221 26.31 23.62 51.94
CA ASN M 221 25.92 24.13 50.63
C ASN M 221 26.99 24.98 50.02
N ARG M 222 27.02 24.93 48.71
CA ARG M 222 27.93 25.67 47.87
C ARG M 222 27.66 27.20 47.90
N ILE M 223 28.70 27.97 47.55
CA ILE M 223 28.58 29.41 47.32
C ILE M 223 29.20 29.74 45.95
N GLY M 224 29.05 31.00 45.53
CA GLY M 224 29.61 31.49 44.25
C GLY M 224 28.67 31.42 43.08
N ASN M 225 29.01 32.16 42.03
CA ASN M 225 28.27 32.15 40.77
C ASN M 225 28.94 31.17 39.83
N GLU M 226 28.14 30.43 39.08
CA GLU M 226 28.63 29.48 38.09
C GLU M 226 27.88 29.68 36.79
N ILE M 227 28.65 29.91 35.72
CA ILE M 227 28.13 30.10 34.39
C ILE M 227 28.55 28.90 33.57
N ILE M 228 27.56 28.12 33.14
CA ILE M 228 27.77 26.91 32.33
C ILE M 228 27.28 27.17 30.89
N GLU M 229 27.99 26.62 29.91
CA GLU M 229 27.54 26.67 28.51
C GLU M 229 26.62 25.44 28.30
N THR M 230 25.35 25.66 28.06
CA THR M 230 24.38 24.57 27.88
C THR M 230 24.05 24.43 26.42
N GLU M 231 23.32 23.39 26.10
CA GLU M 231 22.88 23.15 24.73
C GLU M 231 22.08 24.33 24.13
N HIS M 232 21.60 25.24 25.00
CA HIS M 232 20.89 26.46 24.55
C HIS M 232 21.57 27.76 24.97
N GLY M 233 22.85 27.69 25.30
CA GLY M 233 23.60 28.91 25.68
C GLY M 233 23.92 29.00 27.15
N LYS M 234 24.38 30.17 27.55
CA LYS M 234 24.80 30.37 28.95
C LYS M 234 23.67 30.25 29.93
N SER M 235 23.98 29.66 31.08
CA SER M 235 23.09 29.52 32.19
C SER M 235 23.89 29.78 33.50
N GLU M 236 23.34 30.64 34.33
CA GLU M 236 23.98 31.03 35.55
C GLU M 236 23.15 30.72 36.79
N ILE M 237 23.81 30.20 37.80
CA ILE M 237 23.24 30.05 39.13
C ILE M 237 24.12 30.75 40.13
N LYS M 238 23.53 31.52 41.01
CA LYS M 238 24.27 32.05 42.17
C LYS M 238 23.93 31.10 43.35
N PHE M 239 24.91 30.33 43.81
CA PHE M 239 24.69 29.42 44.94
C PHE M 239 24.59 30.25 46.22
N TYR M 240 23.63 29.92 47.08
CA TYR M 240 23.33 30.79 48.18
C TYR M 240 23.83 30.40 49.57
N GLY M 241 24.82 29.52 49.63
CA GLY M 241 25.38 29.10 50.92
C GLY M 241 24.29 28.80 51.93
N ASN M 242 24.30 29.49 53.05
CA ASN M 242 23.39 29.25 54.17
C ASN M 242 23.55 27.83 54.74
N SER M 243 24.78 27.28 54.62
CA SER M 243 25.15 26.00 55.27
C SER M 243 24.80 26.14 56.77
N PHE M 244 24.34 25.08 57.40
CA PHE M 244 23.92 25.24 58.79
C PHE M 244 23.93 23.93 59.53
N ILE M 245 23.89 24.03 60.85
CA ILE M 245 23.79 22.86 61.73
C ILE M 245 22.59 23.11 62.61
N ALA M 246 21.72 22.11 62.70
CA ALA M 246 20.50 22.19 63.47
C ALA M 246 20.48 21.14 64.52
N GLY M 247 20.06 21.54 65.73
CA GLY M 247 19.92 20.63 66.86
C GLY M 247 18.64 19.77 66.79
N PRO M 248 18.42 18.93 67.80
CA PRO M 248 17.29 18.00 67.75
C PRO M 248 15.85 18.56 67.89
N THR M 249 15.68 19.85 68.24
CA THR M 249 14.31 20.42 68.18
C THR M 249 14.17 21.32 66.93
N GLY M 250 15.15 21.23 66.02
CA GLY M 250 15.15 22.00 64.80
C GLY M 250 15.80 23.39 64.89
N GLU M 251 16.34 23.73 66.05
CA GLU M 251 16.95 25.06 66.22
C GLU M 251 18.26 25.13 65.47
N ILE M 252 18.50 26.22 64.75
CA ILE M 252 19.79 26.44 64.09
C ILE M 252 20.82 26.80 65.19
N VAL M 253 21.92 26.07 65.25
CA VAL M 253 22.94 26.37 66.27
C VAL M 253 24.16 27.00 65.62
N SER M 254 24.30 26.78 64.32
CA SER M 254 25.39 27.38 63.59
C SER M 254 24.92 27.63 62.16
N ILE M 255 25.19 28.82 61.64
CA ILE M 255 24.82 29.15 60.30
C ILE M 255 25.80 30.11 59.59
N ALA M 256 26.00 29.86 58.29
CA ALA M 256 26.88 30.68 57.42
C ALA M 256 26.02 31.60 56.56
N ASP M 257 26.62 32.65 56.03
CA ASP M 257 25.86 33.56 55.18
C ASP M 257 25.83 33.06 53.73
N ASP M 258 25.42 33.92 52.81
CA ASP M 258 25.26 33.49 51.42
C ASP M 258 26.47 33.65 50.50
N LYS M 259 27.59 34.09 51.06
CA LYS M 259 28.78 34.29 50.22
C LYS M 259 30.14 33.98 50.82
N GLU M 260 30.22 33.86 52.16
CA GLU M 260 31.48 33.59 52.86
C GLU M 260 31.85 32.10 52.82
N GLU M 261 33.13 31.84 52.64
CA GLU M 261 33.64 30.50 52.79
C GLU M 261 33.51 30.23 54.33
N ALA M 262 33.11 29.05 54.73
CA ALA M 262 32.91 28.81 56.14
C ALA M 262 33.19 27.42 56.61
N VAL M 263 33.55 27.34 57.89
CA VAL M 263 33.73 26.12 58.62
C VAL M 263 32.83 26.26 59.83
N LEU M 264 31.71 25.54 59.86
CA LEU M 264 30.79 25.58 61.02
C LEU M 264 31.11 24.42 61.96
N ILE M 265 31.01 24.63 63.26
CA ILE M 265 31.36 23.61 64.30
C ILE M 265 30.24 23.51 65.35
N ALA M 266 29.83 22.29 65.69
CA ALA M 266 28.80 22.12 66.75
C ALA M 266 29.05 20.81 67.47
N GLU M 267 29.03 20.84 68.80
CA GLU M 267 29.18 19.64 69.62
C GLU M 267 27.80 19.15 70.07
N PHE M 268 27.54 17.84 69.96
CA PHE M 268 26.30 17.22 70.49
C PHE M 268 26.58 16.09 71.49
N ASN M 269 25.80 16.04 72.57
CA ASN M 269 25.87 14.94 73.49
C ASN M 269 24.86 13.90 72.98
N LEU M 270 25.37 12.85 72.35
CA LEU M 270 24.51 11.80 71.77
C LEU M 270 23.71 10.96 72.80
N ASP M 271 24.24 10.77 74.01
CA ASP M 271 23.47 10.03 74.97
C ASP M 271 22.29 10.91 75.44
N LYS M 272 22.54 12.19 75.77
CA LYS M 272 21.43 13.05 76.19
C LYS M 272 20.35 13.17 75.12
N ILE M 273 20.76 13.24 73.87
CA ILE M 273 19.81 13.41 72.82
C ILE M 273 19.00 12.13 72.58
N LYS M 274 19.65 10.97 72.71
CA LYS M 274 18.95 9.68 72.58
C LYS M 274 17.84 9.64 73.65
N SER M 275 18.22 9.97 74.86
CA SER M 275 17.31 9.98 75.96
C SER M 275 16.12 10.99 75.73
N MET M 276 16.43 12.14 75.19
CA MET M 276 15.44 13.16 74.89
C MET M 276 14.51 12.66 73.78
N ARG M 277 15.08 12.04 72.75
CA ARG M 277 14.33 11.47 71.63
C ARG M 277 13.30 10.38 72.08
N HIS M 278 13.73 9.47 72.94
CA HIS M 278 12.86 8.41 73.41
C HIS M 278 11.78 8.92 74.36
N CYS M 279 12.15 9.87 75.17
CA CYS M 279 11.23 10.50 76.10
C CYS M 279 10.11 11.27 75.42
N TRP M 280 10.45 11.98 74.35
CA TRP M 280 9.44 12.77 73.60
C TRP M 280 8.40 11.87 73.08
N GLY M 281 8.81 10.67 72.65
CA GLY M 281 7.86 9.59 72.38
C GLY M 281 7.31 9.35 70.99
N VAL M 282 7.73 10.16 70.04
CA VAL M 282 7.23 10.02 68.75
C VAL M 282 7.45 8.59 68.21
N PHE M 283 8.62 8.01 68.39
CA PHE M 283 8.85 6.63 67.88
C PHE M 283 8.01 5.53 68.59
N ARG M 284 7.63 5.82 69.81
CA ARG M 284 6.75 4.94 70.58
C ARG M 284 5.31 4.99 70.02
N ASP M 285 4.97 6.12 69.39
CA ASP M 285 3.59 6.42 68.97
C ASP M 285 3.29 6.29 67.49
N ARG M 286 4.30 6.01 66.69
CA ARG M 286 4.10 5.86 65.26
C ARG M 286 3.08 4.77 64.98
N ARG M 287 2.40 4.92 63.86
CA ARG M 287 1.32 4.03 63.47
C ARG M 287 1.55 3.47 62.07
N PRO M 288 2.57 2.59 61.91
CA PRO M 288 2.84 1.98 60.58
C PRO M 288 1.64 1.27 59.95
N ASP M 289 0.73 0.78 60.76
CA ASP M 289 -0.46 0.15 60.18
C ASP M 289 -1.33 1.13 59.37
N LEU M 290 -1.13 2.43 59.55
CA LEU M 290 -1.94 3.42 58.88
C LEU M 290 -1.15 4.15 57.80
N TYR M 291 0.08 3.73 57.56
CA TYR M 291 0.95 4.43 56.64
C TYR M 291 1.08 3.85 55.23
N LYS M 292 0.25 2.87 54.87
CA LYS M 292 0.39 2.23 53.55
C LYS M 292 0.25 3.20 52.36
N VAL M 293 -0.53 4.27 52.54
CA VAL M 293 -0.77 5.23 51.51
C VAL M 293 0.53 5.90 51.07
N LEU M 294 1.54 5.86 51.94
CA LEU M 294 2.81 6.43 51.62
C LEU M 294 3.57 5.59 50.61
N LEU M 295 3.16 4.37 50.36
CA LEU M 295 3.75 3.56 49.34
C LEU M 295 2.99 3.78 47.95
N THR M 296 2.18 4.81 47.87
CA THR M 296 1.53 5.22 46.62
C THR M 296 2.15 6.53 46.15
N LEU M 297 1.98 6.86 44.91
CA LEU M 297 2.34 8.19 44.41
C LEU M 297 1.07 9.08 44.29
N ASP M 298 -0.05 8.44 43.97
CA ASP M 298 -1.27 9.14 43.67
C ASP M 298 -2.37 9.13 44.78
N GLY M 299 -1.99 8.63 45.98
CA GLY M 299 -2.88 8.55 47.11
C GLY M 299 -3.84 7.42 47.09
N LYS M 300 -3.73 6.55 46.11
CA LYS M 300 -4.66 5.41 45.97
C LYS M 300 -4.00 4.06 45.61
N ASN M 301 -3.16 4.08 44.58
CA ASN M 301 -2.53 2.87 44.00
C ASN M 301 -1.11 2.53 44.52
N PRO M 302 -0.99 1.42 45.27
CA PRO M 302 0.38 1.10 45.77
C PRO M 302 1.27 0.83 44.58
N VAL M 303 2.53 1.20 44.67
CA VAL M 303 3.45 0.88 43.62
C VAL M 303 3.78 -0.62 43.67
N LEU M 304 4.18 -1.14 42.51
CA LEU M 304 4.60 -2.55 42.33
C LEU M 304 5.96 -2.81 43.01
N ASP N 7 -5.60 38.78 40.70
CA ASP N 7 -4.88 37.46 40.66
C ASP N 7 -5.85 36.26 40.61
N LYS N 8 -6.05 35.73 39.40
CA LYS N 8 -7.00 34.63 39.12
C LYS N 8 -6.80 33.35 39.98
N GLY N 9 -7.92 32.68 40.32
CA GLY N 9 -7.90 31.41 41.06
C GLY N 9 -8.86 31.37 42.23
N ARG N 10 -9.17 30.15 42.67
CA ARG N 10 -9.99 29.94 43.88
C ARG N 10 -9.32 30.44 45.13
N LYS N 11 -10.05 31.22 45.90
CA LYS N 11 -9.56 31.73 47.16
C LYS N 11 -10.33 31.14 48.30
N VAL N 12 -9.66 30.96 49.44
CA VAL N 12 -10.27 30.44 50.61
C VAL N 12 -9.64 31.20 51.76
N VAL N 13 -10.48 31.73 52.63
CA VAL N 13 -10.03 32.40 53.79
C VAL N 13 -10.16 31.37 54.94
N VAL N 14 -9.09 31.23 55.72
CA VAL N 14 -9.08 30.30 56.84
C VAL N 14 -8.78 31.04 58.10
N SER N 15 -9.19 30.43 59.23
CA SER N 15 -9.06 31.02 60.52
C SER N 15 -8.81 30.03 61.65
N ALA N 16 -7.91 30.45 62.52
CA ALA N 16 -7.59 29.75 63.74
C ALA N 16 -8.17 30.57 64.88
N LEU N 17 -8.75 29.89 65.87
CA LEU N 17 -9.27 30.49 67.04
C LEU N 17 -8.38 30.05 68.23
N GLN N 18 -8.34 30.88 69.26
CA GLN N 18 -7.56 30.61 70.42
C GLN N 18 -8.28 31.17 71.61
N PHE N 19 -8.65 30.30 72.55
CA PHE N 19 -9.36 30.78 73.75
C PHE N 19 -9.18 29.90 75.01
N ALA N 20 -9.66 30.43 76.12
CA ALA N 20 -9.64 29.71 77.43
C ALA N 20 -10.92 28.96 77.67
N CYS N 21 -10.82 27.79 78.29
CA CYS N 21 -11.97 26.97 78.62
C CYS N 21 -12.23 26.87 80.12
N THR N 22 -13.51 26.80 80.49
CA THR N 22 -13.90 26.42 81.83
C THR N 22 -14.21 24.91 81.70
N ASP N 23 -14.85 24.31 82.71
CA ASP N 23 -15.24 22.92 82.55
C ASP N 23 -16.78 22.78 82.37
N ASP N 24 -17.44 23.88 81.99
CA ASP N 24 -18.87 23.90 81.67
C ASP N 24 -19.05 23.90 80.12
N VAL N 25 -19.71 22.89 79.60
CA VAL N 25 -19.85 22.76 78.14
C VAL N 25 -20.59 23.95 77.52
N SER N 26 -21.69 24.39 78.13
CA SER N 26 -22.45 25.49 77.55
C SER N 26 -21.61 26.75 77.45
N THR N 27 -20.85 27.07 78.50
CA THR N 27 -19.98 28.23 78.50
C THR N 27 -18.94 28.14 77.34
N ASN N 28 -18.35 26.97 77.12
CA ASN N 28 -17.33 26.84 76.12
C ASN N 28 -17.86 26.88 74.69
N VAL N 29 -19.04 26.31 74.49
CA VAL N 29 -19.64 26.32 73.17
C VAL N 29 -20.04 27.77 72.85
N THR N 30 -20.60 28.48 73.84
CA THR N 30 -20.92 29.88 73.70
C THR N 30 -19.64 30.67 73.30
N THR N 31 -18.52 30.40 73.96
CA THR N 31 -17.27 31.07 73.66
C THR N 31 -16.86 30.76 72.20
N ALA N 32 -16.96 29.49 71.81
CA ALA N 32 -16.61 29.08 70.47
C ALA N 32 -17.53 29.73 69.39
N GLU N 33 -18.82 29.76 69.68
CA GLU N 33 -19.76 30.32 68.79
C GLU N 33 -19.45 31.82 68.55
N ARG N 34 -19.14 32.55 69.61
CA ARG N 34 -18.82 33.95 69.53
C ARG N 34 -17.61 34.19 68.63
N LEU N 35 -16.59 33.36 68.78
CA LEU N 35 -15.36 33.53 68.02
C LEU N 35 -15.50 33.09 66.57
N VAL N 36 -16.33 32.07 66.31
CA VAL N 36 -16.65 31.66 64.93
C VAL N 36 -17.39 32.81 64.21
N ARG N 37 -18.33 33.46 64.90
CA ARG N 37 -19.03 34.59 64.32
C ARG N 37 -18.06 35.77 64.02
N ALA N 38 -17.07 35.96 64.90
CA ALA N 38 -16.09 37.03 64.67
C ALA N 38 -15.24 36.67 63.47
N ALA N 39 -14.86 35.41 63.38
CA ALA N 39 -14.06 34.94 62.22
C ALA N 39 -14.85 35.17 60.90
N HIS N 40 -16.10 34.71 60.91
CA HIS N 40 -16.98 34.90 59.78
C HIS N 40 -17.10 36.39 59.36
N LYS N 41 -17.20 37.30 60.35
CA LYS N 41 -17.29 38.74 60.11
C LYS N 41 -16.00 39.28 59.39
N GLN N 42 -14.87 38.70 59.72
CA GLN N 42 -13.61 39.08 59.09
C GLN N 42 -13.33 38.33 57.76
N GLY N 43 -14.35 37.62 57.25
CA GLY N 43 -14.29 36.93 55.95
C GLY N 43 -13.96 35.47 55.91
N ALA N 44 -13.85 34.81 57.05
CA ALA N 44 -13.44 33.42 57.08
C ALA N 44 -14.41 32.44 56.46
N ASN N 45 -13.87 31.42 55.77
CA ASN N 45 -14.68 30.36 55.11
C ASN N 45 -14.58 29.07 55.88
N ILE N 46 -13.44 28.83 56.49
CA ILE N 46 -13.18 27.63 57.29
C ILE N 46 -12.57 28.13 58.57
N VAL N 47 -13.13 27.68 59.69
CA VAL N 47 -12.74 28.14 60.99
C VAL N 47 -12.40 26.96 61.89
N LEU N 48 -11.23 26.99 62.50
CA LEU N 48 -10.77 25.91 63.32
C LEU N 48 -10.80 26.19 64.87
N ILE N 49 -11.60 25.41 65.56
CA ILE N 49 -11.71 25.42 67.04
C ILE N 49 -10.68 24.39 67.63
N GLN N 50 -9.97 24.80 68.68
CA GLN N 50 -8.98 23.93 69.44
C GLN N 50 -9.54 22.56 69.97
N GLU N 51 -8.61 21.67 70.27
CA GLU N 51 -8.94 20.32 70.71
C GLU N 51 -9.71 20.27 72.03
N LEU N 52 -10.73 19.40 72.06
CA LEU N 52 -11.55 19.09 73.30
C LEU N 52 -12.07 20.34 74.03
N PHE N 53 -12.40 21.35 73.21
CA PHE N 53 -12.84 22.68 73.66
C PHE N 53 -14.09 22.65 74.53
N GLU N 54 -14.80 21.54 74.56
CA GLU N 54 -16.01 21.43 75.40
C GLU N 54 -15.69 21.51 76.89
N GLY N 55 -14.46 21.27 77.29
CA GLY N 55 -14.11 21.33 78.72
C GLY N 55 -12.64 21.51 78.95
N TYR N 56 -12.24 21.33 80.23
CA TYR N 56 -10.83 21.30 80.60
C TYR N 56 -10.11 20.20 79.88
N TYR N 57 -8.80 20.36 79.64
CA TYR N 57 -7.99 19.26 79.09
C TYR N 57 -7.83 18.30 80.28
N PHE N 58 -8.75 17.34 80.34
CA PHE N 58 -8.87 16.46 81.51
C PHE N 58 -7.81 15.37 81.59
N CYS N 59 -7.07 15.19 80.51
CA CYS N 59 -6.05 14.15 80.44
C CYS N 59 -4.85 14.36 81.39
N GLN N 60 -4.85 15.41 82.21
CA GLN N 60 -3.80 15.54 83.27
C GLN N 60 -3.98 14.39 84.27
N ALA N 61 -5.22 13.90 84.41
CA ALA N 61 -5.55 12.75 85.31
C ALA N 61 -5.83 11.54 84.47
N GLN N 62 -5.72 10.40 85.11
CA GLN N 62 -6.09 9.10 84.57
C GLN N 62 -7.22 8.67 85.49
N ARG N 63 -8.43 9.16 85.21
CA ARG N 63 -9.59 8.91 86.12
C ARG N 63 -10.71 8.12 85.50
N GLU N 64 -11.20 7.14 86.26
CA GLU N 64 -12.33 6.32 85.82
C GLU N 64 -13.54 7.18 85.41
N ASP N 65 -13.89 8.17 86.26
CA ASP N 65 -15.07 8.99 85.99
C ASP N 65 -14.90 9.91 84.81
N PHE N 66 -13.65 10.33 84.52
CA PHE N 66 -13.43 11.19 83.33
C PHE N 66 -13.65 10.48 82.02
N ILE N 67 -13.51 9.15 82.02
CA ILE N 67 -13.75 8.35 80.79
C ILE N 67 -15.21 8.55 80.34
N GLN N 68 -16.12 8.61 81.31
CA GLN N 68 -17.55 8.79 81.02
C GLN N 68 -17.96 10.20 80.50
N ARG N 69 -17.01 11.11 80.38
CA ARG N 69 -17.27 12.38 79.66
C ARG N 69 -17.54 12.08 78.17
N ALA N 70 -17.10 10.90 77.69
CA ALA N 70 -17.27 10.54 76.32
C ALA N 70 -18.76 10.40 75.94
N LYS N 71 -19.07 10.68 74.67
CA LYS N 71 -20.47 10.60 74.13
C LYS N 71 -20.49 10.01 72.71
N PRO N 72 -21.59 9.34 72.35
CA PRO N 72 -21.64 8.82 71.00
C PRO N 72 -21.53 9.91 69.93
N TYR N 73 -20.97 9.52 68.81
CA TYR N 73 -20.94 10.37 67.61
C TYR N 73 -22.38 10.66 67.12
N LYS N 74 -23.28 9.70 67.24
CA LYS N 74 -24.64 9.86 66.78
C LYS N 74 -25.43 10.83 67.72
N ASP N 75 -26.04 11.84 67.10
CA ASP N 75 -26.86 12.86 67.80
C ASP N 75 -26.09 13.58 68.91
N HIS N 76 -24.83 13.88 68.67
CA HIS N 76 -24.02 14.59 69.64
C HIS N 76 -24.58 16.06 69.76
N PRO N 77 -24.91 16.51 70.99
CA PRO N 77 -25.52 17.84 71.11
C PRO N 77 -24.66 19.00 70.62
N THR N 78 -23.36 18.89 70.81
CA THR N 78 -22.42 19.94 70.41
C THR N 78 -22.19 19.98 68.87
N ILE N 79 -22.02 18.81 68.27
CA ILE N 79 -21.93 18.70 66.82
C ILE N 79 -23.23 19.28 66.20
N MET N 80 -24.37 18.83 66.69
CA MET N 80 -25.65 19.30 66.24
C MET N 80 -25.85 20.81 66.34
N ARG N 81 -25.37 21.41 67.43
CA ARG N 81 -25.49 22.85 67.59
C ARG N 81 -24.56 23.60 66.61
N LEU N 82 -23.35 23.07 66.41
CA LEU N 82 -22.43 23.73 65.53
C LEU N 82 -22.80 23.48 64.09
N GLN N 83 -23.55 22.41 63.79
CA GLN N 83 -24.05 22.21 62.40
C GLN N 83 -25.00 23.34 62.05
N LYS N 84 -25.76 23.78 63.05
CA LYS N 84 -26.67 24.86 62.81
C LYS N 84 -25.91 26.13 62.53
N LEU N 85 -24.86 26.37 63.31
CA LEU N 85 -24.07 27.58 63.16
C LEU N 85 -23.37 27.58 61.80
N ALA N 86 -22.82 26.44 61.41
CA ALA N 86 -22.13 26.32 60.15
C ALA N 86 -23.08 26.60 59.00
N LYS N 87 -24.30 26.12 59.12
CA LYS N 87 -25.27 26.33 58.07
C LYS N 87 -25.71 27.82 58.04
N GLU N 88 -25.96 28.40 59.21
CA GLU N 88 -26.36 29.80 59.28
C GLU N 88 -25.34 30.70 58.55
N LEU N 89 -24.05 30.50 58.86
CA LEU N 89 -22.99 31.33 58.35
C LEU N 89 -22.36 30.92 57.04
N GLY N 90 -22.58 29.69 56.59
CA GLY N 90 -21.93 29.17 55.38
C GLY N 90 -20.43 28.99 55.61
N VAL N 91 -20.07 28.45 56.76
CA VAL N 91 -18.67 28.25 57.15
CA VAL N 91 -18.65 28.22 57.09
C VAL N 91 -18.43 26.78 57.43
N VAL N 92 -17.22 26.29 57.10
CA VAL N 92 -16.84 24.93 57.40
C VAL N 92 -16.30 24.95 58.84
N ILE N 93 -16.77 23.99 59.67
CA ILE N 93 -16.41 23.91 61.08
C ILE N 93 -16.08 22.48 61.52
N PRO N 94 -14.77 22.15 61.67
CA PRO N 94 -14.41 20.85 62.27
C PRO N 94 -14.68 20.90 63.80
N VAL N 95 -15.39 19.88 64.33
CA VAL N 95 -15.78 19.84 65.75
C VAL N 95 -15.11 18.68 66.51
N SER N 96 -14.11 19.02 67.34
CA SER N 96 -13.38 18.08 68.18
C SER N 96 -14.26 17.59 69.32
N PHE N 97 -14.24 16.30 69.60
CA PHE N 97 -15.01 15.76 70.76
C PHE N 97 -14.53 14.39 71.18
N PHE N 98 -14.89 14.02 72.40
CA PHE N 98 -14.56 12.73 73.00
C PHE N 98 -15.66 11.74 72.66
N GLU N 99 -15.30 10.77 71.83
CA GLU N 99 -16.25 9.77 71.28
C GLU N 99 -16.30 8.46 72.03
N GLU N 100 -17.50 7.99 72.28
CA GLU N 100 -17.75 6.68 72.89
C GLU N 100 -18.37 5.86 71.75
N ALA N 101 -17.76 4.73 71.38
CA ALA N 101 -18.30 3.85 70.34
C ALA N 101 -18.34 2.39 70.88
N ASN N 102 -19.45 2.06 71.51
CA ASN N 102 -19.60 0.80 72.22
C ASN N 102 -18.54 0.81 73.36
N ASN N 103 -17.62 -0.13 73.40
CA ASN N 103 -16.57 -0.09 74.46
C ASN N 103 -15.28 0.62 74.00
N ALA N 104 -15.20 1.05 72.72
CA ALA N 104 -14.06 1.82 72.29
C ALA N 104 -14.25 3.30 72.62
N HIS N 105 -13.15 4.03 72.74
CA HIS N 105 -13.22 5.47 72.97
C HIS N 105 -12.17 6.15 72.09
N TYR N 106 -12.49 7.31 71.57
CA TYR N 106 -11.59 7.97 70.67
C TYR N 106 -11.57 9.46 70.90
N ASN N 107 -10.49 10.09 70.51
CA ASN N 107 -10.37 11.51 70.51
C ASN N 107 -10.73 11.81 69.01
N SER N 108 -11.92 12.34 68.74
CA SER N 108 -12.42 12.45 67.36
C SER N 108 -12.77 13.83 66.92
N ILE N 109 -13.03 13.96 65.61
CA ILE N 109 -13.37 15.23 65.01
C ILE N 109 -14.35 15.01 63.83
N ALA N 110 -15.48 15.72 63.88
CA ALA N 110 -16.52 15.65 62.89
C ALA N 110 -16.36 16.87 61.98
N ILE N 111 -16.38 16.66 60.68
CA ILE N 111 -16.16 17.76 59.76
C ILE N 111 -17.52 18.20 59.23
N ILE N 112 -17.94 19.41 59.66
CA ILE N 112 -19.20 20.01 59.24
C ILE N 112 -18.96 20.96 58.06
N ASP N 113 -19.71 20.75 56.97
CA ASP N 113 -19.55 21.52 55.74
C ASP N 113 -20.34 22.82 55.82
N ALA N 114 -20.09 23.73 54.87
CA ALA N 114 -20.71 25.06 54.86
C ALA N 114 -22.23 25.09 54.71
N ASP N 115 -22.84 23.98 54.30
CA ASP N 115 -24.32 23.84 54.23
C ASP N 115 -24.86 23.04 55.44
N GLY N 116 -24.02 22.85 56.46
CA GLY N 116 -24.45 22.12 57.66
C GLY N 116 -24.30 20.60 57.63
N THR N 117 -23.94 20.05 56.49
CA THR N 117 -23.79 18.64 56.34
C THR N 117 -22.56 18.03 57.13
N ASP N 118 -22.85 16.96 57.84
CA ASP N 118 -21.81 16.21 58.55
C ASP N 118 -21.10 15.35 57.55
N LEU N 119 -19.90 15.70 57.18
CA LEU N 119 -19.18 14.93 56.20
C LEU N 119 -18.52 13.65 56.72
N GLY N 120 -18.52 13.43 58.03
CA GLY N 120 -17.85 12.23 58.56
C GLY N 120 -16.77 12.56 59.62
N ILE N 121 -16.15 11.53 60.15
CA ILE N 121 -15.15 11.73 61.18
C ILE N 121 -13.81 11.20 60.91
N TYR N 122 -12.87 11.80 61.63
CA TYR N 122 -11.50 11.37 61.72
C TYR N 122 -11.28 11.06 63.23
N ARG N 123 -10.59 9.95 63.50
CA ARG N 123 -10.20 9.51 64.86
C ARG N 123 -8.67 9.61 65.04
N LYS N 124 -8.27 10.40 66.01
CA LYS N 124 -6.84 10.64 66.38
C LYS N 124 -6.04 9.34 66.34
N SER N 125 -4.98 9.35 65.54
CA SER N 125 -4.18 8.17 65.30
C SER N 125 -3.00 7.96 66.27
N HIS N 126 -2.29 9.03 66.56
CA HIS N 126 -1.16 8.98 67.40
C HIS N 126 -1.57 9.54 68.74
N ILE N 127 -1.45 8.73 69.79
CA ILE N 127 -1.90 9.09 71.09
C ILE N 127 -0.71 9.38 72.05
N PRO N 128 -0.65 10.61 72.59
CA PRO N 128 0.46 11.01 73.46
C PRO N 128 0.34 10.45 74.89
N ASP N 129 1.43 10.56 75.68
CA ASP N 129 1.47 10.04 77.05
C ASP N 129 2.49 10.79 77.90
N GLY N 130 2.42 10.58 79.21
CA GLY N 130 3.34 11.19 80.13
C GLY N 130 2.63 12.21 80.97
N PRO N 131 3.30 12.69 82.01
CA PRO N 131 2.70 13.65 82.92
C PRO N 131 2.06 14.85 82.22
N GLY N 132 0.82 15.12 82.62
CA GLY N 132 0.03 16.22 82.08
C GLY N 132 -0.75 15.84 80.86
N TYR N 133 -0.29 14.81 80.14
CA TYR N 133 -0.89 14.45 78.85
C TYR N 133 -1.11 12.93 78.75
N GLU N 134 -1.81 12.39 79.74
CA GLU N 134 -2.06 10.94 79.82
C GLU N 134 -3.20 10.46 78.85
N GLU N 135 -3.09 10.80 77.55
CA GLU N 135 -4.14 10.42 76.60
C GLU N 135 -4.28 8.93 76.35
N LYS N 136 -3.19 8.18 76.52
CA LYS N 136 -3.22 6.75 76.23
C LYS N 136 -4.14 5.95 77.19
N PHE N 137 -4.49 6.57 78.29
CA PHE N 137 -5.42 5.97 79.27
C PHE N 137 -6.93 6.08 78.79
N TYR N 138 -7.22 7.08 77.95
CA TYR N 138 -8.56 7.39 77.48
C TYR N 138 -8.94 6.91 76.10
N PHE N 139 -8.00 6.96 75.17
CA PHE N 139 -8.32 6.74 73.77
C PHE N 139 -7.72 5.55 73.12
N ASN N 140 -8.55 4.73 72.48
CA ASN N 140 -8.05 3.70 71.62
C ASN N 140 -7.32 4.43 70.50
N PRO N 141 -6.21 3.87 70.04
CA PRO N 141 -5.56 4.49 68.89
C PRO N 141 -6.57 4.46 67.69
N GLY N 142 -6.68 5.59 67.00
CA GLY N 142 -7.64 5.78 65.89
C GLY N 142 -7.59 4.74 64.82
N ASP N 143 -8.76 4.37 64.32
CA ASP N 143 -8.87 3.36 63.28
C ASP N 143 -9.49 3.84 61.98
N THR N 144 -9.61 5.15 61.79
CA THR N 144 -10.13 5.67 60.52
C THR N 144 -9.05 5.79 59.48
N GLY N 145 -7.80 5.97 59.93
CA GLY N 145 -6.70 6.25 59.01
C GLY N 145 -6.76 7.73 58.69
N PHE N 146 -5.78 8.25 57.99
CA PHE N 146 -5.78 9.67 57.66
C PHE N 146 -6.80 9.94 56.55
N LYS N 147 -7.55 11.03 56.67
CA LYS N 147 -8.62 11.30 55.71
C LYS N 147 -8.57 12.72 55.09
N VAL N 148 -9.29 12.89 54.00
CA VAL N 148 -9.48 14.20 53.42
C VAL N 148 -10.95 14.37 53.14
N PHE N 149 -11.44 15.61 53.26
CA PHE N 149 -12.85 15.93 53.11
C PHE N 149 -13.03 16.96 52.06
N GLN N 150 -14.02 16.76 51.19
CA GLN N 150 -14.33 17.71 50.15
C GLN N 150 -15.39 18.63 50.74
N THR N 151 -15.01 19.86 51.00
CA THR N 151 -15.92 20.85 51.54
C THR N 151 -16.31 21.71 50.40
N LYS N 152 -17.24 22.63 50.63
CA LYS N 152 -17.65 23.54 49.60
C LYS N 152 -16.51 24.45 49.11
N TYR N 153 -15.53 24.72 49.96
CA TYR N 153 -14.45 25.63 49.58
C TYR N 153 -13.12 24.96 49.19
N ALA N 154 -12.86 23.75 49.68
CA ALA N 154 -11.60 23.11 49.48
C ALA N 154 -11.64 21.70 49.92
N LYS N 155 -10.66 20.94 49.46
CA LYS N 155 -10.44 19.59 49.90
C LYS N 155 -9.45 19.75 51.09
N ILE N 156 -9.83 19.28 52.26
CA ILE N 156 -8.99 19.54 53.43
C ILE N 156 -8.57 18.30 54.16
N GLY N 157 -7.44 18.44 54.86
CA GLY N 157 -6.91 17.41 55.71
C GLY N 157 -7.00 17.90 57.15
N VAL N 158 -7.64 17.13 58.02
CA VAL N 158 -7.77 17.49 59.41
C VAL N 158 -7.25 16.33 60.28
N ALA N 159 -6.29 16.62 61.13
CA ALA N 159 -5.81 15.62 62.12
C ALA N 159 -5.86 16.31 63.45
N ILE N 160 -5.47 15.63 64.54
CA ILE N 160 -5.64 16.16 65.88
C ILE N 160 -4.38 16.15 66.76
N CYS N 161 -4.18 17.29 67.40
CA CYS N 161 -3.06 17.56 68.31
C CYS N 161 -1.76 16.76 68.08
N TRP N 162 -1.49 15.70 68.89
CA TRP N 162 -0.23 14.89 68.77
C TRP N 162 0.07 14.50 67.28
N ASP N 163 -0.96 14.20 66.46
CA ASP N 163 -0.75 13.85 65.02
C ASP N 163 0.14 14.91 64.34
N GLN N 164 0.11 16.15 64.82
CA GLN N 164 0.86 17.23 64.19
C GLN N 164 2.37 17.05 64.25
N TRP N 165 2.83 16.11 65.05
CA TRP N 165 4.29 15.89 65.18
C TRP N 165 4.81 14.88 64.15
N PHE N 166 3.89 14.28 63.38
CA PHE N 166 4.22 13.16 62.52
C PHE N 166 4.12 13.51 61.04
N PRO N 167 5.28 13.58 60.37
CA PRO N 167 5.31 13.88 58.96
C PRO N 167 4.45 12.95 58.14
N GLU N 168 4.33 11.69 58.59
CA GLU N 168 3.54 10.71 57.89
C GLU N 168 2.09 11.13 57.74
N ALA N 169 1.53 11.76 58.77
CA ALA N 169 0.11 12.14 58.71
C ALA N 169 -0.10 13.23 57.69
N ALA N 170 0.82 14.19 57.70
CA ALA N 170 0.72 15.31 56.85
C ALA N 170 0.85 14.84 55.42
N ARG N 171 1.81 13.94 55.18
CA ARG N 171 2.06 13.44 53.84
C ARG N 171 0.87 12.60 53.32
N ALA N 172 0.31 11.76 54.21
CA ALA N 172 -0.79 10.90 53.86
C ALA N 172 -1.97 11.72 53.41
N MET N 173 -2.19 12.87 54.06
CA MET N 173 -3.31 13.72 53.71
C MET N 173 -3.05 14.47 52.36
N ALA N 174 -1.82 14.94 52.15
CA ALA N 174 -1.51 15.66 50.92
C ALA N 174 -1.51 14.69 49.74
N LEU N 175 -1.01 13.46 49.94
CA LEU N 175 -1.08 12.47 48.83
C LEU N 175 -2.51 12.23 48.36
N GLN N 176 -3.47 12.41 49.27
CA GLN N 176 -4.87 12.18 48.96
C GLN N 176 -5.56 13.43 48.47
N GLY N 177 -4.83 14.51 48.25
CA GLY N 177 -5.43 15.75 47.71
C GLY N 177 -5.75 16.86 48.70
N ALA N 178 -5.37 16.72 49.98
CA ALA N 178 -5.60 17.82 50.93
C ALA N 178 -4.90 19.11 50.39
N GLU N 179 -5.64 20.22 50.40
CA GLU N 179 -5.15 21.49 49.88
C GLU N 179 -4.74 22.41 51.00
N ILE N 180 -5.24 22.12 52.23
CA ILE N 180 -4.91 22.86 53.44
C ILE N 180 -4.99 21.82 54.58
N LEU N 181 -4.09 21.92 55.57
CA LEU N 181 -4.07 21.05 56.75
C LEU N 181 -4.49 21.82 58.01
N PHE N 182 -5.25 21.14 58.90
CA PHE N 182 -5.80 21.70 60.11
C PHE N 182 -5.47 20.80 61.28
N TYR N 183 -4.95 21.41 62.37
CA TYR N 183 -4.56 20.68 63.59
C TYR N 183 -5.05 21.40 64.88
N PRO N 184 -6.24 21.02 65.38
CA PRO N 184 -6.72 21.51 66.68
C PRO N 184 -5.79 20.94 67.77
N THR N 185 -5.38 21.77 68.68
CA THR N 185 -4.32 21.42 69.61
C THR N 185 -4.66 21.77 71.08
N ALA N 186 -4.01 21.07 72.00
CA ALA N 186 -4.04 21.43 73.42
C ALA N 186 -2.65 21.14 73.97
N ILE N 187 -1.75 22.12 73.90
CA ILE N 187 -0.39 21.92 74.36
C ILE N 187 0.11 23.13 75.17
N GLY N 188 0.87 22.83 76.21
CA GLY N 188 1.46 23.85 77.06
C GLY N 188 2.66 23.35 77.84
N SER N 189 2.81 23.86 79.05
CA SER N 189 3.86 23.41 79.93
C SER N 189 3.58 21.95 80.37
N GLU N 190 4.48 21.40 81.18
CA GLU N 190 4.39 19.99 81.64
C GLU N 190 4.60 20.00 83.12
N PRO N 191 3.61 19.45 83.89
CA PRO N 191 3.54 19.60 85.33
C PRO N 191 4.70 19.01 86.16
N HIS N 192 5.48 18.11 85.57
CA HIS N 192 6.58 17.46 86.28
C HIS N 192 7.92 18.16 86.12
N ASP N 193 8.04 19.06 85.11
CA ASP N 193 9.31 19.69 84.80
C ASP N 193 9.09 21.04 84.15
N GLN N 194 9.18 22.12 84.92
CA GLN N 194 8.96 23.46 84.39
C GLN N 194 10.05 23.99 83.44
N SER N 195 11.16 23.30 83.30
CA SER N 195 12.16 23.73 82.32
C SER N 195 11.74 23.35 80.88
N ILE N 196 10.76 22.47 80.72
CA ILE N 196 10.34 22.08 79.36
C ILE N 196 9.50 23.19 78.71
N ASP N 197 9.92 23.63 77.53
CA ASP N 197 9.19 24.69 76.79
C ASP N 197 9.23 24.28 75.33
N SER N 198 8.14 23.62 74.90
CA SER N 198 8.07 23.02 73.60
C SER N 198 7.58 23.87 72.44
N ARG N 199 7.14 25.09 72.72
CA ARG N 199 6.46 25.93 71.69
C ARG N 199 7.25 26.13 70.37
N ASP N 200 8.55 26.45 70.47
CA ASP N 200 9.37 26.63 69.26
C ASP N 200 9.56 25.35 68.49
N HIS N 201 9.73 24.24 69.23
CA HIS N 201 9.91 22.90 68.62
C HIS N 201 8.62 22.52 67.89
N TRP N 202 7.51 22.74 68.57
CA TRP N 202 6.16 22.47 68.02
C TRP N 202 5.91 23.22 66.68
N LYS N 203 6.20 24.49 66.64
CA LYS N 203 6.00 25.25 65.44
C LYS N 203 6.92 24.79 64.27
N ARG N 204 8.17 24.51 64.54
CA ARG N 204 9.11 24.13 63.51
C ARG N 204 8.74 22.83 62.83
N VAL N 205 8.23 21.88 63.63
CA VAL N 205 7.85 20.60 63.08
C VAL N 205 6.70 20.79 62.07
N MET N 206 5.67 21.53 62.46
CA MET N 206 4.53 21.81 61.60
C MET N 206 4.90 22.67 60.41
N GLN N 207 5.77 23.64 60.60
CA GLN N 207 6.20 24.43 59.50
C GLN N 207 6.86 23.54 58.46
N GLY N 208 7.51 22.48 58.97
CA GLY N 208 8.18 21.53 58.10
C GLY N 208 7.17 20.75 57.25
N HIS N 209 6.01 20.39 57.82
CA HIS N 209 4.96 19.69 57.05
C HIS N 209 4.41 20.55 55.89
N ALA N 210 4.13 21.81 56.20
CA ALA N 210 3.64 22.77 55.24
C ALA N 210 4.62 22.94 54.10
N GLY N 211 5.91 23.12 54.46
CA GLY N 211 6.96 23.26 53.49
C GLY N 211 7.28 22.03 52.63
N ALA N 212 7.22 20.84 53.23
CA ALA N 212 7.49 19.57 52.54
C ALA N 212 6.40 19.14 51.61
N ASN N 213 5.15 19.51 51.92
CA ASN N 213 3.97 19.15 51.10
C ASN N 213 3.43 20.32 50.22
N LEU N 214 3.91 21.53 50.49
CA LEU N 214 3.55 22.71 49.82
C LEU N 214 2.04 22.97 49.92
N VAL N 215 1.55 22.89 51.17
CA VAL N 215 0.20 23.24 51.52
C VAL N 215 0.17 24.18 52.75
N PRO N 216 -0.76 25.13 52.76
CA PRO N 216 -0.92 25.91 53.96
C PRO N 216 -1.37 25.01 55.16
N LEU N 217 -1.11 25.46 56.38
CA LEU N 217 -1.38 24.71 57.62
C LEU N 217 -1.91 25.67 58.69
N VAL N 218 -2.92 25.20 59.44
CA VAL N 218 -3.64 25.96 60.45
C VAL N 218 -3.61 25.18 61.77
N ALA N 219 -3.15 25.85 62.84
CA ALA N 219 -3.06 25.27 64.15
C ALA N 219 -3.75 26.20 65.18
N SER N 220 -4.74 25.66 65.89
CA SER N 220 -5.48 26.35 66.93
C SER N 220 -5.16 25.72 68.28
N ASN N 221 -4.55 26.50 69.17
CA ASN N 221 -4.18 26.02 70.47
C ASN N 221 -4.86 26.80 71.59
N ARG N 222 -5.06 26.10 72.70
CA ARG N 222 -5.66 26.62 73.91
C ARG N 222 -4.75 27.57 74.65
N ILE N 223 -5.35 28.47 75.44
CA ILE N 223 -4.62 29.33 76.36
C ILE N 223 -5.17 29.12 77.80
N GLY N 224 -4.47 29.71 78.76
CA GLY N 224 -4.86 29.70 80.16
C GLY N 224 -4.30 28.57 81.00
N ASN N 225 -4.40 28.77 82.31
CA ASN N 225 -3.98 27.78 83.32
C ASN N 225 -5.11 26.89 83.76
N GLU N 226 -4.89 25.59 83.77
CA GLU N 226 -5.92 24.62 84.20
C GLU N 226 -5.35 23.71 85.24
N ILE N 227 -6.14 23.49 86.29
CA ILE N 227 -5.74 22.70 87.47
C ILE N 227 -6.72 21.56 87.60
N ILE N 228 -6.22 20.33 87.53
CA ILE N 228 -7.04 19.16 87.57
C ILE N 228 -6.70 18.39 88.84
N GLU N 229 -7.74 17.87 89.50
CA GLU N 229 -7.53 16.98 90.65
C GLU N 229 -7.21 15.59 90.08
N THR N 230 -6.00 15.10 90.34
CA THR N 230 -5.59 13.79 89.86
C THR N 230 -5.49 12.82 91.05
N GLU N 231 -5.38 11.55 90.69
CA GLU N 231 -5.16 10.43 91.65
C GLU N 231 -4.06 10.78 92.67
N HIS N 232 -3.10 11.64 92.28
CA HIS N 232 -1.98 12.04 93.17
C HIS N 232 -2.00 13.52 93.61
N GLY N 233 -3.16 14.18 93.51
CA GLY N 233 -3.28 15.60 93.90
C GLY N 233 -3.43 16.53 92.69
N LYS N 234 -3.20 17.80 92.91
CA LYS N 234 -3.34 18.79 91.88
C LYS N 234 -2.29 18.71 90.82
N SER N 235 -2.70 18.96 89.58
CA SER N 235 -1.77 19.02 88.49
C SER N 235 -2.16 20.21 87.61
N GLU N 236 -1.14 20.99 87.27
CA GLU N 236 -1.31 22.21 86.56
C GLU N 236 -0.57 22.31 85.18
N ILE N 237 -1.27 22.82 84.19
CA ILE N 237 -0.70 23.10 82.88
C ILE N 237 -1.03 24.56 82.51
N LYS N 238 0.00 25.30 82.09
CA LYS N 238 -0.23 26.63 81.52
C LYS N 238 -0.20 26.42 79.99
N PHE N 239 -1.38 26.53 79.35
CA PHE N 239 -1.44 26.40 77.89
C PHE N 239 -0.83 27.66 77.23
N TYR N 240 0.00 27.44 76.18
CA TYR N 240 0.82 28.54 75.62
C TYR N 240 0.41 29.18 74.27
N GLY N 241 -0.81 28.91 73.85
CA GLY N 241 -1.36 29.50 72.63
C GLY N 241 -0.40 29.39 71.50
N ASN N 242 0.04 30.53 70.97
CA ASN N 242 0.85 30.49 69.76
C ASN N 242 0.09 29.79 68.59
N SER N 243 -1.23 29.91 68.56
CA SER N 243 -1.97 29.41 67.40
C SER N 243 -1.38 30.16 66.16
N PHE N 244 -1.35 29.49 65.03
CA PHE N 244 -0.78 30.13 63.87
C PHE N 244 -1.33 29.54 62.59
N ILE N 245 -1.07 30.28 61.50
CA ILE N 245 -1.35 29.87 60.14
C ILE N 245 -0.04 30.00 59.39
N ALA N 246 0.37 28.91 58.76
CA ALA N 246 1.60 28.88 57.95
C ALA N 246 1.25 28.73 56.46
N GLY N 247 2.02 29.38 55.58
CA GLY N 247 1.83 29.24 54.16
C GLY N 247 2.54 27.99 53.61
N PRO N 248 2.45 27.77 52.30
CA PRO N 248 2.99 26.52 51.68
C PRO N 248 4.51 26.38 51.59
N THR N 249 5.26 27.38 51.97
CA THR N 249 6.69 27.22 52.09
C THR N 249 7.04 27.13 53.61
N GLY N 250 6.03 27.06 54.46
CA GLY N 250 6.23 27.01 55.93
C GLY N 250 6.33 28.34 56.64
N GLU N 251 6.24 29.45 55.90
CA GLU N 251 6.31 30.80 56.50
C GLU N 251 5.08 31.03 57.39
N ILE N 252 5.27 31.60 58.58
CA ILE N 252 4.16 31.89 59.44
C ILE N 252 3.55 33.16 58.92
N VAL N 253 2.28 33.15 58.54
CA VAL N 253 1.66 34.40 58.01
C VAL N 253 0.79 35.10 59.07
N SER N 254 0.40 34.34 60.10
CA SER N 254 -0.38 34.91 61.16
C SER N 254 -0.08 34.10 62.45
N ILE N 255 0.12 34.80 63.54
CA ILE N 255 0.44 34.14 64.79
C ILE N 255 -0.07 34.93 65.99
N ALA N 256 -0.58 34.21 66.99
CA ALA N 256 -1.06 34.79 68.19
C ALA N 256 0.00 34.63 69.34
N ASP N 257 -0.12 35.42 70.41
CA ASP N 257 0.82 35.28 71.58
C ASP N 257 0.40 34.11 72.52
N ASP N 258 0.99 34.02 73.73
CA ASP N 258 0.69 32.89 74.62
C ASP N 258 -0.43 33.06 75.66
N LYS N 259 -1.21 34.12 75.51
CA LYS N 259 -2.26 34.42 76.51
C LYS N 259 -3.49 35.20 76.05
N GLU N 260 -3.47 35.82 74.88
CA GLU N 260 -4.60 36.60 74.39
C GLU N 260 -5.60 35.66 73.75
N GLU N 261 -6.85 36.07 73.78
CA GLU N 261 -7.86 35.39 73.00
C GLU N 261 -7.61 35.91 71.55
N ALA N 262 -7.69 35.05 70.53
CA ALA N 262 -7.42 35.53 69.19
C ALA N 262 -8.20 34.88 68.09
N VAL N 263 -8.32 35.64 67.02
CA VAL N 263 -8.98 35.24 65.78
C VAL N 263 -7.96 35.56 64.69
N LEU N 264 -7.36 34.53 64.14
CA LEU N 264 -6.35 34.66 63.09
C LEU N 264 -7.05 34.40 61.75
N ILE N 265 -6.69 35.21 60.74
CA ILE N 265 -7.32 35.19 59.40
C ILE N 265 -6.25 35.19 58.30
N ALA N 266 -6.35 34.26 57.36
CA ALA N 266 -5.47 34.22 56.23
C ALA N 266 -6.22 33.80 54.95
N GLU N 267 -5.92 34.49 53.84
CA GLU N 267 -6.46 34.12 52.53
C GLU N 267 -5.36 33.42 51.70
N PHE N 268 -5.72 32.31 51.07
CA PHE N 268 -4.79 31.52 50.22
C PHE N 268 -5.42 31.33 48.84
N ASN N 269 -4.60 31.42 47.78
CA ASN N 269 -5.09 31.22 46.36
C ASN N 269 -4.75 29.77 46.01
N LEU N 270 -5.74 28.89 46.15
CA LEU N 270 -5.53 27.47 46.00
C LEU N 270 -5.09 27.06 44.61
N ASP N 271 -5.47 27.79 43.58
CA ASP N 271 -5.00 27.42 42.25
C ASP N 271 -3.54 27.77 42.08
N LYS N 272 -3.12 28.93 42.59
CA LYS N 272 -1.71 29.23 42.46
C LYS N 272 -0.86 28.29 43.30
N ILE N 273 -1.33 27.89 44.46
CA ILE N 273 -0.54 27.02 45.35
C ILE N 273 -0.42 25.62 44.74
N LYS N 274 -1.55 25.08 44.25
CA LYS N 274 -1.55 23.82 43.56
C LYS N 274 -0.45 23.87 42.45
N SER N 275 -0.43 24.94 41.67
CA SER N 275 0.53 25.07 40.58
C SER N 275 1.98 25.14 41.10
N MET N 276 2.17 25.88 42.19
CA MET N 276 3.49 25.99 42.85
C MET N 276 3.93 24.61 43.39
N ARG N 277 2.99 23.89 44.00
CA ARG N 277 3.24 22.60 44.57
C ARG N 277 3.70 21.60 43.50
N HIS N 278 3.00 21.52 42.40
CA HIS N 278 3.39 20.58 41.39
C HIS N 278 4.72 20.97 40.72
N CYS N 279 4.91 22.24 40.52
CA CYS N 279 6.10 22.76 39.93
C CYS N 279 7.37 22.46 40.75
N TRP N 280 7.27 22.51 42.09
CA TRP N 280 8.44 22.23 42.93
C TRP N 280 8.91 20.78 42.72
N GLY N 281 7.99 19.91 42.33
CA GLY N 281 8.34 18.54 41.95
C GLY N 281 8.44 17.46 43.05
N VAL N 282 8.26 17.80 44.31
CA VAL N 282 8.41 16.75 45.32
C VAL N 282 7.51 15.51 45.07
N PHE N 283 6.26 15.72 44.65
CA PHE N 283 5.34 14.61 44.43
C PHE N 283 5.65 13.78 43.16
N ARG N 284 6.29 14.42 42.22
CA ARG N 284 6.75 13.74 41.01
C ARG N 284 7.96 12.85 41.31
N ASP N 285 8.77 13.24 42.28
CA ASP N 285 10.04 12.60 42.58
C ASP N 285 10.04 11.64 43.78
N ARG N 286 8.90 11.47 44.46
CA ARG N 286 8.86 10.54 45.59
C ARG N 286 9.23 9.13 45.16
N ARG N 287 9.77 8.38 46.10
CA ARG N 287 10.23 7.00 45.83
C ARG N 287 9.53 5.96 46.77
N PRO N 288 8.23 5.72 46.56
CA PRO N 288 7.55 4.77 47.41
C PRO N 288 8.16 3.38 47.37
N ASP N 289 8.85 3.03 46.30
CA ASP N 289 9.53 1.72 46.29
C ASP N 289 10.64 1.59 47.37
N LEU N 290 11.09 2.71 47.91
CA LEU N 290 12.14 2.73 48.94
C LEU N 290 11.63 3.09 50.36
N TYR N 291 10.31 3.21 50.51
CA TYR N 291 9.73 3.63 51.75
C TYR N 291 9.17 2.52 52.68
N LYS N 292 9.42 1.27 52.37
CA LYS N 292 8.90 0.17 53.17
C LYS N 292 9.30 0.18 54.64
N VAL N 293 10.51 0.70 54.94
CA VAL N 293 10.99 0.79 56.32
C VAL N 293 10.03 1.65 57.16
N LEU N 294 9.25 2.50 56.51
CA LEU N 294 8.31 3.34 57.21
C LEU N 294 7.15 2.54 57.74
N LEU N 295 7.01 1.30 57.29
CA LEU N 295 5.98 0.46 57.83
C LEU N 295 6.49 -0.42 59.00
N THR N 296 7.69 -0.10 59.52
CA THR N 296 8.23 -0.76 60.66
C THR N 296 8.23 0.28 61.78
N LEU N 297 8.37 -0.21 62.98
CA LEU N 297 8.57 0.64 64.13
C LEU N 297 10.02 0.64 64.50
N ASP N 298 10.73 -0.49 64.25
CA ASP N 298 12.10 -0.66 64.70
C ASP N 298 13.18 -0.57 63.62
N GLY N 299 12.76 -0.20 62.40
CA GLY N 299 13.70 -0.07 61.31
C GLY N 299 14.10 -1.34 60.63
N LYS N 300 13.46 -2.46 61.01
CA LYS N 300 13.75 -3.76 60.36
C LYS N 300 12.48 -4.59 60.08
N ASN N 301 11.63 -4.78 61.10
CA ASN N 301 10.44 -5.63 60.99
C ASN N 301 9.13 -4.96 60.58
N PRO N 302 8.55 -5.35 59.40
CA PRO N 302 7.24 -4.75 58.92
C PRO N 302 6.14 -5.13 59.89
N VAL N 303 5.31 -4.18 60.31
CA VAL N 303 4.20 -4.53 61.22
C VAL N 303 3.16 -5.42 60.53
N LEU N 304 2.47 -6.23 61.33
CA LEU N 304 1.43 -7.13 60.80
C LEU N 304 0.20 -6.41 60.17
N ASP O 7 -0.62 -43.41 80.95
CA ASP O 7 0.77 -43.89 81.28
C ASP O 7 1.79 -43.90 80.07
N LYS O 8 1.30 -43.72 78.83
CA LYS O 8 2.17 -43.66 77.61
C LYS O 8 1.92 -42.34 76.91
N GLY O 9 2.97 -41.80 76.26
CA GLY O 9 2.90 -40.52 75.53
C GLY O 9 3.88 -39.51 76.13
N ARG O 10 4.04 -38.35 75.49
CA ARG O 10 4.98 -37.32 75.98
C ARG O 10 4.60 -36.71 77.32
N LYS O 11 5.52 -36.76 78.29
CA LYS O 11 5.31 -36.16 79.62
C LYS O 11 6.27 -35.01 79.91
N VAL O 12 5.72 -33.82 80.01
CA VAL O 12 6.48 -32.63 80.29
C VAL O 12 6.13 -32.10 81.67
N VAL O 13 7.16 -31.75 82.44
CA VAL O 13 6.98 -31.18 83.80
C VAL O 13 7.21 -29.68 83.66
N VAL O 14 6.28 -28.88 84.22
CA VAL O 14 6.36 -27.39 84.14
C VAL O 14 6.52 -26.76 85.52
N SER O 15 7.10 -25.56 85.53
CA SER O 15 7.34 -24.87 86.79
C SER O 15 7.00 -23.43 86.70
N ALA O 16 6.33 -22.97 87.75
CA ALA O 16 6.05 -21.59 87.95
C ALA O 16 6.92 -21.13 89.14
N LEU O 17 7.73 -20.08 88.91
CA LEU O 17 8.55 -19.54 90.00
C LEU O 17 7.90 -18.23 90.50
N GLN O 18 8.11 -17.95 91.79
CA GLN O 18 7.58 -16.76 92.44
C GLN O 18 8.62 -16.20 93.44
N PHE O 19 9.02 -14.93 93.27
CA PHE O 19 10.03 -14.34 94.14
C PHE O 19 10.04 -12.83 94.18
N ALA O 20 10.82 -12.32 95.14
CA ALA O 20 10.97 -10.91 95.38
C ALA O 20 12.21 -10.35 94.66
N CYS O 21 12.05 -9.13 94.16
CA CYS O 21 13.11 -8.46 93.47
C CYS O 21 13.65 -7.23 94.21
N THR O 22 14.98 -7.04 94.14
CA THR O 22 15.59 -5.79 94.54
C THR O 22 15.70 -4.97 93.21
N ASP O 23 16.28 -3.78 93.28
CA ASP O 23 16.45 -3.01 92.04
C ASP O 23 17.91 -3.14 91.52
N ASP O 24 18.45 -4.34 91.70
CA ASP O 24 19.80 -4.66 91.32
C ASP O 24 19.79 -5.93 90.41
N VAL O 25 20.15 -5.77 89.12
CA VAL O 25 20.13 -6.91 88.14
C VAL O 25 20.87 -8.17 88.66
N SER O 26 22.12 -7.99 89.09
CA SER O 26 22.93 -9.11 89.51
C SER O 26 22.34 -9.92 90.67
N THR O 27 21.63 -9.27 91.61
CA THR O 27 20.98 -10.01 92.72
C THR O 27 19.77 -10.81 92.20
N ASN O 28 19.01 -10.20 91.27
CA ASN O 28 17.76 -10.81 90.76
C ASN O 28 18.01 -12.02 89.89
N VAL O 29 18.97 -11.89 88.98
CA VAL O 29 19.38 -13.00 88.13
C VAL O 29 19.96 -14.14 89.00
N THR O 30 20.65 -13.79 90.10
CA THR O 30 21.20 -14.79 91.00
C THR O 30 20.02 -15.52 91.65
N THR O 31 18.96 -14.77 91.99
CA THR O 31 17.73 -15.37 92.59
C THR O 31 17.04 -16.29 91.63
N ALA O 32 16.87 -15.81 90.38
CA ALA O 32 16.27 -16.64 89.34
C ALA O 32 17.08 -17.94 89.13
N GLU O 33 18.40 -17.83 88.98
CA GLU O 33 19.21 -19.01 88.73
CA GLU O 33 19.26 -19.02 88.75
C GLU O 33 19.06 -20.02 89.85
N ARG O 34 18.95 -19.55 91.09
CA ARG O 34 18.79 -20.46 92.30
C ARG O 34 17.41 -21.16 92.27
N LEU O 35 16.39 -20.45 91.81
CA LEU O 35 15.05 -21.06 91.76
C LEU O 35 14.96 -22.02 90.59
N VAL O 36 15.50 -21.62 89.43
CA VAL O 36 15.52 -22.48 88.28
C VAL O 36 16.21 -23.77 88.58
N ARG O 37 17.29 -23.70 89.36
CA ARG O 37 18.04 -24.91 89.75
C ARG O 37 17.22 -25.78 90.66
N ALA O 38 16.38 -25.14 91.48
CA ALA O 38 15.52 -25.86 92.42
C ALA O 38 14.41 -26.52 91.61
N ALA O 39 13.88 -25.80 90.63
CA ALA O 39 12.82 -26.36 89.77
C ALA O 39 13.33 -27.66 89.13
N HIS O 40 14.55 -27.59 88.60
CA HIS O 40 15.14 -28.68 87.84
C HIS O 40 15.38 -29.89 88.69
N LYS O 41 15.79 -29.69 89.95
CA LYS O 41 15.98 -30.78 90.93
C LYS O 41 14.66 -31.52 91.21
N GLN O 42 13.53 -30.80 91.13
CA GLN O 42 12.18 -31.42 91.30
C GLN O 42 11.59 -32.01 89.95
N GLY O 43 12.38 -32.04 88.87
CA GLY O 43 11.99 -32.69 87.62
C GLY O 43 11.50 -31.82 86.48
N ALA O 44 11.49 -30.50 86.69
CA ALA O 44 11.00 -29.57 85.69
C ALA O 44 11.81 -29.56 84.33
N ASN O 45 11.06 -29.50 83.22
CA ASN O 45 11.60 -29.47 81.89
C ASN O 45 11.50 -28.06 81.35
N ILE O 46 10.52 -27.32 81.83
CA ILE O 46 10.30 -25.93 81.39
C ILE O 46 10.06 -25.11 82.64
N VAL O 47 10.82 -24.03 82.80
CA VAL O 47 10.72 -23.20 84.02
C VAL O 47 10.34 -21.75 83.67
N LEU O 48 9.30 -21.22 84.30
CA LEU O 48 8.82 -19.86 83.99
C LEU O 48 9.12 -18.84 85.05
N ILE O 49 9.95 -17.85 84.68
CA ILE O 49 10.32 -16.73 85.54
C ILE O 49 9.42 -15.48 85.31
N GLN O 50 8.96 -14.86 86.42
CA GLN O 50 8.05 -13.65 86.39
C GLN O 50 8.52 -12.45 85.50
N GLU O 51 7.59 -11.56 85.18
CA GLU O 51 7.84 -10.43 84.28
C GLU O 51 8.88 -9.43 84.79
N LEU O 52 9.77 -9.05 83.88
CA LEU O 52 10.77 -8.01 84.11
C LEU O 52 11.51 -8.17 85.48
N PHE O 53 11.90 -9.43 85.76
CA PHE O 53 12.55 -9.87 87.03
C PHE O 53 13.93 -9.23 87.27
N GLU O 54 14.55 -8.70 86.23
CA GLU O 54 15.85 -8.03 86.34
C GLU O 54 15.88 -6.85 87.35
N GLY O 55 14.72 -6.28 87.64
CA GLY O 55 14.65 -5.14 88.58
C GLY O 55 13.26 -4.97 89.22
N TYR O 56 13.08 -3.85 89.92
CA TYR O 56 11.78 -3.48 90.45
C TYR O 56 10.84 -3.21 89.25
N TYR O 57 9.54 -3.35 89.49
CA TYR O 57 8.57 -3.00 88.48
C TYR O 57 8.55 -1.46 88.42
N PHE O 58 9.35 -0.93 87.50
CA PHE O 58 9.59 0.53 87.40
C PHE O 58 8.47 1.33 86.78
N CYS O 59 7.49 0.63 86.15
CA CYS O 59 6.43 1.32 85.43
C CYS O 59 5.46 2.09 86.35
N GLN O 60 5.69 2.09 87.67
CA GLN O 60 4.89 2.95 88.56
C GLN O 60 5.12 4.41 88.19
N ALA O 61 6.33 4.67 87.70
CA ALA O 61 6.74 6.00 87.28
C ALA O 61 6.71 6.12 85.74
N GLN O 62 6.66 7.35 85.28
CA GLN O 62 6.78 7.71 83.86
C GLN O 62 8.02 8.66 83.83
N ARG O 63 9.21 8.05 83.80
CA ARG O 63 10.48 8.79 83.90
C ARG O 63 11.34 8.55 82.68
N GLU O 64 11.88 9.65 82.17
CA GLU O 64 12.81 9.66 81.01
C GLU O 64 13.98 8.69 81.23
N ASP O 65 14.60 8.76 82.41
CA ASP O 65 15.76 7.91 82.66
C ASP O 65 15.42 6.42 82.73
N PHE O 66 14.20 6.05 83.11
CA PHE O 66 13.84 4.62 83.17
C PHE O 66 13.70 3.96 81.81
N ILE O 67 13.43 4.74 80.77
CA ILE O 67 13.40 4.19 79.44
C ILE O 67 14.78 3.62 79.08
N GLN O 68 15.84 4.31 79.50
CA GLN O 68 17.18 3.88 79.17
C GLN O 68 17.64 2.60 79.87
N ARG O 69 16.75 1.98 80.66
CA ARG O 69 17.00 0.65 81.20
C ARG O 69 16.94 -0.41 80.12
N ALA O 70 16.28 -0.08 79.00
CA ALA O 70 16.13 -1.07 77.96
C ALA O 70 17.49 -1.41 77.36
N LYS O 71 17.62 -2.63 76.88
CA LYS O 71 18.82 -3.09 76.21
C LYS O 71 18.43 -3.86 74.93
N PRO O 72 19.33 -3.88 73.94
CA PRO O 72 19.00 -4.64 72.76
C PRO O 72 18.87 -6.13 73.06
N TYR O 73 18.15 -6.78 72.17
CA TYR O 73 17.99 -8.21 72.18
C TYR O 73 19.33 -8.93 71.84
N LYS O 74 20.13 -8.35 70.94
CA LYS O 74 21.39 -8.98 70.55
C LYS O 74 22.43 -8.84 71.68
N ASP O 75 23.08 -9.98 71.97
CA ASP O 75 24.12 -10.11 73.02
C ASP O 75 23.64 -9.58 74.36
N HIS O 76 22.41 -9.92 74.74
CA HIS O 76 21.86 -9.43 75.98
C HIS O 76 22.50 -10.19 77.15
N PRO O 77 23.09 -9.47 78.12
CA PRO O 77 23.83 -10.16 79.18
C PRO O 77 23.00 -11.12 80.04
N THR O 78 21.77 -10.78 80.34
CA THR O 78 20.90 -11.70 81.12
C THR O 78 20.50 -12.91 80.28
N ILE O 79 20.13 -12.68 79.00
CA ILE O 79 19.76 -13.79 78.13
C ILE O 79 20.97 -14.74 77.98
N MET O 80 22.14 -14.19 77.67
CA MET O 80 23.37 -14.99 77.49
C MET O 80 23.70 -15.87 78.71
N ARG O 81 23.55 -15.27 79.89
CA ARG O 81 23.81 -15.93 81.17
C ARG O 81 22.76 -17.02 81.49
N LEU O 82 21.50 -16.82 81.13
CA LEU O 82 20.49 -17.88 81.38
C LEU O 82 20.56 -18.94 80.28
N GLN O 83 21.12 -18.54 79.13
CA GLN O 83 21.36 -19.49 78.06
C GLN O 83 22.31 -20.59 78.57
N LYS O 84 23.36 -20.17 79.28
CA LYS O 84 24.33 -21.13 79.83
C LYS O 84 23.68 -22.08 80.84
N LEU O 85 22.78 -21.54 81.65
CA LEU O 85 22.04 -22.33 82.64
C LEU O 85 21.09 -23.35 81.94
N ALA O 86 20.41 -22.89 80.86
CA ALA O 86 19.44 -23.74 80.14
C ALA O 86 20.14 -25.00 79.56
N LYS O 87 21.32 -24.78 78.97
CA LYS O 87 22.09 -25.84 78.33
C LYS O 87 22.64 -26.82 79.37
N GLU O 88 23.18 -26.28 80.47
CA GLU O 88 23.73 -27.09 81.58
C GLU O 88 22.64 -28.05 82.19
N LEU O 89 21.42 -27.55 82.36
CA LEU O 89 20.33 -28.32 83.01
C LEU O 89 19.44 -29.08 82.07
N GLY O 90 19.39 -28.68 80.81
CA GLY O 90 18.45 -29.30 79.86
C GLY O 90 17.02 -28.85 80.19
N VAL O 91 16.86 -27.54 80.42
CA VAL O 91 15.56 -26.96 80.70
C VAL O 91 15.30 -25.76 79.78
N VAL O 92 14.02 -25.56 79.50
CA VAL O 92 13.56 -24.45 78.70
C VAL O 92 13.28 -23.27 79.63
N ILE O 93 13.82 -22.12 79.26
CA ILE O 93 13.69 -20.89 80.05
C ILE O 93 13.28 -19.64 79.19
N PRO O 94 12.01 -19.24 79.23
CA PRO O 94 11.59 -17.94 78.68
C PRO O 94 12.19 -16.76 79.52
N VAL O 95 12.84 -15.81 78.85
CA VAL O 95 13.52 -14.69 79.54
C VAL O 95 12.87 -13.30 79.22
N SER O 96 12.10 -12.78 80.19
CA SER O 96 11.48 -11.47 80.13
C SER O 96 12.53 -10.38 80.26
N PHE O 97 12.49 -9.43 79.34
CA PHE O 97 13.43 -8.30 79.38
C PHE O 97 12.88 -7.05 78.65
N PHE O 98 13.41 -5.89 79.03
CA PHE O 98 13.03 -4.61 78.42
C PHE O 98 13.93 -4.43 77.24
N GLU O 99 13.33 -4.48 76.04
CA GLU O 99 14.04 -4.40 74.77
C GLU O 99 14.10 -3.02 74.11
N GLU O 100 15.30 -2.67 73.64
CA GLU O 100 15.55 -1.49 72.80
C GLU O 100 15.80 -2.01 71.35
N ALA O 101 15.12 -1.42 70.38
CA ALA O 101 15.26 -1.80 68.94
C ALA O 101 15.27 -0.50 68.13
N ASN O 102 16.48 0.05 68.03
CA ASN O 102 16.72 1.38 67.55
C ASN O 102 15.86 2.37 68.38
N ASN O 103 14.93 3.09 67.76
CA ASN O 103 14.09 4.01 68.53
C ASN O 103 12.83 3.38 69.08
N ALA O 104 12.54 2.11 68.77
CA ALA O 104 11.38 1.42 69.36
C ALA O 104 11.80 0.72 70.65
N HIS O 105 10.84 0.42 71.52
CA HIS O 105 11.07 -0.24 72.79
C HIS O 105 9.92 -1.22 73.02
N TYR O 106 10.22 -2.39 73.55
CA TYR O 106 9.17 -3.35 73.76
C TYR O 106 9.35 -4.07 75.07
N ASN O 107 8.23 -4.59 75.59
CA ASN O 107 8.24 -5.45 76.76
C ASN O 107 8.36 -6.84 76.08
N SER O 108 9.51 -7.50 76.26
CA SER O 108 9.84 -8.68 75.44
C SER O 108 10.22 -9.94 76.18
N ILE O 109 10.22 -11.04 75.43
CA ILE O 109 10.58 -12.31 75.97
C ILE O 109 11.25 -13.23 74.93
N ALA O 110 12.48 -13.63 75.27
CA ALA O 110 13.30 -14.57 74.44
C ALA O 110 13.18 -16.02 75.01
N ILE O 111 12.85 -16.96 74.10
CA ILE O 111 12.64 -18.38 74.45
C ILE O 111 13.92 -19.22 74.24
N ILE O 112 14.56 -19.62 75.35
CA ILE O 112 15.75 -20.44 75.30
C ILE O 112 15.38 -21.93 75.43
N ASP O 113 15.86 -22.74 74.48
CA ASP O 113 15.55 -24.17 74.43
C ASP O 113 16.47 -25.02 75.40
N ALA O 114 16.15 -26.32 75.57
CA ALA O 114 16.92 -27.22 76.45
C ALA O 114 18.41 -27.41 76.06
N ASP O 115 18.74 -27.13 74.82
CA ASP O 115 20.14 -27.20 74.35
C ASP O 115 20.82 -25.82 74.40
N GLY O 116 20.09 -24.81 74.88
CA GLY O 116 20.63 -23.46 75.02
C GLY O 116 20.41 -22.51 73.87
N THR O 117 19.79 -23.03 72.80
CA THR O 117 19.54 -22.25 71.61
C THR O 117 18.49 -21.13 71.87
N ASP O 118 18.75 -19.93 71.34
CA ASP O 118 17.78 -18.80 71.41
C ASP O 118 16.82 -19.03 70.25
N LEU O 119 15.58 -19.46 70.56
CA LEU O 119 14.57 -19.77 69.51
C LEU O 119 13.90 -18.53 68.89
N GLY O 120 14.00 -17.39 69.56
CA GLY O 120 13.37 -16.19 69.06
C GLY O 120 12.69 -15.41 70.16
N ILE O 121 11.94 -14.40 69.76
CA ILE O 121 11.40 -13.45 70.69
C ILE O 121 9.88 -13.20 70.49
N TYR O 122 9.17 -12.89 71.58
CA TYR O 122 7.74 -12.50 71.51
C TYR O 122 7.70 -11.06 72.13
N ARG O 123 6.99 -10.15 71.44
CA ARG O 123 6.86 -8.75 71.91
C ARG O 123 5.43 -8.51 72.47
N LYS O 124 5.34 -8.10 73.75
CA LYS O 124 4.04 -7.88 74.41
C LYS O 124 3.09 -7.08 73.48
N SER O 125 1.90 -7.65 73.23
CA SER O 125 0.95 -7.08 72.31
C SER O 125 -0.02 -6.06 72.97
N HIS O 126 -0.66 -6.46 74.05
CA HIS O 126 -1.60 -5.61 74.83
C HIS O 126 -0.82 -4.95 75.98
N ILE O 127 -0.81 -3.63 75.99
CA ILE O 127 -0.03 -2.85 76.98
C ILE O 127 -0.92 -2.17 78.00
N PRO O 128 -0.74 -2.50 79.31
CA PRO O 128 -1.59 -1.92 80.34
C PRO O 128 -1.30 -0.43 80.57
N ASP O 129 -2.22 0.25 81.27
CA ASP O 129 -2.04 1.65 81.62
C ASP O 129 -2.80 1.99 82.92
N GLY O 130 -2.40 3.09 83.56
CA GLY O 130 -3.05 3.57 84.77
C GLY O 130 -2.10 3.60 85.96
N PRO O 131 -2.50 4.28 87.05
CA PRO O 131 -1.65 4.44 88.24
C PRO O 131 -1.07 3.13 88.68
N GLY O 132 0.25 3.10 88.78
CA GLY O 132 1.00 1.93 89.19
C GLY O 132 1.57 1.10 88.05
N TYR O 133 0.86 1.13 86.90
CA TYR O 133 1.14 0.29 85.72
C TYR O 133 1.14 1.09 84.46
N GLU O 134 2.04 2.06 84.42
CA GLU O 134 2.14 3.02 83.28
C GLU O 134 2.96 2.42 82.14
N GLU O 135 2.59 1.23 81.70
CA GLU O 135 3.39 0.55 80.72
C GLU O 135 3.31 1.17 79.33
N LYS O 136 2.20 1.83 78.99
CA LYS O 136 2.04 2.48 77.65
C LYS O 136 3.06 3.64 77.40
N PHE O 137 3.67 4.13 78.48
CA PHE O 137 4.65 5.19 78.43
C PHE O 137 5.97 4.59 77.94
N TYR O 138 6.17 3.31 78.21
CA TYR O 138 7.47 2.66 77.91
C TYR O 138 7.54 1.84 76.67
N PHE O 139 6.48 1.09 76.37
CA PHE O 139 6.56 0.11 75.32
C PHE O 139 5.71 0.37 74.11
N ASN O 140 6.31 0.25 72.91
CA ASN O 140 5.51 0.24 71.69
C ASN O 140 4.64 -1.02 71.82
N PRO O 141 3.39 -0.97 71.34
CA PRO O 141 2.66 -2.23 71.31
C PRO O 141 3.44 -3.20 70.40
N GLY O 142 3.55 -4.44 70.83
CA GLY O 142 4.27 -5.49 70.06
C GLY O 142 3.86 -5.69 68.59
N ASP O 143 4.85 -5.99 67.79
CA ASP O 143 4.67 -6.20 66.41
C ASP O 143 5.04 -7.61 65.89
N THR O 144 5.30 -8.54 66.78
CA THR O 144 5.60 -9.91 66.35
C THR O 144 4.37 -10.68 66.10
N GLY O 145 3.25 -10.20 66.64
CA GLY O 145 2.02 -11.02 66.68
C GLY O 145 2.29 -12.16 67.71
N PHE O 146 1.27 -12.98 67.93
CA PHE O 146 1.35 -14.14 68.87
C PHE O 146 2.12 -15.26 68.21
N LYS O 147 2.95 -15.92 69.00
CA LYS O 147 3.84 -16.97 68.50
C LYS O 147 3.82 -18.21 69.33
N VAL O 148 4.24 -19.29 68.69
CA VAL O 148 4.39 -20.59 69.34
C VAL O 148 5.78 -21.07 69.00
N PHE O 149 6.48 -21.56 70.00
CA PHE O 149 7.83 -22.02 69.85
C PHE O 149 7.90 -23.50 70.06
N GLN O 150 8.59 -24.17 69.11
CA GLN O 150 8.84 -25.61 69.18
C GLN O 150 10.13 -25.82 70.01
N THR O 151 9.98 -26.30 71.24
CA THR O 151 11.12 -26.61 72.12
C THR O 151 11.36 -28.12 72.07
N LYS O 152 12.38 -28.60 72.79
CA LYS O 152 12.68 -30.04 72.85
C LYS O 152 11.57 -30.84 73.57
N TYR O 153 10.78 -30.19 74.41
CA TYR O 153 9.72 -30.89 75.15
C TYR O 153 8.31 -30.69 74.65
N ALA O 154 8.03 -29.61 73.87
CA ALA O 154 6.66 -29.30 73.41
C ALA O 154 6.61 -28.07 72.60
N LYS O 155 5.43 -27.82 72.02
CA LYS O 155 5.12 -26.55 71.36
C LYS O 155 4.49 -25.68 72.43
N ILE O 156 5.09 -24.52 72.69
CA ILE O 156 4.58 -23.67 73.75
C ILE O 156 4.19 -22.30 73.24
N GLY O 157 3.15 -21.75 73.88
CA GLY O 157 2.70 -20.38 73.63
C GLY O 157 3.13 -19.53 74.83
N VAL O 158 3.93 -18.49 74.57
CA VAL O 158 4.37 -17.57 75.61
C VAL O 158 3.88 -16.14 75.30
N ALA O 159 3.19 -15.54 76.25
CA ALA O 159 2.78 -14.16 76.14
C ALA O 159 3.11 -13.50 77.46
N ILE O 160 2.84 -12.22 77.59
CA ILE O 160 3.36 -11.49 78.72
C ILE O 160 2.29 -10.73 79.43
N CYS O 161 2.29 -10.88 80.77
CA CYS O 161 1.41 -10.21 81.76
C CYS O 161 0.01 -9.78 81.23
N TRP O 162 -0.23 -8.48 81.03
CA TRP O 162 -1.54 -7.98 80.48
C TRP O 162 -2.15 -8.86 79.32
N ASP O 163 -1.30 -9.54 78.54
CA ASP O 163 -1.80 -10.43 77.46
C ASP O 163 -2.75 -11.49 78.02
N GLN O 164 -2.52 -11.89 79.25
CA GLN O 164 -3.28 -12.96 79.86
C GLN O 164 -4.76 -12.65 80.08
N TRP O 165 -5.17 -11.41 79.92
CA TRP O 165 -6.61 -11.03 80.10
C TRP O 165 -7.46 -11.17 78.80
N PHE O 166 -6.78 -11.43 77.69
CA PHE O 166 -7.40 -11.46 76.37
C PHE O 166 -7.63 -12.84 75.81
N PRO O 167 -8.90 -13.26 75.71
CA PRO O 167 -9.13 -14.56 75.13
C PRO O 167 -8.53 -14.70 73.73
N GLU O 168 -8.38 -13.60 73.00
CA GLU O 168 -7.83 -13.68 71.64
C GLU O 168 -6.38 -14.23 71.62
N ALA O 169 -5.54 -13.75 72.54
CA ALA O 169 -4.13 -14.20 72.65
C ALA O 169 -4.02 -15.74 72.85
N ALA O 170 -4.74 -16.24 73.86
CA ALA O 170 -4.78 -17.68 74.15
C ALA O 170 -5.26 -18.50 72.95
N ARG O 171 -6.32 -18.04 72.29
CA ARG O 171 -6.89 -18.79 71.18
C ARG O 171 -5.89 -18.80 69.98
N ALA O 172 -5.32 -17.64 69.71
CA ALA O 172 -4.39 -17.53 68.60
C ALA O 172 -3.22 -18.49 68.80
N MET O 173 -2.69 -18.58 70.03
CA MET O 173 -1.59 -19.48 70.33
C MET O 173 -2.05 -20.93 70.21
N ALA O 174 -3.22 -21.24 70.75
CA ALA O 174 -3.77 -22.60 70.64
C ALA O 174 -3.97 -22.95 69.16
N LEU O 175 -4.57 -22.02 68.41
CA LEU O 175 -4.77 -22.23 66.97
C LEU O 175 -3.48 -22.56 66.21
N GLN O 176 -2.39 -21.94 66.65
CA GLN O 176 -1.08 -22.17 66.04
C GLN O 176 -0.33 -23.44 66.58
N GLY O 177 -1.01 -24.27 67.39
CA GLY O 177 -0.42 -25.53 67.89
C GLY O 177 0.16 -25.56 69.33
N ALA O 178 -0.03 -24.51 70.14
CA ALA O 178 0.49 -24.47 71.51
C ALA O 178 -0.15 -25.58 72.34
N GLU O 179 0.70 -26.29 73.09
CA GLU O 179 0.26 -27.41 73.94
C GLU O 179 0.23 -26.95 75.36
N ILE O 180 0.88 -25.83 75.64
CA ILE O 180 0.94 -25.23 77.00
C ILE O 180 1.07 -23.69 76.82
N LEU O 181 0.37 -22.95 77.66
CA LEU O 181 0.43 -21.50 77.69
C LEU O 181 1.22 -21.00 78.95
N PHE O 182 2.09 -20.02 78.74
CA PHE O 182 2.92 -19.41 79.81
C PHE O 182 2.74 -17.90 79.82
N TYR O 183 2.51 -17.37 81.01
CA TYR O 183 2.29 -15.98 81.24
C TYR O 183 3.15 -15.42 82.44
N PRO O 184 4.35 -14.89 82.15
CA PRO O 184 5.11 -14.20 83.18
C PRO O 184 4.41 -12.86 83.52
N THR O 185 4.20 -12.62 84.83
CA THR O 185 3.35 -11.53 85.36
C THR O 185 3.97 -10.63 86.48
N ALA O 186 3.48 -9.38 86.55
CA ALA O 186 3.81 -8.44 87.68
C ALA O 186 2.53 -7.71 88.03
N ILE O 187 1.73 -8.26 88.93
CA ILE O 187 0.43 -7.63 89.23
C ILE O 187 0.24 -7.63 90.72
N GLY O 188 -0.35 -6.57 91.26
CA GLY O 188 -0.55 -6.47 92.72
C GLY O 188 -1.60 -5.44 93.01
N SER O 189 -1.43 -4.73 94.12
CA SER O 189 -2.33 -3.65 94.46
C SER O 189 -2.17 -2.48 93.46
N GLU O 190 -3.04 -1.50 93.63
CA GLU O 190 -3.07 -0.33 92.79
C GLU O 190 -2.95 0.86 93.72
N PRO O 191 -1.91 1.72 93.50
CA PRO O 191 -1.54 2.81 94.46
C PRO O 191 -2.53 3.93 94.68
N HIS O 192 -3.44 4.11 93.73
CA HIS O 192 -4.49 5.15 93.87
C HIS O 192 -5.75 4.71 94.63
N ASP O 193 -5.89 3.40 94.87
CA ASP O 193 -7.14 2.87 95.42
C ASP O 193 -6.88 1.51 96.04
N GLN O 194 -6.74 1.52 97.35
CA GLN O 194 -6.45 0.27 98.12
C GLN O 194 -7.61 -0.77 98.14
N SER O 195 -8.84 -0.34 97.79
CA SER O 195 -10.00 -1.26 97.70
C SER O 195 -9.96 -2.15 96.43
N ILE O 196 -9.09 -1.85 95.46
CA ILE O 196 -8.98 -2.68 94.26
C ILE O 196 -8.12 -3.94 94.53
N ASP O 197 -8.77 -5.11 94.43
CA ASP O 197 -8.14 -6.41 94.66
C ASP O 197 -8.50 -7.30 93.47
N SER O 198 -7.57 -7.40 92.53
CA SER O 198 -7.81 -8.11 91.28
C SER O 198 -7.45 -9.61 91.28
N ARG O 199 -6.91 -10.14 92.35
CA ARG O 199 -6.40 -11.52 92.29
C ARG O 199 -7.38 -12.62 91.83
N ASP O 200 -8.64 -12.59 92.31
CA ASP O 200 -9.60 -13.63 91.95
C ASP O 200 -10.08 -13.50 90.52
N HIS O 201 -10.26 -12.26 90.10
CA HIS O 201 -10.68 -11.93 88.73
C HIS O 201 -9.62 -12.34 87.72
N TRP O 202 -8.36 -12.08 88.09
CA TRP O 202 -7.13 -12.46 87.28
C TRP O 202 -7.01 -13.97 87.11
N LYS O 203 -7.16 -14.70 88.21
CA LYS O 203 -7.16 -16.16 88.13
C LYS O 203 -8.30 -16.67 87.22
N ARG O 204 -9.53 -16.21 87.44
CA ARG O 204 -10.71 -16.66 86.64
C ARG O 204 -10.59 -16.48 85.14
N VAL O 205 -9.99 -15.38 84.72
CA VAL O 205 -9.87 -15.10 83.31
C VAL O 205 -8.92 -16.10 82.63
N MET O 206 -7.79 -16.40 83.31
CA MET O 206 -6.79 -17.33 82.75
C MET O 206 -7.30 -18.76 82.78
N GLN O 207 -8.02 -19.11 83.87
CA GLN O 207 -8.64 -20.45 83.98
C GLN O 207 -9.65 -20.64 82.84
N GLY O 208 -10.34 -19.57 82.49
CA GLY O 208 -11.26 -19.59 81.36
C GLY O 208 -10.58 -19.88 80.01
N HIS O 209 -9.37 -19.29 79.79
CA HIS O 209 -8.57 -19.56 78.56
C HIS O 209 -8.18 -21.04 78.49
N ALA O 210 -7.69 -21.55 79.63
CA ALA O 210 -7.27 -22.93 79.73
C ALA O 210 -8.42 -23.84 79.31
N GLY O 211 -9.61 -23.60 79.86
CA GLY O 211 -10.78 -24.46 79.61
C GLY O 211 -11.42 -24.35 78.25
N ALA O 212 -11.36 -23.17 77.62
CA ALA O 212 -11.90 -22.97 76.27
C ALA O 212 -11.01 -23.56 75.19
N ASN O 213 -9.70 -23.61 75.46
CA ASN O 213 -8.73 -24.14 74.48
C ASN O 213 -8.25 -25.53 74.78
N LEU O 214 -8.51 -26.01 76.01
CA LEU O 214 -8.06 -27.34 76.46
C LEU O 214 -6.53 -27.48 76.49
N VAL O 215 -5.89 -26.52 77.11
CA VAL O 215 -4.46 -26.57 77.28
C VAL O 215 -4.08 -26.13 78.71
N PRO O 216 -3.06 -26.78 79.28
CA PRO O 216 -2.63 -26.35 80.60
C PRO O 216 -2.05 -24.95 80.53
N LEU O 217 -1.99 -24.30 81.68
CA LEU O 217 -1.51 -22.95 81.74
C LEU O 217 -0.70 -22.68 83.01
N VAL O 218 0.35 -21.88 82.85
CA VAL O 218 1.30 -21.50 83.87
C VAL O 218 1.45 -19.96 83.96
N ALA O 219 1.24 -19.44 85.17
CA ALA O 219 1.41 -18.01 85.48
C ALA O 219 2.35 -17.86 86.69
N SER O 220 3.44 -17.13 86.48
CA SER O 220 4.45 -16.80 87.51
C SER O 220 4.32 -15.31 87.85
N ASN O 221 3.85 -14.99 89.04
CA ASN O 221 3.71 -13.60 89.43
C ASN O 221 4.71 -13.26 90.61
N ARG O 222 5.01 -11.97 90.72
CA ARG O 222 5.88 -11.37 91.73
C ARG O 222 5.21 -11.29 93.11
N ILE O 223 6.08 -11.17 94.13
CA ILE O 223 5.68 -10.92 95.51
C ILE O 223 6.48 -9.73 96.06
N GLY O 224 6.10 -9.28 97.26
CA GLY O 224 6.80 -8.21 97.98
C GLY O 224 6.40 -6.78 97.64
N ASN O 225 6.66 -5.89 98.58
CA ASN O 225 6.41 -4.48 98.38
C ASN O 225 7.57 -3.80 97.66
N GLU O 226 7.22 -2.81 96.87
CA GLU O 226 8.18 -2.05 96.07
C GLU O 226 7.74 -0.60 96.04
N ILE O 227 8.62 0.28 96.47
CA ILE O 227 8.41 1.71 96.46
C ILE O 227 9.27 2.28 95.30
N ILE O 228 8.62 2.94 94.34
CA ILE O 228 9.30 3.65 93.25
C ILE O 228 9.20 5.16 93.48
N GLU O 229 10.31 5.88 93.31
CA GLU O 229 10.28 7.36 93.35
C GLU O 229 9.76 7.84 91.96
N THR O 230 8.46 8.15 91.89
CA THR O 230 7.88 8.67 90.65
C THR O 230 8.12 10.17 90.60
N GLU O 231 7.81 10.71 89.43
CA GLU O 231 7.89 12.11 89.17
C GLU O 231 6.94 12.93 90.07
N HIS O 232 5.96 12.29 90.71
CA HIS O 232 5.04 13.00 91.67
C HIS O 232 5.11 12.45 93.11
N GLY O 233 6.27 11.90 93.50
CA GLY O 233 6.49 11.36 94.85
C GLY O 233 6.55 9.83 94.82
N LYS O 234 6.70 9.24 95.99
CA LYS O 234 6.75 7.79 96.13
C LYS O 234 5.43 7.08 95.82
N SER O 235 5.54 5.91 95.22
CA SER O 235 4.38 5.11 94.84
C SER O 235 4.69 3.67 95.16
N GLU O 236 3.71 3.02 95.78
CA GLU O 236 3.89 1.68 96.32
C GLU O 236 2.86 0.66 95.80
N ILE O 237 3.36 -0.53 95.45
CA ILE O 237 2.52 -1.66 95.09
C ILE O 237 2.94 -2.82 95.99
N LYS O 238 1.95 -3.56 96.47
CA LYS O 238 2.19 -4.79 97.15
C LYS O 238 1.80 -5.83 96.11
N PHE O 239 2.79 -6.57 95.60
CA PHE O 239 2.54 -7.68 94.67
C PHE O 239 1.94 -8.87 95.45
N TYR O 240 0.95 -9.51 94.82
CA TYR O 240 0.13 -10.56 95.45
C TYR O 240 0.37 -12.02 95.01
N GLY O 241 1.55 -12.32 94.48
CA GLY O 241 1.92 -13.69 94.15
C GLY O 241 0.77 -14.43 93.50
N ASN O 242 0.29 -15.48 94.17
CA ASN O 242 -0.78 -16.35 93.63
C ASN O 242 -0.42 -16.96 92.28
N SER O 243 0.87 -17.25 92.08
CA SER O 243 1.34 -17.93 90.86
C SER O 243 0.65 -19.26 90.92
N PHE O 244 0.39 -19.79 89.75
CA PHE O 244 -0.31 -21.02 89.63
C PHE O 244 -0.11 -21.71 88.29
N ILE O 245 -0.51 -22.97 88.33
CA ILE O 245 -0.50 -23.86 87.20
C ILE O 245 -1.91 -24.46 87.13
N ALA O 246 -2.55 -24.24 85.98
CA ALA O 246 -3.89 -24.76 85.72
C ALA O 246 -3.82 -25.88 84.67
N GLY O 247 -4.69 -26.89 84.83
CA GLY O 247 -4.82 -28.02 83.91
C GLY O 247 -5.71 -27.66 82.72
N PRO O 248 -5.90 -28.60 81.78
CA PRO O 248 -6.63 -28.41 80.49
C PRO O 248 -8.15 -28.07 80.57
N THR O 249 -8.78 -28.34 81.71
CA THR O 249 -10.17 -27.90 81.89
C THR O 249 -10.19 -26.64 82.77
N GLY O 250 -9.00 -26.08 83.02
CA GLY O 250 -8.87 -24.87 83.87
C GLY O 250 -8.77 -25.11 85.40
N GLU O 251 -8.76 -26.37 85.86
CA GLU O 251 -8.61 -26.65 87.30
C GLU O 251 -7.19 -26.27 87.78
N ILE O 252 -7.14 -25.56 88.90
CA ILE O 252 -5.86 -25.15 89.52
C ILE O 252 -5.25 -26.39 90.19
N VAL O 253 -4.01 -26.74 89.82
CA VAL O 253 -3.31 -27.95 90.34
C VAL O 253 -2.16 -27.62 91.34
N SER O 254 -1.57 -26.44 91.18
CA SER O 254 -0.57 -25.91 92.11
C SER O 254 -0.84 -24.44 92.20
N ILE O 255 -0.70 -23.92 93.39
CA ILE O 255 -0.85 -22.53 93.64
C ILE O 255 -0.04 -22.09 94.85
N ALA O 256 0.55 -20.90 94.72
CA ALA O 256 1.32 -20.27 95.76
C ALA O 256 0.40 -19.29 96.51
N ASP O 257 0.77 -18.96 97.76
CA ASP O 257 0.02 -17.94 98.53
C ASP O 257 0.47 -16.54 98.03
N ASP O 258 0.12 -15.49 98.79
CA ASP O 258 0.39 -14.11 98.31
C ASP O 258 1.72 -13.47 98.74
N LYS O 259 2.51 -14.20 99.50
CA LYS O 259 3.78 -13.66 100.03
C LYS O 259 4.99 -14.60 100.04
N GLU O 260 4.77 -15.90 99.96
CA GLU O 260 5.87 -16.85 99.96
C GLU O 260 6.67 -16.88 98.68
N GLU O 261 7.95 -17.20 98.82
CA GLU O 261 8.79 -17.49 97.69
C GLU O 261 8.35 -18.94 97.35
N ALA O 262 8.23 -19.28 96.06
CA ALA O 262 7.73 -20.63 95.72
C ALA O 262 8.28 -21.22 94.44
N VAL O 263 8.28 -22.55 94.39
CA VAL O 263 8.58 -23.32 93.18
C VAL O 263 7.42 -24.28 92.98
N LEU O 264 6.60 -24.06 91.95
CA LEU O 264 5.44 -24.94 91.66
C LEU O 264 5.78 -25.89 90.57
N ILE O 265 5.28 -27.11 90.71
CA ILE O 265 5.55 -28.20 89.79
C ILE O 265 4.28 -28.94 89.37
N ALA O 266 4.17 -29.28 88.09
CA ALA O 266 3.06 -30.13 87.63
C ALA O 266 3.46 -30.87 86.37
N GLU O 267 3.08 -32.14 86.31
CA GLU O 267 3.31 -33.00 85.15
C GLU O 267 2.04 -33.14 84.33
N PHE O 268 2.18 -32.99 83.01
CA PHE O 268 1.06 -33.17 82.06
C PHE O 268 1.40 -34.19 80.94
N ASN O 269 0.46 -35.09 80.62
CA ASN O 269 0.66 -35.97 79.50
C ASN O 269 0.08 -35.24 78.27
N LEU O 270 0.96 -34.68 77.45
CA LEU O 270 0.53 -33.91 76.27
C LEU O 270 -0.20 -34.73 75.16
N ASP O 271 0.15 -36.00 74.96
CA ASP O 271 -0.54 -36.84 73.96
C ASP O 271 -1.97 -37.17 74.38
N LYS O 272 -2.20 -37.38 75.69
CA LYS O 272 -3.54 -37.62 76.23
C LYS O 272 -4.39 -36.35 76.14
N ILE O 273 -3.77 -35.23 76.48
CA ILE O 273 -4.44 -33.96 76.44
C ILE O 273 -4.82 -33.61 74.98
N LYS O 274 -3.99 -34.00 74.00
CA LYS O 274 -4.33 -33.74 72.58
C LYS O 274 -5.50 -34.62 72.11
N SER O 275 -5.64 -35.83 72.68
CA SER O 275 -6.78 -36.66 72.36
C SER O 275 -8.02 -36.03 72.92
N MET O 276 -7.94 -35.60 74.19
CA MET O 276 -9.08 -34.89 74.84
C MET O 276 -9.46 -33.66 74.06
N ARG O 277 -8.46 -32.91 73.63
CA ARG O 277 -8.70 -31.68 72.85
C ARG O 277 -9.40 -31.98 71.52
N HIS O 278 -8.88 -32.97 70.78
CA HIS O 278 -9.44 -33.37 69.46
C HIS O 278 -10.86 -33.90 69.56
N CYS O 279 -11.03 -34.87 70.46
CA CYS O 279 -12.30 -35.57 70.67
C CYS O 279 -13.48 -34.60 70.97
N TRP O 280 -13.24 -33.66 71.90
CA TRP O 280 -14.23 -32.62 72.30
C TRP O 280 -14.64 -31.80 71.09
N GLY O 281 -13.65 -31.56 70.22
CA GLY O 281 -13.86 -30.96 68.95
C GLY O 281 -14.18 -29.49 68.82
N VAL O 282 -14.00 -28.70 69.89
CA VAL O 282 -14.33 -27.27 69.77
C VAL O 282 -13.61 -26.57 68.57
N PHE O 283 -12.38 -26.96 68.26
CA PHE O 283 -11.64 -26.33 67.14
C PHE O 283 -12.26 -26.55 65.76
N ARG O 284 -12.76 -27.74 65.48
CA ARG O 284 -13.48 -28.04 64.21
C ARG O 284 -14.91 -27.43 64.13
N ASP O 285 -15.45 -27.02 65.28
CA ASP O 285 -16.78 -26.43 65.37
C ASP O 285 -16.76 -24.90 65.32
N ARG O 286 -15.60 -24.28 65.46
CA ARG O 286 -15.49 -22.82 65.41
C ARG O 286 -16.10 -22.28 64.09
N ARG O 287 -16.61 -21.05 64.18
CA ARG O 287 -17.26 -20.35 63.08
C ARG O 287 -16.48 -19.07 62.78
N PRO O 288 -15.29 -19.22 62.14
CA PRO O 288 -14.49 -18.06 61.77
C PRO O 288 -15.24 -17.11 60.83
N ASP O 289 -16.13 -17.68 59.99
CA ASP O 289 -17.02 -16.88 59.07
C ASP O 289 -17.92 -15.87 59.84
N LEU O 290 -18.15 -16.13 61.14
CA LEU O 290 -18.98 -15.25 62.01
C LEU O 290 -18.16 -14.37 62.94
N TYR O 291 -16.83 -14.52 62.93
CA TYR O 291 -15.97 -13.75 63.84
C TYR O 291 -15.36 -12.45 63.30
N LYS O 292 -15.87 -11.91 62.19
CA LYS O 292 -15.26 -10.66 61.62
C LYS O 292 -15.28 -9.48 62.56
N VAL O 293 -16.28 -9.43 63.46
CA VAL O 293 -16.40 -8.33 64.38
C VAL O 293 -15.23 -8.26 65.33
N LEU O 294 -14.50 -9.37 65.48
CA LEU O 294 -13.35 -9.36 66.42
C LEU O 294 -12.21 -8.49 65.86
N LEU O 295 -12.26 -8.21 64.55
CA LEU O 295 -11.24 -7.32 63.92
C LEU O 295 -11.62 -5.83 64.00
N THR O 296 -12.64 -5.50 64.80
CA THR O 296 -13.07 -4.16 65.06
C THR O 296 -12.74 -3.92 66.55
N LEU O 297 -12.63 -2.64 66.89
CA LEU O 297 -12.51 -2.17 68.26
C LEU O 297 -13.90 -1.75 68.77
N ASP O 298 -14.70 -1.12 67.86
CA ASP O 298 -16.00 -0.51 68.20
C ASP O 298 -17.26 -1.34 67.89
N GLY O 299 -17.06 -2.58 67.41
CA GLY O 299 -18.16 -3.51 67.09
C GLY O 299 -18.81 -3.27 65.74
N LYS O 300 -18.19 -2.43 64.92
CA LYS O 300 -18.77 -1.98 63.66
C LYS O 300 -17.70 -1.79 62.54
N ASN O 301 -16.62 -1.05 62.83
CA ASN O 301 -15.60 -0.72 61.80
C ASN O 301 -14.35 -1.57 61.81
N PRO O 302 -14.13 -2.40 60.75
CA PRO O 302 -12.90 -3.19 60.77
C PRO O 302 -11.66 -2.28 60.79
N VAL O 303 -10.65 -2.58 61.63
CA VAL O 303 -9.44 -1.74 61.63
C VAL O 303 -8.71 -1.91 60.27
N LEU O 304 -8.00 -0.86 59.86
CA LEU O 304 -7.23 -0.94 58.62
C LEU O 304 -6.07 -2.01 58.80
N ASP P 7 -26.89 4.74 95.86
CA ASP P 7 -26.01 4.87 94.64
C ASP P 7 -26.81 5.01 93.32
N LYS P 8 -26.55 6.07 92.55
CA LYS P 8 -27.27 6.30 91.29
C LYS P 8 -26.79 5.33 90.17
N GLY P 9 -27.61 5.22 89.11
CA GLY P 9 -27.30 4.38 87.94
C GLY P 9 -28.37 3.33 87.68
N ARG P 10 -28.56 3.00 86.40
CA ARG P 10 -29.54 1.99 85.96
C ARG P 10 -29.28 0.66 86.66
N LYS P 11 -30.27 0.21 87.44
CA LYS P 11 -30.19 -1.08 88.12
C LYS P 11 -31.14 -2.00 87.44
N VAL P 12 -30.64 -3.19 87.12
CA VAL P 12 -31.41 -4.19 86.44
C VAL P 12 -31.31 -5.50 87.22
N VAL P 13 -32.46 -6.13 87.42
CA VAL P 13 -32.53 -7.38 88.13
C VAL P 13 -32.75 -8.49 87.09
N VAL P 14 -31.84 -9.45 87.12
CA VAL P 14 -31.89 -10.57 86.24
C VAL P 14 -32.19 -11.86 87.02
N SER P 15 -32.67 -12.85 86.28
CA SER P 15 -32.99 -14.11 86.85
C SER P 15 -32.70 -15.25 85.93
N ALA P 16 -32.22 -16.34 86.52
CA ALA P 16 -32.02 -17.60 85.83
C ALA P 16 -33.03 -18.52 86.45
N LEU P 17 -33.74 -19.27 85.60
CA LEU P 17 -34.71 -20.28 86.05
C LEU P 17 -34.12 -21.69 85.84
N GLN P 18 -34.56 -22.65 86.63
CA GLN P 18 -34.08 -24.01 86.52
C GLN P 18 -35.22 -24.94 86.88
N PHE P 19 -35.59 -25.81 85.94
CA PHE P 19 -36.69 -26.75 86.18
C PHE P 19 -36.62 -28.02 85.32
N ALA P 20 -37.42 -29.02 85.72
CA ALA P 20 -37.49 -30.29 85.03
C ALA P 20 -38.57 -30.22 83.93
N CYS P 21 -38.30 -30.90 82.83
CA CYS P 21 -39.22 -30.93 81.70
C CYS P 21 -39.90 -32.29 81.50
N THR P 22 -41.17 -32.24 81.11
CA THR P 22 -41.92 -33.42 80.68
C THR P 22 -41.86 -33.33 79.17
N ASP P 23 -42.33 -34.33 78.46
CA ASP P 23 -42.28 -34.26 76.99
C ASP P 23 -43.63 -33.86 76.40
N ASP P 24 -44.19 -32.80 76.94
CA ASP P 24 -45.43 -32.25 76.45
C ASP P 24 -45.32 -30.74 76.58
N VAL P 25 -45.65 -30.05 75.50
CA VAL P 25 -45.52 -28.59 75.40
C VAL P 25 -46.39 -27.79 76.38
N SER P 26 -47.69 -28.14 76.50
CA SER P 26 -48.63 -27.40 77.37
C SER P 26 -48.14 -27.34 78.81
N THR P 27 -47.76 -28.49 79.36
CA THR P 27 -47.22 -28.57 80.75
C THR P 27 -45.97 -27.68 80.96
N ASN P 28 -44.94 -27.91 80.15
CA ASN P 28 -43.69 -27.16 80.28
C ASN P 28 -43.88 -25.64 80.19
N VAL P 29 -44.74 -25.18 79.27
CA VAL P 29 -44.99 -23.74 79.14
C VAL P 29 -45.67 -23.22 80.42
N THR P 30 -46.59 -24.02 80.98
CA THR P 30 -47.24 -23.66 82.24
C THR P 30 -46.17 -23.53 83.35
N THR P 31 -45.20 -24.45 83.39
CA THR P 31 -44.11 -24.40 84.40
C THR P 31 -43.25 -23.14 84.22
N ALA P 32 -42.88 -22.87 82.97
CA ALA P 32 -42.08 -21.68 82.64
C ALA P 32 -42.84 -20.40 83.06
N GLU P 33 -44.11 -20.31 82.67
CA GLU P 33 -44.99 -19.17 83.06
C GLU P 33 -44.97 -18.97 84.60
N ARG P 34 -45.24 -20.04 85.34
CA ARG P 34 -45.26 -20.01 86.82
C ARG P 34 -43.96 -19.45 87.40
N LEU P 35 -42.83 -19.89 86.87
CA LEU P 35 -41.55 -19.46 87.40
C LEU P 35 -41.14 -18.02 86.99
N VAL P 36 -41.65 -17.55 85.84
CA VAL P 36 -41.40 -16.17 85.39
C VAL P 36 -42.17 -15.22 86.31
N ARG P 37 -43.36 -15.66 86.72
CA ARG P 37 -44.21 -14.94 87.69
C ARG P 37 -43.53 -14.85 89.07
N ALA P 38 -42.93 -15.95 89.52
CA ALA P 38 -42.20 -15.99 90.80
C ALA P 38 -40.93 -15.13 90.72
N ALA P 39 -40.22 -15.18 89.60
CA ALA P 39 -39.03 -14.32 89.41
C ALA P 39 -39.47 -12.84 89.41
N HIS P 40 -40.56 -12.53 88.68
CA HIS P 40 -41.12 -11.17 88.63
C HIS P 40 -41.55 -10.68 90.04
N LYS P 41 -42.19 -11.56 90.81
CA LYS P 41 -42.59 -11.24 92.20
C LYS P 41 -41.35 -10.85 93.04
N GLN P 42 -40.19 -11.44 92.74
CA GLN P 42 -38.93 -11.11 93.44
C GLN P 42 -38.15 -9.93 92.79
N GLY P 43 -38.82 -9.13 91.96
CA GLY P 43 -38.21 -7.93 91.37
C GLY P 43 -37.53 -8.08 90.04
N ALA P 44 -37.56 -9.29 89.48
CA ALA P 44 -36.86 -9.55 88.18
C ALA P 44 -37.38 -8.70 87.03
N ASN P 45 -36.42 -8.20 86.23
CA ASN P 45 -36.69 -7.40 85.01
C ASN P 45 -36.45 -8.24 83.74
N ILE P 46 -35.49 -9.15 83.81
CA ILE P 46 -35.15 -10.03 82.67
C ILE P 46 -35.04 -11.45 83.21
N VAL P 47 -35.82 -12.37 82.64
CA VAL P 47 -35.86 -13.78 83.11
C VAL P 47 -35.45 -14.75 82.03
N LEU P 48 -34.46 -15.59 82.32
CA LEU P 48 -33.98 -16.56 81.34
C LEU P 48 -34.57 -17.96 81.56
N ILE P 49 -35.25 -18.46 80.54
CA ILE P 49 -35.75 -19.84 80.54
C ILE P 49 -34.64 -20.68 79.84
N GLN P 50 -34.47 -21.90 80.35
CA GLN P 50 -33.50 -22.89 79.85
C GLN P 50 -33.80 -23.36 78.43
N GLU P 51 -32.76 -23.83 77.75
CA GLU P 51 -32.82 -24.26 76.33
C GLU P 51 -33.87 -25.34 76.05
N LEU P 52 -34.62 -25.13 74.96
CA LEU P 52 -35.68 -26.06 74.45
C LEU P 52 -36.64 -26.64 75.52
N PHE P 53 -37.04 -25.76 76.44
CA PHE P 53 -37.95 -26.06 77.56
C PHE P 53 -39.29 -26.73 77.17
N GLU P 54 -39.69 -26.61 75.90
CA GLU P 54 -40.96 -27.21 75.40
C GLU P 54 -41.05 -28.76 75.43
N GLY P 55 -39.91 -29.46 75.53
CA GLY P 55 -39.91 -30.94 75.54
C GLY P 55 -38.59 -31.50 76.06
N TYR P 56 -38.37 -32.82 75.90
CA TYR P 56 -37.12 -33.43 76.32
C TYR P 56 -36.02 -32.99 75.32
N TYR P 57 -34.75 -33.09 75.73
CA TYR P 57 -33.60 -32.80 74.84
C TYR P 57 -33.42 -34.02 73.91
N PHE P 58 -33.87 -33.86 72.66
CA PHE P 58 -33.86 -34.96 71.62
C PHE P 58 -32.69 -34.87 70.63
N CYS P 59 -31.94 -33.76 70.68
CA CYS P 59 -30.82 -33.46 69.71
C CYS P 59 -29.69 -34.50 69.70
N GLN P 60 -29.58 -35.22 70.81
CA GLN P 60 -28.64 -36.34 70.93
C GLN P 60 -29.02 -37.50 69.95
N ALA P 61 -30.28 -37.98 70.06
CA ALA P 61 -30.80 -39.16 69.31
C ALA P 61 -31.29 -38.82 67.89
N GLN P 62 -30.84 -39.59 66.89
CA GLN P 62 -31.24 -39.36 65.49
C GLN P 62 -32.55 -40.05 65.10
N ARG P 63 -33.68 -39.43 65.50
CA ARG P 63 -35.05 -39.89 65.16
C ARG P 63 -35.71 -38.93 64.15
N GLU P 64 -36.36 -39.51 63.14
CA GLU P 64 -37.00 -38.71 62.08
C GLU P 64 -38.23 -37.92 62.56
N ASP P 65 -39.12 -38.57 63.31
CA ASP P 65 -40.38 -37.92 63.77
C ASP P 65 -40.24 -36.68 64.70
N PHE P 66 -39.04 -36.43 65.24
CA PHE P 66 -38.84 -35.22 66.08
C PHE P 66 -38.55 -33.95 65.24
N ILE P 67 -38.56 -34.09 63.91
CA ILE P 67 -38.40 -32.95 63.00
C ILE P 67 -39.75 -32.18 62.88
N GLN P 68 -40.87 -32.86 63.16
CA GLN P 68 -42.23 -32.25 63.13
C GLN P 68 -42.41 -31.17 64.22
N ARG P 69 -41.58 -31.21 65.28
CA ARG P 69 -41.66 -30.23 66.39
C ARG P 69 -41.27 -28.84 65.99
N ALA P 70 -40.44 -28.72 64.95
CA ALA P 70 -40.02 -27.41 64.47
C ALA P 70 -41.23 -26.70 63.88
N LYS P 71 -41.38 -25.43 64.26
CA LYS P 71 -42.49 -24.58 63.81
C LYS P 71 -41.89 -23.24 63.36
N PRO P 72 -42.58 -22.52 62.44
CA PRO P 72 -42.01 -21.23 61.98
C PRO P 72 -41.82 -20.20 63.10
N TYR P 73 -40.90 -19.26 62.88
CA TYR P 73 -40.70 -18.15 63.81
C TYR P 73 -41.99 -17.30 63.80
N LYS P 74 -42.52 -17.08 62.61
CA LYS P 74 -43.77 -16.33 62.39
C LYS P 74 -44.99 -16.99 63.12
N ASP P 75 -45.68 -16.19 63.95
CA ASP P 75 -46.88 -16.63 64.72
C ASP P 75 -46.71 -18.00 65.45
N HIS P 76 -45.58 -18.16 66.14
CA HIS P 76 -45.26 -19.38 66.88
C HIS P 76 -46.15 -19.35 68.15
N PRO P 77 -46.87 -20.47 68.47
CA PRO P 77 -47.80 -20.45 69.64
C PRO P 77 -47.14 -20.09 70.97
N THR P 78 -46.02 -20.74 71.27
CA THR P 78 -45.28 -20.49 72.53
C THR P 78 -44.74 -19.05 72.61
N ILE P 79 -44.20 -18.52 71.49
CA ILE P 79 -43.70 -17.15 71.44
C ILE P 79 -44.82 -16.12 71.74
N MET P 80 -45.94 -16.24 71.02
CA MET P 80 -47.11 -15.36 71.23
C MET P 80 -47.65 -15.45 72.66
N ARG P 81 -47.62 -16.65 73.22
CA ARG P 81 -48.08 -16.82 74.59
C ARG P 81 -47.19 -16.10 75.61
N LEU P 82 -45.88 -16.20 75.46
CA LEU P 82 -44.97 -15.53 76.37
C LEU P 82 -44.88 -14.01 76.08
N GLN P 83 -45.31 -13.58 74.86
CA GLN P 83 -45.37 -12.14 74.53
C GLN P 83 -46.43 -11.46 75.42
N LYS P 84 -47.60 -12.10 75.56
CA LYS P 84 -48.66 -11.60 76.45
C LYS P 84 -48.15 -11.52 77.91
N LEU P 85 -47.39 -12.54 78.33
CA LEU P 85 -46.84 -12.57 79.70
C LEU P 85 -45.81 -11.46 79.92
N ALA P 86 -44.91 -11.31 78.96
CA ALA P 86 -43.90 -10.26 78.99
C ALA P 86 -44.57 -8.87 79.10
N LYS P 87 -45.59 -8.64 78.28
CA LYS P 87 -46.31 -7.36 78.26
C LYS P 87 -46.97 -7.13 79.64
N GLU P 88 -47.70 -8.13 80.12
CA GLU P 88 -48.40 -8.06 81.40
C GLU P 88 -47.48 -7.71 82.59
N LEU P 89 -46.38 -8.43 82.72
CA LEU P 89 -45.47 -8.25 83.86
C LEU P 89 -44.41 -7.16 83.70
N GLY P 90 -44.20 -6.69 82.47
CA GLY P 90 -43.16 -5.70 82.22
C GLY P 90 -41.78 -6.31 82.33
N VAL P 91 -41.65 -7.55 81.84
CA VAL P 91 -40.34 -8.24 81.86
C VAL P 91 -39.90 -8.75 80.46
N VAL P 92 -38.58 -8.80 80.27
CA VAL P 92 -37.93 -9.27 79.05
C VAL P 92 -37.80 -10.79 79.12
N ILE P 93 -38.18 -11.47 78.04
CA ILE P 93 -38.09 -12.93 78.01
C ILE P 93 -37.54 -13.44 76.70
N PRO P 94 -36.26 -13.86 76.68
CA PRO P 94 -35.78 -14.55 75.48
C PRO P 94 -36.45 -15.94 75.46
N VAL P 95 -36.94 -16.36 74.29
CA VAL P 95 -37.65 -17.62 74.14
C VAL P 95 -36.97 -18.60 73.16
N SER P 96 -36.37 -19.64 73.74
CA SER P 96 -35.71 -20.71 72.99
C SER P 96 -36.75 -21.57 72.29
N PHE P 97 -36.51 -21.89 71.02
CA PHE P 97 -37.41 -22.73 70.30
C PHE P 97 -36.71 -23.41 69.14
N PHE P 98 -37.39 -24.43 68.62
CA PHE P 98 -36.92 -25.20 67.48
C PHE P 98 -37.64 -24.64 66.25
N GLU P 99 -36.87 -23.99 65.37
CA GLU P 99 -37.37 -23.27 64.21
C GLU P 99 -37.38 -24.03 62.87
N GLU P 100 -38.47 -23.88 62.13
CA GLU P 100 -38.59 -24.39 60.76
C GLU P 100 -38.45 -23.16 59.88
N ALA P 101 -37.55 -23.22 58.90
CA ALA P 101 -37.32 -22.10 57.96
C ALA P 101 -37.03 -22.65 56.54
N ASN P 102 -38.10 -22.90 55.79
CA ASN P 102 -38.00 -23.43 54.40
C ASN P 102 -37.28 -24.81 54.51
N ASN P 103 -36.04 -24.88 54.01
CA ASN P 103 -35.24 -26.12 53.94
C ASN P 103 -34.54 -26.37 55.27
N ALA P 104 -33.95 -25.31 55.81
CA ALA P 104 -33.23 -25.39 57.06
C ALA P 104 -34.11 -25.47 58.30
N HIS P 105 -33.49 -25.92 59.38
CA HIS P 105 -34.09 -25.97 60.71
C HIS P 105 -32.97 -25.41 61.61
N TYR P 106 -33.35 -24.59 62.60
CA TYR P 106 -32.40 -23.98 63.50
C TYR P 106 -32.84 -24.07 64.96
N ASN P 107 -31.88 -24.04 65.87
CA ASN P 107 -32.10 -23.94 67.29
C ASN P 107 -32.02 -22.45 67.54
N SER P 108 -33.19 -21.84 67.67
CA SER P 108 -33.33 -20.40 67.76
C SER P 108 -33.84 -19.85 69.10
N ILE P 109 -33.76 -18.53 69.20
CA ILE P 109 -34.22 -17.80 70.36
C ILE P 109 -34.77 -16.42 69.95
N ALA P 110 -36.01 -16.15 70.37
CA ALA P 110 -36.71 -14.90 70.09
C ALA P 110 -36.67 -14.03 71.33
N ILE P 111 -36.19 -12.79 71.18
CA ILE P 111 -36.06 -11.88 72.33
C ILE P 111 -37.32 -11.04 72.43
N ILE P 112 -38.10 -11.26 73.49
CA ILE P 112 -39.33 -10.50 73.71
C ILE P 112 -39.07 -9.40 74.74
N ASP P 113 -39.35 -8.15 74.37
CA ASP P 113 -39.12 -7.01 75.24
C ASP P 113 -40.19 -6.92 76.32
N ALA P 114 -40.00 -5.96 77.23
CA ALA P 114 -40.93 -5.73 78.36
C ALA P 114 -42.33 -5.20 77.97
N ASP P 115 -42.49 -4.65 76.75
CA ASP P 115 -43.82 -4.19 76.23
C ASP P 115 -44.47 -5.24 75.31
N GLY P 116 -43.86 -6.44 75.27
CA GLY P 116 -44.38 -7.54 74.46
C GLY P 116 -43.80 -7.63 73.06
N THR P 117 -43.05 -6.62 72.65
CA THR P 117 -42.47 -6.57 71.29
C THR P 117 -41.43 -7.65 71.03
N ASP P 118 -41.58 -8.32 69.89
CA ASP P 118 -40.60 -9.29 69.43
C ASP P 118 -39.45 -8.49 68.74
N LEU P 119 -38.28 -8.48 69.35
CA LEU P 119 -37.11 -7.71 68.84
C LEU P 119 -36.29 -8.41 67.76
N GLY P 120 -36.49 -9.71 67.59
CA GLY P 120 -35.74 -10.51 66.57
C GLY P 120 -35.29 -11.86 67.10
N ILE P 121 -34.50 -12.57 66.28
CA ILE P 121 -33.95 -13.90 66.66
C ILE P 121 -32.44 -14.03 66.53
N TYR P 122 -31.89 -14.93 67.35
CA TYR P 122 -30.54 -15.41 67.21
C TYR P 122 -30.66 -16.91 66.88
N ARG P 123 -29.79 -17.39 65.98
CA ARG P 123 -29.73 -18.80 65.58
C ARG P 123 -28.41 -19.41 66.04
N LYS P 124 -28.49 -20.56 66.74
CA LYS P 124 -27.31 -21.29 67.30
C LYS P 124 -26.22 -21.47 66.23
N SER P 125 -25.04 -20.94 66.53
CA SER P 125 -23.94 -20.92 65.56
C SER P 125 -23.04 -22.12 65.55
N HIS P 126 -22.67 -22.57 66.74
CA HIS P 126 -21.74 -23.69 66.88
C HIS P 126 -22.52 -25.02 67.04
N ILE P 127 -22.38 -25.90 66.05
CA ILE P 127 -23.07 -27.20 66.02
C ILE P 127 -22.02 -28.34 66.10
N PRO P 128 -22.03 -29.12 67.21
CA PRO P 128 -21.07 -30.24 67.34
C PRO P 128 -21.38 -31.39 66.40
N GLU P 135 -26.54 -33.45 67.02
CA GLU P 135 -27.24 -32.18 66.84
C GLU P 135 -27.39 -31.73 65.35
N LYS P 136 -26.47 -32.13 64.47
CA LYS P 136 -26.54 -31.73 63.02
C LYS P 136 -27.73 -32.37 62.26
N PHE P 137 -28.21 -33.50 62.77
CA PHE P 137 -29.35 -34.19 62.20
C PHE P 137 -30.61 -33.29 62.28
N TYR P 138 -30.67 -32.42 63.30
CA TYR P 138 -31.80 -31.51 63.52
C TYR P 138 -31.54 -30.05 63.17
N PHE P 139 -30.35 -29.54 63.50
CA PHE P 139 -30.06 -28.12 63.27
C PHE P 139 -29.03 -27.83 62.20
N ASN P 140 -29.28 -26.76 61.44
CA ASN P 140 -28.28 -26.24 60.51
C ASN P 140 -27.41 -25.23 61.28
N PRO P 141 -26.20 -24.95 60.77
CA PRO P 141 -25.40 -23.92 61.41
C PRO P 141 -26.10 -22.55 61.24
N GLY P 142 -26.14 -21.80 62.33
CA GLY P 142 -26.79 -20.50 62.36
C GLY P 142 -26.18 -19.50 61.38
N ASP P 143 -27.05 -18.76 60.69
CA ASP P 143 -26.61 -17.74 59.75
C ASP P 143 -26.95 -16.29 60.20
N THR P 144 -27.51 -16.10 61.40
CA THR P 144 -27.78 -14.72 61.88
C THR P 144 -26.52 -14.00 62.33
N GLY P 145 -25.58 -14.74 62.92
CA GLY P 145 -24.40 -14.14 63.51
C GLY P 145 -24.70 -13.74 64.95
N PHE P 146 -23.70 -13.29 65.65
CA PHE P 146 -23.89 -12.94 67.07
C PHE P 146 -24.55 -11.58 67.13
N LYS P 147 -25.59 -11.49 67.93
CA LYS P 147 -26.40 -10.31 68.01
C LYS P 147 -26.55 -9.73 69.39
N VAL P 148 -26.91 -8.46 69.42
CA VAL P 148 -27.27 -7.72 70.63
C VAL P 148 -28.66 -7.12 70.37
N PHE P 149 -29.44 -6.97 71.44
CA PHE P 149 -30.79 -6.51 71.34
C PHE P 149 -31.01 -5.42 72.37
N GLN P 150 -31.54 -4.28 71.94
CA GLN P 150 -31.84 -3.21 72.86
C GLN P 150 -33.24 -3.45 73.50
N THR P 151 -33.26 -3.79 74.80
CA THR P 151 -34.52 -4.01 75.56
C THR P 151 -34.78 -2.74 76.38
N LYS P 152 -35.94 -2.69 77.05
CA LYS P 152 -36.29 -1.50 77.85
C LYS P 152 -35.31 -1.28 79.01
N TYR P 153 -34.61 -2.33 79.45
CA TYR P 153 -33.73 -2.22 80.61
C TYR P 153 -32.27 -2.21 80.31
N ALA P 154 -31.89 -2.79 79.18
CA ALA P 154 -30.48 -2.92 78.85
C ALA P 154 -30.29 -3.50 77.48
N LYS P 155 -29.08 -3.32 76.97
CA LYS P 155 -28.67 -3.95 75.75
C LYS P 155 -28.13 -5.30 76.18
N ILE P 156 -28.69 -6.38 75.64
CA ILE P 156 -28.31 -7.75 76.01
C ILE P 156 -27.81 -8.60 74.84
N GLY P 157 -27.06 -9.63 75.16
CA GLY P 157 -26.56 -10.57 74.19
C GLY P 157 -27.01 -11.96 74.63
N VAL P 158 -27.47 -12.75 73.67
CA VAL P 158 -27.97 -14.10 73.90
C VAL P 158 -27.40 -15.11 72.90
N ALA P 159 -26.76 -16.16 73.42
CA ALA P 159 -26.26 -17.27 72.61
C ALA P 159 -26.75 -18.60 73.20
N ILE P 160 -26.58 -19.69 72.48
CA ILE P 160 -27.20 -20.94 72.88
C ILE P 160 -26.31 -22.17 72.98
N CYS P 161 -26.45 -22.86 74.11
CA CYS P 161 -25.83 -24.18 74.39
C CYS P 161 -24.35 -24.25 74.05
N TRP P 162 -23.99 -25.04 73.04
CA TRP P 162 -22.58 -25.25 72.66
C TRP P 162 -21.85 -23.90 72.37
N ASP P 163 -22.58 -22.84 71.95
CA ASP P 163 -22.00 -21.47 71.82
C ASP P 163 -21.26 -21.03 73.09
N GLN P 164 -21.73 -21.54 74.22
CA GLN P 164 -21.19 -21.23 75.56
C GLN P 164 -19.70 -21.51 75.69
N TRP P 165 -19.19 -22.50 74.97
CA TRP P 165 -17.79 -22.85 75.02
C TRP P 165 -16.86 -21.89 74.25
N PHE P 166 -17.42 -21.01 73.44
CA PHE P 166 -16.60 -20.15 72.56
C PHE P 166 -16.42 -18.69 73.02
N PRO P 167 -15.20 -18.34 73.51
CA PRO P 167 -14.92 -16.93 73.87
C PRO P 167 -15.22 -15.93 72.68
N GLU P 168 -15.10 -16.40 71.43
CA GLU P 168 -15.37 -15.50 70.28
C GLU P 168 -16.80 -14.96 70.32
N ALA P 169 -17.75 -15.81 70.73
CA ALA P 169 -19.17 -15.41 70.77
C ALA P 169 -19.43 -14.35 71.84
N ALA P 170 -18.88 -14.56 73.04
CA ALA P 170 -19.02 -13.59 74.15
C ALA P 170 -18.34 -12.25 73.78
N ARG P 171 -17.18 -12.34 73.16
CA ARG P 171 -16.48 -11.13 72.73
C ARG P 171 -17.25 -10.39 71.63
N ALA P 172 -17.81 -11.13 70.67
CA ALA P 172 -18.56 -10.49 69.53
C ALA P 172 -19.75 -9.70 70.06
N MET P 173 -20.39 -10.24 71.09
CA MET P 173 -21.53 -9.58 71.70
C MET P 173 -21.13 -8.31 72.51
N ALA P 174 -20.09 -8.42 73.36
CA ALA P 174 -19.60 -7.29 74.19
C ALA P 174 -19.09 -6.16 73.26
N LEU P 175 -18.38 -6.51 72.19
CA LEU P 175 -17.91 -5.49 71.23
C LEU P 175 -19.02 -4.67 70.60
N GLN P 176 -20.20 -5.28 70.50
CA GLN P 176 -21.38 -4.61 69.97
C GLN P 176 -22.23 -3.93 71.06
N GLY P 177 -21.74 -3.89 72.31
CA GLY P 177 -22.43 -3.16 73.37
C GLY P 177 -23.23 -3.97 74.34
N ALA P 178 -23.18 -5.29 74.24
CA ALA P 178 -23.94 -6.15 75.15
C ALA P 178 -23.52 -5.83 76.61
N GLU P 179 -24.50 -5.52 77.46
CA GLU P 179 -24.26 -5.19 78.86
C GLU P 179 -24.43 -6.40 79.76
N ILE P 180 -25.18 -7.40 79.29
CA ILE P 180 -25.37 -8.67 80.05
C ILE P 180 -25.43 -9.83 79.02
N LEU P 181 -24.87 -10.97 79.34
CA LEU P 181 -24.93 -12.11 78.43
C LEU P 181 -25.81 -13.19 79.04
N PHE P 182 -26.63 -13.80 78.19
CA PHE P 182 -27.54 -14.86 78.59
C PHE P 182 -27.27 -16.14 77.77
N TYR P 183 -27.04 -17.24 78.46
CA TYR P 183 -26.75 -18.53 77.82
C TYR P 183 -27.69 -19.62 78.33
N PRO P 184 -28.88 -19.75 77.74
CA PRO P 184 -29.72 -20.88 78.11
C PRO P 184 -29.08 -22.15 77.52
N THR P 185 -29.06 -23.24 78.28
CA THR P 185 -28.39 -24.45 77.85
C THR P 185 -29.06 -25.71 78.45
N ALA P 186 -28.61 -26.87 77.98
CA ALA P 186 -29.10 -28.17 78.45
C ALA P 186 -27.88 -29.07 78.46
N ILE P 187 -27.43 -29.47 79.65
CA ILE P 187 -26.23 -30.32 79.76
C ILE P 187 -26.23 -31.25 80.99
N GLY P 188 -25.69 -32.45 80.80
CA GLY P 188 -25.59 -33.50 81.84
C GLY P 188 -24.81 -34.69 81.32
N SER P 189 -25.39 -35.89 81.45
CA SER P 189 -24.77 -37.16 80.97
C SER P 189 -25.83 -38.24 80.75
N ASP P 197 -18.12 -35.84 84.76
CA ASP P 197 -19.10 -34.76 84.90
C ASP P 197 -18.42 -33.45 84.47
N SER P 198 -18.99 -32.72 83.51
CA SER P 198 -18.35 -31.50 82.97
C SER P 198 -18.78 -30.17 83.61
N ARG P 199 -19.46 -30.22 84.77
CA ARG P 199 -20.03 -28.98 85.39
C ARG P 199 -18.99 -27.94 85.78
N ASP P 200 -17.87 -28.39 86.33
CA ASP P 200 -16.83 -27.48 86.80
C ASP P 200 -16.15 -26.81 85.64
N HIS P 201 -15.77 -27.60 84.64
CA HIS P 201 -15.17 -27.09 83.41
C HIS P 201 -16.11 -26.08 82.74
N TRP P 202 -17.40 -26.44 82.64
CA TRP P 202 -18.40 -25.56 82.00
C TRP P 202 -18.47 -24.16 82.68
N LYS P 203 -18.59 -24.18 84.02
CA LYS P 203 -18.64 -22.96 84.85
C LYS P 203 -17.40 -22.12 84.70
N ARG P 204 -16.22 -22.75 84.75
CA ARG P 204 -14.97 -22.02 84.61
C ARG P 204 -14.86 -21.28 83.30
N VAL P 205 -15.39 -21.88 82.22
CA VAL P 205 -15.34 -21.27 80.86
C VAL P 205 -16.28 -20.04 80.81
N MET P 206 -17.47 -20.17 81.40
CA MET P 206 -18.47 -19.07 81.41
CA MET P 206 -18.46 -19.08 81.41
C MET P 206 -17.97 -17.91 82.27
N GLN P 207 -17.45 -18.22 83.45
CA GLN P 207 -16.89 -17.19 84.34
C GLN P 207 -15.75 -16.43 83.63
N GLY P 208 -15.01 -17.14 82.78
CA GLY P 208 -13.95 -16.54 81.99
C GLY P 208 -14.48 -15.52 80.99
N HIS P 209 -15.67 -15.79 80.41
CA HIS P 209 -16.30 -14.84 79.46
C HIS P 209 -16.65 -13.54 80.17
N ALA P 210 -17.33 -13.70 81.32
CA ALA P 210 -17.79 -12.62 82.15
C ALA P 210 -16.63 -11.76 82.57
N GLY P 211 -15.60 -12.41 83.11
CA GLY P 211 -14.40 -11.75 83.56
C GLY P 211 -13.61 -11.04 82.48
N ALA P 212 -13.55 -11.66 81.28
CA ALA P 212 -12.74 -11.10 80.16
C ALA P 212 -13.38 -9.90 79.47
N ASN P 213 -14.72 -9.92 79.45
CA ASN P 213 -15.54 -8.85 78.88
C ASN P 213 -16.10 -7.82 79.95
N LEU P 214 -15.97 -8.16 81.27
CA LEU P 214 -16.46 -7.31 82.34
C LEU P 214 -17.98 -7.00 82.22
N VAL P 215 -18.74 -8.04 81.98
CA VAL P 215 -20.19 -7.91 81.90
C VAL P 215 -20.77 -9.08 82.73
N PRO P 216 -21.94 -8.86 83.36
CA PRO P 216 -22.56 -10.02 84.04
C PRO P 216 -23.03 -11.08 83.05
N LEU P 217 -23.26 -12.26 83.56
CA LEU P 217 -23.63 -13.39 82.76
C LEU P 217 -24.57 -14.32 83.52
N VAL P 218 -25.67 -14.67 82.84
CA VAL P 218 -26.75 -15.53 83.34
C VAL P 218 -26.74 -16.82 82.56
N ALA P 219 -26.89 -17.95 83.25
CA ALA P 219 -26.92 -19.28 82.60
C ALA P 219 -28.03 -20.18 83.18
N SER P 220 -29.00 -20.53 82.35
CA SER P 220 -30.10 -21.36 82.78
C SER P 220 -29.94 -22.75 82.26
N ASN P 221 -29.87 -23.72 83.18
CA ASN P 221 -29.73 -25.11 82.82
C ASN P 221 -30.83 -25.97 83.44
N ARG P 222 -31.11 -27.06 82.77
CA ARG P 222 -32.17 -28.02 83.11
C ARG P 222 -31.76 -29.01 84.20
N ILE P 223 -32.76 -29.61 84.84
CA ILE P 223 -32.55 -30.68 85.84
C ILE P 223 -33.42 -31.86 85.47
N GLY P 224 -33.21 -32.97 86.19
CA GLY P 224 -33.99 -34.15 86.00
C GLY P 224 -33.40 -35.18 85.08
N ASN P 225 -34.00 -36.37 85.16
CA ASN P 225 -33.63 -37.56 84.40
C ASN P 225 -34.59 -37.70 83.19
N GLU P 226 -34.03 -37.88 81.98
CA GLU P 226 -34.83 -37.96 80.75
C GLU P 226 -34.45 -39.21 79.89
N ILE P 227 -35.47 -40.02 79.52
CA ILE P 227 -35.30 -41.28 78.70
C ILE P 227 -35.91 -41.18 77.28
N ILE P 228 -35.06 -41.46 76.27
CA ILE P 228 -35.46 -41.44 74.85
C ILE P 228 -35.09 -42.80 74.25
N LYS P 234 -31.75 -47.90 74.25
CA LYS P 234 -32.26 -46.71 74.90
C LYS P 234 -31.17 -45.64 75.03
N SER P 235 -31.54 -44.52 75.65
CA SER P 235 -30.60 -43.43 75.87
C SER P 235 -31.14 -42.62 77.05
N GLU P 236 -30.31 -42.44 78.08
CA GLU P 236 -30.74 -41.76 79.32
C GLU P 236 -29.80 -40.58 79.67
N ILE P 237 -30.38 -39.44 80.08
CA ILE P 237 -29.58 -38.27 80.48
C ILE P 237 -29.98 -37.70 81.84
N LYS P 238 -28.94 -37.45 82.66
CA LYS P 238 -29.06 -36.87 84.00
C LYS P 238 -28.46 -35.45 83.91
N PHE P 239 -29.35 -34.48 83.67
CA PHE P 239 -28.98 -33.05 83.55
C PHE P 239 -28.52 -32.56 84.89
N TYR P 240 -27.40 -31.84 84.93
CA TYR P 240 -26.83 -31.46 86.23
C TYR P 240 -27.17 -30.06 86.80
N GLY P 241 -28.15 -29.38 86.22
CA GLY P 241 -28.56 -28.08 86.76
C GLY P 241 -27.40 -27.09 86.89
N ASN P 242 -27.13 -26.65 88.11
CA ASN P 242 -26.08 -25.70 88.36
C ASN P 242 -26.19 -24.41 87.52
N SER P 243 -27.42 -23.93 87.40
CA SER P 243 -27.68 -22.64 86.78
C SER P 243 -27.05 -21.58 87.72
N PHE P 244 -26.50 -20.54 87.15
CA PHE P 244 -25.91 -19.48 87.93
C PHE P 244 -26.02 -18.16 87.25
N ILE P 245 -25.75 -17.14 88.04
CA ILE P 245 -25.58 -15.78 87.58
C ILE P 245 -24.17 -15.43 88.08
N ALA P 246 -23.41 -14.80 87.19
CA ALA P 246 -22.07 -14.37 87.50
C ALA P 246 -21.92 -12.85 87.26
N GLY P 247 -21.08 -12.22 88.09
CA GLY P 247 -20.75 -10.80 87.96
C GLY P 247 -19.65 -10.53 86.93
N PRO P 248 -19.37 -9.24 86.68
CA PRO P 248 -18.37 -8.79 85.68
C PRO P 248 -16.89 -9.17 85.97
N THR P 249 -16.59 -9.70 87.18
CA THR P 249 -15.23 -10.19 87.49
C THR P 249 -15.21 -11.74 87.43
N GLY P 250 -16.31 -12.34 86.96
CA GLY P 250 -16.46 -13.78 86.90
C GLY P 250 -16.94 -14.41 88.18
N GLU P 251 -17.26 -13.61 89.21
CA GLU P 251 -17.68 -14.20 90.49
C GLU P 251 -19.12 -14.67 90.45
N ILE P 252 -19.35 -15.91 90.91
CA ILE P 252 -20.68 -16.46 90.98
C ILE P 252 -21.40 -15.75 92.12
N VAL P 253 -22.44 -15.01 91.82
CA VAL P 253 -23.22 -14.32 92.86
C VAL P 253 -24.42 -15.18 93.29
N SER P 254 -24.94 -15.98 92.37
CA SER P 254 -26.05 -16.89 92.68
C SER P 254 -25.79 -18.17 91.96
N ILE P 255 -26.14 -19.27 92.59
CA ILE P 255 -25.93 -20.59 92.02
C ILE P 255 -26.98 -21.56 92.51
N ALA P 256 -27.40 -22.46 91.62
CA ALA P 256 -28.37 -23.51 91.93
C ALA P 256 -27.64 -24.85 92.02
N ASP P 257 -28.22 -25.82 92.71
CA ASP P 257 -27.60 -27.14 92.77
C ASP P 257 -28.09 -28.00 91.58
N ASP P 258 -27.74 -29.29 91.57
CA ASP P 258 -28.08 -30.20 90.44
C ASP P 258 -29.44 -30.92 90.45
N LYS P 259 -30.35 -30.51 91.34
CA LYS P 259 -31.66 -31.21 91.44
C LYS P 259 -32.84 -30.38 91.97
N GLU P 260 -32.57 -29.27 92.64
CA GLU P 260 -33.62 -28.38 93.13
C GLU P 260 -34.17 -27.54 91.95
N GLU P 261 -35.47 -27.32 91.94
CA GLU P 261 -36.09 -26.39 91.02
C GLU P 261 -35.73 -25.01 91.62
N ALA P 262 -35.30 -24.08 90.78
CA ALA P 262 -34.77 -22.80 91.30
C ALA P 262 -35.12 -21.55 90.51
N VAL P 263 -35.13 -20.44 91.24
CA VAL P 263 -35.37 -19.11 90.72
C VAL P 263 -34.26 -18.20 91.29
N LEU P 264 -33.17 -18.03 90.53
CA LEU P 264 -32.04 -17.21 90.98
C LEU P 264 -32.25 -15.73 90.63
N ILE P 265 -31.91 -14.86 91.59
CA ILE P 265 -32.08 -13.41 91.44
C ILE P 265 -30.77 -12.68 91.72
N ALA P 266 -30.49 -11.63 90.95
CA ALA P 266 -29.32 -10.80 91.19
C ALA P 266 -29.54 -9.40 90.60
N GLU P 267 -29.19 -8.35 91.35
CA GLU P 267 -29.26 -6.95 90.87
C GLU P 267 -27.88 -6.44 90.42
N PHE P 268 -27.84 -5.70 89.32
CA PHE P 268 -26.59 -5.11 88.82
C PHE P 268 -26.79 -3.65 88.48
N ASN P 269 -25.83 -2.83 88.85
CA ASN P 269 -25.86 -1.44 88.51
C ASN P 269 -25.10 -1.32 87.15
N LEU P 270 -25.83 -1.25 86.05
CA LEU P 270 -25.16 -1.20 84.70
C LEU P 270 -24.30 0.03 84.44
N ASP P 271 -24.60 1.16 85.07
CA ASP P 271 -23.75 2.34 84.91
C ASP P 271 -22.36 2.21 85.62
N LYS P 272 -22.36 1.64 86.84
CA LYS P 272 -21.09 1.38 87.56
C LYS P 272 -20.28 0.35 86.85
N ILE P 273 -20.96 -0.72 86.41
CA ILE P 273 -20.28 -1.85 85.72
C ILE P 273 -19.62 -1.38 84.42
N LYS P 274 -20.37 -0.62 83.61
CA LYS P 274 -19.85 0.03 82.41
C LYS P 274 -18.60 0.88 82.75
N SER P 275 -18.72 1.74 83.78
CA SER P 275 -17.63 2.61 84.21
C SER P 275 -16.36 1.77 84.54
N MET P 276 -16.57 0.65 85.23
CA MET P 276 -15.47 -0.29 85.59
C MET P 276 -14.90 -1.01 84.37
N ARG P 277 -15.77 -1.52 83.49
CA ARG P 277 -15.37 -2.21 82.27
C ARG P 277 -14.42 -1.29 81.41
N HIS P 278 -14.74 0.00 81.30
CA HIS P 278 -13.91 0.93 80.55
C HIS P 278 -12.63 1.28 81.32
N CYS P 279 -12.73 1.44 82.66
CA CYS P 279 -11.56 1.76 83.49
C CYS P 279 -10.51 0.64 83.44
N TRP P 280 -10.97 -0.61 83.52
CA TRP P 280 -10.07 -1.76 83.47
C TRP P 280 -9.23 -1.76 82.18
N GLY P 281 -9.83 -1.26 81.08
CA GLY P 281 -9.07 -1.00 79.88
C GLY P 281 -8.89 -2.01 78.77
N VAL P 282 -9.37 -3.23 78.95
CA VAL P 282 -9.17 -4.29 77.95
C VAL P 282 -9.63 -3.89 76.51
N PHE P 283 -10.81 -3.28 76.39
CA PHE P 283 -11.35 -2.86 75.08
C PHE P 283 -10.57 -1.69 74.49
N ARG P 284 -9.86 -0.94 75.35
CA ARG P 284 -8.98 0.18 74.88
C ARG P 284 -7.65 -0.41 74.29
N ASP P 285 -7.31 -1.60 74.82
CA ASP P 285 -6.03 -2.29 74.62
C ASP P 285 -6.02 -3.45 73.60
N ARG P 286 -7.21 -3.84 73.12
CA ARG P 286 -7.36 -4.93 72.13
C ARG P 286 -6.55 -4.64 70.88
N ARG P 287 -6.07 -5.71 70.25
CA ARG P 287 -5.19 -5.62 69.07
C ARG P 287 -5.79 -6.36 67.82
N PRO P 288 -6.93 -5.88 67.30
CA PRO P 288 -7.55 -6.54 66.12
C PRO P 288 -6.58 -6.74 64.92
N ASP P 289 -5.59 -5.85 64.78
CA ASP P 289 -4.57 -6.00 63.71
C ASP P 289 -3.74 -7.30 63.83
N LEU P 290 -3.75 -7.90 65.02
CA LEU P 290 -3.04 -9.17 65.31
C LEU P 290 -3.98 -10.40 65.44
N TYR P 291 -5.28 -10.19 65.29
CA TYR P 291 -6.25 -11.23 65.46
C TYR P 291 -6.73 -11.94 64.20
N LYS P 292 -6.07 -11.73 63.03
CA LYS P 292 -6.51 -12.39 61.77
C LYS P 292 -6.52 -13.95 61.82
N VAL P 293 -5.57 -14.53 62.57
CA VAL P 293 -5.53 -15.99 62.71
C VAL P 293 -6.86 -16.56 63.24
N LEU P 294 -7.62 -15.75 63.97
CA LEU P 294 -8.93 -16.19 64.50
C LEU P 294 -9.99 -16.38 63.42
N LEU P 295 -9.75 -15.86 62.20
CA LEU P 295 -10.66 -16.07 61.07
C LEU P 295 -10.24 -17.29 60.21
N THR P 296 -9.40 -18.16 60.78
CA THR P 296 -9.03 -19.42 60.16
C THR P 296 -9.52 -20.52 61.07
N LEU P 297 -9.55 -21.75 60.55
CA LEU P 297 -9.89 -22.96 61.36
C LEU P 297 -8.58 -23.63 61.81
N ASP P 298 -7.58 -23.59 60.92
CA ASP P 298 -6.32 -24.31 61.11
C ASP P 298 -5.13 -23.41 61.44
N GLY P 299 -5.41 -22.18 61.86
CA GLY P 299 -4.37 -21.22 62.19
C GLY P 299 -3.44 -20.80 61.06
N LYS P 300 -3.88 -20.94 59.80
CA LYS P 300 -3.07 -20.59 58.61
C LYS P 300 -3.90 -19.99 57.48
N ASN P 301 -4.86 -20.78 56.95
CA ASN P 301 -5.70 -20.39 55.79
C ASN P 301 -7.05 -19.77 56.16
N PRO P 302 -7.30 -18.50 55.71
CA PRO P 302 -8.58 -17.83 56.05
C PRO P 302 -9.83 -18.56 55.48
N VAL P 303 -11.02 -18.29 56.06
CA VAL P 303 -12.27 -18.88 55.53
C VAL P 303 -13.19 -17.76 55.01
#